data_6URO
#
_entry.id   6URO
#
_cell.length_a   1.00
_cell.length_b   1.00
_cell.length_c   1.00
_cell.angle_alpha   90.00
_cell.angle_beta   90.00
_cell.angle_gamma   90.00
#
_symmetry.space_group_name_H-M   'P 1'
#
loop_
_entity.id
_entity.type
_entity.pdbx_description
1 polymer 'Cleavage and polyadenylation specificity factor subunit 1'
2 polymer "pre-mRNA 3' end processing protein WDR33"
3 polymer 'Cleavage and polyadenylation specificity factor subunit 4'
4 polymer 'PAS RNA'
5 polymer 'Cleavage stimulation factor subunit 3'
6 non-polymer 'ZINC ION'
#
loop_
_entity_poly.entity_id
_entity_poly.type
_entity_poly.pdbx_seq_one_letter_code
_entity_poly.pdbx_strand_id
1 'polypeptide(L)'
;MYAVYKQAHPPTGLEFSMYCNFFNNSERNLVVAGTSQLYVYRLNRDAEALTKNDRSTEGKAHREKLELAASFSFFGNVMS
MASVQLAGAKRDALLLSFKDAKLSVVEYDPGTHDLKTLSLHYFEEPELRDGFVQNVHTPRVRVDPDGRCAAMLVYGTRLV
VLPFRRESLAEEHEGLVGEGQRSSFLPSYIIDVRALDEKLLNIIDLQFLHGYYEPTLLILFEPNQTWPGRVAVRQDTCSI
VAISLNITQKVHPVIWSLTSLPFDCTQALAVPKPIGGVVVFAVNSLLYLNQSVPPYGVALNSLTTGTTAFPLRTQEGVRI
TLDCAQATFISYDKMVISLKGGEIYVLTLITDGMRSVRAFHFDKAAASVLTTSMVTMEPGYLFLGSRLGNSLLLKYTEKL
QEPPASAVREAADKEEPPSKKKRVDATAGWSAAGKSVPQDEVDEIEVYGSEAQSGTQLATYSFEVCDSILNIGPCANAAV
GEPAFLSEEFQNSPEPDLEIVVCSGHGKNGALSVLQKSIRPQVVTTFELPGCYDMWTVIAPVRKEEEDNPKGEGTEQEPS
TTPEADDDGRRHGFLILSREDSTMILQTGQEIMELDTSGFATQGPTVFAGNIGDNRYIVQVSPLGIRLLEGVNQLHFIPV
DLGAPIVQCAVADPYVVIMSAEGHVTMFLLKSDSYGGRHHRLALHKPPLHHQSKVITLCLYRDLSGMFTTESRLGGARDE
LGGRSGPEAEGLGSETSPTVDDEEEMLYGDSGSLFSPSKEEARRSSQPPADRDPAPFRAEPTHWCLLVRENGTMEIYQLP
DWRLVFLVKNFPVGQRVLVDSSFGQPTTQGEARREEATRQGELPLVKEVLLVALGSRQSRPYLLVHVDQELLIYEAFPHD
SQLGQGNLKVRFKKVPHNINFREKKPKPSKKKAEGGGAEEGAGARGRVARFRYFEDIYGYSGVFICGPSPHWLLVTGRGA
LRLHPMAIDGPVDSFAPFHNVNCPRGFLYFNRQGELRISVLPAYLSYDAPWPVRKIPLRCTAHYVAYHVESKVYAVATST
NTPCARIPRMTGEEKEFETIERDERYIHPQQEAFSIQLISPVSWEAIPNARIELQEWEHVTCMKTVSLRSEETVSGLKGY
VAAGTCLMQGEEVTCRGRILIMDVIEVVPEPGQPLTKNKFKVLYEKEQKGPVTALCHCNGHLVSAIGQKIFLWSLRASEL
TGMAFIDTQLYIHQMISVKNFILAADVMKSISLLRYQEESKTLSLVSRDAKPLEVYSVDFMVDNAQLGFLVSDRDRNLMV
YMYLPEAKESFGGMRLLRRADFHVGAHVNTFWRTPCRGATEGLSKKSVVWENKHITWFATLDGGIGLLLPMQEKTYRRLL
MLQNALTTMLPHHAGLNPRAFRMLHVDRRTLQNAVRNVLDGELLNRYLYLSTMERSELAKKIGTTPDIILDDLLETDRVT
AHF
;
A
2 'polypeptide(L)'
;MGSSHHHHHHSSGLVMATEIGSPPRFFHMPRFQHQAPRQLFYKRPDFAQQQAMQQLTFDGKRMRKAVNRKTIDYNPSVIK
YLENRIWQRDQRDMRAIQPDAGYYNDLVPPIGMLNNPMNAVTTKFVRTSTNKVKCPVFVVRWTPEGRRLVTGASSGEFTL
WNGLTFNFETILQAHDSPVRAMTWSHNDMWMLTADHGGYVKYWQSNMNNVKMFQAHKEAIREASFSPTDNKFATCSDDGT
VRIWDFLRCHEERILRGHGADVKCVDWHPTKGLVVSGSKDSQQPIKFWDPKTGQSLATLHAHKNTVMEVKLNLNGNWLLT
ASRDHLCKLFDIRNLKEELQVFRGHKKEATAVAWHPVHEGLFASGGSDGSLLFWHVGVEKEVGGMEMAHEGMIWSLAWHP
LGHILCSGSNDHTSKFWTRNRPGDKMRDRYNLNLLPGMSEDGVEYDDLEPNSLAVIPGMGIPEQLKLAMEQEQMGKDESN
EIEMTIPGLDWGMEEVMQKDQKKVPQKKVPYAKPIPAQFQQAWMQNKVPIPAPNEVLNDRKEDIKLEEKKKTQAEIEQEM
ATLQYTNPQLLEQLKIERLAQKQVEQI
;
B
3 'polypeptide(L)'
;MQEIIASVDHIKFDLEIAVEQQLGAQPLPFPGMDKSGAAVCEFFLKAACGKGGMCPFRHISGEKTVVCKHWLRGLCKKGD
QCEFLHEYDMTKMPECYFYSKFGECSNKECPFLHIDPESKIKDCPWYDRGFCKHGPLCRHRHTRRVICVNYLVGFCPEGP
SCKFMHPRFELPMGTTEQPPLPQQTQPPAKQRTPQVIGVMQSQNSSAGNRGPRPLEQVTCYKCGEKGHYANRCTKGHLAF
LSGQHHHHHH
;
C
4 'polyribonucleotide' UUCACAAAUAAACAUUUUUUUCACUGCAUUCUAGUUGUGGUUUGUCC D
5 'polypeptide(L)'
;MSGDGATEQAAEYVPEKVKKAEKKLEENPYDLDAWSILIREAQNQPIDKARKTYERLVAQFPSSGRFWKLYIEAEIKAKN
YDKVEKLFQRCLMKVLHIDLWKCYLSYVRETKGKLPSYKEKMAQAYDFALDKIGMEIMSYQIWVDYINFLKGVEAVGSYA
ENQRITAVRRVYQRGCVNPMINIEQLWRDYNKYEEGINIHLAKKMIEDRSRDYMNARRVAKEYETVMKGLDRNAPSVPPQ
NTPQEAQQVDMWKKYIQWEKSNPLRTEDQTLITKRVMFAYEQCLLVLGHHPDIWYEAAQYLEQSSKLLAEKGDMNNAKLF
SDEAANIYERAISTLLKKNMLLYFAYADYEESRMKYEKVHSIYNRLLAIEDIDPTLVYIQYMKFARRAEGIKSGRMIFKK
AREDTRTRHHVYVTAALMEYYCSKDKSVAFKIFELGLKKYGDIPEYVLAYIDYLSHLNEDNNTRVLFERVLTSGSLPPEK
SGEIWARFLAFESNIGDLASILKVEKRRFTAFKEEYEGKETALLVDRYKFMDLYPCSASELKALGYKDVSRAKLAAIIPD
PVVAPSIVPVLKDEVDRKPEYPKPDTQQMIPFQPRHLAPPGLHPVPGGVFPVPPAAVVLMKLLPPPICFQGPFVQVDELM
EIFRRCKIPNTVEEAVRIITGGAPELAVEGNGPVESNAVLTKAVKRPNEDSDEDEEKGAVVPPVHDIYRARQQKRIR
;
E,F
#
# COMPACT_ATOMS: atom_id res chain seq x y z
N MET A 1 29.70 33.96 -12.13
CA MET A 1 28.55 33.16 -12.53
C MET A 1 28.81 31.72 -12.18
N TYR A 2 30.06 31.32 -12.29
CA TYR A 2 30.47 29.94 -12.12
C TYR A 2 30.91 29.71 -10.69
N ALA A 3 30.77 28.48 -10.21
CA ALA A 3 31.19 28.18 -8.87
C ALA A 3 31.58 26.73 -8.80
N VAL A 4 32.27 26.38 -7.72
CA VAL A 4 32.49 24.99 -7.39
C VAL A 4 31.83 24.77 -6.05
N TYR A 5 31.04 23.72 -5.95
CA TYR A 5 30.54 23.25 -4.68
C TYR A 5 31.56 22.31 -4.09
N LYS A 6 31.90 22.49 -2.84
CA LYS A 6 32.74 21.55 -2.13
C LYS A 6 32.10 21.27 -0.78
N GLN A 7 32.12 20.04 -0.33
CA GLN A 7 31.44 19.68 0.90
C GLN A 7 32.45 19.55 2.03
N ALA A 8 32.48 20.54 2.92
CA ALA A 8 33.47 20.60 3.99
C ALA A 8 33.18 19.66 5.15
N HIS A 9 31.95 19.30 5.38
CA HIS A 9 31.64 18.42 6.50
C HIS A 9 30.63 17.40 6.02
N PRO A 10 30.91 16.12 6.17
CA PRO A 10 29.95 15.11 5.76
C PRO A 10 28.75 15.12 6.68
N PRO A 11 27.55 14.83 6.18
CA PRO A 11 26.35 15.03 6.99
C PRO A 11 26.23 13.98 8.09
N THR A 12 26.28 14.47 9.33
CA THR A 12 26.07 13.69 10.52
C THR A 12 24.58 13.62 10.83
N GLY A 13 24.08 12.41 11.07
CA GLY A 13 22.68 12.30 11.39
C GLY A 13 21.93 11.26 10.58
N LEU A 14 21.33 10.32 11.29
CA LEU A 14 20.91 9.06 10.69
C LEU A 14 19.40 8.99 10.59
N GLU A 15 18.90 8.96 9.37
CA GLU A 15 17.47 8.87 9.10
C GLU A 15 16.98 7.44 8.97
N PHE A 16 17.87 6.48 8.74
CA PHE A 16 17.51 5.09 8.51
C PHE A 16 18.53 4.21 9.21
N SER A 17 18.07 3.07 9.69
CA SER A 17 18.97 2.22 10.44
C SER A 17 18.49 0.79 10.36
N MET A 18 19.42 -0.13 10.11
CA MET A 18 19.09 -1.53 10.07
C MET A 18 20.21 -2.33 10.68
N TYR A 19 20.02 -3.64 10.72
CA TYR A 19 20.95 -4.53 11.38
C TYR A 19 21.06 -5.79 10.53
N CYS A 20 22.02 -5.80 9.62
CA CYS A 20 22.06 -6.82 8.58
C CYS A 20 23.46 -7.39 8.50
N ASN A 21 23.66 -8.31 7.55
CA ASN A 21 24.91 -9.05 7.34
C ASN A 21 25.71 -8.41 6.21
N PHE A 22 26.24 -7.22 6.46
CA PHE A 22 26.79 -6.42 5.37
C PHE A 22 28.10 -6.99 4.85
N PHE A 23 28.98 -7.43 5.74
CA PHE A 23 30.29 -7.87 5.26
C PHE A 23 30.34 -9.36 5.00
N ASN A 24 29.67 -10.17 5.82
CA ASN A 24 29.50 -11.59 5.59
C ASN A 24 28.39 -12.11 6.47
N ASN A 25 28.05 -13.38 6.30
CA ASN A 25 26.96 -14.00 7.05
C ASN A 25 27.33 -14.33 8.49
N SER A 26 28.61 -14.25 8.86
CA SER A 26 29.05 -14.66 10.18
C SER A 26 28.61 -13.65 11.24
N GLU A 27 28.89 -12.38 11.00
CA GLU A 27 28.48 -11.32 11.90
C GLU A 27 27.42 -10.43 11.26
N ARG A 28 26.45 -10.03 12.07
CA ARG A 28 25.52 -8.97 11.70
C ARG A 28 26.27 -7.66 11.88
N ASN A 29 25.87 -6.63 11.14
CA ASN A 29 26.55 -5.35 11.20
C ASN A 29 25.55 -4.22 11.04
N LEU A 30 25.59 -3.26 11.98
CA LEU A 30 24.63 -2.17 12.01
C LEU A 30 24.88 -1.25 10.84
N VAL A 31 24.11 -1.41 9.77
CA VAL A 31 24.18 -0.51 8.63
C VAL A 31 23.20 0.61 8.90
N VAL A 32 23.71 1.82 9.04
CA VAL A 32 22.84 2.97 9.20
C VAL A 32 23.13 3.92 8.05
N ALA A 33 22.15 4.75 7.75
CA ALA A 33 22.29 5.64 6.63
C ALA A 33 21.69 6.97 7.00
N GLY A 34 22.09 7.99 6.26
CA GLY A 34 21.57 9.31 6.52
C GLY A 34 21.14 9.93 5.22
N THR A 35 21.31 11.22 5.10
CA THR A 35 21.08 11.88 3.83
C THR A 35 22.34 11.70 3.00
N SER A 36 22.24 10.84 1.99
CA SER A 36 23.26 10.61 0.95
C SER A 36 24.58 10.11 1.53
N GLN A 37 24.49 9.25 2.53
CA GLN A 37 25.69 8.61 3.07
C GLN A 37 25.30 7.38 3.85
N LEU A 38 26.04 6.29 3.64
CA LEU A 38 25.81 5.02 4.29
C LEU A 38 26.92 4.77 5.29
N TYR A 39 26.59 4.19 6.43
CA TYR A 39 27.59 3.92 7.45
C TYR A 39 27.40 2.50 7.94
N VAL A 40 28.49 1.77 8.15
CA VAL A 40 28.40 0.42 8.66
C VAL A 40 29.24 0.34 9.92
N TYR A 41 28.58 0.13 11.05
CA TYR A 41 29.23 0.11 12.34
C TYR A 41 29.29 -1.31 12.88
N ARG A 42 30.44 -1.72 13.38
CA ARG A 42 30.55 -2.98 14.09
C ARG A 42 30.14 -2.77 15.55
N LEU A 43 30.49 -3.73 16.40
CA LEU A 43 30.19 -3.63 17.82
C LEU A 43 31.39 -4.12 18.62
N ASN A 44 32.02 -3.22 19.36
CA ASN A 44 33.02 -3.63 20.34
C ASN A 44 32.35 -3.94 21.66
N ARG A 45 32.99 -4.77 22.47
CA ARG A 45 32.61 -4.92 23.86
C ARG A 45 33.80 -4.78 24.80
N ASP A 46 35.01 -5.00 24.30
CA ASP A 46 36.24 -4.81 25.07
C ASP A 46 36.98 -3.68 24.38
N ALA A 47 36.62 -2.46 24.71
CA ALA A 47 37.23 -1.26 24.17
C ALA A 47 37.92 -0.50 25.29
N GLU A 48 39.02 0.17 24.94
CA GLU A 48 39.70 1.04 25.90
C GLU A 48 39.00 2.40 25.97
N ALA A 49 38.82 3.04 24.83
CA ALA A 49 38.14 4.33 24.77
C ALA A 49 36.63 4.13 24.78
N ARG A 63 33.83 -2.24 28.09
CA ARG A 63 32.97 -1.15 27.68
C ARG A 63 32.63 -1.29 26.20
N GLU A 64 31.36 -1.07 25.86
CA GLU A 64 30.87 -1.23 24.49
C GLU A 64 31.04 0.07 23.72
N LYS A 65 31.30 -0.06 22.42
CA LYS A 65 31.53 1.10 21.58
C LYS A 65 31.27 0.75 20.12
N LEU A 66 30.52 1.60 19.43
CA LEU A 66 30.26 1.43 18.00
C LEU A 66 31.48 1.83 17.20
N GLU A 67 32.14 0.85 16.60
CA GLU A 67 33.32 1.04 15.77
C GLU A 67 32.90 1.09 14.31
N LEU A 68 33.27 2.17 13.61
CA LEU A 68 32.95 2.27 12.20
C LEU A 68 33.80 1.29 11.41
N ALA A 69 33.18 0.63 10.43
CA ALA A 69 33.86 -0.36 9.62
C ALA A 69 33.95 0.00 8.16
N ALA A 70 32.91 0.62 7.60
CA ALA A 70 32.98 1.17 6.25
C ALA A 70 31.94 2.27 6.15
N SER A 71 32.25 3.29 5.36
CA SER A 71 31.30 4.36 5.11
C SER A 71 31.34 4.72 3.64
N PHE A 72 30.20 5.09 3.09
CA PHE A 72 29.99 5.12 1.64
C PHE A 72 29.18 6.36 1.28
N SER A 73 29.60 7.08 0.26
CA SER A 73 28.87 8.26 -0.16
C SER A 73 28.13 7.99 -1.45
N PHE A 74 26.89 8.43 -1.48
CA PHE A 74 26.01 8.23 -2.62
C PHE A 74 25.83 9.57 -3.30
N PHE A 75 25.47 9.53 -4.58
CA PHE A 75 25.04 10.73 -5.27
C PHE A 75 23.51 10.77 -5.31
N GLY A 76 22.94 10.83 -4.11
CA GLY A 76 21.51 10.75 -3.97
C GLY A 76 21.08 10.46 -2.55
N ASN A 77 19.99 11.09 -2.12
CA ASN A 77 19.53 10.96 -0.75
C ASN A 77 18.80 9.64 -0.57
N VAL A 78 19.19 8.88 0.44
CA VAL A 78 18.54 7.59 0.69
C VAL A 78 17.17 7.83 1.28
N MET A 79 16.13 7.32 0.62
CA MET A 79 14.75 7.50 1.05
C MET A 79 14.13 6.27 1.71
N SER A 80 14.76 5.11 1.60
CA SER A 80 14.50 3.95 2.46
C SER A 80 15.62 2.96 2.26
N MET A 81 15.60 1.92 3.08
CA MET A 81 16.69 0.96 3.08
C MET A 81 16.24 -0.35 3.72
N ALA A 82 16.28 -1.43 2.95
CA ALA A 82 15.95 -2.74 3.49
C ALA A 82 16.99 -3.75 3.00
N SER A 83 17.06 -4.90 3.66
CA SER A 83 18.09 -5.88 3.35
C SER A 83 17.49 -7.27 3.26
N VAL A 84 18.08 -8.12 2.42
CA VAL A 84 17.60 -9.48 2.21
C VAL A 84 18.76 -10.36 1.72
N GLN A 85 18.92 -11.52 2.36
CA GLN A 85 19.96 -12.46 1.99
C GLN A 85 19.43 -13.32 0.85
N LEU A 86 19.97 -13.11 -0.35
CA LEU A 86 19.44 -13.72 -1.55
C LEU A 86 19.84 -15.19 -1.65
N ALA A 87 19.54 -15.79 -2.78
CA ALA A 87 19.71 -17.24 -2.95
C ALA A 87 21.19 -17.57 -3.10
N GLY A 88 21.73 -18.29 -2.11
CA GLY A 88 23.11 -18.72 -2.14
C GLY A 88 24.13 -17.62 -1.94
N ALA A 89 23.71 -16.41 -1.59
CA ALA A 89 24.63 -15.31 -1.40
C ALA A 89 25.40 -15.49 -0.11
N LYS A 90 26.63 -14.99 -0.10
CA LYS A 90 27.48 -15.01 1.09
C LYS A 90 27.40 -13.73 1.88
N ARG A 91 26.61 -12.76 1.42
CA ARG A 91 26.44 -11.49 2.10
C ARG A 91 24.97 -11.11 2.01
N ASP A 92 24.65 -9.95 2.55
CA ASP A 92 23.28 -9.45 2.60
C ASP A 92 23.25 -8.20 1.74
N ALA A 93 22.44 -8.26 0.69
CA ALA A 93 22.27 -7.12 -0.20
C ALA A 93 21.49 -6.02 0.50
N LEU A 94 21.53 -4.83 -0.07
CA LEU A 94 20.85 -3.68 0.49
C LEU A 94 19.93 -3.08 -0.57
N LEU A 95 18.67 -3.00 -0.27
CA LEU A 95 17.72 -2.34 -1.14
C LEU A 95 17.63 -0.88 -0.71
N LEU A 96 18.37 -0.03 -1.39
CA LEU A 96 18.32 1.40 -1.19
C LEU A 96 17.17 1.95 -2.02
N SER A 97 16.73 3.15 -1.72
CA SER A 97 15.68 3.81 -2.47
C SER A 97 15.96 5.29 -2.57
N PHE A 98 16.03 5.81 -3.78
CA PHE A 98 16.42 7.18 -3.97
C PHE A 98 15.26 7.96 -4.58
N LYS A 99 15.43 9.27 -4.65
CA LYS A 99 14.29 10.14 -4.86
C LYS A 99 13.81 10.07 -6.32
N ASP A 100 12.48 10.18 -6.47
CA ASP A 100 11.74 9.83 -7.69
C ASP A 100 12.01 8.39 -8.12
N ALA A 101 11.86 7.47 -7.16
CA ALA A 101 11.64 6.05 -7.41
C ALA A 101 12.79 5.38 -8.14
N LYS A 102 13.95 5.41 -7.52
CA LYS A 102 15.11 4.65 -7.96
C LYS A 102 15.41 3.62 -6.90
N LEU A 103 15.32 2.36 -7.24
CA LEU A 103 15.78 1.32 -6.36
C LEU A 103 17.21 0.99 -6.77
N SER A 104 17.99 0.49 -5.84
CA SER A 104 19.36 0.10 -6.14
C SER A 104 19.78 -0.99 -5.17
N VAL A 105 19.89 -2.22 -5.65
CA VAL A 105 20.35 -3.32 -4.84
C VAL A 105 21.88 -3.34 -4.90
N VAL A 106 22.53 -3.12 -3.76
CA VAL A 106 23.98 -3.02 -3.68
C VAL A 106 24.50 -4.12 -2.77
N GLU A 107 25.81 -4.36 -2.84
CA GLU A 107 26.48 -5.27 -1.92
C GLU A 107 27.90 -4.80 -1.65
N TYR A 108 28.37 -5.07 -0.44
CA TYR A 108 29.79 -5.02 -0.18
C TYR A 108 30.50 -6.10 -0.98
N ASP A 109 31.69 -5.78 -1.44
CA ASP A 109 32.52 -6.68 -2.17
C ASP A 109 33.80 -6.88 -1.39
N PRO A 110 34.34 -8.08 -1.29
CA PRO A 110 35.74 -8.21 -0.88
C PRO A 110 36.61 -7.88 -2.08
N GLY A 111 37.92 -7.90 -1.87
CA GLY A 111 38.73 -7.58 -3.01
C GLY A 111 38.88 -6.08 -3.13
N THR A 112 38.03 -5.46 -3.94
CA THR A 112 37.82 -4.03 -3.80
C THR A 112 36.88 -3.80 -2.64
N HIS A 113 37.30 -2.97 -1.67
CA HIS A 113 36.58 -2.74 -0.43
C HIS A 113 35.35 -1.82 -0.63
N ASP A 114 35.00 -1.49 -1.87
CA ASP A 114 33.86 -0.66 -2.19
C ASP A 114 32.55 -1.41 -2.03
N LEU A 115 31.50 -0.82 -2.59
CA LEU A 115 30.25 -1.50 -2.84
C LEU A 115 30.36 -2.33 -4.12
N LYS A 116 29.18 -2.72 -4.63
CA LYS A 116 29.00 -3.39 -5.91
C LYS A 116 27.51 -3.36 -6.21
N THR A 117 27.12 -2.65 -7.25
CA THR A 117 25.69 -2.55 -7.55
C THR A 117 25.25 -3.85 -8.18
N LEU A 118 24.16 -4.42 -7.69
CA LEU A 118 23.64 -5.61 -8.34
C LEU A 118 22.60 -5.27 -9.39
N SER A 119 21.75 -4.29 -9.13
CA SER A 119 20.64 -4.04 -10.02
C SER A 119 20.23 -2.58 -9.90
N LEU A 120 19.77 -2.04 -11.01
CA LEU A 120 19.34 -0.66 -11.09
C LEU A 120 17.93 -0.62 -11.65
N HIS A 121 17.02 0.01 -10.92
CA HIS A 121 15.61 0.01 -11.27
C HIS A 121 15.15 1.45 -11.25
N TYR A 122 14.91 2.01 -12.43
CA TYR A 122 14.48 3.39 -12.54
C TYR A 122 13.00 3.41 -12.89
N PHE A 123 12.21 4.06 -12.06
CA PHE A 123 10.75 4.01 -12.15
C PHE A 123 10.16 5.39 -12.37
N GLU A 124 10.96 6.29 -12.91
CA GLU A 124 10.59 7.70 -13.02
C GLU A 124 9.89 7.96 -14.36
N GLU A 125 8.92 7.12 -14.66
CA GLU A 125 8.13 7.20 -15.87
C GLU A 125 6.93 8.11 -15.64
N PRO A 126 6.63 9.01 -16.57
CA PRO A 126 5.54 9.98 -16.33
C PRO A 126 4.16 9.37 -16.36
N GLU A 127 4.02 8.16 -16.88
CA GLU A 127 2.75 7.44 -16.78
C GLU A 127 2.60 6.70 -15.47
N LEU A 128 3.66 6.59 -14.66
CA LEU A 128 3.55 6.01 -13.33
C LEU A 128 3.17 7.02 -12.28
N ARG A 129 2.93 8.26 -12.66
CA ARG A 129 2.57 9.27 -11.67
C ARG A 129 1.08 9.48 -11.65
N ASP A 130 0.40 9.17 -12.76
CA ASP A 130 -0.96 9.57 -13.09
C ASP A 130 -1.06 11.08 -12.96
N GLY A 131 -0.15 11.78 -13.62
CA GLY A 131 -0.22 13.21 -13.75
C GLY A 131 0.29 13.99 -12.56
N PHE A 132 0.39 13.40 -11.39
CA PHE A 132 0.81 14.11 -10.20
C PHE A 132 2.29 14.45 -10.29
N VAL A 133 2.58 15.67 -10.73
CA VAL A 133 3.93 16.19 -10.86
C VAL A 133 4.64 16.24 -9.51
N GLN A 134 4.05 16.91 -8.54
CA GLN A 134 4.70 17.10 -7.25
C GLN A 134 4.62 15.82 -6.45
N ASN A 135 5.68 15.03 -6.51
CA ASN A 135 5.76 13.81 -5.73
C ASN A 135 5.84 14.16 -4.26
N VAL A 136 4.84 13.75 -3.50
CA VAL A 136 4.84 14.01 -2.07
C VAL A 136 5.18 12.75 -1.28
N HIS A 137 4.80 11.58 -1.75
CA HIS A 137 5.10 10.33 -1.09
C HIS A 137 6.52 9.88 -1.39
N THR A 138 7.20 9.41 -0.37
CA THR A 138 8.53 8.87 -0.61
C THR A 138 8.45 7.40 -0.99
N PRO A 139 9.34 6.93 -1.86
CA PRO A 139 9.37 5.49 -2.15
C PRO A 139 9.90 4.69 -0.98
N ARG A 140 9.10 3.69 -0.58
CA ARG A 140 9.27 2.96 0.67
C ARG A 140 9.62 1.53 0.35
N VAL A 141 10.73 1.04 0.88
CA VAL A 141 11.16 -0.33 0.59
C VAL A 141 10.93 -1.22 1.79
N ARG A 142 10.19 -2.31 1.58
CA ARG A 142 9.96 -3.34 2.58
C ARG A 142 10.38 -4.68 2.00
N VAL A 143 10.76 -5.62 2.85
CA VAL A 143 11.09 -6.97 2.38
C VAL A 143 10.22 -7.99 3.12
N ASP A 144 9.95 -9.05 2.44
CA ASP A 144 9.33 -10.23 3.01
C ASP A 144 10.33 -10.89 3.95
N PRO A 145 9.98 -11.16 5.21
CA PRO A 145 10.97 -11.75 6.14
C PRO A 145 11.47 -13.12 5.78
N ASP A 146 10.78 -13.85 4.90
CA ASP A 146 11.31 -15.12 4.40
C ASP A 146 12.20 -14.93 3.19
N GLY A 147 12.25 -13.73 2.61
CA GLY A 147 13.08 -13.50 1.46
C GLY A 147 12.49 -13.98 0.16
N ARG A 148 11.16 -13.97 0.04
CA ARG A 148 10.51 -14.35 -1.20
C ARG A 148 10.43 -13.22 -2.20
N CYS A 149 10.08 -12.01 -1.76
CA CYS A 149 10.05 -10.86 -2.66
C CYS A 149 10.26 -9.61 -1.82
N ALA A 150 10.21 -8.46 -2.50
CA ALA A 150 10.33 -7.16 -1.85
C ALA A 150 9.54 -6.15 -2.64
N ALA A 151 8.93 -5.21 -1.94
CA ALA A 151 7.97 -4.31 -2.56
C ALA A 151 8.32 -2.87 -2.25
N MET A 152 8.37 -2.06 -3.30
CA MET A 152 8.55 -0.62 -3.19
C MET A 152 7.23 0.06 -3.52
N LEU A 153 6.81 1.00 -2.67
CA LEU A 153 5.64 1.80 -2.99
C LEU A 153 6.10 3.04 -3.72
N VAL A 154 6.12 2.96 -5.04
CA VAL A 154 6.46 4.09 -5.88
C VAL A 154 5.29 5.06 -5.89
N TYR A 155 5.55 6.29 -5.48
CA TYR A 155 4.69 7.46 -5.70
C TYR A 155 3.36 7.35 -4.96
N GLY A 156 3.29 6.47 -3.98
CA GLY A 156 2.07 6.24 -3.23
C GLY A 156 1.07 5.32 -3.88
N THR A 157 1.08 5.19 -5.21
CA THR A 157 0.01 4.47 -5.90
C THR A 157 0.48 3.28 -6.73
N ARG A 158 1.73 2.82 -6.60
CA ARG A 158 2.25 1.81 -7.51
C ARG A 158 3.16 0.87 -6.75
N LEU A 159 2.61 -0.24 -6.27
CA LEU A 159 3.41 -1.28 -5.64
C LEU A 159 4.29 -1.93 -6.68
N VAL A 160 5.56 -1.60 -6.66
CA VAL A 160 6.54 -2.30 -7.48
C VAL A 160 7.07 -3.50 -6.71
N VAL A 161 6.90 -4.68 -7.25
CA VAL A 161 7.29 -5.91 -6.59
C VAL A 161 8.56 -6.40 -7.25
N LEU A 162 9.56 -6.72 -6.45
CA LEU A 162 10.76 -7.38 -6.96
C LEU A 162 10.70 -8.83 -6.54
N PRO A 163 10.40 -9.75 -7.44
CA PRO A 163 10.50 -11.16 -7.08
C PRO A 163 11.95 -11.57 -6.94
N PHE A 164 12.19 -12.57 -6.10
CA PHE A 164 13.52 -13.10 -5.84
C PHE A 164 13.55 -14.56 -6.23
N ARG A 165 14.74 -15.17 -6.18
CA ARG A 165 14.84 -16.58 -6.51
C ARG A 165 15.05 -17.42 -5.25
N SER A 183 22.07 -15.50 -12.28
CA SER A 183 21.43 -14.35 -11.66
C SER A 183 20.62 -14.77 -10.44
N SER A 184 20.52 -13.86 -9.47
CA SER A 184 19.75 -14.10 -8.26
C SER A 184 18.41 -13.39 -8.26
N PHE A 185 17.98 -12.84 -9.38
CA PHE A 185 16.80 -11.99 -9.45
C PHE A 185 15.81 -12.48 -10.49
N LEU A 186 14.64 -11.84 -10.50
CA LEU A 186 13.54 -11.97 -11.43
C LEU A 186 13.09 -10.60 -11.90
N PRO A 187 12.45 -10.48 -13.06
CA PRO A 187 12.00 -9.15 -13.52
C PRO A 187 10.83 -8.64 -12.71
N SER A 188 10.85 -7.36 -12.40
CA SER A 188 9.85 -6.72 -11.55
C SER A 188 8.55 -6.53 -12.30
N TYR A 189 7.57 -5.97 -11.59
CA TYR A 189 6.29 -5.56 -12.15
C TYR A 189 5.63 -4.58 -11.21
N ILE A 190 4.70 -3.81 -11.76
CA ILE A 190 4.11 -2.66 -11.07
C ILE A 190 2.64 -2.94 -10.87
N ILE A 191 2.27 -3.38 -9.68
CA ILE A 191 0.87 -3.51 -9.30
C ILE A 191 0.30 -2.11 -9.17
N ASP A 192 -0.80 -1.83 -9.83
CA ASP A 192 -1.49 -0.58 -9.62
C ASP A 192 -2.22 -0.67 -8.29
N VAL A 193 -2.11 0.36 -7.47
CA VAL A 193 -2.78 0.36 -6.18
C VAL A 193 -4.24 0.76 -6.34
N ARG A 194 -4.50 1.83 -7.10
CA ARG A 194 -5.86 2.34 -7.23
C ARG A 194 -6.77 1.40 -8.03
N ALA A 195 -6.20 0.46 -8.79
CA ALA A 195 -6.97 -0.51 -9.55
C ALA A 195 -7.16 -1.84 -8.81
N LEU A 196 -6.89 -1.87 -7.50
CA LEU A 196 -7.23 -2.99 -6.63
C LEU A 196 -8.70 -2.91 -6.22
N ASP A 197 -9.11 -3.82 -5.33
CA ASP A 197 -10.35 -3.66 -4.61
C ASP A 197 -10.20 -2.56 -3.57
N GLU A 198 -11.34 -2.10 -3.05
CA GLU A 198 -11.48 -1.23 -1.89
C GLU A 198 -11.03 0.21 -2.12
N LYS A 199 -10.38 0.48 -3.26
CA LYS A 199 -9.97 1.80 -3.72
C LYS A 199 -9.09 2.51 -2.69
N LEU A 200 -7.86 2.00 -2.58
CA LEU A 200 -6.97 2.28 -1.46
C LEU A 200 -6.64 3.77 -1.34
N LEU A 201 -5.97 4.32 -2.36
CA LEU A 201 -6.00 5.74 -2.72
C LEU A 201 -5.32 6.74 -1.81
N ASN A 202 -5.00 6.40 -0.55
CA ASN A 202 -4.19 7.27 0.30
C ASN A 202 -3.44 6.38 1.28
N ILE A 203 -2.27 5.90 0.89
CA ILE A 203 -1.57 4.89 1.68
C ILE A 203 -0.90 5.60 2.85
N ILE A 204 -0.90 4.97 4.03
CA ILE A 204 -0.20 5.51 5.19
C ILE A 204 1.04 4.69 5.49
N ASP A 205 0.90 3.37 5.62
CA ASP A 205 2.06 2.52 5.82
C ASP A 205 1.77 1.19 5.18
N LEU A 206 2.82 0.44 4.90
CA LEU A 206 2.67 -0.90 4.37
C LEU A 206 3.78 -1.78 4.92
N GLN A 207 3.42 -3.00 5.31
CA GLN A 207 4.36 -3.92 5.94
C GLN A 207 4.16 -5.31 5.39
N PHE A 208 5.22 -6.12 5.38
CA PHE A 208 5.07 -7.54 5.15
C PHE A 208 4.83 -8.26 6.46
N LEU A 209 3.71 -8.97 6.52
CA LEU A 209 3.27 -9.63 7.74
C LEU A 209 3.93 -10.99 7.85
N HIS A 210 3.91 -11.54 9.06
CA HIS A 210 4.61 -12.77 9.37
C HIS A 210 3.68 -13.97 9.34
N GLY A 211 4.27 -15.16 9.38
CA GLY A 211 3.49 -16.36 9.19
C GLY A 211 3.28 -16.44 7.69
N TYR A 212 2.20 -17.10 7.27
CA TYR A 212 1.77 -17.22 5.86
C TYR A 212 2.61 -18.15 4.99
N TYR A 213 2.12 -18.34 3.77
CA TYR A 213 2.79 -19.16 2.76
C TYR A 213 3.14 -18.32 1.54
N GLU A 214 2.63 -17.10 1.51
CA GLU A 214 2.87 -16.16 0.42
C GLU A 214 3.15 -14.81 1.02
N PRO A 215 3.87 -13.95 0.28
CA PRO A 215 4.17 -12.63 0.82
C PRO A 215 2.94 -11.77 0.98
N THR A 216 2.28 -11.87 2.12
CA THR A 216 1.15 -11.02 2.41
C THR A 216 1.62 -9.65 2.88
N LEU A 217 1.07 -8.60 2.28
CA LEU A 217 1.48 -7.24 2.55
C LEU A 217 0.31 -6.45 3.10
N LEU A 218 0.36 -6.09 4.39
CA LEU A 218 -0.67 -5.24 4.96
C LEU A 218 -0.46 -3.82 4.48
N ILE A 219 -1.55 -3.10 4.22
CA ILE A 219 -1.48 -1.76 3.66
C ILE A 219 -2.53 -0.91 4.37
N LEU A 220 -2.09 0.00 5.23
CA LEU A 220 -3.03 0.93 5.84
C LEU A 220 -3.31 1.99 4.80
N PHE A 221 -4.54 2.52 4.78
CA PHE A 221 -4.91 3.59 3.87
C PHE A 221 -6.05 4.38 4.46
N GLU A 222 -6.50 5.38 3.69
CA GLU A 222 -7.60 6.28 4.05
C GLU A 222 -8.42 6.54 2.81
N PRO A 223 -9.45 5.74 2.54
CA PRO A 223 -10.13 5.89 1.26
C PRO A 223 -11.03 7.09 1.20
N ASN A 224 -11.38 7.68 2.34
CA ASN A 224 -12.16 8.92 2.38
C ASN A 224 -11.49 9.84 3.39
N GLN A 225 -10.55 10.65 2.92
CA GLN A 225 -9.52 11.20 3.80
C GLN A 225 -10.09 12.31 4.67
N THR A 226 -9.63 12.36 5.91
CA THR A 226 -10.03 13.43 6.81
C THR A 226 -8.83 13.97 7.55
N TRP A 227 -9.06 15.07 8.26
CA TRP A 227 -8.02 15.78 8.96
C TRP A 227 -8.38 15.88 10.44
N PRO A 228 -7.45 15.55 11.35
CA PRO A 228 -7.62 15.92 12.75
C PRO A 228 -7.81 17.40 12.92
N GLY A 229 -9.05 17.77 13.24
CA GLY A 229 -9.49 19.13 13.10
C GLY A 229 -10.79 19.18 12.35
N ARG A 230 -11.11 18.10 11.66
CA ARG A 230 -12.41 17.93 11.04
C ARG A 230 -12.91 16.53 11.39
N VAL A 231 -13.36 16.35 12.64
CA VAL A 231 -13.99 15.11 13.04
C VAL A 231 -15.30 15.50 13.70
N ALA A 232 -16.29 15.80 12.89
CA ALA A 232 -17.69 15.76 13.24
C ALA A 232 -18.54 15.30 12.09
N VAL A 233 -18.00 15.37 10.87
CA VAL A 233 -18.63 14.82 9.69
C VAL A 233 -17.88 13.65 9.11
N ARG A 234 -16.64 13.40 9.54
CA ARG A 234 -15.82 12.29 9.05
C ARG A 234 -15.13 11.66 10.25
N GLN A 235 -15.81 10.70 10.89
CA GLN A 235 -15.46 10.25 12.24
C GLN A 235 -14.16 9.47 12.26
N ASP A 236 -14.10 8.37 11.53
CA ASP A 236 -12.94 7.49 11.59
C ASP A 236 -12.82 6.78 10.26
N THR A 237 -11.85 7.19 9.46
CA THR A 237 -11.61 6.59 8.15
C THR A 237 -10.12 6.25 8.05
N CYS A 238 -9.76 5.09 8.58
CA CYS A 238 -8.55 4.39 8.19
C CYS A 238 -8.96 2.96 7.98
N SER A 239 -8.19 2.26 7.15
CA SER A 239 -8.57 0.92 6.76
C SER A 239 -7.32 0.08 6.59
N ILE A 240 -7.51 -1.20 6.35
CA ILE A 240 -6.44 -2.17 6.19
C ILE A 240 -6.82 -3.13 5.09
N VAL A 241 -5.88 -3.41 4.19
CA VAL A 241 -5.95 -4.51 3.25
C VAL A 241 -4.67 -5.30 3.38
N ALA A 242 -4.78 -6.59 3.62
CA ALA A 242 -3.62 -7.48 3.61
C ALA A 242 -3.59 -8.20 2.27
N ILE A 243 -2.99 -7.58 1.28
CA ILE A 243 -2.91 -8.14 -0.05
C ILE A 243 -1.95 -9.31 -0.02
N SER A 244 -2.27 -10.37 -0.74
CA SER A 244 -1.44 -11.57 -0.76
C SER A 244 -0.85 -11.75 -2.15
N LEU A 245 0.44 -11.52 -2.27
CA LEU A 245 1.13 -11.47 -3.55
C LEU A 245 1.38 -12.88 -4.06
N ASN A 246 0.73 -13.23 -5.17
CA ASN A 246 1.16 -14.39 -5.95
C ASN A 246 2.26 -13.96 -6.88
N ILE A 247 3.45 -14.53 -6.70
CA ILE A 247 4.62 -14.09 -7.45
C ILE A 247 4.61 -14.66 -8.87
N THR A 248 4.37 -15.96 -9.00
CA THR A 248 4.50 -16.61 -10.30
C THR A 248 3.33 -16.26 -11.21
N GLN A 249 2.11 -16.47 -10.73
CA GLN A 249 0.89 -16.18 -11.48
C GLN A 249 0.62 -14.70 -11.63
N LYS A 250 1.29 -13.86 -10.82
CA LYS A 250 1.21 -12.40 -10.86
C LYS A 250 -0.21 -11.90 -10.64
N VAL A 251 -0.92 -12.52 -9.71
CA VAL A 251 -2.17 -11.97 -9.19
C VAL A 251 -1.98 -11.63 -7.73
N HIS A 252 -3.03 -11.09 -7.13
CA HIS A 252 -2.98 -10.59 -5.77
C HIS A 252 -4.38 -10.52 -5.14
N PRO A 253 -4.79 -11.58 -4.45
CA PRO A 253 -6.00 -11.56 -3.64
C PRO A 253 -5.96 -10.62 -2.46
N VAL A 254 -6.98 -9.78 -2.33
CA VAL A 254 -7.06 -8.81 -1.25
C VAL A 254 -7.67 -9.38 0.02
N ILE A 255 -7.14 -10.50 0.49
CA ILE A 255 -7.64 -11.17 1.68
C ILE A 255 -7.54 -10.28 2.92
N TRP A 256 -8.59 -10.31 3.74
CA TRP A 256 -8.71 -9.56 5.00
C TRP A 256 -8.72 -8.04 4.97
N SER A 257 -9.90 -7.47 5.17
CA SER A 257 -10.05 -6.01 5.25
C SER A 257 -10.88 -5.57 6.45
N LEU A 258 -10.35 -4.61 7.19
CA LEU A 258 -11.10 -3.85 8.19
C LEU A 258 -11.23 -2.42 7.72
N THR A 259 -12.31 -1.75 8.15
CA THR A 259 -12.68 -0.53 7.46
C THR A 259 -13.23 0.61 8.31
N SER A 260 -13.13 0.58 9.62
CA SER A 260 -13.53 1.74 10.40
C SER A 260 -12.55 1.96 11.55
N LEU A 261 -11.27 1.86 11.24
CA LEU A 261 -10.19 2.19 12.15
C LEU A 261 -10.18 3.69 12.40
N PRO A 262 -9.59 4.15 13.53
CA PRO A 262 -9.61 5.59 13.85
C PRO A 262 -8.93 6.43 12.79
N PHE A 263 -9.41 7.66 12.64
CA PHE A 263 -9.09 8.50 11.50
C PHE A 263 -7.61 8.88 11.45
N ASP A 264 -6.97 8.98 12.61
CA ASP A 264 -5.56 9.36 12.69
C ASP A 264 -4.77 8.15 13.17
N CYS A 265 -4.47 7.27 12.24
CA CYS A 265 -3.54 6.18 12.45
C CYS A 265 -2.22 6.56 11.81
N THR A 266 -1.17 6.54 12.58
CA THR A 266 0.18 6.61 12.05
C THR A 266 0.63 5.17 11.76
N GLN A 267 1.94 4.95 11.68
CA GLN A 267 2.57 3.77 11.10
C GLN A 267 1.98 2.44 11.58
N ALA A 268 1.98 1.46 10.69
CA ALA A 268 1.64 0.09 11.00
C ALA A 268 2.92 -0.67 11.26
N LEU A 269 2.80 -1.81 11.96
CA LEU A 269 3.98 -2.57 12.39
C LEU A 269 3.64 -4.05 12.41
N ALA A 270 4.45 -4.86 11.74
CA ALA A 270 4.18 -6.29 11.69
C ALA A 270 4.67 -6.98 12.95
N VAL A 271 3.75 -7.62 13.66
CA VAL A 271 4.11 -8.39 14.85
C VAL A 271 4.67 -9.75 14.41
N PRO A 272 5.78 -10.25 15.02
CA PRO A 272 6.42 -11.46 14.50
C PRO A 272 5.61 -12.74 14.63
N LYS A 273 6.18 -13.82 14.13
CA LYS A 273 5.57 -15.15 13.94
C LYS A 273 4.84 -15.78 15.13
N PRO A 274 5.37 -15.83 16.37
CA PRO A 274 4.69 -16.65 17.38
C PRO A 274 3.38 -16.05 17.86
N ILE A 275 3.12 -14.78 17.57
CA ILE A 275 1.80 -14.20 17.82
C ILE A 275 1.14 -13.81 16.51
N GLY A 276 1.90 -13.17 15.62
CA GLY A 276 1.37 -12.78 14.33
C GLY A 276 0.55 -11.52 14.40
N GLY A 277 0.03 -11.14 13.25
CA GLY A 277 -0.87 -10.02 13.19
C GLY A 277 -0.16 -8.71 12.94
N VAL A 278 -0.62 -7.65 13.59
CA VAL A 278 -0.15 -6.30 13.36
C VAL A 278 -0.55 -5.44 14.56
N VAL A 279 0.31 -4.50 14.94
CA VAL A 279 -0.09 -3.37 15.76
C VAL A 279 -0.11 -2.14 14.89
N VAL A 280 -1.13 -1.31 15.07
CA VAL A 280 -1.36 -0.13 14.24
C VAL A 280 -1.37 1.07 15.16
N PHE A 281 -0.29 1.83 15.16
CA PHE A 281 -0.21 3.01 16.00
C PHE A 281 -1.19 4.05 15.50
N ALA A 282 -2.13 4.42 16.34
CA ALA A 282 -2.90 5.62 16.10
C ALA A 282 -2.36 6.69 17.03
N VAL A 283 -2.78 7.93 16.77
CA VAL A 283 -2.29 9.05 17.56
C VAL A 283 -2.70 8.91 19.02
N ASN A 284 -3.96 8.53 19.25
CA ASN A 284 -4.52 8.50 20.58
C ASN A 284 -4.91 7.10 21.02
N SER A 285 -4.52 6.06 20.28
CA SER A 285 -4.88 4.69 20.61
C SER A 285 -3.82 3.75 20.07
N LEU A 286 -4.09 2.46 20.14
CA LEU A 286 -3.13 1.42 19.79
C LEU A 286 -3.87 0.11 19.62
N LEU A 287 -3.83 -0.44 18.41
CA LEU A 287 -4.70 -1.53 18.03
C LEU A 287 -3.86 -2.79 17.88
N TYR A 288 -4.49 -3.95 18.07
CA TYR A 288 -3.88 -5.21 17.67
C TYR A 288 -4.85 -5.97 16.79
N LEU A 289 -4.48 -6.16 15.53
CA LEU A 289 -5.40 -6.70 14.54
C LEU A 289 -4.84 -7.99 13.98
N ASN A 290 -5.71 -8.90 13.57
CA ASN A 290 -5.29 -10.22 13.10
C ASN A 290 -6.43 -10.77 12.26
N GLN A 291 -6.19 -11.85 11.52
CA GLN A 291 -7.24 -12.27 10.60
C GLN A 291 -8.35 -13.07 11.28
N SER A 292 -8.03 -13.95 12.23
CA SER A 292 -9.02 -14.82 12.84
C SER A 292 -9.49 -14.32 14.19
N VAL A 293 -9.01 -13.16 14.64
CA VAL A 293 -9.23 -12.66 15.99
C VAL A 293 -10.05 -11.39 15.84
N PRO A 294 -11.00 -11.12 16.74
CA PRO A 294 -11.68 -9.81 16.72
C PRO A 294 -10.73 -8.70 17.05
N PRO A 295 -11.06 -7.46 16.69
CA PRO A 295 -10.16 -6.33 16.98
C PRO A 295 -10.08 -6.05 18.47
N TYR A 296 -8.87 -5.80 18.95
CA TYR A 296 -8.62 -5.37 20.32
C TYR A 296 -7.71 -4.17 20.33
N GLY A 297 -8.20 -3.04 20.80
CA GLY A 297 -7.40 -1.84 20.85
C GLY A 297 -7.81 -0.91 21.96
N VAL A 298 -6.86 -0.35 22.69
CA VAL A 298 -7.15 0.49 23.83
C VAL A 298 -6.87 1.93 23.47
N ALA A 299 -7.37 2.83 24.31
CA ALA A 299 -7.22 4.27 24.13
C ALA A 299 -6.24 4.80 25.16
N LEU A 300 -5.43 5.77 24.75
CA LEU A 300 -4.34 6.23 25.58
C LEU A 300 -4.53 7.65 26.11
N ASN A 301 -5.64 8.30 25.81
CA ASN A 301 -6.09 9.51 26.50
C ASN A 301 -7.58 9.67 26.25
N SER A 302 -8.18 10.68 26.89
CA SER A 302 -9.57 11.02 26.59
C SER A 302 -9.67 12.11 25.53
N LEU A 303 -8.98 11.88 24.41
CA LEU A 303 -9.26 12.56 23.16
C LEU A 303 -9.87 11.60 22.17
N THR A 304 -10.09 10.35 22.58
CA THR A 304 -10.79 9.35 21.79
C THR A 304 -12.29 9.36 22.05
N THR A 305 -12.81 10.41 22.69
CA THR A 305 -14.20 10.38 23.12
C THR A 305 -15.13 10.66 21.94
N GLY A 306 -15.07 11.88 21.40
CA GLY A 306 -15.89 12.27 20.28
C GLY A 306 -15.22 12.14 18.94
N THR A 307 -14.16 11.35 18.84
CA THR A 307 -13.34 11.24 17.65
C THR A 307 -13.26 9.83 17.11
N THR A 308 -13.79 8.83 17.81
CA THR A 308 -13.58 7.46 17.42
C THR A 308 -14.81 6.64 17.79
N ALA A 309 -15.34 5.90 16.84
CA ALA A 309 -16.42 4.95 17.08
C ALA A 309 -15.92 3.52 17.21
N PHE A 310 -14.63 3.30 16.98
CA PHE A 310 -14.03 1.99 17.15
C PHE A 310 -14.09 1.60 18.62
N PRO A 311 -14.36 0.31 18.93
CA PRO A 311 -14.50 -0.08 20.34
C PRO A 311 -13.18 -0.07 21.09
N LEU A 312 -13.00 0.96 21.92
CA LEU A 312 -11.75 1.21 22.60
C LEU A 312 -11.94 1.03 24.10
N ARG A 313 -11.08 0.23 24.70
CA ARG A 313 -11.08 0.11 26.15
C ARG A 313 -10.30 1.28 26.76
N THR A 314 -9.97 1.14 28.04
CA THR A 314 -9.25 2.16 28.77
C THR A 314 -7.99 1.53 29.36
N GLN A 315 -6.83 1.98 28.88
CA GLN A 315 -5.57 1.52 29.42
C GLN A 315 -5.31 2.20 30.75
N GLU A 316 -5.17 1.42 31.81
CA GLU A 316 -5.10 1.98 33.15
C GLU A 316 -3.70 2.48 33.46
N GLY A 317 -3.62 3.67 34.03
CA GLY A 317 -2.36 4.24 34.42
C GLY A 317 -1.48 4.72 33.29
N VAL A 318 -2.05 5.02 32.12
CA VAL A 318 -1.30 5.51 30.96
C VAL A 318 -2.06 6.69 30.35
N ARG A 319 -1.37 7.81 30.14
CA ARG A 319 -1.92 8.95 29.41
C ARG A 319 -0.84 9.56 28.51
N ILE A 320 -0.74 9.05 27.27
CA ILE A 320 0.27 9.47 26.30
C ILE A 320 -0.34 9.48 24.91
N THR A 321 0.50 9.80 23.91
CA THR A 321 0.09 9.79 22.52
C THR A 321 1.16 9.13 21.67
N LEU A 322 0.76 8.61 20.52
CA LEU A 322 1.65 7.88 19.61
C LEU A 322 1.47 8.43 18.21
N ASP A 323 2.13 9.53 17.90
CA ASP A 323 2.05 10.00 16.52
C ASP A 323 3.35 9.91 15.77
N CYS A 324 4.48 10.28 16.37
CA CYS A 324 5.79 10.07 15.76
C CYS A 324 6.56 9.15 16.69
N ALA A 325 6.27 7.87 16.64
CA ALA A 325 6.79 6.96 17.64
C ALA A 325 7.40 5.74 16.97
N GLN A 326 8.71 5.62 17.05
CA GLN A 326 9.42 4.55 16.37
C GLN A 326 9.40 3.33 17.25
N ALA A 327 9.31 2.14 16.63
CA ALA A 327 9.18 0.94 17.43
C ALA A 327 9.87 -0.24 16.78
N THR A 328 10.29 -1.17 17.63
CA THR A 328 10.90 -2.42 17.21
C THR A 328 10.39 -3.52 18.15
N PHE A 329 10.68 -4.76 17.82
CA PHE A 329 10.18 -5.88 18.60
C PHE A 329 11.32 -6.69 19.19
N ILE A 330 11.06 -6.95 20.48
CA ILE A 330 11.77 -7.89 21.32
C ILE A 330 11.27 -9.26 20.77
N SER A 331 12.03 -10.31 21.01
CA SER A 331 11.77 -11.55 20.27
C SER A 331 10.31 -11.94 20.05
N TYR A 332 9.53 -11.89 21.14
CA TYR A 332 8.09 -12.12 21.11
C TYR A 332 7.45 -11.37 22.28
N ASP A 333 6.27 -10.79 22.04
CA ASP A 333 5.46 -10.06 23.03
C ASP A 333 6.09 -8.92 23.86
N LYS A 334 6.95 -8.12 23.24
CA LYS A 334 7.54 -6.96 23.90
C LYS A 334 7.96 -6.00 22.81
N MET A 335 7.43 -4.79 22.83
CA MET A 335 7.74 -3.81 21.78
C MET A 335 8.24 -2.52 22.39
N VAL A 336 9.40 -2.07 21.94
CA VAL A 336 10.01 -0.86 22.47
C VAL A 336 9.51 0.34 21.68
N ILE A 337 8.59 1.10 22.26
CA ILE A 337 8.13 2.33 21.64
C ILE A 337 8.94 3.46 22.25
N SER A 338 9.65 4.19 21.40
CA SER A 338 10.18 5.50 21.76
C SER A 338 9.19 6.53 21.23
N LEU A 339 8.63 7.33 22.11
CA LEU A 339 7.59 8.27 21.71
C LEU A 339 8.19 9.51 21.04
N LYS A 340 7.34 10.48 20.76
CA LYS A 340 7.83 11.83 20.65
C LYS A 340 8.16 12.31 22.06
N GLY A 341 9.16 13.17 22.16
CA GLY A 341 9.67 13.48 23.48
C GLY A 341 10.69 12.50 23.99
N GLY A 342 11.05 11.51 23.18
CA GLY A 342 12.18 10.65 23.50
C GLY A 342 11.94 9.68 24.63
N GLU A 343 10.69 9.42 24.99
CA GLU A 343 10.37 8.56 26.11
C GLU A 343 10.17 7.13 25.65
N ILE A 344 10.97 6.22 26.19
CA ILE A 344 10.92 4.81 25.80
C ILE A 344 9.87 4.12 26.64
N TYR A 345 8.88 3.52 25.98
CA TYR A 345 7.93 2.60 26.58
C TYR A 345 8.11 1.22 26.00
N VAL A 346 8.05 0.21 26.86
CA VAL A 346 8.20 -1.18 26.43
C VAL A 346 6.83 -1.84 26.56
N LEU A 347 6.07 -1.80 25.47
CA LEU A 347 4.72 -2.34 25.42
C LEU A 347 4.76 -3.86 25.52
N THR A 348 4.00 -4.42 26.45
CA THR A 348 3.84 -5.86 26.57
C THR A 348 2.45 -6.25 26.10
N LEU A 349 2.40 -7.10 25.08
CA LEU A 349 1.16 -7.68 24.58
C LEU A 349 0.86 -8.91 25.42
N ILE A 350 -0.14 -8.85 26.30
CA ILE A 350 -0.40 -9.97 27.17
C ILE A 350 -1.18 -11.03 26.39
N THR A 351 -0.65 -12.26 26.41
CA THR A 351 -1.05 -13.32 25.50
C THR A 351 -1.80 -14.40 26.26
N ASP A 352 -2.86 -14.94 25.66
CA ASP A 352 -3.59 -16.05 26.24
C ASP A 352 -2.88 -17.37 25.92
N GLY A 353 -3.50 -18.48 26.33
CA GLY A 353 -2.93 -19.78 26.02
C GLY A 353 -3.11 -20.17 24.57
N MET A 354 -4.09 -19.56 23.89
CA MET A 354 -4.31 -19.79 22.48
C MET A 354 -3.64 -18.76 21.59
N ARG A 355 -2.56 -18.15 22.08
CA ARG A 355 -1.67 -17.24 21.34
C ARG A 355 -2.43 -16.03 20.79
N SER A 356 -3.44 -15.59 21.52
CA SER A 356 -4.21 -14.41 21.18
C SER A 356 -3.94 -13.31 22.21
N VAL A 357 -3.96 -12.07 21.74
CA VAL A 357 -3.69 -10.93 22.62
C VAL A 357 -4.93 -10.62 23.43
N ARG A 358 -4.80 -10.68 24.75
CA ARG A 358 -5.90 -10.35 25.65
C ARG A 358 -5.87 -8.88 26.06
N ALA A 359 -4.77 -8.43 26.66
CA ALA A 359 -4.65 -7.06 27.11
C ALA A 359 -3.25 -6.54 26.81
N PHE A 360 -3.07 -5.22 26.98
CA PHE A 360 -1.78 -4.58 26.85
C PHE A 360 -1.17 -4.35 28.22
N HIS A 361 0.13 -4.08 28.23
CA HIS A 361 0.80 -3.68 29.47
C HIS A 361 1.97 -2.78 29.14
N PHE A 362 1.88 -1.55 29.61
CA PHE A 362 2.94 -0.55 29.46
C PHE A 362 3.85 -0.58 30.69
N ASP A 363 5.02 0.03 30.53
CA ASP A 363 5.81 0.50 31.65
C ASP A 363 6.63 1.69 31.18
N LYS A 364 6.62 2.76 31.97
CA LYS A 364 7.42 3.91 31.60
C LYS A 364 8.87 3.57 31.88
N ALA A 365 9.58 3.19 30.83
CA ALA A 365 11.01 2.95 30.94
C ALA A 365 11.73 4.30 30.77
N ALA A 366 13.04 4.28 30.61
CA ALA A 366 13.84 5.50 30.69
C ALA A 366 13.59 6.44 29.52
N ALA A 367 14.05 7.68 29.62
CA ALA A 367 13.97 8.64 28.54
C ALA A 367 15.31 8.70 27.83
N SER A 368 15.26 9.06 26.56
CA SER A 368 16.43 9.03 25.70
C SER A 368 16.19 9.95 24.51
N VAL A 369 16.96 9.73 23.45
CA VAL A 369 17.09 10.66 22.33
C VAL A 369 15.77 10.84 21.58
N LEU A 370 15.54 12.04 21.06
CA LEU A 370 14.47 12.25 20.10
C LEU A 370 14.77 11.56 18.79
N THR A 371 14.26 10.35 18.60
CA THR A 371 14.73 9.46 17.54
C THR A 371 14.10 9.80 16.20
N THR A 372 14.63 9.16 15.16
CA THR A 372 13.96 9.00 13.88
C THR A 372 13.98 7.56 13.40
N SER A 373 14.63 6.66 14.13
CA SER A 373 14.61 5.25 13.79
C SER A 373 14.81 4.42 15.04
N MET A 374 14.95 3.11 14.86
CA MET A 374 15.10 2.16 15.96
C MET A 374 15.58 0.80 15.45
N VAL A 375 16.52 0.17 16.15
CA VAL A 375 17.11 -1.10 15.71
C VAL A 375 17.37 -1.98 16.91
N THR A 376 16.90 -3.23 16.86
CA THR A 376 17.44 -4.25 17.73
C THR A 376 18.74 -4.80 17.17
N MET A 377 19.82 -4.61 17.92
CA MET A 377 21.10 -5.24 17.63
C MET A 377 21.17 -6.57 18.36
N GLU A 378 22.39 -7.07 18.60
CA GLU A 378 22.70 -8.17 19.51
C GLU A 378 21.87 -8.10 20.77
N PRO A 379 21.30 -9.23 21.25
CA PRO A 379 20.15 -9.17 22.17
C PRO A 379 20.51 -8.56 23.50
N GLY A 380 19.92 -7.40 23.75
CA GLY A 380 20.31 -6.56 24.86
C GLY A 380 20.93 -5.24 24.45
N TYR A 381 20.88 -4.88 23.16
CA TYR A 381 21.39 -3.60 22.68
C TYR A 381 20.37 -3.03 21.72
N LEU A 382 20.13 -1.73 21.82
CA LEU A 382 19.23 -1.04 20.91
C LEU A 382 19.96 0.16 20.34
N PHE A 383 19.57 0.57 19.13
CA PHE A 383 20.10 1.77 18.53
C PHE A 383 18.96 2.73 18.26
N LEU A 384 19.18 4.01 18.51
CA LEU A 384 18.17 5.05 18.36
C LEU A 384 18.65 6.04 17.32
N GLY A 385 18.48 5.73 16.04
CA GLY A 385 18.95 6.63 15.02
C GLY A 385 18.15 7.92 14.97
N SER A 386 18.85 9.03 15.07
CA SER A 386 18.18 10.30 15.19
C SER A 386 18.89 11.36 14.39
N ARG A 387 18.11 12.20 13.73
CA ARG A 387 18.66 13.37 13.08
C ARG A 387 19.08 14.41 14.08
N LEU A 388 18.21 14.68 15.05
CA LEU A 388 18.32 15.80 15.96
C LEU A 388 18.65 15.31 17.36
N GLY A 389 19.94 15.10 17.58
CA GLY A 389 20.44 14.46 18.78
C GLY A 389 21.49 13.44 18.48
N ASN A 390 22.38 13.20 19.42
CA ASN A 390 23.39 12.17 19.24
C ASN A 390 22.72 10.82 19.25
N SER A 391 22.60 10.20 18.08
CA SER A 391 21.95 8.92 17.97
C SER A 391 22.77 7.84 18.66
N LEU A 392 22.25 7.33 19.77
CA LEU A 392 23.05 6.45 20.60
C LEU A 392 22.60 5.04 20.86
N LEU A 393 23.59 4.23 21.20
CA LEU A 393 23.45 2.82 21.50
C LEU A 393 23.04 2.64 22.94
N LEU A 394 21.94 1.92 23.17
CA LEU A 394 21.44 1.64 24.51
C LEU A 394 21.77 0.22 24.93
N LYS A 395 21.33 -0.12 26.14
CA LYS A 395 21.49 -1.46 26.67
C LYS A 395 20.43 -1.69 27.74
N TYR A 396 19.48 -2.58 27.46
CA TYR A 396 18.45 -2.94 28.41
C TYR A 396 18.81 -4.24 29.11
N THR A 397 18.41 -4.36 30.37
CA THR A 397 18.56 -5.59 31.13
C THR A 397 17.24 -5.96 31.78
N GLU A 398 17.21 -7.15 32.38
CA GLU A 398 16.06 -7.58 33.16
C GLU A 398 16.19 -7.08 34.59
N LYS A 399 15.06 -6.72 35.19
CA LYS A 399 15.09 -6.30 36.58
C LYS A 399 14.72 -7.46 37.50
N LEU A 400 15.14 -7.34 38.75
CA LEU A 400 14.90 -8.40 39.74
C LEU A 400 13.86 -7.97 40.75
N LEU A 458 5.63 -7.30 35.08
CA LEU A 458 6.44 -8.47 34.74
C LEU A 458 7.51 -8.13 33.71
N ALA A 459 8.77 -8.43 34.07
CA ALA A 459 9.96 -8.20 33.26
C ALA A 459 10.08 -6.74 32.81
N THR A 460 10.30 -5.86 33.79
CA THR A 460 10.52 -4.45 33.49
C THR A 460 11.98 -4.26 33.08
N TYR A 461 12.19 -3.49 32.02
CA TYR A 461 13.51 -3.29 31.45
C TYR A 461 14.06 -1.93 31.85
N SER A 462 15.31 -1.93 32.31
CA SER A 462 16.01 -0.71 32.68
C SER A 462 17.11 -0.45 31.66
N PHE A 463 17.25 0.81 31.26
CA PHE A 463 18.12 1.17 30.16
C PHE A 463 19.39 1.87 30.64
N GLU A 464 20.48 1.64 29.92
CA GLU A 464 21.75 2.33 30.12
C GLU A 464 22.31 2.71 28.76
N VAL A 465 22.89 3.91 28.68
CA VAL A 465 23.55 4.38 27.46
C VAL A 465 24.98 3.87 27.45
N CYS A 466 25.37 3.17 26.37
CA CYS A 466 26.72 2.65 26.27
C CYS A 466 27.62 3.52 25.41
N ASP A 467 27.12 3.99 24.27
CA ASP A 467 27.90 4.77 23.32
C ASP A 467 26.95 5.71 22.60
N SER A 468 27.49 6.80 22.07
CA SER A 468 26.66 7.77 21.37
C SER A 468 27.39 8.30 20.14
N ILE A 469 26.80 8.09 18.97
CA ILE A 469 27.34 8.61 17.73
C ILE A 469 27.12 10.11 17.69
N LEU A 470 28.19 10.85 17.49
CA LEU A 470 28.14 12.30 17.54
C LEU A 470 27.47 12.87 16.30
N ASN A 471 26.64 13.87 16.50
CA ASN A 471 25.61 14.23 15.53
C ASN A 471 25.33 15.71 15.66
N ILE A 472 26.04 16.49 14.86
CA ILE A 472 25.65 17.86 14.59
C ILE A 472 24.27 17.77 13.95
N GLY A 473 23.26 18.28 14.62
CA GLY A 473 21.91 18.07 14.19
C GLY A 473 21.49 19.07 13.15
N PRO A 474 20.19 19.26 13.00
CA PRO A 474 19.68 20.21 12.03
C PRO A 474 20.01 21.64 12.40
N CYS A 475 21.15 22.09 11.87
CA CYS A 475 21.72 23.40 12.16
C CYS A 475 20.77 24.48 11.69
N ALA A 476 19.99 25.02 12.62
CA ALA A 476 18.99 26.01 12.26
C ALA A 476 19.65 27.34 11.97
N ASN A 477 20.48 27.81 12.89
CA ASN A 477 21.30 28.98 12.65
C ASN A 477 22.70 28.68 13.14
N ALA A 478 23.68 29.38 12.59
CA ALA A 478 25.07 29.19 12.98
C ALA A 478 25.83 30.46 12.70
N ALA A 479 26.66 30.87 13.66
CA ALA A 479 27.33 32.15 13.58
C ALA A 479 28.82 31.99 13.81
N VAL A 480 29.60 32.83 13.17
CA VAL A 480 31.05 32.77 13.18
C VAL A 480 31.55 33.54 14.39
N GLY A 481 32.38 32.92 15.21
CA GLY A 481 32.92 33.56 16.39
C GLY A 481 34.43 33.39 16.47
N GLU A 482 35.00 34.16 17.34
CA GLU A 482 36.44 34.08 17.53
C GLU A 482 36.73 33.31 18.80
N PRO A 483 37.64 32.34 18.78
CA PRO A 483 37.96 31.60 20.01
C PRO A 483 38.74 32.46 20.99
N ALA A 484 38.65 32.07 22.25
CA ALA A 484 39.18 32.93 23.30
C ALA A 484 40.49 32.46 23.89
N PHE A 485 41.04 31.35 23.40
CA PHE A 485 42.33 30.87 23.93
C PHE A 485 43.39 30.75 22.85
N LEU A 486 43.51 31.75 21.98
CA LEU A 486 44.60 31.73 21.03
C LEU A 486 45.89 32.16 21.72
N SER A 487 46.92 31.33 21.59
CA SER A 487 48.15 31.57 22.32
C SER A 487 48.90 32.76 21.72
N GLU A 488 49.68 33.43 22.58
CA GLU A 488 50.26 34.73 22.26
C GLU A 488 51.32 34.65 21.17
N GLU A 489 51.85 33.47 20.90
CA GLU A 489 52.80 33.32 19.81
C GLU A 489 52.13 33.39 18.45
N PHE A 490 50.88 32.94 18.34
CA PHE A 490 50.14 32.96 17.10
C PHE A 490 49.37 34.25 16.90
N GLN A 491 49.63 35.26 17.74
CA GLN A 491 48.72 36.38 17.89
C GLN A 491 48.76 37.34 16.71
N ASN A 492 49.95 37.66 16.19
CA ASN A 492 50.10 38.64 15.12
C ASN A 492 49.95 38.03 13.74
N SER A 493 49.31 36.86 13.63
CA SER A 493 49.11 36.13 12.38
C SER A 493 48.18 36.93 11.46
N PRO A 494 48.43 36.91 10.14
CA PRO A 494 47.67 37.81 9.27
C PRO A 494 46.27 37.32 8.95
N GLU A 495 46.07 36.00 8.87
CA GLU A 495 44.75 35.48 8.56
C GLU A 495 43.83 35.62 9.77
N PRO A 496 42.53 35.82 9.55
CA PRO A 496 41.57 35.69 10.65
C PRO A 496 41.57 34.27 11.20
N ASP A 497 41.37 34.17 12.51
CA ASP A 497 41.45 32.90 13.23
C ASP A 497 40.14 32.73 14.00
N LEU A 498 39.23 31.93 13.47
CA LEU A 498 37.85 31.95 13.95
C LEU A 498 37.21 30.56 13.88
N GLU A 499 36.10 30.41 14.59
CA GLU A 499 35.36 29.15 14.66
C GLU A 499 33.89 29.47 14.42
N ILE A 500 33.07 28.42 14.32
CA ILE A 500 31.63 28.60 14.21
C ILE A 500 30.92 27.88 15.33
N VAL A 501 29.83 28.49 15.79
CA VAL A 501 28.98 27.95 16.84
C VAL A 501 27.63 27.63 16.21
N VAL A 502 27.21 26.38 16.35
CA VAL A 502 26.14 25.79 15.55
C VAL A 502 24.98 25.43 16.45
N CYS A 503 23.79 25.96 16.15
CA CYS A 503 22.57 25.58 16.87
C CYS A 503 22.12 24.21 16.42
N SER A 504 22.73 23.17 16.96
CA SER A 504 22.40 21.82 16.56
C SER A 504 21.16 21.38 17.30
N GLY A 505 20.72 20.14 17.01
CA GLY A 505 19.68 19.46 17.75
C GLY A 505 18.32 20.16 17.78
N HIS A 506 17.46 19.60 18.63
CA HIS A 506 16.12 20.13 18.88
C HIS A 506 15.61 19.60 20.21
N GLY A 507 14.93 20.46 20.95
CA GLY A 507 14.13 19.99 22.07
C GLY A 507 14.96 19.52 23.22
N LYS A 508 14.73 18.28 23.63
CA LYS A 508 15.50 17.73 24.75
C LYS A 508 16.93 17.43 24.34
N ASN A 509 17.19 17.28 23.03
CA ASN A 509 18.54 17.09 22.53
C ASN A 509 19.11 18.34 21.89
N GLY A 510 18.52 19.50 22.14
CA GLY A 510 19.01 20.72 21.56
C GLY A 510 20.37 21.10 22.13
N ALA A 511 21.13 21.85 21.36
CA ALA A 511 22.51 22.14 21.73
C ALA A 511 23.04 23.36 20.98
N LEU A 512 24.21 23.80 21.41
CA LEU A 512 25.15 24.52 20.58
C LEU A 512 26.35 23.61 20.34
N SER A 513 26.90 23.65 19.13
CA SER A 513 28.09 22.87 18.80
C SER A 513 29.15 23.84 18.31
N VAL A 514 30.38 23.64 18.76
CA VAL A 514 31.47 24.57 18.51
C VAL A 514 32.36 23.93 17.45
N LEU A 515 32.13 24.27 16.19
CA LEU A 515 32.86 23.65 15.09
C LEU A 515 34.03 24.54 14.67
N GLN A 516 35.19 23.90 14.50
CA GLN A 516 36.45 24.62 14.30
C GLN A 516 37.36 23.67 13.54
N LYS A 517 37.55 23.93 12.24
CA LYS A 517 38.07 22.92 11.31
C LYS A 517 39.50 22.53 11.62
N SER A 518 40.40 23.51 11.70
CA SER A 518 41.80 23.25 11.92
C SER A 518 42.07 22.86 13.37
N ILE A 519 43.32 22.69 13.70
CA ILE A 519 43.75 22.50 15.08
C ILE A 519 44.68 23.63 15.46
N ARG A 520 44.42 24.26 16.60
CA ARG A 520 45.19 25.41 17.07
C ARG A 520 45.82 25.05 18.40
N PRO A 521 47.10 24.72 18.46
CA PRO A 521 47.68 24.25 19.72
C PRO A 521 47.85 25.35 20.74
N GLN A 522 48.10 24.95 21.98
CA GLN A 522 48.43 25.88 23.05
C GLN A 522 49.94 25.86 23.24
N VAL A 523 50.62 26.90 22.79
CA VAL A 523 52.07 26.99 22.93
C VAL A 523 52.38 27.34 24.38
N VAL A 524 52.95 26.40 25.12
CA VAL A 524 53.24 26.66 26.52
C VAL A 524 54.68 27.08 26.76
N THR A 525 55.60 26.74 25.86
CA THR A 525 57.00 27.14 25.98
C THR A 525 57.59 27.12 24.58
N THR A 526 58.22 28.21 24.17
CA THR A 526 58.85 28.28 22.87
C THR A 526 60.37 28.34 23.04
N PHE A 527 61.08 27.98 21.97
CA PHE A 527 62.54 28.05 21.96
C PHE A 527 63.01 28.52 20.59
N GLU A 528 64.20 29.08 20.56
CA GLU A 528 64.86 29.49 19.33
C GLU A 528 66.16 28.70 19.23
N LEU A 529 66.08 27.54 18.58
CA LEU A 529 67.25 26.70 18.35
C LEU A 529 67.43 26.56 16.84
N PRO A 530 68.21 27.43 16.23
CA PRO A 530 68.54 27.25 14.81
C PRO A 530 69.64 26.22 14.63
N GLY A 531 69.74 25.72 13.41
CA GLY A 531 70.78 24.76 13.04
C GLY A 531 70.35 23.32 13.06
N CYS A 532 69.48 22.96 14.00
CA CYS A 532 68.92 21.61 14.02
C CYS A 532 67.75 21.51 13.05
N TYR A 533 67.56 20.32 12.48
CA TYR A 533 66.55 20.11 11.45
C TYR A 533 65.66 18.89 11.69
N ASP A 534 66.13 17.90 12.45
CA ASP A 534 65.30 16.81 12.90
C ASP A 534 65.26 16.76 14.42
N MET A 535 64.47 15.83 14.94
CA MET A 535 64.25 15.73 16.37
C MET A 535 63.67 14.37 16.72
N TRP A 536 64.06 13.86 17.88
CA TRP A 536 63.61 12.57 18.38
C TRP A 536 63.45 12.65 19.89
N THR A 537 62.55 11.83 20.41
CA THR A 537 62.30 11.76 21.84
C THR A 537 62.43 10.33 22.31
N VAL A 538 63.11 10.13 23.42
CA VAL A 538 63.23 8.82 24.05
C VAL A 538 62.78 8.93 25.48
N ILE A 539 62.64 7.77 26.13
CA ILE A 539 62.17 7.68 27.51
C ILE A 539 63.28 7.10 28.37
N ALA A 540 63.65 7.82 29.42
CA ALA A 540 64.69 7.37 30.32
C ALA A 540 64.18 7.43 31.75
N PRO A 541 64.43 6.39 32.55
CA PRO A 541 64.06 6.41 33.97
C PRO A 541 65.03 7.22 34.82
N GLY A 569 53.44 6.89 33.51
CA GLY A 569 54.66 6.36 34.06
C GLY A 569 55.80 6.36 33.06
N ARG A 570 55.55 6.96 31.90
CA ARG A 570 56.52 7.00 30.79
C ARG A 570 56.71 8.45 30.33
N ARG A 571 57.63 9.14 31.00
CA ARG A 571 57.95 10.52 30.63
C ARG A 571 59.11 10.53 29.66
N HIS A 572 59.07 11.49 28.73
CA HIS A 572 60.14 11.63 27.75
C HIS A 572 61.38 12.21 28.41
N GLY A 573 62.40 11.37 28.57
CA GLY A 573 63.60 11.75 29.28
C GLY A 573 64.47 12.73 28.54
N PHE A 574 64.70 12.48 27.25
CA PHE A 574 65.63 13.27 26.45
C PHE A 574 64.90 13.84 25.24
N LEU A 575 65.41 14.94 24.71
CA LEU A 575 65.04 15.44 23.39
C LEU A 575 66.31 15.53 22.56
N ILE A 576 66.35 14.79 21.46
CA ILE A 576 67.58 14.57 20.70
C ILE A 576 67.46 15.34 19.39
N LEU A 577 68.27 16.38 19.24
CA LEU A 577 68.32 17.16 18.03
C LEU A 577 69.54 16.79 17.21
N SER A 578 69.45 16.97 15.90
CA SER A 578 70.56 16.70 15.00
C SER A 578 70.88 17.96 14.23
N ARG A 579 72.06 18.52 14.46
CA ARG A 579 72.54 19.65 13.69
C ARG A 579 73.27 19.12 12.46
N GLU A 580 73.76 20.03 11.60
CA GLU A 580 74.45 19.61 10.39
C GLU A 580 75.80 18.99 10.68
N ASP A 581 76.37 19.29 11.85
CA ASP A 581 77.65 18.73 12.25
C ASP A 581 77.69 18.18 13.66
N SER A 582 76.65 18.37 14.47
CA SER A 582 76.69 17.98 15.87
C SER A 582 75.32 17.48 16.28
N THR A 583 75.21 17.08 17.55
CA THR A 583 74.00 16.49 18.11
C THR A 583 73.76 17.12 19.48
N MET A 584 72.55 17.64 19.69
CA MET A 584 72.24 18.21 20.98
C MET A 584 71.60 17.16 21.89
N ILE A 585 71.75 17.38 23.19
CA ILE A 585 71.06 16.60 24.21
C ILE A 585 70.24 17.59 25.02
N LEU A 586 69.00 17.23 25.34
CA LEU A 586 68.15 18.07 26.18
C LEU A 586 67.66 17.25 27.36
N GLN A 587 68.35 17.36 28.50
CA GLN A 587 67.93 16.71 29.73
C GLN A 587 66.64 17.35 30.23
N THR A 588 65.54 16.61 30.15
CA THR A 588 64.25 17.10 30.61
C THR A 588 64.06 16.78 32.09
N GLY A 589 62.92 17.19 32.63
CA GLY A 589 62.62 16.99 34.03
C GLY A 589 61.80 18.12 34.60
N GLN A 590 62.29 18.72 35.68
CA GLN A 590 61.63 19.91 36.22
C GLN A 590 61.80 21.09 35.27
N GLU A 591 63.02 21.27 34.75
CA GLU A 591 63.35 22.34 33.82
C GLU A 591 64.34 21.77 32.82
N ILE A 592 64.06 21.90 31.53
CA ILE A 592 64.87 21.24 30.52
C ILE A 592 66.15 22.05 30.30
N MET A 593 67.24 21.33 29.99
CA MET A 593 68.56 21.94 29.93
C MET A 593 69.45 21.13 29.01
N GLU A 594 70.32 21.82 28.28
CA GLU A 594 71.26 21.16 27.39
C GLU A 594 72.35 20.44 28.18
N LEU A 595 72.67 19.21 27.77
CA LEU A 595 73.59 18.35 28.51
C LEU A 595 74.91 18.25 27.77
N ASP A 596 76.02 18.27 28.51
CA ASP A 596 77.34 18.31 27.92
C ASP A 596 78.18 17.06 28.12
N THR A 597 77.76 16.14 29.00
CA THR A 597 78.62 15.03 29.38
C THR A 597 78.60 13.93 28.31
N SER A 598 79.15 12.77 28.66
CA SER A 598 79.37 11.68 27.71
C SER A 598 78.06 10.92 27.44
N GLY A 599 78.17 9.77 26.80
CA GLY A 599 76.97 9.09 26.35
C GLY A 599 76.75 9.26 24.86
N PHE A 600 75.91 10.23 24.50
CA PHE A 600 75.60 10.51 23.11
C PHE A 600 76.82 10.94 22.32
N ALA A 601 76.74 10.75 21.01
CA ALA A 601 77.74 11.26 20.07
C ALA A 601 77.33 12.66 19.65
N THR A 602 77.80 13.66 20.37
CA THR A 602 77.52 15.05 20.05
C THR A 602 78.47 15.62 19.01
N GLN A 603 79.41 14.81 18.50
CA GLN A 603 80.40 15.29 17.56
C GLN A 603 79.95 15.15 16.11
N GLY A 604 78.86 14.43 15.85
CA GLY A 604 78.36 14.25 14.51
C GLY A 604 76.86 14.29 14.45
N PRO A 605 76.29 14.22 13.25
CA PRO A 605 74.83 14.23 13.11
C PRO A 605 74.25 12.86 13.43
N THR A 606 72.94 12.84 13.64
CA THR A 606 72.19 11.61 13.87
C THR A 606 71.04 11.53 12.88
N VAL A 607 70.86 10.34 12.30
CA VAL A 607 69.77 10.14 11.36
C VAL A 607 68.59 9.40 11.97
N PHE A 608 68.75 8.85 13.17
CA PHE A 608 67.65 8.22 13.89
C PHE A 608 68.03 8.15 15.36
N ALA A 609 67.01 8.20 16.22
CA ALA A 609 67.16 8.00 17.65
C ALA A 609 65.83 7.54 18.22
N GLY A 610 65.82 6.39 18.88
CA GLY A 610 64.54 5.87 19.32
C GLY A 610 64.70 4.96 20.53
N ASN A 611 63.67 4.14 20.74
CA ASN A 611 63.63 3.22 21.87
C ASN A 611 63.59 1.78 21.41
N ILE A 612 64.35 0.93 22.09
CA ILE A 612 64.43 -0.49 21.79
C ILE A 612 64.06 -1.24 23.07
N GLY A 613 63.71 -2.52 22.90
CA GLY A 613 63.17 -3.31 24.01
C GLY A 613 61.80 -2.77 24.38
N ASP A 614 61.59 -2.50 25.66
CA ASP A 614 60.45 -1.71 26.11
C ASP A 614 60.99 -0.56 26.96
N ASN A 615 61.46 0.49 26.26
CA ASN A 615 62.01 1.73 26.85
C ASN A 615 63.12 1.48 27.86
N ARG A 616 63.86 0.38 27.72
CA ARG A 616 64.95 0.07 28.62
C ARG A 616 66.30 0.46 28.05
N TYR A 617 66.37 0.71 26.75
CA TYR A 617 67.59 1.12 26.11
C TYR A 617 67.28 2.19 25.07
N ILE A 618 68.25 3.06 24.83
CA ILE A 618 68.13 4.16 23.89
C ILE A 618 69.11 3.92 22.76
N VAL A 619 68.61 3.93 21.53
CA VAL A 619 69.41 3.61 20.36
C VAL A 619 69.33 4.77 19.38
N GLN A 620 70.46 5.44 19.17
CA GLN A 620 70.62 6.43 18.12
C GLN A 620 71.51 5.87 17.02
N VAL A 621 71.34 6.40 15.81
CA VAL A 621 72.01 5.88 14.63
C VAL A 621 72.90 6.97 14.06
N SER A 622 74.20 6.86 14.29
CA SER A 622 75.18 7.69 13.64
C SER A 622 75.46 7.13 12.24
N PRO A 623 75.94 7.95 11.31
CA PRO A 623 76.35 7.42 10.00
C PRO A 623 77.54 6.47 10.04
N LEU A 624 78.30 6.44 11.13
CA LEU A 624 79.39 5.49 11.28
C LEU A 624 78.99 4.23 12.03
N GLY A 625 78.06 4.33 12.98
CA GLY A 625 77.67 3.18 13.76
C GLY A 625 76.47 3.49 14.63
N ILE A 626 76.29 2.67 15.66
CA ILE A 626 75.14 2.77 16.55
C ILE A 626 75.60 2.54 17.98
N ARG A 627 75.18 3.44 18.87
CA ARG A 627 75.45 3.34 20.30
C ARG A 627 74.26 2.72 21.01
N LEU A 628 74.55 1.95 22.06
CA LEU A 628 73.51 1.46 22.96
C LEU A 628 73.59 2.23 24.27
N LEU A 629 72.47 2.84 24.65
CA LEU A 629 72.46 3.80 25.74
C LEU A 629 71.45 3.38 26.79
N GLU A 630 71.85 3.37 28.05
CA GLU A 630 70.94 3.22 29.18
C GLU A 630 70.48 4.56 29.73
N GLY A 631 70.45 5.59 28.90
CA GLY A 631 70.24 6.94 29.37
C GLY A 631 71.45 7.80 29.12
N VAL A 632 72.19 8.14 30.18
CA VAL A 632 73.42 8.88 30.02
C VAL A 632 74.60 7.95 29.84
N ASN A 633 74.47 6.68 30.25
CA ASN A 633 75.57 5.72 30.16
C ASN A 633 75.44 4.89 28.90
N GLN A 634 76.59 4.54 28.32
CA GLN A 634 76.64 3.69 27.13
C GLN A 634 77.12 2.30 27.51
N LEU A 635 76.50 1.27 26.92
CA LEU A 635 77.02 -0.08 27.10
C LEU A 635 78.20 -0.35 26.18
N HIS A 636 77.97 -0.30 24.87
CA HIS A 636 79.02 -0.55 23.89
C HIS A 636 78.63 0.09 22.57
N PHE A 637 79.53 0.01 21.59
CA PHE A 637 79.36 0.63 20.29
C PHE A 637 79.67 -0.38 19.21
N ILE A 638 78.82 -0.44 18.19
CA ILE A 638 79.04 -1.33 17.04
C ILE A 638 79.22 -0.47 15.80
N PRO A 639 80.41 -0.46 15.20
CA PRO A 639 80.61 0.33 13.99
C PRO A 639 79.98 -0.33 12.77
N VAL A 640 79.39 0.50 11.92
CA VAL A 640 78.80 0.03 10.67
C VAL A 640 79.83 0.24 9.57
N ASP A 641 80.39 -0.85 9.05
CA ASP A 641 81.46 -0.79 8.08
C ASP A 641 80.98 -0.83 6.64
N LEU A 642 79.78 -0.30 6.37
CA LEU A 642 79.32 -0.22 5.00
C LEU A 642 80.05 0.90 4.26
N GLY A 643 80.22 0.70 2.96
CA GLY A 643 80.86 1.72 2.14
C GLY A 643 79.98 2.94 1.95
N ALA A 644 78.70 2.77 2.04
CA ALA A 644 77.77 3.87 1.97
C ALA A 644 77.42 4.37 3.36
N PRO A 645 77.22 5.67 3.55
CA PRO A 645 76.74 6.16 4.83
C PRO A 645 75.27 5.84 5.03
N ILE A 646 74.90 5.67 6.29
CA ILE A 646 73.52 5.35 6.64
C ILE A 646 72.66 6.58 6.45
N VAL A 647 71.53 6.44 5.76
CA VAL A 647 70.66 7.57 5.50
C VAL A 647 69.37 7.54 6.32
N GLN A 648 68.83 6.35 6.63
CA GLN A 648 67.68 6.26 7.53
C GLN A 648 67.57 4.87 8.11
N CYS A 649 66.64 4.72 9.06
CA CYS A 649 66.39 3.46 9.73
C CYS A 649 64.90 3.32 10.04
N ALA A 650 64.55 2.18 10.63
CA ALA A 650 63.27 1.95 11.25
C ALA A 650 63.47 0.98 12.40
N VAL A 651 62.46 0.86 13.26
CA VAL A 651 62.63 0.21 14.55
C VAL A 651 61.40 -0.63 14.89
N ALA A 652 61.65 -1.78 15.52
CA ALA A 652 60.68 -2.64 16.19
C ALA A 652 61.08 -2.72 17.66
N ASP A 653 60.47 -3.61 18.41
CA ASP A 653 60.93 -3.68 19.81
C ASP A 653 62.23 -4.44 19.98
N PRO A 654 62.47 -5.62 19.31
CA PRO A 654 63.84 -6.15 19.36
C PRO A 654 64.67 -5.86 18.12
N TYR A 655 64.05 -5.38 17.04
CA TYR A 655 64.68 -5.33 15.73
C TYR A 655 65.10 -3.92 15.35
N VAL A 656 66.33 -3.78 14.87
CA VAL A 656 66.82 -2.54 14.29
C VAL A 656 67.25 -2.84 12.87
N VAL A 657 66.63 -2.15 11.91
CA VAL A 657 66.92 -2.33 10.49
C VAL A 657 67.59 -1.07 9.96
N ILE A 658 68.81 -1.23 9.46
CA ILE A 658 69.62 -0.14 8.94
C ILE A 658 69.51 -0.17 7.43
N MET A 659 69.44 1.00 6.80
CA MET A 659 69.53 1.08 5.35
C MET A 659 70.57 2.11 4.97
N SER A 660 71.50 1.73 4.11
CA SER A 660 72.56 2.64 3.72
C SER A 660 72.12 3.52 2.57
N ALA A 661 73.05 4.31 2.05
CA ALA A 661 72.76 5.17 0.91
C ALA A 661 72.68 4.40 -0.39
N GLU A 662 73.51 3.38 -0.59
CA GLU A 662 73.51 2.59 -1.81
C GLU A 662 72.48 1.48 -1.81
N GLY A 663 71.61 1.42 -0.79
CA GLY A 663 70.57 0.43 -0.75
C GLY A 663 70.85 -0.79 0.09
N HIS A 664 72.03 -0.88 0.72
CA HIS A 664 72.36 -2.03 1.53
C HIS A 664 71.56 -2.00 2.82
N VAL A 665 71.01 -3.15 3.20
CA VAL A 665 70.16 -3.28 4.37
C VAL A 665 70.80 -4.30 5.30
N THR A 666 70.88 -3.95 6.59
CA THR A 666 71.30 -4.88 7.63
C THR A 666 70.27 -4.89 8.75
N MET A 667 70.32 -5.94 9.57
CA MET A 667 69.40 -6.09 10.69
C MET A 667 70.17 -6.23 11.99
N PHE A 668 69.77 -5.47 12.99
CA PHE A 668 70.26 -5.65 14.35
C PHE A 668 69.14 -6.23 15.23
N LEU A 669 69.55 -6.92 16.29
CA LEU A 669 68.61 -7.67 17.11
C LEU A 669 69.13 -7.76 18.54
N LEU A 670 68.24 -7.51 19.51
CA LEU A 670 68.60 -7.61 20.91
C LEU A 670 68.72 -9.07 21.34
N LYS A 671 69.67 -9.34 22.23
CA LYS A 671 69.81 -10.63 22.88
C LYS A 671 70.18 -10.41 24.34
N SER A 672 69.62 -11.23 25.23
CA SER A 672 69.87 -11.07 26.65
C SER A 672 71.25 -11.59 27.03
N ASP A 673 71.67 -11.24 28.25
CA ASP A 673 72.93 -11.71 28.79
C ASP A 673 72.84 -11.77 30.31
N HIS A 679 71.30 -7.68 31.00
CA HIS A 679 72.07 -7.00 29.97
C HIS A 679 71.63 -7.41 28.57
N HIS A 680 71.34 -6.43 27.73
CA HIS A 680 70.94 -6.67 26.34
C HIS A 680 71.93 -6.00 25.42
N ARG A 681 72.23 -6.65 24.30
CA ARG A 681 73.18 -6.13 23.33
C ARG A 681 72.70 -6.45 21.92
N LEU A 682 72.95 -5.52 21.00
CA LEU A 682 72.58 -5.70 19.61
C LEU A 682 73.54 -6.67 18.92
N ALA A 683 73.02 -7.44 17.97
CA ALA A 683 73.81 -8.38 17.20
C ALA A 683 73.62 -8.12 15.71
N LEU A 684 74.72 -8.18 14.97
CA LEU A 684 74.66 -8.06 13.52
C LEU A 684 73.98 -9.28 12.90
N HIS A 685 73.01 -9.01 12.03
CA HIS A 685 72.32 -10.08 11.31
C HIS A 685 72.11 -9.63 9.87
N LYS A 686 72.79 -10.28 8.95
CA LYS A 686 72.64 -9.95 7.54
C LYS A 686 71.35 -10.52 7.01
N PRO A 687 70.50 -9.72 6.35
CA PRO A 687 69.29 -10.26 5.75
C PRO A 687 69.58 -10.92 4.41
N PRO A 688 69.06 -12.12 4.18
CA PRO A 688 69.10 -12.68 2.83
C PRO A 688 68.13 -11.96 1.91
N LEU A 689 68.66 -11.13 1.02
CA LEU A 689 67.86 -10.38 0.06
C LEU A 689 68.48 -10.49 -1.31
N HIS A 690 67.63 -10.48 -2.33
CA HIS A 690 68.07 -10.53 -3.72
C HIS A 690 68.01 -9.11 -4.27
N HIS A 691 69.17 -8.48 -4.43
CA HIS A 691 69.25 -7.08 -4.84
C HIS A 691 69.30 -6.99 -6.37
N GLN A 692 68.17 -7.29 -6.99
CA GLN A 692 68.02 -6.99 -8.41
C GLN A 692 67.98 -5.50 -8.66
N SER A 693 67.33 -4.75 -7.77
CA SER A 693 67.23 -3.32 -7.89
C SER A 693 67.36 -2.72 -6.49
N LYS A 694 67.84 -1.47 -6.45
CA LYS A 694 68.21 -0.86 -5.18
C LYS A 694 66.98 -0.46 -4.38
N VAL A 695 67.05 -0.71 -3.06
CA VAL A 695 65.96 -0.36 -2.16
C VAL A 695 65.92 1.14 -1.95
N ILE A 696 64.75 1.73 -2.11
CA ILE A 696 64.61 3.18 -1.97
C ILE A 696 64.32 3.59 -0.54
N THR A 697 63.29 3.00 0.08
CA THR A 697 62.90 3.39 1.43
C THR A 697 62.29 2.19 2.13
N LEU A 698 62.22 2.28 3.46
CA LEU A 698 61.79 1.16 4.27
C LEU A 698 60.70 1.60 5.23
N CYS A 699 60.20 0.63 5.98
CA CYS A 699 59.23 0.79 7.04
C CYS A 699 59.17 -0.53 7.79
N LEU A 700 59.11 -0.45 9.10
CA LEU A 700 58.86 -1.64 9.90
C LEU A 700 57.48 -1.54 10.52
N TYR A 701 57.01 -2.65 11.04
CA TYR A 701 55.65 -2.76 11.56
C TYR A 701 55.57 -3.99 12.44
N ARG A 702 54.64 -3.98 13.40
CA ARG A 702 54.41 -5.13 14.27
C ARG A 702 52.90 -5.34 14.42
N ASP A 703 52.55 -6.48 15.00
CA ASP A 703 51.15 -6.87 15.19
C ASP A 703 50.86 -7.16 16.66
N LEU A 704 50.50 -6.12 17.40
CA LEU A 704 49.85 -6.32 18.68
C LEU A 704 48.46 -6.93 18.49
N SER A 705 47.75 -6.45 17.47
CA SER A 705 46.44 -6.96 17.07
C SER A 705 46.48 -7.03 15.54
N GLY A 706 46.69 -8.24 15.01
CA GLY A 706 47.14 -8.42 13.65
C GLY A 706 46.13 -9.07 12.73
N MET A 707 46.01 -8.50 11.53
CA MET A 707 45.33 -9.13 10.40
C MET A 707 46.32 -9.68 9.39
N PHE A 708 47.61 -9.44 9.59
CA PHE A 708 48.65 -9.89 8.67
C PHE A 708 48.99 -11.32 9.05
N THR A 709 48.22 -12.28 8.53
CA THR A 709 48.23 -13.63 9.07
C THR A 709 49.25 -14.56 8.43
N THR A 710 49.41 -14.51 7.10
CA THR A 710 50.05 -15.47 6.20
C THR A 710 49.81 -16.94 6.55
N GLU A 711 48.60 -17.27 7.02
CA GLU A 711 48.24 -18.65 7.30
C GLU A 711 46.74 -18.86 7.17
N GLU A 780 50.23 -12.26 20.24
CA GLU A 780 51.64 -12.46 19.95
C GLU A 780 52.11 -11.53 18.83
N PRO A 781 53.17 -10.76 19.09
CA PRO A 781 53.63 -9.81 18.07
C PRO A 781 54.34 -10.49 16.90
N THR A 782 53.78 -10.27 15.71
CA THR A 782 54.36 -10.71 14.45
C THR A 782 54.87 -9.49 13.70
N HIS A 783 56.19 -9.39 13.60
CA HIS A 783 56.83 -8.20 13.03
C HIS A 783 56.89 -8.32 11.52
N TRP A 784 56.72 -7.21 10.83
CA TRP A 784 56.68 -7.19 9.37
C TRP A 784 57.61 -6.11 8.86
N CYS A 785 58.37 -6.45 7.83
CA CYS A 785 59.32 -5.53 7.21
C CYS A 785 58.83 -5.17 5.83
N LEU A 786 58.56 -3.90 5.62
CA LEU A 786 58.19 -3.39 4.31
C LEU A 786 59.46 -2.89 3.63
N LEU A 787 59.46 -2.89 2.31
CA LEU A 787 60.65 -2.67 1.50
C LEU A 787 60.22 -2.33 0.09
N VAL A 788 60.65 -1.18 -0.40
CA VAL A 788 60.25 -0.69 -1.72
C VAL A 788 61.48 -0.62 -2.59
N ARG A 789 61.42 -1.24 -3.76
CA ARG A 789 62.54 -1.30 -4.68
C ARG A 789 62.33 -0.32 -5.84
N GLU A 790 63.44 0.07 -6.44
CA GLU A 790 63.42 1.16 -7.42
C GLU A 790 62.86 0.77 -8.77
N ASN A 791 62.56 -0.50 -8.99
CA ASN A 791 61.88 -0.92 -10.21
C ASN A 791 60.36 -0.84 -10.12
N GLY A 792 59.82 -0.04 -9.21
CA GLY A 792 58.39 0.15 -9.06
C GLY A 792 57.70 -0.85 -8.16
N THR A 793 58.40 -1.81 -7.61
CA THR A 793 57.80 -2.87 -6.83
C THR A 793 57.71 -2.48 -5.36
N MET A 794 57.11 -3.35 -4.57
CA MET A 794 56.93 -3.13 -3.15
C MET A 794 56.85 -4.49 -2.47
N GLU A 795 57.58 -4.66 -1.38
CA GLU A 795 57.74 -5.98 -0.79
C GLU A 795 57.50 -5.94 0.71
N ILE A 796 56.78 -6.93 1.22
CA ILE A 796 56.51 -7.06 2.65
C ILE A 796 57.06 -8.39 3.12
N TYR A 797 57.93 -8.34 4.13
CA TYR A 797 58.57 -9.54 4.64
C TYR A 797 58.16 -9.76 6.08
N GLN A 798 57.99 -11.01 6.48
CA GLN A 798 57.97 -11.33 7.90
C GLN A 798 59.40 -11.23 8.41
N LEU A 799 59.57 -10.53 9.51
CA LEU A 799 60.89 -10.07 9.95
C LEU A 799 61.83 -11.08 10.63
N PRO A 800 61.37 -12.08 11.42
CA PRO A 800 62.34 -13.11 11.90
C PRO A 800 62.99 -13.91 10.79
N ASP A 801 62.22 -14.28 9.77
CA ASP A 801 62.75 -14.80 8.53
C ASP A 801 62.94 -13.61 7.59
N TRP A 802 63.13 -13.86 6.31
CA TRP A 802 63.11 -12.80 5.30
C TRP A 802 62.41 -13.30 4.05
N ARG A 803 61.27 -13.96 4.23
CA ARG A 803 60.54 -14.53 3.11
C ARG A 803 59.51 -13.55 2.59
N LEU A 804 59.31 -13.55 1.27
CA LEU A 804 58.44 -12.59 0.63
C LEU A 804 56.99 -13.02 0.79
N VAL A 805 56.17 -12.12 1.34
CA VAL A 805 54.79 -12.44 1.69
C VAL A 805 53.80 -11.61 0.87
N PHE A 806 54.24 -10.46 0.36
CA PHE A 806 53.36 -9.60 -0.42
C PHE A 806 54.19 -8.91 -1.48
N LEU A 807 53.58 -8.66 -2.64
CA LEU A 807 54.33 -8.05 -3.74
C LEU A 807 53.39 -7.34 -4.70
N VAL A 808 53.41 -6.01 -4.68
CA VAL A 808 52.79 -5.21 -5.73
C VAL A 808 53.84 -4.98 -6.80
N LYS A 809 53.50 -5.29 -8.05
CA LYS A 809 54.44 -5.10 -9.15
C LYS A 809 54.67 -3.63 -9.47
N ASN A 810 53.62 -2.80 -9.49
CA ASN A 810 53.78 -1.41 -9.90
C ASN A 810 53.20 -0.53 -8.80
N PHE A 811 54.01 -0.24 -7.80
CA PHE A 811 53.51 0.50 -6.64
C PHE A 811 53.34 2.02 -6.77
N PRO A 812 54.30 2.82 -7.30
CA PRO A 812 54.15 4.28 -7.16
C PRO A 812 53.09 4.92 -8.03
N VAL A 813 52.26 4.14 -8.73
CA VAL A 813 51.22 4.72 -9.57
C VAL A 813 50.09 5.29 -8.71
N GLY A 814 49.78 4.62 -7.61
CA GLY A 814 48.69 5.03 -6.75
C GLY A 814 47.41 4.30 -7.08
N GLN A 815 47.53 3.00 -7.36
CA GLN A 815 46.40 2.17 -7.70
C GLN A 815 45.45 2.05 -6.52
N ARG A 816 44.15 1.97 -6.82
CA ARG A 816 43.15 2.09 -5.77
C ARG A 816 43.09 0.85 -4.90
N VAL A 817 43.47 -0.30 -5.42
CA VAL A 817 43.54 -1.53 -4.63
C VAL A 817 44.88 -2.20 -4.89
N LEU A 818 45.66 -2.41 -3.84
CA LEU A 818 46.95 -3.09 -3.95
C LEU A 818 46.76 -4.58 -3.76
N VAL A 819 46.79 -5.33 -4.86
CA VAL A 819 46.65 -6.78 -4.85
C VAL A 819 48.02 -7.40 -5.14
N ASP A 820 48.35 -8.48 -4.42
CA ASP A 820 49.68 -9.07 -4.55
C ASP A 820 49.86 -9.78 -5.88
N SER A 821 51.11 -9.98 -6.26
CA SER A 821 51.44 -10.67 -7.50
C SER A 821 52.51 -11.72 -7.26
N SER A 822 52.65 -12.15 -6.01
CA SER A 822 53.64 -13.14 -5.65
C SER A 822 53.13 -14.56 -5.84
N GLU A 842 58.50 8.11 -16.56
CA GLU A 842 59.21 7.14 -15.72
C GLU A 842 58.38 6.77 -14.50
N LEU A 843 59.00 6.01 -13.60
CA LEU A 843 58.43 5.66 -12.31
C LEU A 843 58.68 6.78 -11.31
N PRO A 844 57.61 7.35 -10.74
CA PRO A 844 57.79 8.45 -9.79
C PRO A 844 58.40 7.95 -8.48
N LEU A 845 59.28 8.78 -7.93
CA LEU A 845 60.12 8.40 -6.81
C LEU A 845 59.30 8.29 -5.53
N VAL A 846 59.56 7.26 -4.76
CA VAL A 846 58.90 7.02 -3.47
C VAL A 846 59.78 7.60 -2.38
N LYS A 847 59.25 8.55 -1.62
CA LYS A 847 60.10 9.19 -0.62
C LYS A 847 60.05 8.47 0.72
N GLU A 848 58.88 8.36 1.33
CA GLU A 848 58.76 7.76 2.64
C GLU A 848 57.51 6.89 2.67
N VAL A 849 57.61 5.74 3.35
CA VAL A 849 56.54 4.77 3.46
C VAL A 849 56.30 4.49 4.93
N LEU A 850 55.04 4.52 5.37
CA LEU A 850 54.72 4.29 6.78
C LEU A 850 53.58 3.31 6.95
N LEU A 851 53.82 2.20 7.66
CA LEU A 851 52.76 1.34 8.19
C LEU A 851 52.62 1.55 9.69
N VAL A 852 51.42 1.94 10.12
CA VAL A 852 51.11 2.17 11.52
C VAL A 852 49.73 1.61 11.83
N ALA A 853 49.59 1.03 13.01
CA ALA A 853 48.33 0.51 13.49
C ALA A 853 47.59 1.57 14.28
N LEU A 854 46.32 1.76 13.98
CA LEU A 854 45.50 2.78 14.61
C LEU A 854 44.26 2.10 15.16
N GLY A 855 43.51 2.81 16.00
CA GLY A 855 42.28 2.25 16.54
C GLY A 855 42.39 1.64 17.93
N SER A 856 41.47 0.73 18.25
CA SER A 856 41.47 0.08 19.56
C SER A 856 42.53 -1.00 19.62
N ARG A 857 43.48 -0.84 20.56
CA ARG A 857 44.53 -1.82 20.86
C ARG A 857 45.38 -2.17 19.65
N GLN A 858 45.67 -1.16 18.82
CA GLN A 858 46.55 -1.27 17.64
C GLN A 858 46.03 -2.31 16.65
N SER A 859 44.76 -2.17 16.26
CA SER A 859 44.11 -3.20 15.48
C SER A 859 44.36 -3.03 13.99
N ARG A 860 43.82 -1.95 13.41
CA ARG A 860 43.78 -1.80 11.95
C ARG A 860 45.02 -1.06 11.47
N PRO A 861 45.73 -1.57 10.47
CA PRO A 861 46.85 -0.83 9.91
C PRO A 861 46.45 0.06 8.75
N TYR A 862 47.34 1.02 8.47
CA TYR A 862 47.25 1.96 7.37
C TYR A 862 48.60 2.06 6.72
N LEU A 863 48.61 2.36 5.44
CA LEU A 863 49.86 2.53 4.69
C LEU A 863 49.92 3.96 4.21
N LEU A 864 50.76 4.76 4.84
CA LEU A 864 51.00 6.13 4.39
C LEU A 864 52.28 6.13 3.58
N VAL A 865 52.20 6.56 2.32
CA VAL A 865 53.39 6.67 1.47
C VAL A 865 53.48 8.08 0.89
N HIS A 866 54.72 8.51 0.63
CA HIS A 866 55.01 9.81 0.05
C HIS A 866 55.65 9.57 -1.30
N VAL A 867 54.95 9.95 -2.38
CA VAL A 867 55.41 9.70 -3.74
C VAL A 867 55.35 11.02 -4.50
N ASP A 868 56.45 11.78 -4.47
CA ASP A 868 56.72 12.91 -5.37
C ASP A 868 55.63 13.99 -5.34
N GLN A 869 55.55 14.67 -4.19
CA GLN A 869 54.63 15.78 -3.95
C GLN A 869 53.17 15.36 -4.10
N GLU A 870 52.84 14.19 -3.57
CA GLU A 870 51.49 13.64 -3.63
C GLU A 870 51.33 12.70 -2.44
N LEU A 871 50.30 12.93 -1.64
CA LEU A 871 50.02 12.01 -0.55
C LEU A 871 48.89 11.08 -0.95
N LEU A 872 49.14 9.78 -0.79
CA LEU A 872 48.12 8.77 -1.03
C LEU A 872 48.28 7.70 0.03
N ILE A 873 47.27 7.54 0.88
CA ILE A 873 47.39 6.58 1.97
C ILE A 873 46.33 5.52 1.81
N TYR A 874 46.60 4.37 2.40
CA TYR A 874 45.84 3.16 2.17
C TYR A 874 45.19 2.69 3.47
N GLU A 875 44.00 2.12 3.36
CA GLU A 875 43.50 1.30 4.44
C GLU A 875 44.09 -0.09 4.37
N ALA A 876 43.65 -0.95 5.26
CA ALA A 876 44.03 -2.35 5.20
C ALA A 876 42.87 -3.19 5.73
N PHE A 877 42.51 -4.19 4.96
CA PHE A 877 41.33 -4.99 5.23
C PHE A 877 41.63 -6.42 4.86
N PRO A 878 41.02 -7.39 5.53
CA PRO A 878 41.32 -8.78 5.21
C PRO A 878 40.73 -9.18 3.87
N HIS A 879 41.44 -10.05 3.16
CA HIS A 879 40.93 -10.67 1.94
C HIS A 879 41.58 -12.03 1.80
N ASP A 880 40.82 -13.08 2.06
CA ASP A 880 41.33 -14.45 2.01
C ASP A 880 41.64 -14.78 0.55
N SER A 881 42.90 -15.11 0.28
CA SER A 881 43.41 -15.28 -1.07
C SER A 881 43.98 -16.67 -1.22
N GLN A 882 43.42 -17.45 -2.14
CA GLN A 882 43.78 -18.85 -2.31
C GLN A 882 45.01 -18.96 -3.22
N LEU A 883 46.18 -18.68 -2.63
CA LEU A 883 47.45 -18.87 -3.32
C LEU A 883 48.29 -19.99 -2.72
N GLY A 884 48.02 -20.38 -1.48
CA GLY A 884 48.55 -21.61 -0.92
C GLY A 884 49.96 -21.58 -0.39
N GLN A 885 50.88 -20.87 -1.06
CA GLN A 885 52.29 -20.89 -0.68
C GLN A 885 52.59 -20.08 0.58
N GLY A 886 51.63 -19.31 1.07
CA GLY A 886 51.82 -18.46 2.23
C GLY A 886 52.05 -17.02 1.83
N ASN A 887 50.98 -16.22 1.86
CA ASN A 887 51.01 -14.84 1.41
C ASN A 887 50.09 -14.04 2.32
N LEU A 888 50.17 -12.71 2.24
CA LEU A 888 49.29 -11.88 3.07
C LEU A 888 47.85 -11.99 2.58
N LYS A 889 46.95 -12.33 3.50
CA LYS A 889 45.53 -12.37 3.20
C LYS A 889 44.87 -11.03 3.49
N VAL A 890 45.52 -9.95 3.04
CA VAL A 890 45.01 -8.60 3.17
C VAL A 890 45.19 -7.91 1.84
N ARG A 891 44.51 -6.78 1.70
CA ARG A 891 44.75 -5.88 0.59
C ARG A 891 44.85 -4.49 1.17
N PHE A 892 44.88 -3.50 0.28
CA PHE A 892 45.00 -2.10 0.66
C PHE A 892 44.05 -1.30 -0.20
N LYS A 893 43.23 -0.48 0.41
CA LYS A 893 42.35 0.42 -0.33
C LYS A 893 42.78 1.85 -0.12
N LYS A 894 43.01 2.56 -1.21
CA LYS A 894 43.30 3.99 -1.15
C LYS A 894 42.06 4.75 -0.70
N VAL A 895 42.27 5.88 -0.02
CA VAL A 895 41.17 6.68 0.55
C VAL A 895 41.24 8.12 0.03
N PRO A 896 40.15 8.87 0.03
CA PRO A 896 40.21 10.26 -0.45
C PRO A 896 40.95 11.17 0.52
N HIS A 897 41.40 12.30 -0.02
CA HIS A 897 42.16 13.28 0.75
C HIS A 897 41.71 14.70 0.42
N ASN A 898 42.45 15.62 1.01
CA ASN A 898 42.35 17.05 0.74
C ASN A 898 43.74 17.66 0.77
N ILE A 899 44.78 16.84 0.83
CA ILE A 899 46.11 17.26 1.26
C ILE A 899 47.08 17.12 0.09
N ASN A 900 47.95 18.12 -0.08
CA ASN A 900 48.98 18.13 -1.09
C ASN A 900 50.34 18.45 -0.47
N PHE A 901 51.38 17.79 -0.96
CA PHE A 901 52.74 18.01 -0.47
C PHE A 901 53.51 18.97 -1.35
N ARG A 902 52.90 20.09 -1.71
CA ARG A 902 53.49 21.03 -2.65
C ARG A 902 53.76 22.35 -1.94
N GLU A 903 54.96 22.89 -2.15
CA GLU A 903 55.37 24.10 -1.45
C GLU A 903 54.69 25.34 -2.04
N GLY A 926 71.38 13.34 5.73
CA GLY A 926 70.30 12.65 6.44
C GLY A 926 68.95 12.76 5.74
N ARG A 927 68.02 11.88 6.12
CA ARG A 927 66.70 11.90 5.52
C ARG A 927 65.66 12.34 6.54
N VAL A 928 64.86 13.34 6.17
CA VAL A 928 63.86 13.94 7.05
C VAL A 928 62.54 13.23 6.80
N ALA A 929 61.90 12.79 7.87
CA ALA A 929 60.64 12.08 7.75
C ALA A 929 59.46 13.05 7.83
N ARG A 930 58.43 12.77 7.05
CA ARG A 930 57.21 13.56 7.12
C ARG A 930 56.07 12.85 7.82
N PHE A 931 56.26 11.59 8.20
CA PHE A 931 55.22 10.76 8.76
C PHE A 931 55.69 10.34 10.14
N ARG A 932 55.12 10.97 11.17
CA ARG A 932 55.58 10.77 12.53
C ARG A 932 54.43 10.22 13.36
N TYR A 933 54.52 8.94 13.71
CA TYR A 933 53.48 8.30 14.48
C TYR A 933 53.55 8.73 15.93
N PHE A 934 52.40 9.09 16.49
CA PHE A 934 52.31 9.44 17.89
C PHE A 934 51.25 8.60 18.56
N GLU A 935 51.60 8.08 19.72
CA GLU A 935 50.66 7.40 20.60
C GLU A 935 50.51 8.25 21.85
N ASP A 936 49.27 8.37 22.33
CA ASP A 936 48.93 8.99 23.62
C ASP A 936 49.33 10.47 23.63
N ILE A 937 48.72 11.20 22.71
CA ILE A 937 48.67 12.66 22.75
C ILE A 937 47.20 13.03 22.89
N TYR A 938 46.85 13.55 24.08
CA TYR A 938 45.48 13.91 24.47
C TYR A 938 44.54 12.71 24.30
N GLY A 939 45.02 11.55 24.71
CA GLY A 939 44.29 10.30 24.58
C GLY A 939 44.32 9.67 23.20
N TYR A 940 44.85 10.36 22.20
CA TYR A 940 44.74 9.94 20.81
C TYR A 940 46.01 9.23 20.37
N SER A 941 45.85 8.31 19.43
CA SER A 941 46.97 7.74 18.71
C SER A 941 46.83 8.14 17.24
N GLY A 942 47.94 8.16 16.53
CA GLY A 942 47.86 8.48 15.11
C GLY A 942 49.14 9.09 14.59
N VAL A 943 49.00 9.80 13.47
CA VAL A 943 50.12 10.21 12.64
C VAL A 943 50.03 11.69 12.33
N PHE A 944 51.08 12.43 12.64
CA PHE A 944 51.15 13.82 12.21
C PHE A 944 51.91 13.89 10.91
N ILE A 945 51.22 14.33 9.87
CA ILE A 945 51.74 14.41 8.52
C ILE A 945 52.33 15.79 8.34
N CYS A 946 53.65 15.89 8.29
CA CYS A 946 54.32 17.18 8.28
C CYS A 946 54.25 17.80 6.89
N GLY A 947 54.97 18.90 6.71
CA GLY A 947 55.16 19.44 5.39
C GLY A 947 54.56 20.80 5.15
N PRO A 948 54.21 21.10 3.90
CA PRO A 948 53.74 22.46 3.56
C PRO A 948 52.32 22.75 3.97
N SER A 949 51.48 21.73 4.14
CA SER A 949 50.14 21.86 4.70
C SER A 949 49.98 20.74 5.70
N PRO A 950 50.34 20.99 6.97
CA PRO A 950 50.43 19.88 7.93
C PRO A 950 49.05 19.37 8.31
N HIS A 951 48.99 18.07 8.56
CA HIS A 951 47.72 17.44 8.89
C HIS A 951 47.91 16.43 10.00
N TRP A 952 46.81 16.13 10.66
CA TRP A 952 46.76 15.18 11.76
C TRP A 952 46.00 13.98 11.23
N LEU A 953 46.38 12.81 11.67
CA LEU A 953 45.65 11.61 11.28
C LEU A 953 45.21 10.96 12.58
N LEU A 954 43.94 11.10 12.92
CA LEU A 954 43.42 10.65 14.20
C LEU A 954 42.42 9.53 14.00
N VAL A 955 42.66 8.42 14.70
CA VAL A 955 41.72 7.29 14.74
C VAL A 955 41.54 6.89 16.18
N THR A 956 40.34 7.04 16.67
CA THR A 956 39.99 6.67 18.03
C THR A 956 39.49 5.23 18.05
N GLY A 957 38.87 4.80 19.14
CA GLY A 957 38.19 3.52 19.14
C GLY A 957 37.00 3.44 18.21
N ARG A 958 36.49 4.60 17.77
CA ARG A 958 35.52 4.70 16.69
C ARG A 958 36.03 4.03 15.42
N GLY A 959 37.33 4.08 15.16
CA GLY A 959 37.86 3.45 13.97
C GLY A 959 37.75 4.28 12.72
N ALA A 960 37.24 5.50 12.81
CA ALA A 960 37.10 6.34 11.64
C ALA A 960 38.31 7.24 11.49
N LEU A 961 38.69 7.51 10.25
CA LEU A 961 39.92 8.23 9.94
C LEU A 961 39.64 9.73 9.83
N ARG A 962 40.39 10.53 10.57
CA ARG A 962 40.11 11.95 10.76
C ARG A 962 41.31 12.77 10.29
N LEU A 963 41.07 13.70 9.36
CA LEU A 963 42.12 14.50 8.74
C LEU A 963 41.94 15.95 9.12
N HIS A 964 42.63 16.39 10.18
CA HIS A 964 42.47 17.75 10.68
C HIS A 964 43.68 18.59 10.35
N PRO A 965 43.54 19.63 9.54
CA PRO A 965 44.70 20.45 9.18
C PRO A 965 45.19 21.28 10.35
N MET A 966 46.39 21.84 10.18
CA MET A 966 46.98 22.72 11.19
C MET A 966 47.68 23.86 10.47
N ALA A 967 46.91 24.83 10.00
CA ALA A 967 47.43 25.86 9.10
C ALA A 967 48.11 26.99 9.83
N ILE A 968 48.08 26.99 11.17
CA ILE A 968 48.78 28.01 11.93
C ILE A 968 50.21 27.54 12.11
N ASP A 969 51.12 28.51 12.33
CA ASP A 969 52.58 28.35 12.43
C ASP A 969 53.18 27.96 11.07
N GLY A 970 52.41 28.13 10.00
CA GLY A 970 52.88 27.89 8.67
C GLY A 970 53.19 26.43 8.41
N PRO A 971 54.08 26.17 7.46
CA PRO A 971 54.58 24.81 7.26
C PRO A 971 55.38 24.34 8.47
N VAL A 972 55.41 23.03 8.64
CA VAL A 972 56.00 22.39 9.81
C VAL A 972 57.03 21.39 9.33
N ASP A 973 58.26 21.50 9.84
CA ASP A 973 59.32 20.60 9.42
C ASP A 973 59.26 19.28 10.16
N SER A 974 59.41 19.31 11.48
CA SER A 974 59.45 18.07 12.26
C SER A 974 58.43 18.16 13.39
N PHE A 975 58.41 17.12 14.22
CA PHE A 975 57.34 16.87 15.17
C PHE A 975 57.80 15.78 16.12
N ALA A 976 57.27 15.80 17.35
CA ALA A 976 57.58 14.76 18.31
C ALA A 976 56.53 14.77 19.40
N PRO A 977 56.14 13.62 19.93
CA PRO A 977 55.32 13.62 21.14
C PRO A 977 56.13 14.07 22.34
N PHE A 978 55.48 14.83 23.22
CA PHE A 978 56.21 15.39 24.36
C PHE A 978 55.36 15.22 25.61
N HIS A 979 55.95 14.63 26.64
CA HIS A 979 55.27 14.36 27.91
C HIS A 979 56.23 14.76 29.03
N ASN A 980 55.84 15.77 29.81
CA ASN A 980 56.74 16.40 30.75
C ASN A 980 56.05 16.46 32.11
N VAL A 981 56.73 17.07 33.09
CA VAL A 981 56.09 17.32 34.38
C VAL A 981 55.22 18.56 34.32
N ASN A 982 55.82 19.68 33.91
CA ASN A 982 55.08 20.93 33.80
C ASN A 982 54.23 20.99 32.54
N CYS A 983 54.58 20.21 31.52
CA CYS A 983 53.76 20.13 30.33
C CYS A 983 52.97 18.83 30.36
N PRO A 984 51.66 18.86 30.07
CA PRO A 984 50.89 17.60 30.03
C PRO A 984 51.18 16.82 28.76
N ARG A 985 50.39 15.77 28.50
CA ARG A 985 50.55 14.98 27.30
C ARG A 985 50.23 15.82 26.08
N GLY A 986 51.26 16.27 25.40
CA GLY A 986 51.13 17.19 24.29
C GLY A 986 52.20 16.85 23.31
N PHE A 987 52.64 17.85 22.55
CA PHE A 987 53.56 17.56 21.46
C PHE A 987 54.57 18.69 21.34
N LEU A 988 55.38 18.61 20.29
CA LEU A 988 56.61 19.36 20.19
C LEU A 988 57.12 19.39 18.77
N TYR A 989 57.25 20.56 18.18
CA TYR A 989 57.53 20.62 16.75
C TYR A 989 58.40 21.82 16.43
N PHE A 990 58.97 21.82 15.24
CA PHE A 990 59.70 22.96 14.70
C PHE A 990 58.76 23.85 13.93
N ASN A 991 58.95 25.15 14.05
CA ASN A 991 58.49 26.07 13.04
C ASN A 991 59.36 25.92 11.80
N ARG A 992 58.89 26.44 10.67
CA ARG A 992 59.76 26.53 9.51
C ARG A 992 60.94 27.48 9.74
N GLN A 993 60.74 28.51 10.56
CA GLN A 993 61.79 29.46 10.90
C GLN A 993 62.67 29.01 12.05
N GLY A 994 62.67 27.74 12.40
CA GLY A 994 63.56 27.23 13.42
C GLY A 994 63.17 27.64 14.81
N GLU A 995 61.91 27.45 15.17
CA GLU A 995 61.40 27.80 16.50
C GLU A 995 60.81 26.56 17.14
N LEU A 996 61.50 26.01 18.13
CA LEU A 996 61.01 24.86 18.85
C LEU A 996 59.87 25.26 19.78
N ARG A 997 58.74 24.57 19.69
CA ARG A 997 57.53 24.95 20.41
C ARG A 997 57.00 23.78 21.20
N ILE A 998 57.17 23.81 22.53
CA ILE A 998 56.39 22.92 23.39
C ILE A 998 54.93 23.29 23.23
N SER A 999 54.07 22.32 23.00
CA SER A 999 52.69 22.66 22.75
C SER A 999 51.74 21.62 23.31
N VAL A 1000 50.53 22.06 23.64
CA VAL A 1000 49.47 21.24 24.18
C VAL A 1000 48.26 21.41 23.28
N LEU A 1001 47.60 20.30 22.95
CA LEU A 1001 46.30 20.39 22.33
C LEU A 1001 45.31 21.05 23.28
N PRO A 1002 44.46 21.97 22.79
CA PRO A 1002 43.43 22.54 23.67
C PRO A 1002 42.43 21.49 24.08
N ALA A 1003 42.06 21.55 25.35
CA ALA A 1003 41.43 20.41 26.00
C ALA A 1003 39.91 20.48 26.04
N TYR A 1004 39.30 21.45 25.39
CA TYR A 1004 37.85 21.57 25.46
C TYR A 1004 37.13 20.94 24.29
N LEU A 1005 37.73 20.95 23.10
CA LEU A 1005 37.12 20.33 21.93
C LEU A 1005 37.27 18.81 21.99
N SER A 1006 36.54 18.15 21.09
CA SER A 1006 36.69 16.73 20.87
C SER A 1006 37.07 16.54 19.41
N TYR A 1007 38.22 15.89 19.19
CA TYR A 1007 38.81 15.74 17.87
C TYR A 1007 38.44 14.42 17.23
N ASP A 1008 37.31 13.86 17.62
CA ASP A 1008 36.84 12.58 17.14
C ASP A 1008 35.77 12.72 16.07
N ALA A 1009 35.19 13.86 15.94
CA ALA A 1009 34.23 14.17 14.90
C ALA A 1009 34.95 14.65 13.65
N PRO A 1010 34.28 14.71 12.48
CA PRO A 1010 34.96 15.19 11.26
C PRO A 1010 35.52 16.59 11.36
N TRP A 1011 34.86 17.49 12.07
CA TRP A 1011 35.59 18.66 12.52
C TRP A 1011 35.76 18.54 14.03
N PRO A 1012 36.76 19.20 14.61
CA PRO A 1012 36.81 19.32 16.07
C PRO A 1012 35.60 20.04 16.60
N VAL A 1013 34.90 19.40 17.55
CA VAL A 1013 33.65 19.94 18.06
C VAL A 1013 33.58 19.75 19.57
N ARG A 1014 32.97 20.71 20.24
CA ARG A 1014 32.50 20.60 21.62
C ARG A 1014 30.99 20.79 21.61
N LYS A 1015 30.27 19.84 22.21
CA LYS A 1015 28.82 19.87 22.24
C LYS A 1015 28.37 20.57 23.51
N ILE A 1016 27.51 21.58 23.38
CA ILE A 1016 27.04 22.34 24.54
C ILE A 1016 25.56 22.04 24.72
N PRO A 1017 25.19 21.10 25.59
CA PRO A 1017 23.77 20.71 25.70
C PRO A 1017 22.98 21.78 26.43
N LEU A 1018 22.07 22.44 25.69
CA LEU A 1018 21.19 23.41 26.30
C LEU A 1018 19.93 22.79 26.88
N ARG A 1019 19.53 21.62 26.39
CA ARG A 1019 18.31 20.91 26.77
C ARG A 1019 17.06 21.75 26.55
N CYS A 1020 17.07 22.50 25.45
CA CYS A 1020 15.99 23.35 24.98
C CYS A 1020 16.36 23.80 23.58
N THR A 1021 15.33 23.96 22.74
CA THR A 1021 15.53 24.24 21.32
C THR A 1021 16.18 25.59 21.10
N ALA A 1022 17.43 25.57 20.67
CA ALA A 1022 18.13 26.79 20.32
C ALA A 1022 17.70 27.20 18.92
N HIS A 1023 17.08 28.37 18.81
CA HIS A 1023 16.56 28.85 17.55
C HIS A 1023 17.59 29.64 16.76
N TYR A 1024 18.38 30.45 17.44
CA TYR A 1024 19.32 31.35 16.80
C TYR A 1024 20.57 31.42 17.66
N VAL A 1025 21.60 32.06 17.11
CA VAL A 1025 22.82 32.35 17.85
C VAL A 1025 23.42 33.61 17.25
N ALA A 1026 24.02 34.43 18.09
CA ALA A 1026 24.53 35.72 17.64
C ALA A 1026 25.74 36.10 18.45
N TYR A 1027 26.92 35.93 17.87
CA TYR A 1027 28.19 36.34 18.48
C TYR A 1027 28.23 37.86 18.56
N HIS A 1028 28.05 38.40 19.77
CA HIS A 1028 28.20 39.83 19.98
C HIS A 1028 29.70 40.10 20.03
N VAL A 1029 30.18 40.96 19.12
CA VAL A 1029 31.62 41.11 18.93
C VAL A 1029 32.24 41.88 20.08
N GLU A 1030 31.72 43.07 20.37
CA GLU A 1030 32.12 43.79 21.57
C GLU A 1030 31.71 42.99 22.80
N SER A 1031 32.68 42.77 23.70
CA SER A 1031 32.64 41.98 24.92
C SER A 1031 32.62 40.48 24.66
N LYS A 1032 32.53 40.07 23.39
CA LYS A 1032 32.81 38.72 22.90
C LYS A 1032 31.97 37.65 23.59
N VAL A 1033 30.65 37.70 23.38
CA VAL A 1033 29.73 36.72 23.94
C VAL A 1033 28.75 36.25 22.87
N TYR A 1034 28.09 35.14 23.16
CA TYR A 1034 27.07 34.56 22.29
C TYR A 1034 25.71 34.75 22.92
N ALA A 1035 24.70 35.01 22.09
CA ALA A 1035 23.35 35.24 22.56
C ALA A 1035 22.39 34.29 21.86
N VAL A 1036 21.86 33.33 22.62
CA VAL A 1036 21.10 32.21 22.09
C VAL A 1036 19.64 32.38 22.49
N ALA A 1037 18.74 32.35 21.51
CA ALA A 1037 17.31 32.20 21.80
C ALA A 1037 17.03 30.74 22.05
N THR A 1038 16.28 30.44 23.10
CA THR A 1038 15.94 29.07 23.43
C THR A 1038 14.44 28.93 23.61
N SER A 1039 14.00 27.72 23.93
CA SER A 1039 12.59 27.44 24.14
C SER A 1039 12.42 26.12 24.86
N THR A 1040 11.70 26.14 25.96
CA THR A 1040 11.36 24.93 26.66
C THR A 1040 9.85 24.75 26.60
N ASN A 1041 9.40 23.52 26.87
CA ASN A 1041 8.02 23.11 26.68
C ASN A 1041 7.25 23.15 28.00
N THR A 1042 6.27 24.04 28.07
CA THR A 1042 5.35 24.18 29.19
C THR A 1042 3.97 23.70 28.76
N PRO A 1043 3.33 22.84 29.54
CA PRO A 1043 1.98 22.39 29.20
C PRO A 1043 0.97 23.54 29.27
N CYS A 1044 0.27 23.75 28.17
CA CYS A 1044 -0.64 24.87 28.01
C CYS A 1044 -1.86 24.72 28.92
N ALA A 1045 -2.45 25.86 29.26
CA ALA A 1045 -3.63 25.88 30.12
C ALA A 1045 -4.71 26.86 29.68
N ARG A 1046 -4.39 27.88 28.90
CA ARG A 1046 -5.38 28.88 28.52
C ARG A 1046 -5.51 28.93 27.01
N ILE A 1047 -6.71 29.27 26.56
CA ILE A 1047 -7.04 29.41 25.15
C ILE A 1047 -7.50 30.85 24.93
N PRO A 1048 -6.69 31.69 24.30
CA PRO A 1048 -7.05 33.10 24.20
C PRO A 1048 -8.16 33.34 23.18
N ARG A 1049 -9.20 34.00 23.66
CA ARG A 1049 -10.27 34.49 22.80
C ARG A 1049 -10.03 35.97 22.56
N MET A 1050 -10.82 36.54 21.66
CA MET A 1050 -10.84 37.99 21.48
C MET A 1050 -12.29 38.34 21.15
N THR A 1051 -13.06 38.66 22.20
CA THR A 1051 -14.51 38.64 22.13
C THR A 1051 -15.13 39.98 21.77
N GLY A 1052 -14.34 41.04 21.68
CA GLY A 1052 -14.84 42.36 21.33
C GLY A 1052 -14.39 43.47 22.25
N GLU A 1053 -13.99 43.16 23.48
CA GLU A 1053 -13.50 44.15 24.41
C GLU A 1053 -12.01 44.00 24.70
N GLU A 1054 -11.58 42.81 25.09
CA GLU A 1054 -10.17 42.50 25.30
C GLU A 1054 -9.98 41.01 25.13
N LYS A 1055 -8.76 40.54 25.34
CA LYS A 1055 -8.49 39.11 25.28
C LYS A 1055 -9.06 38.42 26.51
N GLU A 1056 -9.83 37.37 26.30
CA GLU A 1056 -10.31 36.53 27.36
C GLU A 1056 -9.72 35.14 27.22
N PHE A 1057 -9.34 34.55 28.34
CA PHE A 1057 -8.45 33.38 28.35
C PHE A 1057 -9.19 32.20 28.97
N GLU A 1058 -9.63 31.27 28.12
CA GLU A 1058 -10.42 30.15 28.59
C GLU A 1058 -9.52 29.08 29.18
N THR A 1059 -9.71 28.77 30.46
CA THR A 1059 -8.91 27.77 31.13
C THR A 1059 -9.29 26.37 30.62
N ILE A 1060 -8.28 25.60 30.20
CA ILE A 1060 -8.51 24.25 29.73
C ILE A 1060 -8.94 23.38 30.90
N GLU A 1061 -10.21 22.99 30.89
CA GLU A 1061 -10.79 22.11 31.90
C GLU A 1061 -11.17 20.82 31.21
N ARG A 1062 -10.33 19.81 31.34
CA ARG A 1062 -10.60 18.53 30.72
C ARG A 1062 -10.49 17.40 31.74
N ASP A 1063 -10.50 16.17 31.25
CA ASP A 1063 -10.46 14.99 32.08
C ASP A 1063 -9.05 14.83 32.67
N GLU A 1064 -8.93 13.93 33.66
CA GLU A 1064 -7.60 13.58 34.16
C GLU A 1064 -6.89 12.60 33.25
N ARG A 1065 -7.60 12.01 32.30
CA ARG A 1065 -7.01 11.16 31.27
C ARG A 1065 -6.80 11.98 29.99
N TYR A 1066 -6.04 13.06 30.13
CA TYR A 1066 -5.91 14.04 29.07
C TYR A 1066 -4.49 14.53 29.01
N ILE A 1067 -3.94 14.59 27.81
CA ILE A 1067 -2.62 15.16 27.60
C ILE A 1067 -2.80 16.61 27.14
N HIS A 1068 -1.87 17.44 27.50
CA HIS A 1068 -2.03 18.86 27.26
C HIS A 1068 -1.28 19.28 26.00
N PRO A 1069 -1.71 20.34 25.34
CA PRO A 1069 -0.90 20.93 24.28
C PRO A 1069 0.37 21.55 24.83
N GLN A 1070 1.29 21.87 23.93
CA GLN A 1070 2.58 22.43 24.31
C GLN A 1070 2.61 23.92 24.04
N GLN A 1071 2.88 24.68 25.09
CA GLN A 1071 3.21 26.09 25.03
C GLN A 1071 4.70 26.25 25.22
N GLU A 1072 5.34 26.99 24.32
CA GLU A 1072 6.78 27.18 24.40
C GLU A 1072 7.08 28.60 24.87
N ALA A 1073 7.82 28.70 25.96
CA ALA A 1073 8.22 29.97 26.55
C ALA A 1073 9.64 30.27 26.13
N PHE A 1074 9.86 31.46 25.58
CA PHE A 1074 11.19 31.72 25.02
C PHE A 1074 12.01 32.60 25.94
N SER A 1075 13.30 32.32 25.95
CA SER A 1075 14.27 33.08 26.72
C SER A 1075 15.53 33.22 25.89
N ILE A 1076 16.18 34.37 26.02
CA ILE A 1076 17.42 34.63 25.31
C ILE A 1076 18.57 34.46 26.30
N GLN A 1077 19.41 33.46 26.07
CA GLN A 1077 20.51 33.10 26.96
C GLN A 1077 21.67 34.08 26.79
N LEU A 1078 22.81 33.74 27.37
CA LEU A 1078 24.06 34.45 27.10
C LEU A 1078 25.20 33.48 27.38
N ILE A 1079 25.79 32.90 26.34
CA ILE A 1079 26.80 31.87 26.47
C ILE A 1079 28.17 32.53 26.41
N SER A 1080 29.06 32.13 27.32
CA SER A 1080 30.35 32.81 27.30
C SER A 1080 31.39 31.94 26.60
N PRO A 1081 32.19 32.53 25.72
CA PRO A 1081 33.21 31.76 24.98
C PRO A 1081 34.39 31.31 25.82
N VAL A 1082 34.61 31.87 27.01
CA VAL A 1082 35.83 31.55 27.76
C VAL A 1082 35.73 30.14 28.31
N SER A 1083 34.79 29.91 29.22
CA SER A 1083 34.30 28.57 29.49
C SER A 1083 32.84 28.56 29.08
N TRP A 1084 32.40 27.49 28.45
CA TRP A 1084 31.17 27.51 27.68
C TRP A 1084 29.91 27.36 28.51
N GLU A 1085 29.95 27.69 29.80
CA GLU A 1085 28.74 27.79 30.59
C GLU A 1085 28.00 29.08 30.27
N ALA A 1086 26.70 29.06 30.51
CA ALA A 1086 25.89 30.25 30.36
C ALA A 1086 26.15 31.22 31.50
N ILE A 1087 25.75 32.47 31.30
CA ILE A 1087 26.04 33.53 32.25
C ILE A 1087 24.81 33.80 33.11
N PRO A 1088 24.92 33.71 34.44
CA PRO A 1088 23.79 34.01 35.32
C PRO A 1088 23.49 35.49 35.34
N ASN A 1089 22.24 35.80 35.71
CA ASN A 1089 21.67 37.16 35.76
C ASN A 1089 21.71 37.84 34.38
N ALA A 1090 21.73 37.03 33.32
CA ALA A 1090 21.62 37.53 31.95
C ALA A 1090 20.79 36.49 31.20
N ARG A 1091 19.48 36.63 31.29
CA ARG A 1091 18.56 35.77 30.55
C ARG A 1091 17.29 36.57 30.36
N ILE A 1092 17.12 37.14 29.17
CA ILE A 1092 15.93 37.92 28.86
C ILE A 1092 14.82 36.93 28.58
N GLU A 1093 13.92 36.74 29.54
CA GLU A 1093 12.79 35.84 29.35
C GLU A 1093 11.60 36.66 28.86
N LEU A 1094 10.93 36.14 27.84
CA LEU A 1094 9.92 36.92 27.15
C LEU A 1094 8.55 36.68 27.78
N GLN A 1095 7.50 37.13 27.10
CA GLN A 1095 6.15 37.11 27.64
C GLN A 1095 5.59 35.70 27.59
N GLU A 1096 4.29 35.56 27.84
CA GLU A 1096 3.70 34.24 27.99
C GLU A 1096 3.64 33.49 26.67
N TRP A 1097 3.27 34.16 25.59
CA TRP A 1097 3.02 33.47 24.33
C TRP A 1097 3.90 34.00 23.22
N GLU A 1098 5.01 34.65 23.58
CA GLU A 1098 5.80 35.40 22.62
C GLU A 1098 6.89 34.49 22.07
N HIS A 1099 6.97 34.41 20.75
CA HIS A 1099 7.89 33.53 20.03
C HIS A 1099 8.91 34.36 19.26
N VAL A 1100 10.19 34.08 19.51
CA VAL A 1100 11.31 34.68 18.79
C VAL A 1100 11.29 34.20 17.35
N THR A 1101 11.15 35.15 16.43
CA THR A 1101 11.27 34.82 15.03
C THR A 1101 12.66 35.08 14.47
N CYS A 1102 13.50 35.86 15.15
CA CYS A 1102 14.85 36.15 14.69
C CYS A 1102 15.68 36.69 15.85
N MET A 1103 16.94 36.28 15.90
CA MET A 1103 17.99 36.98 16.62
C MET A 1103 19.13 37.23 15.68
N LYS A 1104 19.67 38.44 15.67
CA LYS A 1104 20.85 38.71 14.86
C LYS A 1104 21.80 39.59 15.66
N THR A 1105 22.97 39.82 15.08
CA THR A 1105 23.87 40.85 15.58
C THR A 1105 23.78 42.05 14.66
N VAL A 1106 23.26 43.15 15.18
CA VAL A 1106 22.89 44.30 14.36
C VAL A 1106 23.76 45.48 14.74
N SER A 1107 24.37 46.12 13.74
CA SER A 1107 25.23 47.28 13.96
C SER A 1107 24.46 48.54 13.61
N LEU A 1108 24.12 49.33 14.62
CA LEU A 1108 23.39 50.57 14.42
C LEU A 1108 24.31 51.75 14.73
N ARG A 1109 24.10 52.84 14.01
CA ARG A 1109 25.01 53.97 14.08
C ARG A 1109 24.79 54.76 15.36
N SER A 1110 25.87 55.35 15.87
CA SER A 1110 25.87 56.02 17.16
C SER A 1110 26.95 57.09 17.17
N GLU A 1111 26.79 58.06 18.07
CA GLU A 1111 27.73 59.17 18.19
C GLU A 1111 28.55 59.08 19.47
N GLU A 1112 28.71 57.87 20.02
CA GLU A 1112 29.50 57.66 21.21
C GLU A 1112 30.89 57.16 20.91
N THR A 1113 31.01 56.06 20.18
CA THR A 1113 32.32 55.49 19.85
C THR A 1113 32.97 56.31 18.73
N VAL A 1114 34.25 55.99 18.48
CA VAL A 1114 35.01 56.70 17.46
C VAL A 1114 34.53 56.35 16.06
N SER A 1115 33.94 55.18 15.87
CA SER A 1115 33.30 54.81 14.62
C SER A 1115 31.85 55.30 14.66
N GLY A 1116 31.05 54.87 13.70
CA GLY A 1116 29.64 55.17 13.76
C GLY A 1116 28.89 54.04 14.41
N LEU A 1117 29.16 52.83 13.94
CA LEU A 1117 28.40 51.64 14.31
C LEU A 1117 28.72 51.24 15.74
N LYS A 1118 27.87 50.39 16.31
CA LYS A 1118 28.04 49.94 17.69
C LYS A 1118 28.03 48.43 17.86
N GLY A 1119 27.19 47.72 17.14
CA GLY A 1119 27.15 46.28 17.30
C GLY A 1119 26.30 45.79 18.45
N TYR A 1120 24.99 45.94 18.34
CA TYR A 1120 24.04 45.42 19.31
C TYR A 1120 23.64 43.99 18.97
N VAL A 1121 22.84 43.39 19.83
CA VAL A 1121 22.09 42.18 19.51
C VAL A 1121 20.63 42.55 19.47
N ALA A 1122 20.04 42.53 18.28
CA ALA A 1122 18.63 42.80 18.12
C ALA A 1122 17.92 41.48 17.93
N ALA A 1123 16.74 41.34 18.53
CA ALA A 1123 15.92 40.16 18.37
C ALA A 1123 14.50 40.61 18.10
N GLY A 1124 13.88 40.02 17.09
CA GLY A 1124 12.47 40.21 16.84
C GLY A 1124 11.70 39.05 17.44
N THR A 1125 10.50 39.34 17.91
CA THR A 1125 9.67 38.34 18.56
C THR A 1125 8.22 38.81 18.56
N CYS A 1126 7.33 37.83 18.34
CA CYS A 1126 5.88 38.02 18.22
C CYS A 1126 5.11 36.98 19.03
N LEU A 1127 3.83 37.25 19.33
CA LEU A 1127 3.02 36.35 20.14
C LEU A 1127 2.15 35.44 19.29
N MET A 1128 2.40 34.12 19.38
CA MET A 1128 1.54 33.13 18.76
C MET A 1128 0.43 32.76 19.75
N GLN A 1129 -0.80 33.06 19.39
CA GLN A 1129 -1.96 32.70 20.18
C GLN A 1129 -3.06 32.16 19.28
N GLY A 1130 -2.69 31.36 18.30
CA GLY A 1130 -3.65 30.77 17.39
C GLY A 1130 -4.15 31.75 16.35
N GLU A 1131 -4.91 31.21 15.40
CA GLU A 1131 -5.31 32.00 14.27
C GLU A 1131 -6.47 32.95 14.56
N GLU A 1132 -7.11 32.84 15.73
CA GLU A 1132 -8.19 33.77 16.02
C GLU A 1132 -7.72 35.06 16.67
N VAL A 1133 -6.57 35.05 17.31
CA VAL A 1133 -6.00 36.21 17.97
C VAL A 1133 -5.06 36.87 16.96
N THR A 1134 -5.15 38.18 16.83
CA THR A 1134 -4.22 38.90 15.97
C THR A 1134 -2.82 38.86 16.57
N CYS A 1135 -1.91 38.20 15.85
CA CYS A 1135 -0.51 38.13 16.26
C CYS A 1135 0.13 39.51 16.16
N ARG A 1136 0.67 39.99 17.27
CA ARG A 1136 1.39 41.24 17.32
C ARG A 1136 2.80 40.99 17.81
N GLY A 1137 3.68 41.95 17.55
CA GLY A 1137 5.08 41.73 17.85
C GLY A 1137 5.83 42.86 18.48
N ARG A 1138 7.09 42.59 18.79
CA ARG A 1138 7.86 43.47 19.64
C ARG A 1138 9.33 43.31 19.28
N ILE A 1139 9.96 44.42 18.88
CA ILE A 1139 11.38 44.44 18.58
C ILE A 1139 12.16 44.54 19.88
N LEU A 1140 13.02 43.57 20.13
CA LEU A 1140 13.80 43.50 21.36
C LEU A 1140 15.27 43.73 21.01
N ILE A 1141 15.70 44.99 21.03
CA ILE A 1141 17.10 45.34 20.81
C ILE A 1141 17.79 45.25 22.16
N MET A 1142 18.88 44.52 22.23
CA MET A 1142 19.63 44.36 23.46
C MET A 1142 21.00 44.98 23.29
N ASP A 1143 21.86 44.72 24.27
CA ASP A 1143 23.23 45.20 24.31
C ASP A 1143 23.92 44.47 25.45
N VAL A 1144 25.11 43.94 25.19
CA VAL A 1144 25.88 43.29 26.24
C VAL A 1144 26.93 44.27 26.73
N ILE A 1145 26.81 44.68 27.98
CA ILE A 1145 27.66 45.72 28.56
C ILE A 1145 28.41 45.15 29.75
N GLU A 1146 29.72 45.31 29.76
CA GLU A 1146 30.54 44.81 30.85
C GLU A 1146 30.38 45.70 32.07
N VAL A 1147 29.90 45.11 33.16
CA VAL A 1147 29.84 45.76 34.46
C VAL A 1147 30.85 45.04 35.34
N VAL A 1148 31.00 45.49 36.58
CA VAL A 1148 31.91 44.79 37.51
C VAL A 1148 31.32 43.43 37.87
N PRO A 1149 32.13 42.39 37.97
CA PRO A 1149 31.59 41.07 38.31
C PRO A 1149 31.30 40.95 39.80
N GLU A 1150 30.44 40.00 40.10
CA GLU A 1150 30.24 39.61 41.49
C GLU A 1150 31.51 38.91 41.99
N PRO A 1151 31.93 39.16 43.23
CA PRO A 1151 33.10 38.45 43.77
C PRO A 1151 32.85 36.96 43.89
N GLY A 1152 33.61 36.18 43.13
CA GLY A 1152 33.44 34.75 43.06
C GLY A 1152 32.85 34.24 41.76
N GLN A 1153 32.25 35.11 40.97
CA GLN A 1153 31.64 34.73 39.69
C GLN A 1153 32.16 35.65 38.60
N PRO A 1154 33.31 35.33 38.01
CA PRO A 1154 33.90 36.23 37.00
C PRO A 1154 33.19 36.21 35.66
N LEU A 1155 32.30 35.25 35.42
CA LEU A 1155 31.49 35.28 34.20
C LEU A 1155 30.45 36.38 34.23
N THR A 1156 30.02 36.81 35.42
CA THR A 1156 28.89 37.70 35.57
C THR A 1156 29.22 39.15 35.31
N LYS A 1157 30.36 39.46 34.68
CA LYS A 1157 30.61 40.81 34.21
C LYS A 1157 29.75 41.16 33.01
N ASN A 1158 29.23 40.17 32.30
CA ASN A 1158 28.40 40.39 31.12
C ASN A 1158 26.92 40.32 31.51
N LYS A 1159 26.17 41.27 30.99
CA LYS A 1159 24.80 41.48 31.40
C LYS A 1159 24.12 42.33 30.34
N PHE A 1160 22.86 42.02 30.08
CA PHE A 1160 22.12 42.72 29.04
C PHE A 1160 21.74 44.13 29.48
N LYS A 1161 21.71 45.05 28.53
CA LYS A 1161 21.04 46.33 28.70
C LYS A 1161 20.06 46.50 27.56
N VAL A 1162 18.80 46.17 27.83
CA VAL A 1162 17.74 46.25 26.83
C VAL A 1162 17.46 47.72 26.55
N LEU A 1163 17.92 48.20 25.39
CA LEU A 1163 17.59 49.55 24.99
C LEU A 1163 16.13 49.68 24.62
N TYR A 1164 15.69 48.88 23.65
CA TYR A 1164 14.37 49.01 23.06
C TYR A 1164 13.60 47.73 23.30
N GLU A 1165 12.38 47.86 23.79
CA GLU A 1165 11.43 46.76 23.91
C GLU A 1165 10.04 47.38 23.89
N LYS A 1166 9.44 47.48 22.71
CA LYS A 1166 8.15 48.12 22.55
C LYS A 1166 7.33 47.35 21.52
N GLU A 1167 6.05 47.16 21.81
CA GLU A 1167 5.18 46.39 20.93
C GLU A 1167 4.94 47.13 19.63
N GLN A 1168 4.99 46.39 18.53
CA GLN A 1168 4.86 46.96 17.20
C GLN A 1168 3.44 46.76 16.70
N LYS A 1169 3.22 47.14 15.45
CA LYS A 1169 1.92 46.97 14.81
C LYS A 1169 1.93 45.75 13.89
N GLY A 1170 2.16 44.58 14.48
CA GLY A 1170 2.22 43.36 13.72
C GLY A 1170 3.41 42.51 14.12
N PRO A 1171 3.51 41.31 13.53
CA PRO A 1171 4.57 40.39 13.96
C PRO A 1171 5.92 40.73 13.39
N VAL A 1172 6.95 40.67 14.21
CA VAL A 1172 8.30 40.94 13.76
C VAL A 1172 8.92 39.62 13.34
N THR A 1173 9.21 39.48 12.05
CA THR A 1173 9.60 38.22 11.46
C THR A 1173 11.06 38.14 11.01
N ALA A 1174 11.72 39.26 10.72
CA ALA A 1174 13.08 39.24 10.19
C ALA A 1174 13.74 40.58 10.45
N LEU A 1175 15.05 40.54 10.69
CA LEU A 1175 15.81 41.76 11.00
C LEU A 1175 17.05 41.85 10.14
N CYS A 1176 17.49 43.09 9.90
CA CYS A 1176 18.68 43.38 9.10
C CYS A 1176 19.23 44.76 9.46
N HIS A 1177 20.48 45.02 9.09
CA HIS A 1177 21.10 46.30 9.33
C HIS A 1177 21.61 46.85 8.00
N CYS A 1178 21.48 48.16 7.81
CA CYS A 1178 21.89 48.83 6.57
C CYS A 1178 22.45 50.19 6.92
N ASN A 1179 23.78 50.31 6.95
CA ASN A 1179 24.50 51.55 7.26
C ASN A 1179 24.11 52.12 8.62
N GLY A 1180 23.77 51.26 9.58
CA GLY A 1180 23.34 51.70 10.87
C GLY A 1180 21.86 51.93 11.03
N HIS A 1181 21.07 51.61 10.00
CA HIS A 1181 19.62 51.61 10.10
C HIS A 1181 19.17 50.22 10.47
N LEU A 1182 18.14 50.13 11.30
CA LEU A 1182 17.54 48.83 11.59
C LEU A 1182 16.45 48.53 10.57
N VAL A 1183 16.55 47.39 9.92
CA VAL A 1183 15.57 46.98 8.91
C VAL A 1183 14.83 45.76 9.45
N SER A 1184 13.54 45.94 9.74
CA SER A 1184 12.68 44.97 10.39
C SER A 1184 11.50 44.66 9.47
N ALA A 1185 10.94 43.46 9.64
CA ALA A 1185 9.84 42.99 8.80
C ALA A 1185 8.60 42.80 9.66
N ILE A 1186 7.59 43.63 9.44
CA ILE A 1186 6.34 43.57 10.19
C ILE A 1186 5.20 43.36 9.19
N GLY A 1187 4.56 42.20 9.27
CA GLY A 1187 3.42 41.91 8.44
C GLY A 1187 3.81 41.72 6.99
N GLN A 1188 3.04 42.34 6.10
CA GLN A 1188 3.40 42.53 4.71
C GLN A 1188 4.16 43.82 4.48
N LYS A 1189 4.89 44.30 5.48
CA LYS A 1189 5.71 45.50 5.35
C LYS A 1189 7.10 45.18 5.86
N ILE A 1190 8.09 45.87 5.33
CA ILE A 1190 9.44 45.79 5.83
C ILE A 1190 9.81 47.20 6.28
N PHE A 1191 10.10 47.37 7.56
CA PHE A 1191 10.29 48.69 8.13
C PHE A 1191 11.77 49.02 8.24
N LEU A 1192 12.07 50.31 8.18
CA LEU A 1192 13.43 50.80 8.36
C LEU A 1192 13.45 51.80 9.50
N TRP A 1193 13.76 51.31 10.70
CA TRP A 1193 13.81 52.13 11.90
C TRP A 1193 15.24 52.56 12.16
N SER A 1194 15.39 53.75 12.73
CA SER A 1194 16.70 54.23 13.15
C SER A 1194 16.72 54.33 14.67
N LEU A 1195 17.86 54.02 15.27
CA LEU A 1195 17.99 54.01 16.71
C LEU A 1195 18.44 55.37 17.20
N ARG A 1196 17.52 56.10 17.83
CA ARG A 1196 17.81 57.32 18.56
C ARG A 1196 18.29 56.98 19.97
N ALA A 1197 18.22 57.94 20.87
CA ALA A 1197 18.59 57.71 22.26
C ALA A 1197 17.74 56.61 22.90
N SER A 1198 16.42 56.72 22.81
CA SER A 1198 15.55 55.71 23.41
C SER A 1198 14.44 55.21 22.51
N GLU A 1199 13.98 55.97 21.52
CA GLU A 1199 12.89 55.57 20.65
C GLU A 1199 13.43 55.24 19.26
N LEU A 1200 12.70 54.40 18.55
CA LEU A 1200 12.95 54.16 17.13
C LEU A 1200 12.09 55.10 16.30
N THR A 1201 12.72 55.85 15.40
CA THR A 1201 12.01 56.74 14.50
C THR A 1201 11.99 56.13 13.11
N GLY A 1202 10.79 55.95 12.56
CA GLY A 1202 10.67 55.29 11.28
C GLY A 1202 11.09 56.19 10.14
N MET A 1203 11.74 55.59 9.15
CA MET A 1203 12.22 56.34 8.01
C MET A 1203 11.73 55.81 6.67
N ALA A 1204 11.59 54.50 6.50
CA ALA A 1204 11.18 53.97 5.22
C ALA A 1204 10.52 52.61 5.40
N PHE A 1205 9.68 52.26 4.43
CA PHE A 1205 8.97 50.99 4.41
C PHE A 1205 8.50 50.73 2.99
N ILE A 1206 8.25 49.46 2.69
CA ILE A 1206 7.55 49.10 1.46
C ILE A 1206 6.63 47.92 1.73
N ASP A 1207 5.45 47.99 1.11
CA ASP A 1207 4.43 46.97 1.25
C ASP A 1207 4.87 45.74 0.46
N THR A 1208 5.50 44.80 1.14
CA THR A 1208 6.15 43.68 0.50
C THR A 1208 5.20 42.47 0.40
N GLN A 1209 5.77 41.30 0.12
CA GLN A 1209 5.00 40.07 -0.09
C GLN A 1209 4.55 39.44 1.22
N LEU A 1210 4.14 38.16 1.19
CA LEU A 1210 3.36 37.55 2.27
C LEU A 1210 4.09 37.52 3.61
N TYR A 1211 5.10 36.67 3.72
CA TYR A 1211 5.71 36.43 5.03
C TYR A 1211 7.22 36.46 4.84
N ILE A 1212 7.84 37.58 5.16
CA ILE A 1212 9.26 37.77 4.93
C ILE A 1212 10.02 37.15 6.10
N HIS A 1213 10.63 36.00 5.89
CA HIS A 1213 11.20 35.29 7.01
C HIS A 1213 12.71 35.29 7.06
N GLN A 1214 13.38 35.83 6.05
CA GLN A 1214 14.82 35.99 6.02
C GLN A 1214 15.13 37.27 5.28
N MET A 1215 15.91 38.12 5.89
CA MET A 1215 16.46 39.27 5.22
C MET A 1215 17.92 39.37 5.63
N ILE A 1216 18.83 39.44 4.66
CA ILE A 1216 20.18 39.93 4.93
C ILE A 1216 20.49 40.99 3.89
N SER A 1217 21.48 41.82 4.19
CA SER A 1217 21.72 42.98 3.35
C SER A 1217 23.17 43.40 3.48
N VAL A 1218 23.66 44.11 2.46
CA VAL A 1218 24.95 44.78 2.54
C VAL A 1218 24.98 45.92 1.53
N LYS A 1219 25.53 47.06 1.97
CA LYS A 1219 25.72 48.30 1.20
C LYS A 1219 24.40 48.75 0.57
N ASN A 1220 23.48 49.01 1.49
CA ASN A 1220 22.06 49.40 1.28
C ASN A 1220 21.38 48.63 0.15
N PHE A 1221 21.63 47.33 0.06
CA PHE A 1221 20.85 46.43 -0.78
C PHE A 1221 20.24 45.34 0.09
N ILE A 1222 18.93 45.42 0.31
CA ILE A 1222 18.21 44.52 1.21
C ILE A 1222 17.68 43.33 0.43
N LEU A 1223 18.08 42.13 0.82
CA LEU A 1223 17.65 40.90 0.14
C LEU A 1223 16.66 40.16 1.04
N ALA A 1224 15.38 40.25 0.73
CA ALA A 1224 14.34 39.60 1.52
C ALA A 1224 14.10 38.18 1.03
N ALA A 1225 13.34 37.41 1.79
CA ALA A 1225 13.05 36.03 1.41
C ALA A 1225 11.71 35.61 1.98
N ASP A 1226 10.72 35.49 1.11
CA ASP A 1226 9.40 35.04 1.51
C ASP A 1226 9.40 33.52 1.64
N VAL A 1227 8.36 33.00 2.28
CA VAL A 1227 8.22 31.57 2.45
C VAL A 1227 7.73 30.92 1.17
N MET A 1228 6.75 31.54 0.51
CA MET A 1228 6.27 31.02 -0.76
C MET A 1228 6.65 31.85 -1.95
N LYS A 1229 6.49 33.18 -1.91
CA LYS A 1229 6.47 33.89 -3.18
C LYS A 1229 7.83 34.12 -3.83
N SER A 1230 8.68 34.94 -3.25
CA SER A 1230 9.81 35.43 -4.03
C SER A 1230 10.82 36.08 -3.09
N ILE A 1231 12.07 36.07 -3.50
CA ILE A 1231 13.04 36.96 -2.90
C ILE A 1231 12.93 38.30 -3.63
N SER A 1232 13.40 39.34 -2.97
CA SER A 1232 13.39 40.68 -3.54
C SER A 1232 14.75 41.27 -3.23
N LEU A 1233 15.26 42.13 -4.09
CA LEU A 1233 16.34 43.00 -3.63
C LEU A 1233 15.75 44.39 -3.50
N LEU A 1234 16.12 45.09 -2.43
CA LEU A 1234 15.64 46.43 -2.16
C LEU A 1234 16.83 47.37 -2.10
N ARG A 1235 16.55 48.66 -1.98
CA ARG A 1235 17.61 49.64 -2.08
C ARG A 1235 17.19 50.86 -1.28
N TYR A 1236 18.08 51.32 -0.41
CA TYR A 1236 17.76 52.46 0.45
C TYR A 1236 18.68 53.63 0.12
N GLN A 1237 18.11 54.72 -0.39
CA GLN A 1237 18.83 55.99 -0.42
C GLN A 1237 18.73 56.67 0.94
N GLU A 1238 19.71 57.53 1.22
CA GLU A 1238 19.69 58.34 2.43
C GLU A 1238 19.18 59.75 2.19
N GLU A 1239 19.57 60.39 1.08
CA GLU A 1239 19.23 61.78 0.84
C GLU A 1239 17.73 61.95 0.62
N SER A 1240 17.12 61.01 -0.08
CA SER A 1240 15.69 60.84 -0.04
C SER A 1240 15.38 59.65 0.85
N LYS A 1241 14.57 59.88 1.88
CA LYS A 1241 14.23 58.84 2.86
C LYS A 1241 13.27 57.85 2.21
N THR A 1242 13.82 56.96 1.38
CA THR A 1242 12.98 56.05 0.62
C THR A 1242 13.64 54.69 0.44
N LEU A 1243 12.86 53.65 0.73
CA LEU A 1243 13.18 52.28 0.40
C LEU A 1243 12.30 51.88 -0.76
N SER A 1244 12.84 51.10 -1.69
CA SER A 1244 12.10 50.84 -2.92
C SER A 1244 12.47 49.46 -3.45
N LEU A 1245 11.67 49.00 -4.40
CA LEU A 1245 11.81 47.70 -5.00
C LEU A 1245 12.63 47.82 -6.28
N VAL A 1246 13.80 47.20 -6.29
CA VAL A 1246 14.63 47.21 -7.49
C VAL A 1246 14.36 45.98 -8.35
N SER A 1247 14.56 44.81 -7.78
CA SER A 1247 14.25 43.59 -8.52
C SER A 1247 13.80 42.51 -7.56
N ARG A 1248 12.80 41.79 -8.01
CA ARG A 1248 12.28 40.66 -7.28
C ARG A 1248 12.38 39.44 -8.17
N ASP A 1249 12.26 38.28 -7.58
CA ASP A 1249 12.02 37.09 -8.36
C ASP A 1249 10.56 37.10 -8.79
N ALA A 1250 10.21 36.61 -9.97
CA ALA A 1250 8.79 36.69 -10.40
C ALA A 1250 7.92 35.41 -10.28
N LYS A 1251 8.63 34.31 -10.19
CA LYS A 1251 8.18 32.93 -10.08
C LYS A 1251 8.01 32.53 -8.62
N PRO A 1252 7.12 31.59 -8.31
CA PRO A 1252 7.00 31.12 -6.92
C PRO A 1252 8.16 30.25 -6.55
N LEU A 1253 8.70 30.48 -5.35
CA LEU A 1253 9.89 29.80 -4.91
C LEU A 1253 9.84 29.66 -3.40
N GLU A 1254 9.89 28.42 -2.91
CA GLU A 1254 9.71 28.14 -1.50
C GLU A 1254 11.06 28.16 -0.80
N VAL A 1255 11.47 29.36 -0.42
CA VAL A 1255 12.82 29.67 0.02
C VAL A 1255 13.04 29.11 1.41
N TYR A 1256 14.26 28.66 1.71
CA TYR A 1256 14.58 28.63 3.14
C TYR A 1256 15.32 29.88 3.58
N SER A 1257 16.52 30.09 3.07
CA SER A 1257 17.31 31.26 3.47
C SER A 1257 18.17 31.71 2.32
N VAL A 1258 18.70 32.92 2.44
CA VAL A 1258 19.37 33.59 1.34
C VAL A 1258 20.77 34.00 1.75
N ASP A 1259 21.56 34.40 0.76
CA ASP A 1259 22.97 34.72 0.97
C ASP A 1259 23.38 35.75 -0.09
N PHE A 1260 24.68 35.94 -0.23
CA PHE A 1260 25.33 36.89 -1.13
C PHE A 1260 26.56 36.22 -1.74
N MET A 1261 26.44 35.68 -2.94
CA MET A 1261 27.62 35.23 -3.68
C MET A 1261 28.38 36.45 -4.18
N VAL A 1262 29.61 36.64 -3.72
CA VAL A 1262 30.37 37.84 -4.07
C VAL A 1262 31.49 37.44 -5.03
N ASP A 1263 31.52 38.10 -6.18
CA ASP A 1263 32.57 37.96 -7.17
C ASP A 1263 33.45 39.21 -7.08
N ASN A 1264 34.39 39.36 -8.01
CA ASN A 1264 35.27 40.53 -8.01
C ASN A 1264 34.47 41.81 -8.26
N ALA A 1265 33.44 41.72 -9.09
CA ALA A 1265 32.53 42.83 -9.32
C ALA A 1265 31.07 42.42 -9.31
N GLN A 1266 30.77 41.13 -9.39
CA GLN A 1266 29.42 40.63 -9.48
C GLN A 1266 28.91 40.19 -8.11
N LEU A 1267 27.64 40.49 -7.83
CA LEU A 1267 27.01 40.09 -6.59
C LEU A 1267 25.93 39.08 -6.92
N GLY A 1268 26.15 37.82 -6.54
CA GLY A 1268 25.18 36.77 -6.74
C GLY A 1268 24.36 36.54 -5.49
N PHE A 1269 23.14 36.06 -5.69
CA PHE A 1269 22.13 35.98 -4.64
C PHE A 1269 21.86 34.51 -4.35
N LEU A 1270 22.68 33.91 -3.50
CA LEU A 1270 22.55 32.49 -3.23
C LEU A 1270 21.32 32.21 -2.40
N VAL A 1271 20.38 31.44 -2.95
CA VAL A 1271 19.05 31.23 -2.36
C VAL A 1271 18.77 29.75 -2.28
N SER A 1272 18.78 29.21 -1.07
CA SER A 1272 18.44 27.82 -0.82
C SER A 1272 16.94 27.62 -0.94
N ASP A 1273 16.53 26.36 -1.09
CA ASP A 1273 15.13 26.05 -1.31
C ASP A 1273 14.64 24.91 -0.44
N ARG A 1274 13.32 24.75 -0.50
CA ARG A 1274 12.62 23.65 0.15
C ARG A 1274 12.99 22.32 -0.46
N ASP A 1275 13.33 22.31 -1.74
CA ASP A 1275 13.48 21.11 -2.52
C ASP A 1275 14.92 20.63 -2.54
N ARG A 1276 15.68 21.05 -1.53
CA ARG A 1276 17.12 20.85 -1.37
C ARG A 1276 17.88 21.37 -2.59
N ASN A 1277 17.75 22.65 -2.85
CA ASN A 1277 18.45 23.25 -3.96
C ASN A 1277 19.26 24.44 -3.49
N LEU A 1278 20.21 24.81 -4.32
CA LEU A 1278 20.83 26.12 -4.27
C LEU A 1278 20.73 26.71 -5.65
N MET A 1279 20.80 28.04 -5.72
CA MET A 1279 20.72 28.75 -6.97
C MET A 1279 21.19 30.16 -6.75
N VAL A 1280 21.84 30.72 -7.76
CA VAL A 1280 22.46 32.02 -7.68
C VAL A 1280 21.74 32.94 -8.64
N TYR A 1281 21.13 33.97 -8.10
CA TYR A 1281 20.46 34.98 -8.89
C TYR A 1281 21.38 36.17 -9.05
N MET A 1282 21.15 36.96 -10.10
CA MET A 1282 21.90 38.17 -10.36
C MET A 1282 20.95 39.24 -10.86
N TYR A 1283 21.33 40.50 -10.68
CA TYR A 1283 20.53 41.63 -11.16
C TYR A 1283 21.15 42.21 -12.42
N LEU A 1284 20.57 41.86 -13.57
CA LEU A 1284 21.17 42.13 -14.87
C LEU A 1284 20.18 42.94 -15.69
N PRO A 1285 20.25 44.27 -15.63
CA PRO A 1285 19.27 45.09 -16.38
C PRO A 1285 19.50 45.11 -17.88
N GLU A 1286 20.75 44.93 -18.32
CA GLU A 1286 21.04 44.94 -19.74
C GLU A 1286 20.60 43.66 -20.44
N ALA A 1287 20.28 42.61 -19.69
CA ALA A 1287 19.79 41.39 -20.29
C ALA A 1287 18.36 41.58 -20.78
N LYS A 1288 18.05 40.93 -21.90
CA LYS A 1288 16.73 41.09 -22.51
C LYS A 1288 15.75 40.01 -22.10
N GLU A 1289 16.22 38.91 -21.51
CA GLU A 1289 15.33 37.84 -21.10
C GLU A 1289 14.54 38.16 -19.84
N SER A 1290 15.04 39.05 -18.99
CA SER A 1290 14.21 39.66 -17.95
C SER A 1290 13.57 40.91 -18.51
N PHE A 1291 12.71 41.53 -17.71
CA PHE A 1291 12.32 42.89 -18.05
C PHE A 1291 13.46 43.83 -17.69
N GLY A 1292 13.33 45.10 -18.08
CA GLY A 1292 14.41 46.02 -17.84
C GLY A 1292 14.55 46.32 -16.36
N GLY A 1293 15.50 45.61 -15.75
CA GLY A 1293 15.78 45.67 -14.34
C GLY A 1293 14.61 45.44 -13.41
N MET A 1294 13.70 44.52 -13.73
CA MET A 1294 12.51 44.29 -12.91
C MET A 1294 12.22 42.83 -12.63
N ARG A 1295 13.22 41.96 -12.74
CA ARG A 1295 13.06 40.52 -12.61
C ARG A 1295 14.44 39.91 -12.44
N LEU A 1296 14.65 39.16 -11.37
CA LEU A 1296 15.92 38.49 -11.19
C LEU A 1296 16.00 37.29 -12.10
N LEU A 1297 17.23 36.82 -12.32
CA LEU A 1297 17.51 35.74 -13.25
C LEU A 1297 18.50 34.82 -12.57
N ARG A 1298 18.18 33.54 -12.51
CA ARG A 1298 19.13 32.62 -11.91
C ARG A 1298 20.25 32.37 -12.90
N ARG A 1299 21.47 32.28 -12.39
CA ARG A 1299 22.64 32.09 -13.22
C ARG A 1299 23.46 30.88 -12.84
N ALA A 1300 23.10 30.18 -11.79
CA ALA A 1300 23.66 28.88 -11.47
C ALA A 1300 22.56 28.06 -10.80
N ASP A 1301 22.58 26.78 -11.04
CA ASP A 1301 21.64 25.86 -10.42
C ASP A 1301 22.40 24.68 -9.87
N PHE A 1302 22.01 24.25 -8.69
CA PHE A 1302 22.71 23.14 -8.08
C PHE A 1302 21.72 22.46 -7.16
N HIS A 1303 21.96 21.20 -6.86
CA HIS A 1303 21.09 20.44 -5.98
C HIS A 1303 21.95 19.91 -4.85
N VAL A 1304 21.99 20.64 -3.74
CA VAL A 1304 22.58 20.09 -2.53
C VAL A 1304 21.74 18.90 -2.06
N GLY A 1305 22.38 18.00 -1.33
CA GLY A 1305 21.66 16.84 -0.87
C GLY A 1305 20.70 17.17 0.25
N ALA A 1306 20.84 18.33 0.89
CA ALA A 1306 20.17 18.62 2.14
C ALA A 1306 19.65 20.05 2.14
N HIS A 1307 18.66 20.28 3.00
CA HIS A 1307 18.10 21.60 3.25
C HIS A 1307 19.15 22.50 3.89
N VAL A 1308 19.08 23.80 3.59
CA VAL A 1308 20.10 24.74 4.06
C VAL A 1308 19.41 25.96 4.62
N ASN A 1309 19.68 26.27 5.90
CA ASN A 1309 19.23 27.51 6.55
C ASN A 1309 20.34 28.51 6.85
N THR A 1310 21.57 28.08 7.05
CA THR A 1310 22.60 29.01 7.48
C THR A 1310 23.43 29.45 6.28
N PHE A 1311 23.92 30.68 6.32
CA PHE A 1311 24.72 31.22 5.22
C PHE A 1311 25.67 32.28 5.75
N TRP A 1312 26.92 32.25 5.29
CA TRP A 1312 27.92 33.25 5.63
C TRP A 1312 29.03 33.32 4.58
N ARG A 1313 29.74 34.45 4.56
CA ARG A 1313 30.79 34.70 3.59
C ARG A 1313 32.11 34.74 4.34
N THR A 1314 33.20 34.58 3.60
CA THR A 1314 34.54 34.75 4.17
C THR A 1314 35.45 35.15 3.03
N PRO A 1315 36.54 35.88 3.30
CA PRO A 1315 37.57 36.00 2.29
C PRO A 1315 38.33 34.71 2.17
N CYS A 1316 38.59 34.30 0.95
CA CYS A 1316 39.41 33.12 0.76
C CYS A 1316 40.88 33.47 1.00
N ARG A 1317 41.70 32.44 1.15
CA ARG A 1317 43.10 32.61 1.49
C ARG A 1317 43.93 33.32 0.43
N VAL A 1328 45.27 39.84 -9.99
CA VAL A 1328 45.61 38.57 -9.39
C VAL A 1328 44.31 37.86 -9.03
N VAL A 1329 44.33 36.51 -9.05
CA VAL A 1329 43.12 35.74 -8.84
C VAL A 1329 42.85 35.64 -7.35
N TRP A 1330 41.56 35.55 -6.99
CA TRP A 1330 41.06 35.44 -5.61
C TRP A 1330 41.43 36.66 -4.78
N GLU A 1331 41.58 37.80 -5.43
CA GLU A 1331 41.77 39.04 -4.70
C GLU A 1331 40.47 39.52 -4.05
N ASN A 1332 39.32 39.22 -4.66
CA ASN A 1332 38.11 39.88 -4.20
C ASN A 1332 36.90 38.96 -4.20
N LYS A 1333 37.09 37.65 -4.23
CA LYS A 1333 36.00 36.68 -4.26
C LYS A 1333 35.83 36.03 -2.89
N HIS A 1334 34.57 35.78 -2.53
CA HIS A 1334 34.24 35.28 -1.21
C HIS A 1334 33.63 33.89 -1.26
N ILE A 1335 34.10 33.03 -0.37
CA ILE A 1335 33.50 31.71 -0.17
C ILE A 1335 32.24 31.90 0.66
N THR A 1336 31.09 31.62 0.07
CA THR A 1336 29.83 31.79 0.78
C THR A 1336 29.39 30.43 1.27
N TRP A 1337 29.95 30.03 2.42
CA TRP A 1337 29.72 28.76 3.07
C TRP A 1337 28.28 28.60 3.50
N PHE A 1338 27.97 27.40 3.98
CA PHE A 1338 26.67 27.11 4.56
C PHE A 1338 26.73 25.81 5.35
N ALA A 1339 25.85 25.69 6.33
CA ALA A 1339 25.71 24.45 7.08
C ALA A 1339 24.32 23.88 6.81
N THR A 1340 24.29 22.69 6.27
CA THR A 1340 23.05 22.08 5.83
C THR A 1340 22.28 21.57 7.03
N LEU A 1341 21.01 21.27 6.81
CA LEU A 1341 20.12 20.94 7.91
C LEU A 1341 20.16 19.45 8.23
N ASP A 1342 21.14 18.72 7.69
CA ASP A 1342 21.41 17.34 8.01
C ASP A 1342 22.79 17.14 8.60
N GLY A 1343 23.39 18.19 9.15
CA GLY A 1343 24.66 18.08 9.82
C GLY A 1343 25.88 18.41 9.01
N GLY A 1344 25.73 18.69 7.72
CA GLY A 1344 26.85 18.91 6.84
C GLY A 1344 27.08 20.38 6.58
N ILE A 1345 28.31 20.71 6.23
CA ILE A 1345 28.73 22.07 5.96
C ILE A 1345 29.33 22.09 4.56
N GLY A 1346 28.75 22.91 3.69
CA GLY A 1346 29.20 22.98 2.31
C GLY A 1346 29.93 24.29 2.05
N LEU A 1347 30.08 24.58 0.76
CA LEU A 1347 30.68 25.83 0.31
C LEU A 1347 30.36 26.07 -1.16
N LEU A 1348 30.41 27.33 -1.57
CA LEU A 1348 30.32 27.66 -2.99
C LEU A 1348 31.41 28.67 -3.34
N LEU A 1349 32.58 28.18 -3.70
CA LEU A 1349 33.70 29.01 -4.10
C LEU A 1349 33.51 29.50 -5.53
N PRO A 1350 33.43 30.80 -5.79
CA PRO A 1350 33.28 31.26 -7.18
C PRO A 1350 34.57 31.05 -7.96
N MET A 1351 34.45 30.94 -9.29
CA MET A 1351 35.61 30.78 -10.16
C MET A 1351 35.43 31.64 -11.41
N GLN A 1352 36.42 31.56 -12.30
CA GLN A 1352 36.32 32.22 -13.60
C GLN A 1352 35.88 31.23 -14.68
N GLU A 1353 35.77 31.75 -15.89
CA GLU A 1353 35.22 30.99 -17.01
C GLU A 1353 36.21 29.94 -17.52
N LYS A 1354 37.51 30.23 -17.46
CA LYS A 1354 38.50 29.32 -18.01
C LYS A 1354 38.73 28.14 -17.08
N THR A 1355 38.86 28.39 -15.78
CA THR A 1355 39.15 27.32 -14.83
C THR A 1355 37.93 26.44 -14.64
N TYR A 1356 36.73 27.00 -14.79
CA TYR A 1356 35.51 26.19 -14.75
C TYR A 1356 35.47 25.19 -15.89
N ARG A 1357 35.64 25.65 -17.12
CA ARG A 1357 35.46 24.79 -18.27
C ARG A 1357 36.63 23.85 -18.50
N ARG A 1358 37.77 24.06 -17.84
CA ARG A 1358 38.80 23.02 -17.82
C ARG A 1358 38.43 21.91 -16.86
N LEU A 1359 37.43 22.12 -16.02
CA LEU A 1359 36.97 21.14 -15.06
C LEU A 1359 35.61 20.57 -15.42
N LEU A 1360 34.76 21.33 -16.12
CA LEU A 1360 33.53 20.78 -16.65
C LEU A 1360 33.80 19.75 -17.74
N MET A 1361 34.89 19.92 -18.49
CA MET A 1361 35.36 18.85 -19.35
C MET A 1361 35.83 17.66 -18.54
N LEU A 1362 36.43 17.92 -17.37
CA LEU A 1362 36.84 16.83 -16.50
C LEU A 1362 35.63 16.18 -15.85
N GLN A 1363 34.69 16.99 -15.34
CA GLN A 1363 33.52 16.47 -14.65
C GLN A 1363 32.65 15.59 -15.53
N ASN A 1364 32.41 16.02 -16.77
CA ASN A 1364 31.71 15.18 -17.73
C ASN A 1364 32.50 13.92 -18.08
N ALA A 1365 33.83 14.00 -18.04
CA ALA A 1365 34.64 12.80 -18.17
C ALA A 1365 34.66 12.00 -16.88
N LEU A 1366 34.40 12.64 -15.74
CA LEU A 1366 34.32 11.90 -14.49
C LEU A 1366 32.95 11.28 -14.30
N THR A 1367 31.90 11.91 -14.83
CA THR A 1367 30.54 11.42 -14.65
C THR A 1367 30.33 10.08 -15.35
N THR A 1368 30.84 9.95 -16.58
CA THR A 1368 30.52 8.80 -17.39
C THR A 1368 31.44 7.61 -17.12
N MET A 1369 32.75 7.85 -17.05
CA MET A 1369 33.73 6.77 -17.15
C MET A 1369 34.17 6.23 -15.79
N LEU A 1370 33.28 6.23 -14.80
CA LEU A 1370 33.63 5.79 -13.46
C LEU A 1370 32.54 4.90 -12.88
N PRO A 1371 32.90 3.91 -12.06
CA PRO A 1371 31.89 3.05 -11.43
C PRO A 1371 31.30 3.65 -10.15
N HIS A 1372 30.29 4.51 -10.28
CA HIS A 1372 29.74 5.25 -9.15
C HIS A 1372 29.01 4.33 -8.18
N HIS A 1373 28.92 4.78 -6.93
CA HIS A 1373 28.28 3.98 -5.89
C HIS A 1373 26.79 3.87 -6.12
N ALA A 1374 26.29 2.64 -5.99
CA ALA A 1374 24.87 2.28 -6.13
C ALA A 1374 24.31 2.60 -7.50
N GLY A 1375 25.17 2.75 -8.50
CA GLY A 1375 24.75 2.99 -9.87
C GLY A 1375 24.16 4.35 -10.12
N LEU A 1376 24.55 5.35 -9.36
CA LEU A 1376 23.89 6.64 -9.41
C LEU A 1376 24.55 7.55 -10.42
N ASN A 1377 23.78 8.50 -10.92
CA ASN A 1377 24.26 9.44 -11.93
C ASN A 1377 24.53 10.78 -11.27
N PRO A 1378 25.78 11.20 -11.14
CA PRO A 1378 26.05 12.47 -10.45
C PRO A 1378 25.64 13.71 -11.24
N ARG A 1379 25.49 13.59 -12.56
CA ARG A 1379 25.06 14.74 -13.33
C ARG A 1379 23.58 15.02 -13.13
N ALA A 1380 22.76 13.97 -13.13
CA ALA A 1380 21.33 14.14 -13.02
C ALA A 1380 20.89 14.35 -11.58
N PHE A 1381 21.71 13.93 -10.62
CA PHE A 1381 21.38 14.19 -9.22
C PHE A 1381 21.61 15.64 -8.85
N ARG A 1382 22.69 16.25 -9.35
CA ARG A 1382 22.95 17.65 -9.11
C ARG A 1382 22.22 18.56 -10.09
N MET A 1383 21.16 18.07 -10.73
CA MET A 1383 20.26 18.88 -11.53
C MET A 1383 19.24 19.57 -10.64
N LEU A 1384 18.61 20.60 -11.20
CA LEU A 1384 17.86 21.57 -10.41
C LEU A 1384 16.66 20.97 -9.67
N HIS A 1385 16.00 19.95 -10.25
CA HIS A 1385 14.76 19.36 -9.73
C HIS A 1385 13.69 20.44 -9.56
N VAL A 1386 13.20 20.90 -10.71
CA VAL A 1386 12.20 21.95 -10.79
C VAL A 1386 10.89 21.63 -10.06
N ASN A 1393 14.49 26.13 -17.11
CA ASN A 1393 15.55 25.17 -17.42
C ASN A 1393 16.62 25.18 -16.36
N ALA A 1394 17.24 24.02 -16.14
CA ALA A 1394 18.30 23.87 -15.15
C ALA A 1394 19.58 24.50 -15.68
N VAL A 1395 19.78 25.79 -15.44
CA VAL A 1395 20.96 26.50 -15.93
C VAL A 1395 22.06 26.27 -14.91
N ARG A 1396 22.64 25.08 -14.95
CA ARG A 1396 23.65 24.72 -13.98
C ARG A 1396 24.98 25.35 -14.35
N ASN A 1397 25.66 25.90 -13.37
CA ASN A 1397 26.99 26.45 -13.55
C ASN A 1397 27.87 26.13 -12.35
N VAL A 1398 27.46 25.18 -11.52
CA VAL A 1398 28.17 24.86 -10.28
C VAL A 1398 28.73 23.46 -10.41
N LEU A 1399 30.03 23.33 -10.19
CA LEU A 1399 30.66 22.03 -10.25
C LEU A 1399 30.36 21.21 -9.01
N ASP A 1400 30.96 20.05 -8.93
CA ASP A 1400 30.79 19.16 -7.81
C ASP A 1400 32.18 18.80 -7.34
N GLY A 1401 32.64 19.42 -6.26
CA GLY A 1401 33.93 19.06 -5.74
C GLY A 1401 33.98 17.75 -4.98
N GLU A 1402 32.88 17.00 -4.95
CA GLU A 1402 32.89 15.64 -4.43
C GLU A 1402 32.87 14.59 -5.54
N LEU A 1403 32.68 15.03 -6.79
CA LEU A 1403 32.96 14.20 -7.95
C LEU A 1403 34.33 14.52 -8.52
N LEU A 1404 34.69 15.80 -8.54
CA LEU A 1404 36.02 16.21 -8.95
C LEU A 1404 37.08 15.75 -7.97
N ASN A 1405 36.69 15.47 -6.73
CA ASN A 1405 37.59 14.88 -5.75
C ASN A 1405 37.97 13.46 -6.14
N ARG A 1406 37.20 12.79 -6.99
CA ARG A 1406 37.58 11.47 -7.44
C ARG A 1406 38.75 11.49 -8.42
N TYR A 1407 38.96 12.61 -9.12
CA TYR A 1407 40.14 12.74 -9.96
C TYR A 1407 41.42 12.73 -9.14
N LEU A 1408 41.37 13.29 -7.93
CA LEU A 1408 42.49 13.19 -7.00
C LEU A 1408 42.62 11.79 -6.45
N TYR A 1409 41.61 10.95 -6.66
CA TYR A 1409 41.62 9.61 -6.11
C TYR A 1409 42.09 8.59 -7.12
N LEU A 1410 42.12 8.95 -8.40
CA LEU A 1410 42.56 8.04 -9.45
C LEU A 1410 44.08 7.87 -9.43
N SER A 1411 44.53 6.71 -9.88
CA SER A 1411 45.96 6.46 -10.01
C SER A 1411 46.53 7.33 -11.13
N THR A 1412 47.85 7.55 -11.06
CA THR A 1412 48.45 8.53 -11.97
C THR A 1412 48.53 8.02 -13.41
N MET A 1413 48.39 6.71 -13.63
CA MET A 1413 48.20 6.19 -14.97
C MET A 1413 46.79 6.50 -15.46
N GLU A 1414 45.80 6.21 -14.62
CA GLU A 1414 44.41 6.55 -14.92
C GLU A 1414 44.17 8.05 -14.94
N ARG A 1415 45.00 8.81 -14.23
CA ARG A 1415 44.86 10.25 -14.21
C ARG A 1415 45.19 10.86 -15.56
N SER A 1416 46.29 10.39 -16.17
CA SER A 1416 46.77 10.88 -17.45
C SER A 1416 45.83 10.53 -18.61
N GLU A 1417 45.06 9.46 -18.49
CA GLU A 1417 44.17 9.06 -19.58
C GLU A 1417 42.99 10.01 -19.72
N LEU A 1418 42.33 10.34 -18.61
CA LEU A 1418 41.23 11.29 -18.66
C LEU A 1418 41.70 12.72 -18.92
N ALA A 1419 42.97 13.01 -18.70
CA ALA A 1419 43.51 14.30 -19.09
C ALA A 1419 43.66 14.39 -20.60
N LYS A 1420 44.14 13.31 -21.23
CA LYS A 1420 44.27 13.30 -22.68
C LYS A 1420 42.92 13.26 -23.37
N LYS A 1421 41.93 12.61 -22.77
CA LYS A 1421 40.61 12.51 -23.37
C LYS A 1421 39.85 13.83 -23.34
N ILE A 1422 40.29 14.78 -22.50
CA ILE A 1422 39.70 16.11 -22.51
C ILE A 1422 40.63 17.14 -23.12
N GLY A 1423 41.89 16.78 -23.36
CA GLY A 1423 42.81 17.66 -24.08
C GLY A 1423 43.73 18.48 -23.21
N THR A 1424 44.33 17.85 -22.20
CA THR A 1424 45.29 18.51 -21.33
C THR A 1424 46.17 17.45 -20.68
N THR A 1425 47.00 17.88 -19.78
CA THR A 1425 47.90 17.14 -18.91
C THR A 1425 47.32 17.11 -17.49
N PRO A 1426 47.70 16.15 -16.64
CA PRO A 1426 47.22 16.20 -15.24
C PRO A 1426 47.72 17.38 -14.45
N ASP A 1427 48.88 17.93 -14.78
CA ASP A 1427 49.47 18.99 -13.96
C ASP A 1427 48.73 20.31 -14.07
N ILE A 1428 48.02 20.54 -15.18
CA ILE A 1428 47.17 21.72 -15.25
C ILE A 1428 45.95 21.54 -14.36
N ILE A 1429 45.38 20.33 -14.34
CA ILE A 1429 44.19 20.10 -13.54
C ILE A 1429 44.54 20.05 -12.05
N LEU A 1430 45.69 19.46 -11.71
CA LEU A 1430 46.13 19.46 -10.33
C LEU A 1430 46.54 20.84 -9.85
N ASP A 1431 46.86 21.75 -10.77
CA ASP A 1431 46.99 23.15 -10.40
C ASP A 1431 45.64 23.86 -10.35
N ASP A 1432 44.56 23.18 -10.71
CA ASP A 1432 43.23 23.78 -10.67
C ASP A 1432 42.39 23.20 -9.53
N LEU A 1433 42.58 21.92 -9.20
CA LEU A 1433 41.79 21.32 -8.13
C LEU A 1433 42.44 21.50 -6.77
N LEU A 1434 43.75 21.70 -6.72
CA LEU A 1434 44.37 21.95 -5.43
C LEU A 1434 44.37 23.42 -5.06
N GLU A 1435 44.04 24.31 -6.01
CA GLU A 1435 43.87 25.71 -5.67
C GLU A 1435 42.43 26.04 -5.32
N THR A 1436 41.52 25.09 -5.49
CA THR A 1436 40.22 25.23 -4.87
C THR A 1436 40.16 24.54 -3.52
N ASP A 1437 41.23 23.86 -3.13
CA ASP A 1437 41.36 23.31 -1.80
C ASP A 1437 42.17 24.19 -0.88
N ARG A 1438 43.16 24.89 -1.41
CA ARG A 1438 44.02 25.73 -0.60
C ARG A 1438 43.29 26.96 -0.11
N VAL A 1439 42.51 27.61 -0.99
CA VAL A 1439 41.85 28.85 -0.61
C VAL A 1439 40.63 28.64 0.26
N THR A 1440 40.27 27.38 0.53
CA THR A 1440 39.11 27.03 1.35
C THR A 1440 39.51 26.18 2.55
N ALA A 1441 40.52 26.58 3.30
CA ALA A 1441 40.95 25.83 4.47
C ALA A 1441 40.80 26.64 5.75
N HIS A 1442 39.64 27.25 5.95
CA HIS A 1442 39.40 28.12 7.09
C HIS A 1442 39.04 27.32 8.34
N PHE A 1443 38.61 28.05 9.36
CA PHE A 1443 37.98 27.57 10.59
C PHE A 1443 38.96 26.71 11.39
N THR B 57 -25.37 58.14 3.97
CA THR B 57 -24.18 58.00 3.12
C THR B 57 -22.98 57.46 3.91
N PHE B 58 -21.93 57.10 3.21
CA PHE B 58 -20.76 56.45 3.80
C PHE B 58 -19.51 57.12 3.27
N ASP B 59 -18.79 57.85 4.13
CA ASP B 59 -17.59 58.58 3.72
C ASP B 59 -16.50 58.60 4.78
N GLY B 60 -16.60 57.75 5.81
CA GLY B 60 -15.59 57.72 6.85
C GLY B 60 -15.52 58.95 7.73
N LYS B 61 -16.56 59.77 7.73
CA LYS B 61 -16.55 61.03 8.46
C LYS B 61 -17.40 61.00 9.72
N ARG B 62 -18.18 59.94 9.95
CA ARG B 62 -18.89 59.87 11.21
C ARG B 62 -18.26 58.82 12.12
N MET B 63 -18.29 59.11 13.41
CA MET B 63 -17.53 58.36 14.39
C MET B 63 -18.24 57.08 14.78
N ARG B 64 -17.44 56.04 15.03
CA ARG B 64 -17.93 54.74 15.46
C ARG B 64 -17.08 54.25 16.62
N LYS B 65 -17.63 53.31 17.37
CA LYS B 65 -16.99 52.87 18.60
C LYS B 65 -15.81 51.96 18.31
N ALA B 66 -15.02 51.70 19.34
CA ALA B 66 -13.89 50.80 19.22
C ALA B 66 -14.37 49.35 19.30
N VAL B 67 -13.87 48.51 18.40
CA VAL B 67 -14.33 47.13 18.30
C VAL B 67 -13.12 46.24 18.05
N ASN B 68 -13.12 45.05 18.65
CA ASN B 68 -12.21 44.00 18.22
C ASN B 68 -12.83 43.18 17.11
N ARG B 69 -11.99 42.65 16.24
CA ARG B 69 -12.44 42.14 14.96
C ARG B 69 -12.17 40.65 14.84
N LYS B 70 -13.03 39.98 14.09
CA LYS B 70 -12.86 38.56 13.84
C LYS B 70 -11.63 38.34 12.97
N THR B 71 -10.61 37.70 13.54
CA THR B 71 -9.31 37.59 12.90
C THR B 71 -9.07 36.16 12.49
N ILE B 72 -8.68 35.97 11.25
CA ILE B 72 -8.13 34.71 10.77
C ILE B 72 -6.68 35.02 10.41
N ASP B 73 -5.77 34.81 11.35
CA ASP B 73 -4.40 35.25 11.18
C ASP B 73 -3.54 34.06 10.81
N TYR B 74 -2.97 34.07 9.62
CA TYR B 74 -2.09 32.98 9.21
C TYR B 74 -0.73 33.05 9.85
N ASN B 75 -0.35 34.22 10.39
CA ASN B 75 0.97 34.41 10.97
C ASN B 75 1.31 33.47 12.12
N PRO B 76 0.42 33.15 13.08
CA PRO B 76 0.79 32.09 14.04
C PRO B 76 0.85 30.71 13.43
N SER B 77 0.34 30.53 12.22
CA SER B 77 0.52 29.24 11.57
C SER B 77 1.82 29.21 10.80
N VAL B 78 2.16 30.30 10.12
CA VAL B 78 3.34 30.33 9.27
C VAL B 78 4.61 30.32 10.10
N ILE B 79 4.63 31.09 11.21
CA ILE B 79 5.72 31.06 12.20
C ILE B 79 5.90 29.66 12.73
N LYS B 80 4.81 28.94 12.94
CA LYS B 80 4.88 27.60 13.46
C LYS B 80 5.56 26.67 12.48
N TYR B 81 5.31 26.86 11.18
CA TYR B 81 5.91 25.98 10.18
C TYR B 81 7.40 26.22 10.04
N LEU B 82 7.82 27.48 10.15
CA LEU B 82 9.24 27.83 10.08
C LEU B 82 9.97 27.18 11.25
N GLU B 83 9.37 27.23 12.44
CA GLU B 83 9.97 26.54 13.57
C GLU B 83 9.92 25.06 13.35
N ASN B 84 8.89 24.59 12.66
CA ASN B 84 8.78 23.16 12.42
C ASN B 84 9.82 22.67 11.42
N ARG B 85 9.79 23.18 10.18
CA ARG B 85 10.53 22.64 9.05
C ARG B 85 12.04 22.49 9.25
N ILE B 86 12.60 23.21 10.21
CA ILE B 86 13.94 22.96 10.69
C ILE B 86 14.10 21.52 11.14
N TRP B 87 13.29 21.08 12.08
CA TRP B 87 13.45 19.75 12.64
C TRP B 87 12.50 18.74 12.02
N GLN B 88 11.53 19.20 11.22
CA GLN B 88 10.75 18.35 10.35
C GLN B 88 11.52 18.05 9.08
N ARG B 89 11.49 16.79 8.63
CA ARG B 89 12.05 16.56 7.32
C ARG B 89 10.93 16.33 6.30
N ASP B 90 9.79 15.81 6.76
CA ASP B 90 8.67 15.49 5.89
C ASP B 90 7.39 15.87 6.62
N GLN B 91 6.27 15.34 6.12
CA GLN B 91 5.01 15.30 6.85
C GLN B 91 4.89 14.03 7.69
N ARG B 92 5.70 13.01 7.39
CA ARG B 92 5.80 11.80 8.20
C ARG B 92 6.56 12.03 9.48
N ASP B 93 7.08 13.23 9.66
CA ASP B 93 7.75 13.64 10.87
C ASP B 93 6.91 14.60 11.69
N MET B 94 5.71 14.94 11.22
CA MET B 94 4.94 16.02 11.83
C MET B 94 4.18 15.55 13.06
N ARG B 95 4.22 16.38 14.09
CA ARG B 95 3.40 16.20 15.27
C ARG B 95 1.94 16.47 14.94
N ALA B 96 1.06 15.60 15.45
CA ALA B 96 -0.33 15.60 15.06
C ALA B 96 -1.10 16.71 15.75
N ILE B 97 -2.04 17.31 15.02
CA ILE B 97 -2.88 18.37 15.56
C ILE B 97 -4.11 17.71 16.15
N GLN B 98 -4.03 17.28 17.40
CA GLN B 98 -5.07 16.46 18.02
C GLN B 98 -6.36 17.25 18.16
N PRO B 99 -7.49 16.61 17.91
CA PRO B 99 -8.75 17.35 17.85
C PRO B 99 -9.22 17.81 19.21
N ASP B 100 -8.76 19.00 19.59
CA ASP B 100 -9.24 19.72 20.75
C ASP B 100 -9.00 21.20 20.49
N ALA B 101 -9.73 22.05 21.22
CA ALA B 101 -9.55 23.49 21.04
C ALA B 101 -8.26 23.99 21.66
N GLY B 102 -7.58 23.19 22.48
CA GLY B 102 -6.30 23.58 23.04
C GLY B 102 -5.14 23.53 22.08
N TYR B 103 -5.31 22.88 20.93
CA TYR B 103 -4.25 22.68 19.95
C TYR B 103 -4.34 23.70 18.83
N TYR B 104 -4.73 24.91 19.20
CA TYR B 104 -4.76 26.06 18.30
C TYR B 104 -3.36 26.55 17.96
N ASN B 105 -2.35 26.16 18.75
CA ASN B 105 -0.96 26.46 18.45
C ASN B 105 -0.39 25.62 17.32
N ASP B 106 -0.75 24.34 17.23
CA ASP B 106 -0.08 23.43 16.32
C ASP B 106 -0.58 23.49 14.89
N LEU B 107 -1.31 24.53 14.49
CA LEU B 107 -1.70 24.67 13.09
C LEU B 107 -0.53 25.17 12.25
N VAL B 108 -0.27 24.48 11.16
CA VAL B 108 0.68 24.92 10.14
C VAL B 108 -0.14 25.20 8.89
N PRO B 109 0.36 26.05 7.97
CA PRO B 109 -0.41 26.33 6.76
C PRO B 109 -0.38 25.13 5.83
N PRO B 110 -1.14 25.11 4.72
CA PRO B 110 -1.19 23.88 3.91
C PRO B 110 0.11 23.49 3.23
N ILE B 111 1.13 24.33 3.26
CA ILE B 111 2.47 23.95 2.83
C ILE B 111 3.08 23.01 3.87
N GLY B 112 2.67 23.16 5.11
CA GLY B 112 3.17 22.30 6.15
C GLY B 112 2.65 20.88 6.02
N MET B 113 1.39 20.74 5.63
CA MET B 113 0.81 19.43 5.37
C MET B 113 0.44 19.31 3.89
N LEU B 114 1.48 19.02 3.12
CA LEU B 114 1.37 18.76 1.70
C LEU B 114 0.64 17.43 1.61
N ASN B 115 1.08 16.50 2.46
CA ASN B 115 0.44 15.20 2.61
C ASN B 115 -0.84 15.51 3.37
N ASN B 116 -1.92 14.82 3.10
CA ASN B 116 -3.15 15.20 3.80
C ASN B 116 -3.62 16.56 3.32
N PRO B 117 -4.12 16.69 2.10
CA PRO B 117 -4.67 17.96 1.65
C PRO B 117 -6.05 18.29 2.21
N MET B 118 -6.64 17.42 3.03
CA MET B 118 -7.93 17.72 3.66
C MET B 118 -7.84 18.78 4.74
N ASN B 119 -6.62 19.24 5.06
CA ASN B 119 -6.39 20.51 5.73
C ASN B 119 -7.28 21.61 5.21
N ALA B 120 -7.26 21.83 3.91
CA ALA B 120 -7.76 23.05 3.34
C ALA B 120 -9.21 22.94 2.92
N VAL B 121 -9.94 21.99 3.49
CA VAL B 121 -11.37 21.89 3.29
C VAL B 121 -11.97 22.96 4.20
N THR B 122 -12.19 24.13 3.63
CA THR B 122 -12.56 25.33 4.39
C THR B 122 -14.07 25.41 4.53
N THR B 123 -14.60 24.73 5.53
CA THR B 123 -16.03 24.76 5.80
C THR B 123 -16.38 25.64 6.98
N LYS B 124 -15.40 26.04 7.79
CA LYS B 124 -15.66 26.94 8.91
C LYS B 124 -15.95 28.33 8.37
N PHE B 125 -17.14 28.83 8.65
CA PHE B 125 -17.53 30.15 8.21
C PHE B 125 -16.85 31.23 9.03
N VAL B 126 -16.51 32.34 8.38
CA VAL B 126 -15.93 33.49 9.08
C VAL B 126 -16.81 34.72 8.98
N ARG B 127 -17.04 35.23 7.77
CA ARG B 127 -17.64 36.55 7.71
C ARG B 127 -18.34 36.79 6.39
N THR B 128 -19.64 37.07 6.46
CA THR B 128 -20.38 37.62 5.33
C THR B 128 -19.83 39.01 5.09
N SER B 129 -19.50 39.29 3.85
CA SER B 129 -18.93 40.57 3.49
C SER B 129 -19.84 41.21 2.45
N THR B 130 -20.74 42.08 2.91
CA THR B 130 -21.75 42.68 2.07
C THR B 130 -21.48 44.16 1.91
N ASN B 131 -21.97 44.72 0.82
CA ASN B 131 -21.81 46.15 0.61
C ASN B 131 -23.03 46.89 1.15
N LYS B 132 -23.05 48.20 0.90
CA LYS B 132 -24.21 49.00 1.27
C LYS B 132 -25.08 49.35 0.06
N VAL B 133 -24.72 48.89 -1.14
CA VAL B 133 -25.55 49.11 -2.31
C VAL B 133 -26.13 47.79 -2.83
N LYS B 134 -25.68 46.65 -2.30
CA LYS B 134 -26.29 45.33 -2.48
C LYS B 134 -26.35 44.91 -3.95
N CYS B 135 -25.21 44.74 -4.50
CA CYS B 135 -25.11 44.18 -5.84
C CYS B 135 -24.52 42.78 -5.79
N PRO B 136 -24.92 41.87 -6.68
CA PRO B 136 -24.39 40.50 -6.64
C PRO B 136 -22.97 40.46 -7.17
N VAL B 137 -22.10 39.84 -6.43
CA VAL B 137 -20.70 39.84 -6.81
C VAL B 137 -20.44 38.72 -7.81
N PHE B 138 -19.64 39.03 -8.83
CA PHE B 138 -19.35 38.07 -9.89
C PHE B 138 -17.94 37.51 -9.83
N VAL B 139 -16.93 38.35 -9.69
CA VAL B 139 -15.55 37.90 -9.65
C VAL B 139 -14.96 38.27 -8.31
N VAL B 140 -14.04 37.43 -7.87
CA VAL B 140 -13.39 37.54 -6.57
C VAL B 140 -11.94 37.20 -6.80
N ARG B 141 -11.03 38.10 -6.43
CA ARG B 141 -9.61 37.78 -6.45
C ARG B 141 -8.95 38.25 -5.18
N TRP B 142 -7.95 37.51 -4.75
CA TRP B 142 -7.02 38.00 -3.76
C TRP B 142 -5.88 38.72 -4.47
N THR B 143 -5.43 39.81 -3.87
CA THR B 143 -4.12 40.35 -4.18
C THR B 143 -3.07 39.27 -3.92
N PRO B 144 -2.10 39.08 -4.83
CA PRO B 144 -1.16 37.95 -4.67
C PRO B 144 -0.22 38.08 -3.50
N GLU B 145 -0.19 39.24 -2.85
CA GLU B 145 0.42 39.40 -1.55
C GLU B 145 -0.41 38.76 -0.44
N GLY B 146 -1.63 38.31 -0.73
CA GLY B 146 -2.53 37.83 0.30
C GLY B 146 -3.02 38.92 1.21
N ARG B 147 -2.99 40.15 0.74
CA ARG B 147 -3.18 41.31 1.60
C ARG B 147 -4.63 41.77 1.59
N ARG B 148 -5.26 41.75 0.44
CA ARG B 148 -6.62 42.21 0.39
C ARG B 148 -7.38 41.35 -0.62
N LEU B 149 -8.59 41.80 -0.98
CA LEU B 149 -9.43 41.02 -1.89
C LEU B 149 -10.37 41.84 -2.78
N VAL B 150 -9.91 42.27 -3.94
CA VAL B 150 -10.76 43.03 -4.84
C VAL B 150 -11.89 42.12 -5.31
N THR B 151 -13.10 42.69 -5.44
CA THR B 151 -14.30 41.91 -5.74
C THR B 151 -15.20 42.70 -6.65
N GLY B 152 -15.72 42.05 -7.69
CA GLY B 152 -16.48 42.73 -8.74
C GLY B 152 -17.96 42.49 -8.64
N ALA B 153 -18.73 43.58 -8.71
CA ALA B 153 -20.18 43.59 -8.57
C ALA B 153 -20.83 44.11 -9.85
N SER B 154 -22.15 43.96 -9.91
CA SER B 154 -22.92 44.27 -11.11
C SER B 154 -22.99 45.76 -11.42
N SER B 155 -22.81 46.63 -10.45
CA SER B 155 -22.76 48.06 -10.73
C SER B 155 -21.38 48.51 -11.17
N GLY B 156 -20.42 47.61 -11.23
CA GLY B 156 -19.08 47.94 -11.66
C GLY B 156 -18.18 48.45 -10.56
N GLU B 157 -18.26 47.90 -9.37
CA GLU B 157 -17.51 48.38 -8.23
C GLU B 157 -16.50 47.35 -7.79
N PHE B 158 -15.36 47.84 -7.33
CA PHE B 158 -14.30 47.00 -6.80
C PHE B 158 -14.15 47.31 -5.32
N THR B 159 -14.78 46.49 -4.49
CA THR B 159 -14.69 46.64 -3.05
C THR B 159 -13.50 45.82 -2.58
N LEU B 160 -12.53 46.49 -1.98
CA LEU B 160 -11.28 45.87 -1.57
C LEU B 160 -11.43 45.45 -0.12
N TRP B 161 -11.61 44.16 0.13
CA TRP B 161 -11.87 43.63 1.45
C TRP B 161 -10.55 43.22 2.07
N ASN B 162 -10.47 43.25 3.39
CA ASN B 162 -9.20 43.01 4.07
C ASN B 162 -8.87 41.52 4.06
N GLY B 163 -7.65 41.18 4.49
CA GLY B 163 -7.25 39.78 4.52
C GLY B 163 -7.16 39.09 5.88
N LEU B 164 -6.25 39.52 6.75
CA LEU B 164 -6.16 38.88 8.07
C LEU B 164 -7.41 39.10 8.91
N THR B 165 -7.87 40.34 8.92
CA THR B 165 -9.09 40.72 9.62
C THR B 165 -9.85 41.40 8.51
N PHE B 166 -11.10 41.02 8.31
CA PHE B 166 -11.80 41.60 7.18
C PHE B 166 -12.70 42.76 7.53
N ASN B 167 -12.41 43.92 6.94
CA ASN B 167 -13.30 45.04 7.13
C ASN B 167 -13.94 45.60 5.87
N PHE B 168 -13.19 46.43 5.16
CA PHE B 168 -13.49 47.10 3.91
C PHE B 168 -12.30 48.01 3.73
N GLU B 169 -11.82 48.30 2.52
CA GLU B 169 -10.75 49.28 2.46
C GLU B 169 -11.04 50.44 1.54
N THR B 170 -11.60 50.19 0.35
CA THR B 170 -12.10 51.28 -0.49
C THR B 170 -13.12 50.73 -1.48
N ILE B 171 -13.89 51.66 -2.04
CA ILE B 171 -14.79 51.38 -3.14
C ILE B 171 -14.18 52.04 -4.37
N LEU B 172 -14.59 51.57 -5.54
CA LEU B 172 -14.18 52.13 -6.82
C LEU B 172 -15.38 52.15 -7.74
N GLN B 173 -15.39 53.05 -8.71
CA GLN B 173 -16.37 52.99 -9.79
C GLN B 173 -15.52 52.66 -11.01
N ALA B 174 -15.27 51.37 -11.18
CA ALA B 174 -14.33 50.90 -12.19
C ALA B 174 -15.01 50.79 -13.56
N HIS B 175 -15.99 49.91 -13.66
CA HIS B 175 -16.62 49.58 -14.93
C HIS B 175 -17.99 50.25 -15.06
N ASP B 176 -18.34 50.59 -16.29
CA ASP B 176 -19.68 51.07 -16.61
C ASP B 176 -20.68 49.93 -16.79
N SER B 177 -20.25 48.69 -16.59
CA SER B 177 -21.01 47.50 -16.89
C SER B 177 -20.72 46.47 -15.79
N PRO B 178 -21.52 45.42 -15.62
CA PRO B 178 -21.22 44.40 -14.61
C PRO B 178 -19.90 43.70 -14.86
N VAL B 179 -19.08 43.64 -13.82
CA VAL B 179 -17.74 43.06 -13.92
C VAL B 179 -17.89 41.57 -14.15
N ARG B 180 -17.08 41.00 -15.05
CA ARG B 180 -17.20 39.61 -15.44
C ARG B 180 -15.93 38.81 -15.30
N ALA B 181 -14.77 39.47 -15.17
CA ALA B 181 -13.48 38.81 -15.25
C ALA B 181 -12.44 39.59 -14.47
N MET B 182 -11.54 38.88 -13.82
CA MET B 182 -10.50 39.53 -13.01
C MET B 182 -9.37 38.56 -12.77
N THR B 183 -8.17 38.91 -13.22
CA THR B 183 -6.96 38.12 -12.99
C THR B 183 -5.79 39.04 -12.78
N TRP B 184 -4.85 38.56 -11.97
CA TRP B 184 -3.58 39.22 -11.73
C TRP B 184 -2.52 38.61 -12.65
N SER B 185 -1.27 39.00 -12.44
CA SER B 185 -0.19 38.45 -13.25
C SER B 185 0.54 37.33 -12.50
N HIS B 186 1.70 36.96 -13.02
CA HIS B 186 2.54 35.96 -12.35
C HIS B 186 3.51 36.60 -11.37
N ASN B 187 3.99 37.79 -11.68
CA ASN B 187 4.45 38.75 -10.69
C ASN B 187 3.24 39.54 -10.17
N ASP B 188 3.45 40.38 -9.15
CA ASP B 188 2.28 41.07 -8.61
C ASP B 188 1.88 42.29 -9.41
N MET B 189 2.44 42.49 -10.60
CA MET B 189 2.42 43.83 -11.19
C MET B 189 1.05 44.22 -11.67
N TRP B 190 0.50 43.49 -12.63
CA TRP B 190 -0.66 43.97 -13.34
C TRP B 190 -1.88 43.12 -13.07
N MET B 191 -3.02 43.77 -12.89
CA MET B 191 -4.30 43.10 -12.74
C MET B 191 -5.13 43.37 -13.98
N LEU B 192 -5.77 42.34 -14.49
CA LEU B 192 -6.61 42.45 -15.68
C LEU B 192 -8.06 42.36 -15.24
N THR B 193 -8.92 43.20 -15.83
CA THR B 193 -10.35 43.08 -15.59
C THR B 193 -11.11 43.14 -16.91
N ALA B 194 -12.39 42.79 -16.86
CA ALA B 194 -13.27 42.84 -18.01
C ALA B 194 -14.71 42.82 -17.56
N ASP B 195 -15.61 43.19 -18.47
CA ASP B 195 -16.99 43.34 -18.07
C ASP B 195 -18.00 42.94 -19.15
N HIS B 196 -19.26 43.24 -18.90
CA HIS B 196 -20.34 43.07 -19.85
C HIS B 196 -20.27 44.05 -21.02
N GLY B 197 -19.57 45.17 -20.87
CA GLY B 197 -19.58 46.21 -21.88
C GLY B 197 -18.61 45.95 -23.00
N GLY B 198 -17.47 45.36 -22.66
CA GLY B 198 -16.47 45.07 -23.66
C GLY B 198 -15.16 45.77 -23.36
N TYR B 199 -15.06 46.40 -22.20
CA TYR B 199 -13.91 47.20 -21.84
C TYR B 199 -12.98 46.41 -20.92
N VAL B 200 -11.69 46.48 -21.22
CA VAL B 200 -10.66 45.82 -20.44
C VAL B 200 -9.73 46.87 -19.88
N LYS B 201 -9.55 46.88 -18.56
CA LYS B 201 -8.67 47.80 -17.89
C LYS B 201 -7.49 47.07 -17.29
N TYR B 202 -6.36 47.75 -17.24
CA TYR B 202 -5.20 47.32 -16.48
C TYR B 202 -5.25 47.94 -15.10
N TRP B 203 -4.87 47.18 -14.10
CA TRP B 203 -4.82 47.69 -12.74
C TRP B 203 -3.48 47.35 -12.13
N GLN B 204 -2.94 48.29 -11.37
CA GLN B 204 -1.73 48.11 -10.60
C GLN B 204 -2.01 47.33 -9.32
N SER B 205 -1.06 47.40 -8.38
CA SER B 205 -1.31 46.92 -7.03
C SER B 205 -2.05 47.95 -6.18
N ASN B 206 -1.80 49.23 -6.40
CA ASN B 206 -2.53 50.29 -5.72
C ASN B 206 -3.82 50.68 -6.44
N MET B 207 -4.23 49.89 -7.42
CA MET B 207 -5.51 50.02 -8.13
C MET B 207 -5.59 51.34 -8.89
N ASN B 208 -4.57 51.64 -9.68
CA ASN B 208 -4.59 52.84 -10.52
C ASN B 208 -5.30 52.53 -11.82
N ASN B 209 -6.07 53.50 -12.32
CA ASN B 209 -6.76 53.29 -13.58
C ASN B 209 -5.83 53.64 -14.72
N VAL B 210 -5.68 52.68 -15.63
CA VAL B 210 -4.72 52.73 -16.72
C VAL B 210 -5.60 52.85 -17.97
N LYS B 211 -4.98 53.03 -19.15
CA LYS B 211 -5.68 53.08 -20.43
C LYS B 211 -6.60 51.87 -20.65
N MET B 212 -7.85 52.16 -20.97
CA MET B 212 -8.89 51.17 -21.18
C MET B 212 -9.26 51.12 -22.66
N PHE B 213 -9.73 49.96 -23.10
CA PHE B 213 -9.95 49.77 -24.53
C PHE B 213 -11.05 48.74 -24.76
N GLN B 214 -11.87 49.01 -25.77
CA GLN B 214 -12.98 48.13 -26.12
C GLN B 214 -12.42 46.89 -26.79
N ALA B 215 -12.26 45.84 -26.02
CA ALA B 215 -11.71 44.60 -26.55
C ALA B 215 -12.73 43.83 -27.38
N HIS B 216 -14.02 44.02 -27.11
CA HIS B 216 -15.06 43.21 -27.72
C HIS B 216 -16.32 44.04 -27.91
N LYS B 217 -17.03 43.77 -28.99
CA LYS B 217 -18.31 44.41 -29.22
C LYS B 217 -19.45 43.78 -28.42
N GLU B 218 -19.18 42.70 -27.71
CA GLU B 218 -20.21 42.09 -26.87
C GLU B 218 -19.50 41.57 -25.62
N ALA B 219 -20.27 41.02 -24.68
CA ALA B 219 -19.86 40.89 -23.29
C ALA B 219 -18.75 39.86 -23.11
N ILE B 220 -17.58 40.35 -22.67
CA ILE B 220 -16.47 39.50 -22.25
C ILE B 220 -16.90 38.68 -21.04
N ARG B 221 -16.36 37.49 -20.88
CA ARG B 221 -16.68 36.70 -19.70
C ARG B 221 -15.47 36.10 -18.99
N GLU B 222 -14.25 36.38 -19.46
CA GLU B 222 -13.03 35.80 -18.89
C GLU B 222 -11.83 36.56 -19.47
N ALA B 223 -10.67 36.47 -18.80
CA ALA B 223 -9.38 36.91 -19.32
C ALA B 223 -8.26 36.20 -18.58
N SER B 224 -7.51 35.33 -19.26
CA SER B 224 -6.36 34.67 -18.65
C SER B 224 -5.12 34.99 -19.45
N PHE B 225 -3.96 34.73 -18.84
CA PHE B 225 -2.74 35.47 -19.10
C PHE B 225 -1.56 34.52 -19.28
N SER B 226 -0.70 34.85 -20.26
CA SER B 226 0.47 34.05 -20.58
C SER B 226 1.48 34.10 -19.43
N PRO B 227 2.46 33.17 -19.40
CA PRO B 227 3.49 33.25 -18.36
C PRO B 227 4.48 34.39 -18.50
N THR B 228 3.98 35.62 -18.56
CA THR B 228 4.69 36.88 -18.74
C THR B 228 3.66 38.01 -18.72
N ASP B 229 4.16 39.21 -18.93
CA ASP B 229 3.35 40.40 -19.18
C ASP B 229 3.23 40.70 -20.67
N ASN B 230 3.06 39.69 -21.52
CA ASN B 230 3.04 40.01 -22.95
C ASN B 230 1.76 39.60 -23.65
N LYS B 231 0.99 38.66 -23.12
CA LYS B 231 -0.07 38.12 -23.96
C LYS B 231 -1.19 37.58 -23.08
N PHE B 232 -2.43 37.81 -23.50
CA PHE B 232 -3.59 37.31 -22.78
C PHE B 232 -4.76 37.20 -23.74
N ALA B 233 -5.82 36.53 -23.29
CA ALA B 233 -6.93 36.19 -24.17
C ALA B 233 -8.26 36.46 -23.49
N THR B 234 -9.15 37.16 -24.19
CA THR B 234 -10.49 37.45 -23.71
C THR B 234 -11.53 36.88 -24.66
N CYS B 235 -12.45 36.07 -24.14
CA CYS B 235 -13.56 35.55 -24.91
C CYS B 235 -14.82 36.33 -24.56
N SER B 236 -15.73 36.42 -25.51
CA SER B 236 -16.89 37.26 -25.30
C SER B 236 -18.15 36.56 -25.85
N ASP B 237 -19.24 37.32 -25.88
CA ASP B 237 -20.53 36.80 -26.28
C ASP B 237 -20.82 36.99 -27.77
N ASP B 238 -19.86 37.50 -28.53
CA ASP B 238 -19.92 37.38 -29.97
C ASP B 238 -19.43 36.03 -30.48
N GLY B 239 -18.82 35.24 -29.60
CA GLY B 239 -18.41 33.89 -29.92
C GLY B 239 -16.96 33.68 -30.25
N THR B 240 -16.14 34.73 -30.16
CA THR B 240 -14.74 34.65 -30.56
C THR B 240 -13.84 34.70 -29.35
N VAL B 241 -12.63 34.18 -29.51
CA VAL B 241 -11.57 34.34 -28.53
C VAL B 241 -10.50 35.20 -29.16
N ARG B 242 -10.34 36.42 -28.66
CA ARG B 242 -9.36 37.35 -29.21
C ARG B 242 -8.17 37.40 -28.26
N ILE B 243 -6.99 37.07 -28.77
CA ILE B 243 -5.75 37.08 -27.99
C ILE B 243 -5.09 38.43 -28.18
N TRP B 244 -4.63 39.03 -27.09
CA TRP B 244 -4.26 40.43 -27.09
C TRP B 244 -2.77 40.63 -26.88
N ASP B 245 -2.25 41.69 -27.47
CA ASP B 245 -0.96 42.20 -27.08
C ASP B 245 -1.12 43.02 -25.81
N PHE B 246 -0.18 42.81 -24.88
CA PHE B 246 -0.27 43.45 -23.57
C PHE B 246 0.00 44.94 -23.68
N LEU B 247 1.16 45.30 -24.24
CA LEU B 247 1.62 46.68 -24.16
C LEU B 247 0.99 47.58 -25.22
N ARG B 248 0.87 47.10 -26.45
CA ARG B 248 0.38 47.95 -27.53
C ARG B 248 -1.14 48.08 -27.55
N CYS B 249 -1.84 47.29 -26.73
CA CYS B 249 -3.30 47.14 -26.77
C CYS B 249 -3.78 46.76 -28.17
N HIS B 250 -3.00 45.92 -28.84
CA HIS B 250 -3.14 45.64 -30.25
C HIS B 250 -3.83 44.30 -30.46
N GLU B 251 -4.85 44.28 -31.30
CA GLU B 251 -5.59 43.05 -31.57
C GLU B 251 -4.73 42.12 -32.40
N GLU B 252 -4.19 41.08 -31.77
CA GLU B 252 -3.33 40.16 -32.48
C GLU B 252 -4.13 39.32 -33.48
N ARG B 253 -5.05 38.52 -32.98
CA ARG B 253 -5.81 37.64 -33.87
C ARG B 253 -7.15 37.28 -33.22
N ILE B 254 -8.08 36.91 -34.09
CA ILE B 254 -9.42 36.48 -33.70
C ILE B 254 -9.51 34.99 -33.98
N LEU B 255 -10.00 34.22 -33.02
CA LEU B 255 -10.10 32.78 -33.17
C LEU B 255 -11.56 32.42 -33.46
N ARG B 256 -11.97 32.57 -34.71
CA ARG B 256 -13.35 32.32 -35.08
C ARG B 256 -13.61 30.83 -35.25
N GLY B 257 -14.80 30.52 -35.76
CA GLY B 257 -15.20 29.14 -35.95
C GLY B 257 -15.62 28.42 -34.69
N HIS B 258 -16.49 29.02 -33.89
CA HIS B 258 -16.81 28.45 -32.58
C HIS B 258 -18.30 28.21 -32.40
N GLY B 259 -19.15 29.04 -33.00
CA GLY B 259 -20.55 28.74 -33.13
C GLY B 259 -21.51 29.58 -32.30
N ALA B 260 -21.21 29.74 -31.01
CA ALA B 260 -22.04 30.54 -30.14
C ALA B 260 -21.14 31.16 -29.10
N ASP B 261 -21.75 31.81 -28.11
CA ASP B 261 -21.01 32.59 -27.13
C ASP B 261 -20.14 31.70 -26.23
N VAL B 262 -18.84 31.96 -26.27
CA VAL B 262 -17.84 31.33 -25.42
C VAL B 262 -17.65 32.17 -24.16
N LYS B 263 -17.78 31.52 -23.01
CA LYS B 263 -17.84 32.24 -21.74
C LYS B 263 -16.69 31.96 -20.79
N CYS B 264 -15.68 31.21 -21.21
CA CYS B 264 -14.46 31.08 -20.40
C CYS B 264 -13.26 30.87 -21.31
N VAL B 265 -12.10 31.26 -20.81
CA VAL B 265 -10.81 31.15 -21.49
C VAL B 265 -9.75 30.78 -20.47
N ASP B 266 -8.96 29.77 -20.77
CA ASP B 266 -7.83 29.47 -19.91
C ASP B 266 -6.58 29.63 -20.74
N TRP B 267 -5.43 29.73 -20.08
CA TRP B 267 -4.13 29.70 -20.73
C TRP B 267 -3.24 28.72 -19.99
N HIS B 268 -2.59 27.84 -20.74
CA HIS B 268 -1.76 26.80 -20.14
C HIS B 268 -0.47 27.42 -19.61
N PRO B 269 -0.04 27.05 -18.40
CA PRO B 269 1.02 27.81 -17.71
C PRO B 269 2.37 27.87 -18.42
N THR B 270 2.67 26.90 -19.29
CA THR B 270 3.90 26.90 -20.08
C THR B 270 3.66 26.85 -21.58
N LYS B 271 2.91 25.86 -22.06
CA LYS B 271 2.97 25.42 -23.45
C LYS B 271 2.29 26.36 -24.43
N GLY B 272 1.60 27.39 -23.96
CA GLY B 272 0.88 28.25 -24.88
C GLY B 272 -0.32 27.56 -25.49
N LEU B 273 -1.32 27.26 -24.67
CA LEU B 273 -2.58 26.70 -25.12
C LEU B 273 -3.71 27.51 -24.54
N VAL B 274 -4.60 27.97 -25.41
CA VAL B 274 -5.81 28.66 -24.98
C VAL B 274 -6.94 27.64 -25.06
N VAL B 275 -7.51 27.32 -23.91
CA VAL B 275 -8.64 26.39 -23.82
C VAL B 275 -9.89 27.24 -23.61
N SER B 276 -11.01 26.82 -24.18
CA SER B 276 -12.25 27.57 -24.06
C SER B 276 -13.39 26.63 -23.71
N GLY B 277 -14.52 27.20 -23.29
CA GLY B 277 -15.73 26.46 -23.07
C GLY B 277 -16.94 27.19 -23.62
N SER B 278 -18.00 26.44 -23.92
CA SER B 278 -19.02 27.04 -24.75
C SER B 278 -20.43 26.69 -24.28
N LYS B 279 -21.37 27.52 -24.71
CA LYS B 279 -22.78 27.19 -24.75
C LYS B 279 -23.13 26.36 -25.96
N ASP B 280 -22.38 26.50 -27.06
CA ASP B 280 -22.61 25.72 -28.27
C ASP B 280 -22.27 24.26 -28.05
N SER B 281 -23.27 23.39 -28.19
CA SER B 281 -23.07 21.97 -27.95
C SER B 281 -22.26 21.30 -29.06
N GLN B 282 -22.13 21.93 -30.22
CA GLN B 282 -21.36 21.32 -31.30
C GLN B 282 -19.87 21.52 -31.12
N GLN B 283 -19.44 22.68 -30.62
CA GLN B 283 -18.01 22.98 -30.43
C GLN B 283 -17.76 23.41 -28.98
N PRO B 284 -17.91 22.49 -28.00
CA PRO B 284 -17.91 22.93 -26.60
C PRO B 284 -16.56 23.32 -26.05
N ILE B 285 -15.52 22.51 -26.24
CA ILE B 285 -14.18 22.79 -25.74
C ILE B 285 -13.22 22.82 -26.92
N LYS B 286 -12.60 23.96 -27.14
CA LYS B 286 -11.64 24.14 -28.21
C LYS B 286 -10.28 24.41 -27.59
N PHE B 287 -9.28 23.63 -27.98
CA PHE B 287 -7.91 24.06 -27.72
C PHE B 287 -7.52 24.99 -28.86
N TRP B 288 -6.52 25.81 -28.64
CA TRP B 288 -6.12 26.75 -29.67
C TRP B 288 -4.61 26.75 -29.80
N ASP B 289 -4.15 27.55 -30.76
CA ASP B 289 -2.73 27.75 -31.06
C ASP B 289 -2.52 29.25 -31.19
N PRO B 290 -1.93 29.90 -30.18
CA PRO B 290 -1.97 31.37 -30.13
C PRO B 290 -1.11 32.07 -31.16
N LYS B 291 0.00 31.47 -31.58
CA LYS B 291 0.86 32.13 -32.55
C LYS B 291 0.28 32.08 -33.96
N THR B 292 -0.37 30.97 -34.31
CA THR B 292 -0.90 30.78 -35.65
C THR B 292 -2.33 31.22 -35.81
N GLY B 293 -3.21 30.82 -34.91
CA GLY B 293 -4.62 31.12 -35.02
C GLY B 293 -5.48 29.94 -35.40
N GLN B 294 -4.90 28.75 -35.53
CA GLN B 294 -5.65 27.60 -36.00
C GLN B 294 -6.23 26.82 -34.82
N SER B 295 -7.39 26.20 -35.06
CA SER B 295 -8.00 25.31 -34.08
C SER B 295 -7.15 24.06 -33.90
N LEU B 296 -6.55 23.91 -32.72
CA LEU B 296 -5.69 22.78 -32.50
C LEU B 296 -6.49 21.51 -32.23
N ALA B 297 -7.55 21.60 -31.43
CA ALA B 297 -8.36 20.43 -31.13
C ALA B 297 -9.79 20.86 -30.83
N THR B 298 -10.64 19.86 -30.62
CA THR B 298 -12.03 20.06 -30.22
C THR B 298 -12.41 18.88 -29.35
N LEU B 299 -12.96 19.16 -28.18
CA LEU B 299 -13.26 18.12 -27.20
C LEU B 299 -14.74 18.19 -26.84
N HIS B 300 -15.49 17.18 -27.26
CA HIS B 300 -16.92 17.11 -26.99
C HIS B 300 -17.10 16.51 -25.61
N ALA B 301 -17.49 17.34 -24.64
CA ALA B 301 -17.46 16.98 -23.23
C ALA B 301 -18.81 17.06 -22.55
N HIS B 302 -19.59 18.10 -22.83
CA HIS B 302 -20.76 18.40 -22.03
C HIS B 302 -22.00 18.62 -22.90
N LYS B 303 -23.16 18.36 -22.28
CA LYS B 303 -24.41 18.47 -22.99
C LYS B 303 -24.83 19.92 -23.19
N ASN B 304 -24.55 20.77 -22.22
CA ASN B 304 -24.87 22.19 -22.37
C ASN B 304 -23.96 23.06 -21.53
N THR B 305 -23.50 24.16 -22.15
CA THR B 305 -23.17 25.42 -21.50
C THR B 305 -22.05 25.23 -20.46
N VAL B 306 -20.86 24.92 -20.97
CA VAL B 306 -19.66 24.86 -20.13
C VAL B 306 -19.42 26.21 -19.46
N MET B 307 -19.31 26.20 -18.14
CA MET B 307 -19.23 27.49 -17.46
C MET B 307 -17.80 27.96 -17.30
N GLU B 308 -16.97 27.26 -16.52
CA GLU B 308 -15.63 27.73 -16.23
C GLU B 308 -14.61 26.61 -16.41
N VAL B 309 -13.46 26.98 -16.97
CA VAL B 309 -12.42 26.04 -17.37
C VAL B 309 -11.11 26.48 -16.73
N LYS B 310 -10.48 25.58 -15.98
CA LYS B 310 -9.24 25.89 -15.28
C LYS B 310 -8.27 24.72 -15.45
N LEU B 311 -7.00 25.04 -15.75
CA LEU B 311 -5.91 24.09 -15.81
C LEU B 311 -5.10 24.14 -14.52
N ASN B 312 -4.44 23.05 -14.19
CA ASN B 312 -3.45 23.11 -13.11
C ASN B 312 -2.25 23.95 -13.50
N LEU B 313 -1.50 24.32 -12.46
CA LEU B 313 -0.18 24.87 -12.66
C LEU B 313 0.86 23.80 -12.92
N ASN B 314 0.52 22.51 -12.79
CA ASN B 314 1.50 21.50 -13.18
C ASN B 314 1.44 21.19 -14.67
N GLY B 315 0.38 21.63 -15.34
CA GLY B 315 0.32 21.64 -16.77
C GLY B 315 -0.37 20.49 -17.43
N ASN B 316 -0.89 19.53 -16.66
CA ASN B 316 -1.50 18.35 -17.23
C ASN B 316 -3.02 18.37 -17.27
N TRP B 317 -3.68 18.76 -16.20
CA TRP B 317 -5.07 18.45 -15.98
C TRP B 317 -5.93 19.61 -16.41
N LEU B 318 -6.94 19.32 -17.22
CA LEU B 318 -7.98 20.29 -17.54
C LEU B 318 -9.13 20.02 -16.60
N LEU B 319 -9.75 21.08 -16.11
CA LEU B 319 -10.93 20.98 -15.26
C LEU B 319 -12.01 21.90 -15.80
N THR B 320 -13.26 21.42 -15.80
CA THR B 320 -14.31 22.01 -16.61
C THR B 320 -15.63 21.99 -15.85
N ALA B 321 -16.14 23.17 -15.51
CA ALA B 321 -17.46 23.29 -14.92
C ALA B 321 -18.50 23.46 -16.02
N SER B 322 -19.71 22.97 -15.75
CA SER B 322 -20.71 22.86 -16.79
C SER B 322 -22.10 22.84 -16.18
N ARG B 323 -23.07 23.30 -16.96
CA ARG B 323 -24.46 23.37 -16.52
C ARG B 323 -25.18 22.03 -16.58
N ASP B 324 -24.48 20.91 -16.75
CA ASP B 324 -25.11 19.61 -16.61
C ASP B 324 -24.68 18.90 -15.33
N HIS B 325 -24.49 19.66 -14.26
CA HIS B 325 -24.26 19.20 -12.90
C HIS B 325 -22.93 18.47 -12.77
N LEU B 326 -21.91 18.86 -13.53
CA LEU B 326 -20.70 18.07 -13.64
C LEU B 326 -19.44 18.92 -13.70
N CYS B 327 -18.40 18.41 -13.05
CA CYS B 327 -17.02 18.85 -13.23
C CYS B 327 -16.23 17.65 -13.74
N LYS B 328 -15.35 17.89 -14.70
CA LYS B 328 -14.66 16.79 -15.36
C LYS B 328 -13.17 17.08 -15.44
N LEU B 329 -12.36 16.05 -15.17
CA LEU B 329 -10.95 16.10 -15.51
C LEU B 329 -10.67 15.54 -16.89
N PHE B 330 -9.84 16.28 -17.63
CA PHE B 330 -9.27 15.82 -18.89
C PHE B 330 -7.77 15.99 -18.80
N ASP B 331 -7.03 14.92 -19.03
CA ASP B 331 -5.60 15.06 -19.27
C ASP B 331 -5.43 15.65 -20.66
N ILE B 332 -4.77 16.80 -20.76
CA ILE B 332 -4.73 17.50 -22.04
C ILE B 332 -3.80 16.88 -23.06
N ARG B 333 -2.99 15.91 -22.66
CA ARG B 333 -2.18 15.21 -23.63
C ARG B 333 -2.86 13.95 -24.15
N ASN B 334 -4.10 13.70 -23.73
CA ASN B 334 -4.85 12.54 -24.20
C ASN B 334 -6.32 12.92 -24.16
N LEU B 335 -6.82 13.43 -25.28
CA LEU B 335 -8.21 13.88 -25.37
C LEU B 335 -9.14 12.78 -25.85
N LYS B 336 -8.60 11.63 -26.27
CA LYS B 336 -9.44 10.52 -26.70
C LYS B 336 -10.21 9.93 -25.54
N GLU B 337 -9.52 9.60 -24.46
CA GLU B 337 -10.19 9.08 -23.27
C GLU B 337 -10.67 10.25 -22.41
N GLU B 338 -10.94 9.95 -21.15
CA GLU B 338 -11.48 10.91 -20.22
C GLU B 338 -11.12 10.43 -18.82
N LEU B 339 -10.68 11.35 -17.97
CA LEU B 339 -10.44 11.00 -16.57
C LEU B 339 -11.76 11.00 -15.82
N GLN B 340 -11.70 11.10 -14.50
CA GLN B 340 -12.90 11.03 -13.70
C GLN B 340 -13.77 12.28 -13.88
N VAL B 341 -15.07 12.07 -13.75
CA VAL B 341 -16.05 13.14 -13.65
C VAL B 341 -16.36 13.31 -12.18
N PHE B 342 -17.00 14.42 -11.85
CA PHE B 342 -17.27 14.74 -10.46
C PHE B 342 -18.77 14.97 -10.28
N ARG B 343 -19.42 14.04 -9.60
CA ARG B 343 -20.85 14.07 -9.41
C ARG B 343 -21.19 14.38 -7.97
N GLY B 344 -22.21 15.19 -7.76
CA GLY B 344 -22.57 15.61 -6.43
C GLY B 344 -23.16 17.01 -6.39
N HIS B 345 -23.08 17.74 -7.49
CA HIS B 345 -23.71 19.04 -7.55
C HIS B 345 -25.16 18.90 -7.94
N LYS B 346 -26.05 19.12 -6.99
CA LYS B 346 -27.46 18.81 -7.17
C LYS B 346 -28.13 19.80 -8.10
N LYS B 347 -27.54 20.97 -8.28
CA LYS B 347 -27.86 21.81 -9.43
C LYS B 347 -26.54 22.11 -10.13
N GLU B 348 -26.53 23.11 -11.00
CA GLU B 348 -25.45 23.33 -11.94
C GLU B 348 -24.19 23.83 -11.24
N ALA B 349 -23.03 23.37 -11.71
CA ALA B 349 -21.73 23.73 -11.15
C ALA B 349 -21.16 24.91 -11.92
N THR B 350 -21.11 26.08 -11.27
CA THR B 350 -20.87 27.34 -11.97
C THR B 350 -19.54 27.99 -11.63
N ALA B 351 -18.78 27.46 -10.67
CA ALA B 351 -17.52 28.10 -10.30
C ALA B 351 -16.56 27.05 -9.77
N VAL B 352 -15.30 27.20 -10.14
CA VAL B 352 -14.25 26.20 -9.92
C VAL B 352 -12.95 26.95 -9.67
N ALA B 353 -12.20 26.55 -8.64
CA ALA B 353 -10.91 27.14 -8.35
C ALA B 353 -9.97 26.09 -7.79
N TRP B 354 -8.85 25.86 -8.47
CA TRP B 354 -7.85 24.91 -8.01
C TRP B 354 -7.17 25.39 -6.76
N HIS B 355 -6.75 24.45 -5.95
CA HIS B 355 -6.08 24.89 -4.74
C HIS B 355 -4.64 25.27 -5.09
N PRO B 356 -4.10 26.35 -4.50
CA PRO B 356 -2.74 26.78 -4.87
C PRO B 356 -1.64 25.82 -4.43
N VAL B 357 -1.51 25.54 -3.15
CA VAL B 357 -0.37 24.74 -2.71
C VAL B 357 -0.67 23.26 -2.66
N HIS B 358 -1.86 22.83 -3.02
CA HIS B 358 -2.23 21.43 -3.16
C HIS B 358 -2.71 21.27 -4.60
N GLU B 359 -1.92 20.59 -5.43
CA GLU B 359 -2.50 20.08 -6.65
C GLU B 359 -3.29 18.85 -6.26
N GLY B 360 -4.36 18.60 -6.96
CA GLY B 360 -5.19 17.51 -6.56
C GLY B 360 -6.54 17.99 -6.11
N LEU B 361 -6.58 18.94 -5.19
CA LEU B 361 -7.87 19.41 -4.66
C LEU B 361 -8.31 20.80 -5.11
N PHE B 362 -9.62 20.98 -5.20
CA PHE B 362 -10.20 22.23 -5.65
C PHE B 362 -11.55 22.36 -5.02
N ALA B 363 -12.09 23.56 -5.09
CA ALA B 363 -13.43 23.82 -4.61
C ALA B 363 -14.32 24.10 -5.80
N SER B 364 -15.59 23.77 -5.66
CA SER B 364 -16.48 23.76 -6.80
C SER B 364 -17.81 24.32 -6.39
N GLY B 365 -18.20 25.42 -7.01
CA GLY B 365 -19.41 26.14 -6.66
C GLY B 365 -20.63 25.47 -7.26
N GLY B 366 -21.80 25.99 -6.92
CA GLY B 366 -23.05 25.49 -7.44
C GLY B 366 -23.98 26.65 -7.79
N SER B 367 -24.96 26.35 -8.64
CA SER B 367 -25.95 27.36 -8.95
C SER B 367 -27.03 27.44 -7.88
N ASP B 368 -27.14 26.42 -7.04
CA ASP B 368 -27.92 26.46 -5.82
C ASP B 368 -27.11 26.98 -4.64
N GLY B 369 -25.97 27.61 -4.90
CA GLY B 369 -25.08 28.03 -3.84
C GLY B 369 -24.40 26.90 -3.10
N SER B 370 -24.45 25.69 -3.65
CA SER B 370 -23.77 24.56 -3.06
C SER B 370 -22.27 24.69 -3.24
N LEU B 371 -21.52 24.51 -2.16
CA LEU B 371 -20.08 24.75 -2.18
C LEU B 371 -19.40 23.42 -1.84
N LEU B 372 -18.81 22.78 -2.82
CA LEU B 372 -18.27 21.44 -2.64
C LEU B 372 -16.78 21.41 -2.91
N PHE B 373 -16.10 20.45 -2.28
CA PHE B 373 -14.65 20.30 -2.35
C PHE B 373 -14.34 18.92 -2.88
N TRP B 374 -13.42 18.82 -3.83
CA TRP B 374 -13.10 17.56 -4.49
C TRP B 374 -11.64 17.23 -4.26
N HIS B 375 -11.18 16.18 -4.92
CA HIS B 375 -9.78 15.79 -4.94
C HIS B 375 -9.55 14.80 -6.06
N VAL B 376 -8.42 14.91 -6.75
CA VAL B 376 -8.13 14.02 -7.86
C VAL B 376 -7.71 12.65 -7.32
N GLY B 377 -8.40 11.62 -7.77
CA GLY B 377 -8.25 10.28 -7.22
C GLY B 377 -9.36 9.89 -6.27
N VAL B 378 -10.21 10.84 -5.89
CA VAL B 378 -11.31 10.64 -4.95
C VAL B 378 -12.61 10.97 -5.67
N GLU B 379 -13.52 10.00 -5.69
CA GLU B 379 -14.65 10.03 -6.62
C GLU B 379 -15.77 10.94 -6.12
N LYS B 380 -16.10 10.85 -4.84
CA LYS B 380 -17.11 11.71 -4.27
C LYS B 380 -16.46 12.88 -3.55
N GLU B 381 -17.27 13.89 -3.24
CA GLU B 381 -16.70 15.13 -2.76
C GLU B 381 -16.33 15.01 -1.29
N VAL B 382 -15.60 16.01 -0.80
CA VAL B 382 -15.18 15.97 0.58
C VAL B 382 -15.99 16.95 1.42
N GLY B 383 -15.91 18.23 1.10
CA GLY B 383 -16.58 19.21 1.92
C GLY B 383 -18.01 19.33 1.46
N GLY B 384 -18.79 20.08 2.21
CA GLY B 384 -20.15 20.28 1.77
C GLY B 384 -20.83 21.41 2.48
N MET B 385 -21.41 22.29 1.68
CA MET B 385 -22.37 23.28 2.10
C MET B 385 -23.52 23.27 1.10
N GLU B 386 -24.72 22.96 1.56
CA GLU B 386 -25.88 23.01 0.68
C GLU B 386 -27.03 23.73 1.37
N MET B 387 -27.71 24.60 0.60
CA MET B 387 -28.73 25.56 1.00
C MET B 387 -28.10 26.53 2.00
N ALA B 388 -26.77 26.67 1.89
CA ALA B 388 -25.93 27.18 2.95
C ALA B 388 -25.27 28.48 2.55
N HIS B 389 -24.47 28.47 1.49
CA HIS B 389 -24.21 29.70 0.77
C HIS B 389 -25.44 29.93 -0.08
N GLU B 390 -26.19 30.99 0.22
CA GLU B 390 -27.48 31.19 -0.42
C GLU B 390 -27.34 31.98 -1.70
N GLY B 391 -27.91 31.44 -2.78
CA GLY B 391 -27.82 32.10 -4.06
C GLY B 391 -27.17 31.23 -5.13
N MET B 392 -26.42 31.86 -6.03
CA MET B 392 -25.78 31.19 -7.15
C MET B 392 -24.32 31.61 -7.14
N ILE B 393 -23.42 30.67 -6.91
CA ILE B 393 -22.00 30.98 -6.74
C ILE B 393 -21.40 31.34 -8.09
N TRP B 394 -20.85 32.52 -8.20
CA TRP B 394 -20.24 32.94 -9.46
C TRP B 394 -18.75 32.64 -9.53
N SER B 395 -18.00 32.79 -8.45
CA SER B 395 -16.56 32.59 -8.53
C SER B 395 -16.01 32.20 -7.17
N LEU B 396 -14.85 31.56 -7.20
CA LEU B 396 -14.10 31.29 -5.97
C LEU B 396 -12.68 31.77 -6.13
N ALA B 397 -12.03 31.99 -5.00
CA ALA B 397 -10.65 32.47 -5.00
C ALA B 397 -10.02 32.10 -3.67
N TRP B 398 -9.10 31.17 -3.71
CA TRP B 398 -8.33 30.86 -2.52
C TRP B 398 -7.36 32.00 -2.23
N HIS B 399 -7.10 32.21 -0.94
CA HIS B 399 -5.94 32.97 -0.50
C HIS B 399 -4.65 32.34 -1.06
N PRO B 400 -3.61 33.17 -1.25
CA PRO B 400 -2.38 32.61 -1.83
C PRO B 400 -1.90 31.49 -0.93
N LEU B 401 -1.91 31.70 0.38
CA LEU B 401 -1.62 30.58 1.26
C LEU B 401 -2.94 29.82 1.08
N GLY B 402 -2.89 28.53 0.82
CA GLY B 402 -4.18 27.92 0.54
C GLY B 402 -5.06 27.64 1.74
N HIS B 403 -5.21 28.59 2.65
CA HIS B 403 -5.82 28.29 3.92
C HIS B 403 -7.15 28.97 4.15
N ILE B 404 -7.56 29.92 3.32
CA ILE B 404 -8.86 30.55 3.51
C ILE B 404 -9.45 30.89 2.15
N LEU B 405 -10.68 30.47 1.95
CA LEU B 405 -11.34 30.50 0.66
C LEU B 405 -12.40 31.60 0.65
N CYS B 406 -12.67 32.15 -0.52
CA CYS B 406 -13.73 33.13 -0.65
C CYS B 406 -14.90 32.53 -1.43
N SER B 407 -15.89 33.36 -1.73
CA SER B 407 -17.09 32.94 -2.44
C SER B 407 -17.73 34.15 -3.12
N GLY B 408 -18.87 33.94 -3.77
CA GLY B 408 -19.64 35.07 -4.25
C GLY B 408 -20.98 34.71 -4.84
N SER B 409 -22.07 35.34 -4.42
CA SER B 409 -23.40 34.86 -4.79
C SER B 409 -24.01 35.66 -5.93
N ASN B 410 -25.13 35.15 -6.43
CA ASN B 410 -26.08 35.97 -7.19
C ASN B 410 -27.01 36.71 -6.25
N ASP B 411 -27.09 36.26 -5.00
CA ASP B 411 -27.49 37.16 -3.94
C ASP B 411 -26.36 38.12 -3.66
N HIS B 412 -26.65 39.16 -2.90
CA HIS B 412 -25.78 40.32 -2.91
C HIS B 412 -24.57 40.19 -1.96
N THR B 413 -24.18 38.97 -1.59
CA THR B 413 -23.20 38.74 -0.53
C THR B 413 -22.00 37.98 -1.05
N SER B 414 -20.97 37.85 -0.21
CA SER B 414 -19.69 37.29 -0.62
C SER B 414 -18.91 36.77 0.58
N LYS B 415 -19.17 35.54 0.98
CA LYS B 415 -18.73 35.06 2.28
C LYS B 415 -17.28 34.58 2.20
N PHE B 416 -16.68 34.37 3.38
CA PHE B 416 -15.28 33.98 3.53
C PHE B 416 -15.24 32.69 4.30
N TRP B 417 -14.28 31.82 4.00
CA TRP B 417 -14.29 30.45 4.51
C TRP B 417 -12.90 30.03 4.94
N THR B 418 -12.68 29.89 6.24
CA THR B 418 -11.39 29.43 6.72
C THR B 418 -11.44 27.94 7.01
N ARG B 419 -10.29 27.38 7.33
CA ARG B 419 -10.20 25.97 7.65
C ARG B 419 -10.90 25.67 8.95
N ASN B 420 -11.33 24.42 9.12
CA ASN B 420 -11.94 23.99 10.37
C ASN B 420 -10.91 24.01 11.48
N ARG B 421 -11.28 24.58 12.59
CA ARG B 421 -10.41 24.61 13.74
C ARG B 421 -10.36 23.23 14.39
N PRO B 422 -9.28 22.89 15.09
CA PRO B 422 -9.20 21.58 15.72
C PRO B 422 -10.16 21.43 16.89
N GLY B 423 -10.91 20.33 16.88
CA GLY B 423 -11.70 19.93 18.01
C GLY B 423 -12.94 20.73 18.27
N ASP B 424 -13.39 21.53 17.31
CA ASP B 424 -14.69 22.16 17.41
C ASP B 424 -15.75 21.16 16.97
N LYS B 425 -17.00 21.48 17.25
CA LYS B 425 -18.11 20.68 16.76
C LYS B 425 -18.75 21.43 15.60
N MET B 426 -18.91 20.76 14.47
CA MET B 426 -19.59 21.36 13.34
C MET B 426 -21.11 21.23 13.54
N ARG B 427 -21.61 22.08 14.43
CA ARG B 427 -23.03 22.28 14.64
C ARG B 427 -23.51 23.52 13.92
N ASP B 428 -22.65 24.15 13.13
CA ASP B 428 -22.90 25.40 12.45
C ASP B 428 -23.99 25.20 11.40
N ARG B 429 -24.64 26.30 11.00
CA ARG B 429 -25.77 26.21 10.08
C ARG B 429 -25.36 25.81 8.67
N TYR B 430 -24.08 25.84 8.36
CA TYR B 430 -23.55 25.41 7.07
C TYR B 430 -23.22 23.93 7.04
N ASN B 431 -22.88 23.36 8.19
CA ASN B 431 -22.32 22.01 8.27
C ASN B 431 -23.35 20.99 8.72
N LEU B 432 -23.89 21.17 9.92
CA LEU B 432 -24.97 20.34 10.43
C LEU B 432 -25.95 21.27 11.12
N ASN B 433 -27.16 21.38 10.58
CA ASN B 433 -28.11 22.39 11.05
C ASN B 433 -28.63 22.09 12.45
N LEU B 434 -28.45 20.86 12.92
CA LEU B 434 -28.82 20.49 14.28
C LEU B 434 -27.92 21.15 15.31
N MET C 1 29.79 39.46 13.04
CA MET C 1 29.10 40.68 12.58
C MET C 1 29.23 40.98 11.08
N GLN C 2 29.89 40.10 10.31
CA GLN C 2 29.93 40.01 8.84
C GLN C 2 30.70 41.17 8.20
N GLU C 3 31.13 42.15 9.00
CA GLU C 3 31.82 43.30 8.41
C GLU C 3 33.24 43.40 8.92
N ILE C 4 33.65 42.48 9.79
CA ILE C 4 35.05 42.40 10.19
C ILE C 4 35.79 41.44 9.26
N ILE C 5 35.15 40.35 8.89
CA ILE C 5 35.83 39.27 8.19
C ILE C 5 35.62 39.42 6.69
N ALA C 6 34.39 39.30 6.23
CA ALA C 6 34.09 39.43 4.81
C ALA C 6 33.48 40.80 4.52
N SER C 7 34.32 41.82 4.62
CA SER C 7 33.87 43.18 4.34
C SER C 7 33.88 43.42 2.85
N VAL C 8 32.92 44.21 2.35
CA VAL C 8 32.82 44.53 0.93
C VAL C 8 32.68 46.05 0.70
N ASP C 9 33.15 46.86 1.64
CA ASP C 9 33.00 48.31 1.52
C ASP C 9 33.90 48.91 0.45
N HIS C 10 34.99 48.23 0.09
CA HIS C 10 35.91 48.73 -0.92
C HIS C 10 35.55 48.27 -2.32
N ILE C 11 34.59 47.37 -2.46
CA ILE C 11 34.17 46.87 -3.76
C ILE C 11 33.18 47.86 -4.34
N LYS C 12 33.40 48.27 -5.58
CA LYS C 12 32.36 48.89 -6.40
C LYS C 12 31.78 47.75 -7.23
N PHE C 13 30.67 47.18 -6.77
CA PHE C 13 30.00 46.11 -7.49
C PHE C 13 29.42 46.61 -8.80
N ASP C 14 29.15 45.68 -9.70
CA ASP C 14 28.34 46.02 -10.86
C ASP C 14 26.90 46.32 -10.49
N LEU C 15 26.46 45.84 -9.32
CA LEU C 15 25.12 46.15 -8.84
C LEU C 15 24.98 47.63 -8.48
N GLU C 16 26.01 48.23 -7.88
CA GLU C 16 25.90 49.65 -7.56
C GLU C 16 26.06 50.51 -8.80
N ILE C 17 26.83 50.04 -9.78
CA ILE C 17 26.94 50.73 -11.06
C ILE C 17 25.62 50.64 -11.82
N ALA C 18 24.89 49.53 -11.64
CA ALA C 18 23.60 49.34 -12.30
C ALA C 18 22.51 50.26 -11.78
N VAL C 19 22.69 50.90 -10.63
CA VAL C 19 21.61 51.67 -10.03
C VAL C 19 21.91 53.16 -9.87
N GLU C 20 23.10 53.62 -10.29
CA GLU C 20 23.37 55.05 -10.27
C GLU C 20 22.85 55.73 -11.53
N GLN C 21 23.38 55.33 -12.69
CA GLN C 21 22.87 55.77 -13.99
C GLN C 21 21.70 54.92 -14.47
N GLN C 22 21.20 54.03 -13.59
CA GLN C 22 19.95 53.26 -13.67
C GLN C 22 20.02 52.10 -14.68
N LEU C 23 21.08 52.09 -15.50
CA LEU C 23 21.47 51.03 -16.43
C LEU C 23 20.30 50.52 -17.29
N GLY C 24 19.79 51.40 -18.14
CA GLY C 24 18.77 51.01 -19.09
C GLY C 24 17.40 50.74 -18.50
N ALA C 25 16.84 51.71 -17.79
CA ALA C 25 15.45 51.66 -17.33
C ALA C 25 14.56 52.09 -18.48
N GLN C 26 13.62 51.24 -18.86
CA GLN C 26 12.75 51.53 -19.99
C GLN C 26 11.74 52.62 -19.63
N PRO C 27 11.48 53.57 -20.53
CA PRO C 27 10.41 54.54 -20.30
C PRO C 27 9.06 53.83 -20.25
N LEU C 28 8.44 53.87 -19.07
CA LEU C 28 7.35 53.01 -18.66
C LEU C 28 6.12 53.23 -19.54
N PRO C 29 5.34 52.18 -19.82
CA PRO C 29 4.19 52.34 -20.69
C PRO C 29 3.04 53.01 -19.94
N PHE C 30 2.00 53.38 -20.71
CA PHE C 30 0.71 53.82 -20.20
C PHE C 30 0.79 55.07 -19.32
N PRO C 31 0.88 56.28 -19.92
CA PRO C 31 1.23 57.50 -19.15
C PRO C 31 0.30 57.93 -18.02
N GLY C 32 -0.76 57.18 -17.74
CA GLY C 32 -1.58 57.44 -16.58
C GLY C 32 -1.21 56.58 -15.38
N MET C 33 0.06 56.22 -15.26
CA MET C 33 0.49 55.41 -14.14
C MET C 33 0.85 56.26 -12.93
N ASP C 34 1.54 55.63 -11.98
CA ASP C 34 1.75 56.14 -10.65
C ASP C 34 3.21 56.23 -10.23
N LYS C 35 4.11 55.50 -10.91
CA LYS C 35 5.54 55.34 -10.58
C LYS C 35 5.74 54.74 -9.19
N SER C 36 4.86 53.84 -8.77
CA SER C 36 4.90 53.29 -7.41
C SER C 36 6.00 52.25 -7.27
N GLY C 37 6.52 52.13 -6.04
CA GLY C 37 7.61 51.23 -5.74
C GLY C 37 8.96 51.70 -6.24
N ALA C 38 9.03 52.87 -6.85
CA ALA C 38 10.25 53.42 -7.42
C ALA C 38 10.77 54.54 -6.53
N ALA C 39 12.09 54.63 -6.42
CA ALA C 39 12.64 55.49 -5.37
C ALA C 39 12.69 56.95 -5.78
N VAL C 40 13.64 57.29 -6.66
CA VAL C 40 13.91 58.66 -7.08
C VAL C 40 14.91 58.55 -8.23
N CYS C 41 14.89 59.52 -9.13
CA CYS C 41 15.92 59.64 -10.16
C CYS C 41 16.84 60.79 -9.80
N GLU C 42 18.13 60.50 -9.70
CA GLU C 42 19.10 61.56 -9.40
C GLU C 42 19.33 62.50 -10.57
N PHE C 43 18.84 62.14 -11.76
CA PHE C 43 19.01 62.99 -12.93
C PHE C 43 18.13 64.24 -12.83
N PHE C 44 17.07 64.20 -12.01
CA PHE C 44 16.18 65.34 -11.88
C PHE C 44 16.64 66.31 -10.80
N LEU C 45 17.23 65.81 -9.71
CA LEU C 45 17.63 66.69 -8.62
C LEU C 45 18.84 67.53 -8.97
N LYS C 46 19.79 66.96 -9.72
CA LYS C 46 21.02 67.68 -10.04
C LYS C 46 20.83 68.60 -11.23
N ALA C 47 20.18 68.12 -12.28
CA ALA C 47 20.10 68.85 -13.55
C ALA C 47 18.77 68.48 -14.20
N ALA C 48 18.67 68.71 -15.50
CA ALA C 48 17.55 68.19 -16.27
C ALA C 48 17.65 66.68 -16.35
N CYS C 49 16.49 66.01 -16.21
CA CYS C 49 16.47 64.56 -16.17
C CYS C 49 16.55 63.94 -17.56
N GLY C 50 15.77 64.43 -18.51
CA GLY C 50 15.82 63.93 -19.87
C GLY C 50 14.47 63.52 -20.44
N LYS C 51 13.65 62.87 -19.64
CA LYS C 51 12.32 62.43 -20.05
C LYS C 51 11.26 62.93 -19.09
N GLY C 52 10.15 63.42 -19.64
CA GLY C 52 9.12 64.03 -18.83
C GLY C 52 7.79 63.31 -18.86
N GLY C 53 7.22 63.04 -17.69
CA GLY C 53 5.97 62.31 -17.59
C GLY C 53 6.16 60.82 -17.64
N MET C 54 6.55 60.29 -18.80
CA MET C 54 6.87 58.87 -18.94
C MET C 54 8.31 58.65 -18.52
N CYS C 55 8.50 58.47 -17.21
CA CYS C 55 9.80 58.19 -16.65
C CYS C 55 9.61 57.12 -15.58
N PRO C 56 10.57 56.23 -15.39
CA PRO C 56 10.42 55.22 -14.32
C PRO C 56 10.34 55.79 -12.91
N PHE C 57 11.35 56.50 -12.44
CA PHE C 57 11.49 56.77 -11.03
C PHE C 57 10.77 58.06 -10.66
N ARG C 58 10.84 58.43 -9.39
CA ARG C 58 9.96 59.47 -8.85
C ARG C 58 10.56 60.86 -8.98
N HIS C 59 9.70 61.84 -9.31
CA HIS C 59 10.06 63.25 -9.38
C HIS C 59 9.35 64.00 -8.26
N ILE C 60 10.13 64.66 -7.41
CA ILE C 60 9.65 65.31 -6.20
C ILE C 60 9.50 66.79 -6.46
N SER C 61 8.60 67.43 -5.71
CA SER C 61 8.44 68.87 -5.69
C SER C 61 8.40 69.36 -4.26
N GLY C 62 8.60 70.67 -4.08
CA GLY C 62 8.62 71.27 -2.77
C GLY C 62 7.22 71.57 -2.27
N GLU C 63 7.18 72.24 -1.11
CA GLU C 63 5.96 72.75 -0.47
C GLU C 63 4.95 71.65 -0.16
N LYS C 64 5.44 70.45 0.17
CA LYS C 64 4.60 69.38 0.67
C LYS C 64 4.83 69.26 2.18
N THR C 65 3.83 69.63 2.96
CA THR C 65 3.96 69.68 4.40
C THR C 65 3.21 68.59 5.14
N VAL C 66 2.31 67.87 4.47
CA VAL C 66 1.46 66.87 5.12
C VAL C 66 1.58 65.56 4.35
N VAL C 67 1.86 64.46 5.07
CA VAL C 67 2.00 63.18 4.39
C VAL C 67 0.62 62.65 3.97
N CYS C 68 0.64 61.76 2.98
CA CYS C 68 -0.59 61.30 2.33
C CYS C 68 -1.20 60.15 3.13
N LYS C 69 -2.49 60.26 3.45
CA LYS C 69 -3.12 59.25 4.30
C LYS C 69 -3.46 57.98 3.53
N HIS C 70 -3.79 58.10 2.23
CA HIS C 70 -4.12 56.94 1.42
C HIS C 70 -2.88 56.11 1.13
N TRP C 71 -1.76 56.79 0.99
CA TRP C 71 -0.49 56.21 0.56
C TRP C 71 0.06 55.20 1.54
N LEU C 72 -0.32 55.30 2.82
CA LEU C 72 0.19 54.39 3.84
C LEU C 72 -0.34 52.99 3.68
N ARG C 73 -1.61 52.84 3.31
CA ARG C 73 -2.21 51.54 3.09
C ARG C 73 -1.82 50.96 1.74
N GLY C 74 -1.25 51.77 0.86
CA GLY C 74 -0.84 51.32 -0.45
C GLY C 74 -1.85 51.59 -1.53
N LEU C 75 -2.44 52.77 -1.57
CA LEU C 75 -3.40 53.15 -2.59
C LEU C 75 -3.10 54.57 -3.03
N CYS C 76 -2.21 54.73 -3.99
CA CYS C 76 -1.86 56.06 -4.44
C CYS C 76 -2.20 56.20 -5.92
N LYS C 77 -3.40 56.69 -6.21
CA LYS C 77 -3.80 57.03 -7.56
C LYS C 77 -3.07 58.24 -8.11
N LYS C 78 -2.73 59.20 -7.25
CA LYS C 78 -2.15 60.44 -7.74
C LYS C 78 -0.69 60.27 -8.17
N GLY C 79 0.10 59.58 -7.36
CA GLY C 79 1.50 59.40 -7.72
C GLY C 79 2.29 60.68 -7.47
N ASP C 80 2.86 61.25 -8.54
CA ASP C 80 3.70 62.43 -8.36
C ASP C 80 2.97 63.73 -8.57
N GLN C 81 1.72 63.68 -9.05
CA GLN C 81 0.87 64.85 -9.02
C GLN C 81 0.09 64.96 -7.72
N CYS C 82 0.54 64.27 -6.68
CA CYS C 82 -0.05 64.29 -5.35
C CYS C 82 0.33 65.57 -4.63
N GLU C 83 -0.65 66.20 -4.00
CA GLU C 83 -0.43 67.40 -3.20
C GLU C 83 -0.02 67.09 -1.77
N PHE C 84 0.34 65.84 -1.47
CA PHE C 84 0.72 65.42 -0.14
C PHE C 84 2.00 64.61 -0.22
N LEU C 85 2.64 64.42 0.93
CA LEU C 85 4.00 63.91 0.98
C LEU C 85 3.98 62.39 1.13
N HIS C 86 5.07 61.75 0.73
CA HIS C 86 5.17 60.29 0.66
C HIS C 86 6.35 59.74 1.43
N GLU C 87 6.70 60.35 2.55
CA GLU C 87 7.73 59.79 3.41
C GLU C 87 7.08 58.92 4.47
N TYR C 88 7.83 58.68 5.54
CA TYR C 88 7.31 57.94 6.68
C TYR C 88 7.59 58.68 8.00
N ASP C 89 7.97 59.95 7.93
CA ASP C 89 8.18 60.73 9.14
C ASP C 89 6.89 60.94 9.91
N MET C 90 6.86 60.53 11.17
CA MET C 90 5.66 60.68 11.98
C MET C 90 5.57 62.05 12.65
N THR C 91 5.74 63.10 11.87
CA THR C 91 5.49 64.47 12.32
C THR C 91 4.67 65.28 11.35
N LYS C 92 4.48 64.82 10.12
CA LYS C 92 3.76 65.57 9.10
C LYS C 92 2.47 64.87 8.70
N MET C 93 1.72 64.36 9.67
CA MET C 93 0.45 63.73 9.40
C MET C 93 -0.67 64.76 9.49
N PRO C 94 -1.86 64.47 8.96
CA PRO C 94 -2.99 65.38 9.19
C PRO C 94 -3.45 65.34 10.64
N GLU C 95 -4.23 66.35 11.01
CA GLU C 95 -4.99 66.25 12.24
C GLU C 95 -6.05 65.15 12.09
N CYS C 96 -6.22 64.36 13.15
CA CYS C 96 -7.23 63.33 13.15
C CYS C 96 -8.61 63.97 13.12
N TYR C 97 -9.49 63.44 12.26
CA TYR C 97 -10.77 64.11 12.02
C TYR C 97 -11.70 63.99 13.21
N PHE C 98 -11.54 62.96 14.01
CA PHE C 98 -12.48 62.74 15.10
C PHE C 98 -11.97 63.27 16.43
N TYR C 99 -10.69 63.61 16.52
CA TYR C 99 -10.20 64.35 17.67
C TYR C 99 -10.34 65.85 17.50
N SER C 100 -10.22 66.33 16.26
CA SER C 100 -10.33 67.77 16.03
C SER C 100 -11.78 68.22 16.00
N LYS C 101 -12.66 67.44 15.38
CA LYS C 101 -14.07 67.81 15.30
C LYS C 101 -14.89 67.17 16.43
N PHE C 102 -14.90 65.85 16.49
CA PHE C 102 -15.83 65.13 17.36
C PHE C 102 -15.21 64.77 18.71
N GLY C 103 -14.67 65.77 19.40
CA GLY C 103 -14.20 65.61 20.76
C GLY C 103 -13.00 64.70 20.90
N GLU C 104 -13.21 63.51 21.46
CA GLU C 104 -12.16 62.53 21.66
C GLU C 104 -12.17 61.53 20.52
N CYS C 105 -11.12 60.70 20.49
CA CYS C 105 -11.00 59.66 19.47
C CYS C 105 -11.69 58.39 19.97
N SER C 106 -11.51 57.30 19.21
CA SER C 106 -12.13 56.01 19.53
C SER C 106 -11.13 54.89 19.71
N ASN C 107 -10.22 54.72 18.77
CA ASN C 107 -9.22 53.66 18.83
C ASN C 107 -8.08 54.03 19.78
N LYS C 108 -7.29 53.03 20.14
CA LYS C 108 -6.20 53.22 21.09
C LYS C 108 -4.88 53.58 20.42
N GLU C 109 -4.68 53.20 19.15
CA GLU C 109 -3.39 53.39 18.50
C GLU C 109 -3.52 54.28 17.28
N CYS C 110 -4.24 55.39 17.43
CA CYS C 110 -4.46 56.32 16.33
C CYS C 110 -3.14 56.99 15.95
N PRO C 111 -2.68 56.83 14.71
CA PRO C 111 -1.40 57.44 14.34
C PRO C 111 -1.50 58.93 14.13
N PHE C 112 -2.66 59.40 13.72
CA PHE C 112 -2.86 60.76 13.26
C PHE C 112 -2.77 61.75 14.41
N LEU C 113 -2.62 63.03 14.06
CA LEU C 113 -2.24 64.03 15.05
C LEU C 113 -3.40 64.41 15.95
N HIS C 114 -3.09 64.60 17.23
CA HIS C 114 -4.02 65.01 18.27
C HIS C 114 -3.49 66.30 18.89
N ILE C 115 -4.06 67.44 18.48
CA ILE C 115 -3.63 68.74 18.97
C ILE C 115 -4.76 69.39 19.75
N ASP C 116 -4.37 70.20 20.73
CA ASP C 116 -5.33 70.92 21.56
C ASP C 116 -4.93 72.39 21.65
N ALA E 21 -33.07 -50.75 -47.27
CA ALA E 21 -32.68 -51.53 -46.10
C ALA E 21 -31.37 -51.03 -45.52
N GLU E 22 -30.49 -50.49 -46.36
CA GLU E 22 -29.22 -49.97 -45.87
C GLU E 22 -29.39 -48.63 -45.18
N LYS E 23 -30.43 -47.88 -45.56
CA LYS E 23 -30.73 -46.63 -44.86
C LYS E 23 -31.20 -46.91 -43.44
N LYS E 24 -31.94 -48.00 -43.25
CA LYS E 24 -32.38 -48.39 -41.91
C LYS E 24 -31.22 -48.93 -41.09
N LEU E 25 -30.17 -49.41 -41.76
CA LEU E 25 -28.98 -49.86 -41.04
C LEU E 25 -28.12 -48.70 -40.58
N GLU E 26 -28.33 -47.51 -41.12
CA GLU E 26 -27.54 -46.34 -40.72
C GLU E 26 -27.96 -45.84 -39.35
N GLU E 27 -29.26 -45.70 -39.12
CA GLU E 27 -29.76 -45.26 -37.83
C GLU E 27 -29.59 -46.37 -36.79
N ASN E 28 -30.19 -47.53 -37.05
CA ASN E 28 -30.05 -48.68 -36.17
C ASN E 28 -29.18 -49.71 -36.86
N PRO E 29 -27.93 -49.92 -36.43
CA PRO E 29 -27.10 -50.96 -37.05
C PRO E 29 -27.59 -52.37 -36.79
N TYR E 30 -28.38 -52.56 -35.74
CA TYR E 30 -28.95 -53.85 -35.39
C TYR E 30 -30.44 -53.91 -35.67
N ASP E 31 -30.93 -53.17 -36.66
CA ASP E 31 -32.35 -53.20 -37.00
C ASP E 31 -32.66 -54.55 -37.63
N LEU E 32 -33.34 -55.42 -36.87
CA LEU E 32 -33.54 -56.80 -37.32
C LEU E 32 -34.52 -56.89 -38.48
N ASP E 33 -35.37 -55.88 -38.65
CA ASP E 33 -36.16 -55.80 -39.88
C ASP E 33 -35.26 -55.50 -41.08
N ALA E 34 -34.24 -54.65 -40.87
CA ALA E 34 -33.35 -54.29 -41.96
C ALA E 34 -32.38 -55.42 -42.28
N TRP E 35 -31.97 -56.18 -41.26
CA TRP E 35 -31.11 -57.33 -41.50
C TRP E 35 -31.87 -58.46 -42.18
N SER E 36 -33.16 -58.58 -41.91
CA SER E 36 -33.94 -59.67 -42.49
C SER E 36 -34.20 -59.46 -43.97
N ILE E 37 -34.28 -58.20 -44.42
CA ILE E 37 -34.42 -57.91 -45.85
C ILE E 37 -33.17 -58.34 -46.60
N LEU E 38 -32.01 -58.19 -45.95
CA LEU E 38 -30.76 -58.72 -46.51
C LEU E 38 -30.78 -60.25 -46.52
N ILE E 39 -31.50 -60.86 -45.58
CA ILE E 39 -31.65 -62.31 -45.57
C ILE E 39 -32.68 -62.74 -46.61
N ARG E 40 -33.74 -61.96 -46.81
CA ARG E 40 -34.77 -62.30 -47.78
C ARG E 40 -34.23 -62.26 -49.21
N GLU E 41 -33.38 -61.28 -49.50
CA GLU E 41 -32.78 -61.17 -50.83
C GLU E 41 -31.48 -61.95 -50.94
N ALA E 42 -31.15 -62.78 -49.95
CA ALA E 42 -29.90 -63.55 -49.99
C ALA E 42 -30.03 -64.80 -50.85
N GLN E 43 -31.20 -65.44 -50.84
CA GLN E 43 -31.40 -66.61 -51.69
C GLN E 43 -31.82 -66.26 -53.10
N ASN E 44 -32.08 -64.97 -53.36
CA ASN E 44 -32.45 -64.52 -54.70
C ASN E 44 -31.22 -64.07 -55.47
N GLN E 45 -30.04 -64.37 -54.96
CA GLN E 45 -28.77 -64.00 -55.57
C GLN E 45 -27.80 -65.16 -55.39
N PRO E 46 -26.84 -65.34 -56.31
CA PRO E 46 -25.96 -66.51 -56.23
C PRO E 46 -24.99 -66.45 -55.05
N ILE E 47 -24.23 -67.53 -54.90
CA ILE E 47 -23.40 -67.76 -53.71
C ILE E 47 -22.20 -66.84 -53.71
N ASP E 48 -21.84 -66.27 -54.88
CA ASP E 48 -20.75 -65.32 -54.94
C ASP E 48 -21.20 -63.93 -54.51
N LYS E 49 -22.46 -63.57 -54.78
CA LYS E 49 -22.99 -62.28 -54.39
C LYS E 49 -23.60 -62.30 -52.98
N ALA E 50 -24.19 -63.42 -52.59
CA ALA E 50 -24.81 -63.51 -51.27
C ALA E 50 -23.77 -63.61 -50.15
N ARG E 51 -22.54 -64.01 -50.50
CA ARG E 51 -21.45 -64.18 -49.55
C ARG E 51 -21.07 -62.86 -48.89
N LYS E 52 -21.12 -61.75 -49.64
CA LYS E 52 -20.84 -60.45 -49.06
C LYS E 52 -21.95 -60.02 -48.11
N THR E 53 -23.17 -60.53 -48.33
CA THR E 53 -24.27 -60.21 -47.44
C THR E 53 -24.18 -60.99 -46.13
N TYR E 54 -23.88 -62.28 -46.19
CA TYR E 54 -23.82 -63.10 -44.98
C TYR E 54 -22.60 -62.76 -44.13
N GLU E 55 -21.48 -62.39 -44.77
CA GLU E 55 -20.30 -62.03 -43.99
C GLU E 55 -20.47 -60.69 -43.30
N ARG E 56 -21.36 -59.84 -43.81
CA ARG E 56 -21.77 -58.67 -43.04
C ARG E 56 -22.74 -59.05 -41.92
N LEU E 57 -23.35 -60.24 -42.02
CA LEU E 57 -24.29 -60.67 -40.99
C LEU E 57 -23.59 -61.41 -39.87
N VAL E 58 -22.78 -62.42 -40.21
CA VAL E 58 -22.25 -63.30 -39.18
C VAL E 58 -21.07 -62.67 -38.44
N ALA E 59 -20.40 -61.70 -39.06
CA ALA E 59 -19.37 -60.96 -38.33
C ALA E 59 -20.00 -59.90 -37.44
N GLN E 60 -21.17 -59.40 -37.81
CA GLN E 60 -21.93 -58.48 -36.97
C GLN E 60 -22.69 -59.19 -35.87
N PHE E 61 -23.19 -60.39 -36.14
CA PHE E 61 -23.85 -61.25 -35.14
C PHE E 61 -23.05 -62.53 -34.98
N PRO E 62 -22.00 -62.52 -34.15
CA PRO E 62 -21.14 -63.71 -34.05
C PRO E 62 -21.75 -64.83 -33.25
N SER E 63 -22.75 -64.56 -32.42
CA SER E 63 -23.29 -65.56 -31.50
C SER E 63 -24.57 -66.22 -32.02
N SER E 64 -25.24 -65.60 -32.99
CA SER E 64 -26.54 -66.09 -33.45
C SER E 64 -26.31 -67.30 -34.34
N GLY E 65 -26.41 -68.49 -33.74
CA GLY E 65 -26.15 -69.72 -34.46
C GLY E 65 -27.20 -70.05 -35.50
N ARG E 66 -28.40 -69.47 -35.36
CA ARG E 66 -29.38 -69.52 -36.43
C ARG E 66 -28.87 -68.74 -37.64
N PHE E 67 -28.18 -67.62 -37.39
CA PHE E 67 -27.65 -66.83 -38.50
C PHE E 67 -26.35 -67.41 -39.03
N TRP E 68 -25.66 -68.22 -38.22
CA TRP E 68 -24.54 -68.99 -38.75
C TRP E 68 -25.01 -70.10 -39.67
N LYS E 69 -26.12 -70.74 -39.32
CA LYS E 69 -26.57 -71.93 -40.03
C LYS E 69 -27.04 -71.60 -41.44
N LEU E 70 -27.63 -70.42 -41.62
CA LEU E 70 -28.21 -70.07 -42.92
C LEU E 70 -27.14 -69.85 -43.99
N TYR E 71 -25.94 -69.44 -43.57
CA TYR E 71 -24.85 -69.31 -44.53
C TYR E 71 -24.11 -70.64 -44.70
N ILE E 72 -24.13 -71.47 -43.66
CA ILE E 72 -23.61 -72.84 -43.80
C ILE E 72 -24.53 -73.66 -44.70
N GLU E 73 -25.85 -73.46 -44.56
CA GLU E 73 -26.78 -74.10 -45.47
C GLU E 73 -26.73 -73.49 -46.86
N ALA E 74 -26.27 -72.25 -46.98
CA ALA E 74 -26.07 -71.66 -48.30
C ALA E 74 -24.82 -72.23 -48.95
N GLU E 75 -23.74 -72.40 -48.18
CA GLU E 75 -22.49 -72.90 -48.76
C GLU E 75 -22.57 -74.40 -49.03
N ILE E 76 -23.45 -75.11 -48.32
CA ILE E 76 -23.63 -76.54 -48.60
C ILE E 76 -24.57 -76.71 -49.79
N LYS E 77 -25.31 -75.66 -50.16
CA LYS E 77 -26.15 -75.72 -51.34
C LYS E 77 -25.32 -75.55 -52.60
N ALA E 78 -24.26 -74.73 -52.53
CA ALA E 78 -23.33 -74.54 -53.63
C ALA E 78 -22.21 -75.56 -53.63
N LYS E 79 -22.26 -76.55 -52.72
CA LYS E 79 -21.34 -77.68 -52.62
C LYS E 79 -19.89 -77.25 -52.40
N ASN E 80 -19.68 -76.11 -51.75
CA ASN E 80 -18.32 -75.66 -51.42
C ASN E 80 -17.88 -76.30 -50.11
N TYR E 81 -17.47 -77.57 -50.22
CA TYR E 81 -17.23 -78.41 -49.05
C TYR E 81 -16.00 -77.97 -48.28
N ASP E 82 -15.03 -77.36 -48.97
CA ASP E 82 -13.87 -76.82 -48.27
C ASP E 82 -14.23 -75.58 -47.46
N LYS E 83 -15.19 -74.79 -47.94
CA LYS E 83 -15.54 -73.55 -47.26
C LYS E 83 -16.44 -73.80 -46.05
N VAL E 84 -17.24 -74.86 -46.08
CA VAL E 84 -18.12 -75.18 -44.96
C VAL E 84 -17.30 -75.60 -43.74
N GLU E 85 -16.19 -76.31 -44.00
CA GLU E 85 -15.32 -76.76 -42.91
C GLU E 85 -14.61 -75.59 -42.25
N LYS E 86 -14.28 -74.55 -43.02
CA LYS E 86 -13.66 -73.37 -42.45
C LYS E 86 -14.65 -72.57 -41.62
N LEU E 87 -15.94 -72.70 -41.94
CA LEU E 87 -16.97 -72.08 -41.10
C LEU E 87 -17.08 -72.82 -39.77
N PHE E 88 -16.91 -74.15 -39.80
CA PHE E 88 -16.97 -74.94 -38.57
C PHE E 88 -15.76 -74.69 -37.68
N GLN E 89 -14.64 -74.33 -38.30
CA GLN E 89 -13.46 -73.95 -37.51
C GLN E 89 -13.55 -72.52 -37.00
N ARG E 90 -14.58 -71.76 -37.41
CA ARG E 90 -14.68 -70.37 -37.04
C ARG E 90 -15.71 -70.11 -35.94
N CYS E 91 -16.81 -70.87 -35.90
CA CYS E 91 -17.92 -70.49 -35.03
C CYS E 91 -18.45 -71.60 -34.13
N LEU E 92 -17.98 -72.84 -34.31
CA LEU E 92 -18.56 -73.95 -33.56
C LEU E 92 -18.16 -73.93 -32.08
N MET E 93 -16.93 -73.50 -31.80
CA MET E 93 -16.48 -73.42 -30.41
C MET E 93 -17.13 -72.24 -29.70
N LYS E 94 -17.41 -71.16 -30.43
CA LYS E 94 -17.94 -69.94 -29.82
C LYS E 94 -19.45 -69.93 -29.74
N VAL E 95 -20.15 -70.79 -30.50
CA VAL E 95 -21.60 -70.82 -30.52
C VAL E 95 -22.06 -72.21 -30.12
N LEU E 96 -22.69 -72.32 -28.96
CA LEU E 96 -23.30 -73.57 -28.51
C LEU E 96 -24.80 -73.60 -28.81
N HIS E 97 -25.16 -73.39 -30.07
CA HIS E 97 -26.55 -73.50 -30.48
C HIS E 97 -26.83 -74.90 -31.01
N ILE E 98 -28.00 -75.44 -30.65
CA ILE E 98 -28.26 -76.86 -30.87
C ILE E 98 -28.45 -77.18 -32.34
N ASP E 99 -29.00 -76.24 -33.11
CA ASP E 99 -29.18 -76.48 -34.54
C ASP E 99 -27.85 -76.37 -35.28
N LEU E 100 -26.89 -75.66 -34.71
CA LEU E 100 -25.56 -75.63 -35.28
C LEU E 100 -24.85 -76.96 -35.10
N TRP E 101 -25.00 -77.59 -33.92
CA TRP E 101 -24.35 -78.86 -33.68
C TRP E 101 -25.05 -80.00 -34.42
N LYS E 102 -26.34 -79.83 -34.75
CA LYS E 102 -26.99 -80.76 -35.66
C LYS E 102 -26.44 -80.62 -37.08
N CYS E 103 -26.14 -79.39 -37.50
CA CYS E 103 -25.64 -79.18 -38.85
C CYS E 103 -24.20 -79.64 -38.99
N TYR E 104 -23.45 -79.61 -37.87
CA TYR E 104 -22.09 -80.11 -37.89
C TYR E 104 -22.05 -81.62 -38.06
N LEU E 105 -23.00 -82.31 -37.44
CA LEU E 105 -23.05 -83.76 -37.58
C LEU E 105 -23.66 -84.18 -38.91
N SER E 106 -24.50 -83.33 -39.49
CA SER E 106 -25.09 -83.65 -40.79
C SER E 106 -24.07 -83.47 -41.91
N TYR E 107 -23.08 -82.61 -41.70
CA TYR E 107 -22.04 -82.39 -42.70
C TYR E 107 -21.07 -83.56 -42.78
N VAL E 108 -20.55 -84.01 -41.63
CA VAL E 108 -19.60 -85.11 -41.60
C VAL E 108 -20.28 -86.42 -41.99
N ARG E 109 -21.58 -86.55 -41.75
CA ARG E 109 -22.34 -87.70 -42.21
C ARG E 109 -22.40 -87.77 -43.73
N GLU E 110 -22.55 -86.63 -44.40
CA GLU E 110 -22.65 -86.60 -45.85
C GLU E 110 -21.28 -86.60 -46.51
N THR E 111 -20.40 -85.69 -46.08
CA THR E 111 -19.13 -85.47 -46.78
C THR E 111 -18.14 -86.60 -46.53
N LYS E 112 -17.92 -86.96 -45.26
CA LYS E 112 -16.93 -87.96 -44.89
C LYS E 112 -17.42 -89.40 -45.09
N GLY E 113 -18.68 -89.58 -45.48
CA GLY E 113 -19.35 -90.87 -45.49
C GLY E 113 -18.75 -91.96 -46.35
N LYS E 114 -18.02 -91.60 -47.40
CA LYS E 114 -17.43 -92.56 -48.31
C LYS E 114 -15.97 -92.87 -48.00
N LEU E 115 -15.44 -92.32 -46.91
CA LEU E 115 -14.06 -92.60 -46.54
C LEU E 115 -13.97 -93.97 -45.88
N PRO E 116 -12.83 -94.67 -46.02
CA PRO E 116 -12.68 -95.96 -45.32
C PRO E 116 -12.52 -95.83 -43.82
N SER E 117 -12.02 -94.70 -43.33
CA SER E 117 -11.92 -94.45 -41.91
C SER E 117 -13.07 -93.59 -41.39
N TYR E 118 -14.25 -93.69 -42.03
CA TYR E 118 -15.42 -92.94 -41.61
C TYR E 118 -15.94 -93.38 -40.25
N LYS E 119 -15.80 -94.68 -39.93
CA LYS E 119 -16.26 -95.23 -38.67
C LYS E 119 -15.46 -94.70 -37.49
N GLU E 120 -14.21 -94.32 -37.73
CA GLU E 120 -13.42 -93.67 -36.69
C GLU E 120 -13.74 -92.17 -36.62
N LYS E 121 -13.93 -91.54 -37.78
CA LYS E 121 -14.13 -90.09 -37.82
C LYS E 121 -15.52 -89.70 -37.34
N MET E 122 -16.54 -90.47 -37.71
CA MET E 122 -17.91 -90.10 -37.35
C MET E 122 -18.19 -90.40 -35.89
N ALA E 123 -17.58 -91.48 -35.36
CA ALA E 123 -17.78 -91.81 -33.95
C ALA E 123 -17.07 -90.82 -33.05
N GLN E 124 -16.01 -90.18 -33.56
CA GLN E 124 -15.36 -89.10 -32.83
C GLN E 124 -16.24 -87.86 -32.82
N ALA E 125 -17.04 -87.68 -33.88
CA ALA E 125 -17.83 -86.45 -34.03
C ALA E 125 -19.00 -86.41 -33.06
N TYR E 126 -19.62 -87.55 -32.78
CA TYR E 126 -20.74 -87.55 -31.84
C TYR E 126 -20.28 -87.38 -30.40
N ASP E 127 -19.13 -87.95 -30.06
CA ASP E 127 -18.63 -87.85 -28.69
C ASP E 127 -18.08 -86.46 -28.42
N PHE E 128 -17.64 -85.78 -29.48
CA PHE E 128 -17.17 -84.41 -29.35
C PHE E 128 -18.34 -83.44 -29.14
N ALA E 129 -19.53 -83.81 -29.61
CA ALA E 129 -20.69 -82.96 -29.46
C ALA E 129 -21.36 -83.16 -28.11
N LEU E 130 -21.45 -84.43 -27.65
CA LEU E 130 -22.15 -84.73 -26.42
C LEU E 130 -21.42 -84.21 -25.19
N ASP E 131 -20.12 -83.98 -25.30
CA ASP E 131 -19.36 -83.39 -24.20
C ASP E 131 -19.70 -81.92 -24.00
N LYS E 132 -20.00 -81.21 -25.08
CA LYS E 132 -20.24 -79.76 -25.02
C LYS E 132 -21.70 -79.38 -25.12
N ILE E 133 -22.48 -80.03 -25.99
CA ILE E 133 -23.86 -79.63 -26.21
C ILE E 133 -24.85 -80.74 -25.82
N GLY E 134 -24.38 -81.93 -25.41
CA GLY E 134 -25.25 -83.01 -25.03
C GLY E 134 -26.09 -82.76 -23.80
N MET E 135 -25.71 -81.78 -22.99
CA MET E 135 -26.47 -81.38 -21.81
C MET E 135 -27.76 -80.65 -22.19
N GLU E 136 -27.86 -80.14 -23.41
CA GLU E 136 -29.02 -79.35 -23.83
C GLU E 136 -30.25 -80.25 -23.97
N ILE E 137 -31.43 -79.65 -23.83
CA ILE E 137 -32.67 -80.40 -23.66
C ILE E 137 -33.15 -81.05 -24.96
N MET E 138 -32.79 -80.51 -26.13
CA MET E 138 -33.24 -81.06 -27.41
C MET E 138 -32.14 -81.94 -28.02
N SER E 139 -31.15 -82.31 -27.22
CA SER E 139 -30.03 -83.09 -27.73
C SER E 139 -30.31 -84.58 -27.77
N TYR E 140 -31.57 -85.00 -27.64
CA TYR E 140 -31.94 -86.42 -27.61
C TYR E 140 -31.61 -87.15 -28.90
N GLN E 141 -31.85 -86.52 -30.05
CA GLN E 141 -31.58 -87.16 -31.32
C GLN E 141 -30.08 -87.29 -31.55
N ILE E 142 -29.28 -86.40 -30.93
CA ILE E 142 -27.83 -86.51 -30.99
C ILE E 142 -27.36 -87.76 -30.24
N TRP E 143 -28.08 -88.14 -29.18
CA TRP E 143 -27.79 -89.41 -28.51
C TRP E 143 -28.13 -90.59 -29.41
N VAL E 144 -29.31 -90.56 -30.03
CA VAL E 144 -29.84 -91.72 -30.73
C VAL E 144 -29.06 -91.98 -32.02
N ASP E 145 -28.58 -90.91 -32.67
CA ASP E 145 -27.86 -91.05 -33.93
C ASP E 145 -26.49 -91.70 -33.73
N TYR E 146 -25.96 -91.68 -32.51
CA TYR E 146 -24.73 -92.40 -32.23
C TYR E 146 -25.01 -93.80 -31.71
N ILE E 147 -26.21 -94.02 -31.18
CA ILE E 147 -26.64 -95.37 -30.81
C ILE E 147 -26.80 -96.23 -32.06
N ASN E 148 -27.45 -95.70 -33.09
CA ASN E 148 -27.67 -96.47 -34.31
C ASN E 148 -26.41 -96.55 -35.15
N PHE E 149 -25.48 -95.63 -34.97
CA PHE E 149 -24.23 -95.67 -35.73
C PHE E 149 -23.32 -96.79 -35.22
N LEU E 150 -23.27 -96.98 -33.90
CA LEU E 150 -22.45 -98.04 -33.33
C LEU E 150 -23.03 -99.41 -33.66
N LYS E 151 -24.34 -99.50 -33.80
CA LYS E 151 -24.96 -100.72 -34.29
C LYS E 151 -24.69 -100.91 -35.78
N GLY E 152 -24.49 -99.81 -36.50
CA GLY E 152 -24.20 -99.92 -37.92
C GLY E 152 -22.78 -100.33 -38.21
N VAL E 153 -21.88 -100.15 -37.24
CA VAL E 153 -20.48 -100.55 -37.40
C VAL E 153 -20.41 -102.07 -37.43
N GLU E 154 -19.85 -102.62 -38.52
CA GLU E 154 -19.83 -104.06 -38.71
C GLU E 154 -18.74 -104.70 -37.86
N ALA E 155 -19.12 -105.73 -37.10
CA ALA E 155 -18.19 -106.44 -36.24
C ALA E 155 -18.46 -107.93 -36.36
N VAL E 156 -17.43 -108.71 -36.66
CA VAL E 156 -17.53 -110.15 -36.82
C VAL E 156 -16.75 -110.82 -35.69
N GLY E 157 -17.18 -112.03 -35.33
CA GLY E 157 -16.55 -112.79 -34.26
C GLY E 157 -17.40 -112.76 -33.01
N SER E 158 -16.74 -112.77 -31.85
CA SER E 158 -17.42 -112.69 -30.57
C SER E 158 -16.85 -111.56 -29.73
N TYR E 159 -15.53 -111.36 -29.82
CA TYR E 159 -14.88 -110.27 -29.10
C TYR E 159 -15.22 -108.91 -29.69
N ALA E 160 -15.36 -108.82 -31.02
CA ALA E 160 -15.72 -107.57 -31.66
C ALA E 160 -17.21 -107.27 -31.47
N GLU E 161 -18.02 -108.31 -31.36
CA GLU E 161 -19.43 -108.11 -31.02
C GLU E 161 -19.57 -107.64 -29.59
N ASN E 162 -18.75 -108.17 -28.68
CA ASN E 162 -18.75 -107.68 -27.31
C ASN E 162 -18.11 -106.30 -27.21
N GLN E 163 -17.26 -105.94 -28.17
CA GLN E 163 -16.79 -104.56 -28.27
C GLN E 163 -17.92 -103.64 -28.71
N ARG E 164 -18.85 -104.13 -29.53
CA ARG E 164 -20.04 -103.36 -29.87
C ARG E 164 -20.96 -103.20 -28.67
N ILE E 165 -21.14 -104.29 -27.92
CA ILE E 165 -22.05 -104.28 -26.76
C ILE E 165 -21.54 -103.34 -25.68
N THR E 166 -20.22 -103.30 -25.51
CA THR E 166 -19.62 -102.40 -24.52
C THR E 166 -19.77 -100.93 -24.94
N ALA E 167 -19.65 -100.65 -26.24
CA ALA E 167 -19.67 -99.27 -26.71
C ALA E 167 -21.09 -98.70 -26.70
N VAL E 168 -22.09 -99.52 -27.00
CA VAL E 168 -23.48 -99.06 -27.00
C VAL E 168 -23.97 -98.88 -25.57
N ARG E 169 -23.49 -99.72 -24.66
CA ARG E 169 -23.91 -99.65 -23.25
C ARG E 169 -23.42 -98.39 -22.57
N ARG E 170 -22.23 -97.92 -22.96
CA ARG E 170 -21.62 -96.77 -22.27
C ARG E 170 -22.36 -95.48 -22.58
N VAL E 171 -22.88 -95.35 -23.80
CA VAL E 171 -23.63 -94.16 -24.18
C VAL E 171 -25.03 -94.21 -23.58
N TYR E 172 -25.55 -95.42 -23.37
CA TYR E 172 -26.82 -95.60 -22.67
C TYR E 172 -26.74 -95.12 -21.23
N GLN E 173 -25.68 -95.53 -20.52
CA GLN E 173 -25.56 -95.23 -19.10
C GLN E 173 -25.25 -93.76 -18.87
N ARG E 174 -24.53 -93.13 -19.81
CA ARG E 174 -24.27 -91.70 -19.71
C ARG E 174 -25.50 -90.88 -20.05
N GLY E 175 -26.28 -91.31 -21.03
CA GLY E 175 -27.39 -90.50 -21.51
C GLY E 175 -28.58 -90.52 -20.57
N CYS E 176 -28.68 -91.55 -19.74
CA CYS E 176 -29.84 -91.69 -18.86
C CYS E 176 -29.64 -90.97 -17.53
N VAL E 177 -28.67 -90.07 -17.46
CA VAL E 177 -28.44 -89.24 -16.29
C VAL E 177 -28.76 -87.81 -16.70
N ASN E 178 -28.73 -87.57 -18.01
CA ASN E 178 -28.78 -86.22 -18.57
C ASN E 178 -30.22 -85.76 -18.70
N PRO E 179 -30.61 -84.63 -18.09
CA PRO E 179 -31.99 -84.14 -18.22
C PRO E 179 -32.32 -83.59 -19.60
N MET E 180 -33.39 -84.10 -20.21
CA MET E 180 -33.80 -83.68 -21.55
C MET E 180 -35.25 -84.08 -21.79
N ILE E 181 -35.72 -83.87 -23.02
CA ILE E 181 -37.12 -84.05 -23.41
C ILE E 181 -37.53 -85.52 -23.35
N ASN E 182 -36.85 -86.37 -24.12
CA ASN E 182 -37.30 -87.73 -24.37
C ASN E 182 -36.56 -88.77 -23.55
N ILE E 183 -36.27 -88.45 -22.29
CA ILE E 183 -35.51 -89.31 -21.38
C ILE E 183 -36.32 -90.57 -21.04
N GLU E 184 -37.65 -90.50 -21.20
CA GLU E 184 -38.49 -91.66 -20.98
C GLU E 184 -38.37 -92.67 -22.13
N GLN E 185 -37.95 -92.20 -23.30
CA GLN E 185 -37.83 -93.07 -24.46
C GLN E 185 -36.45 -93.72 -24.56
N LEU E 186 -35.40 -93.02 -24.11
CA LEU E 186 -34.06 -93.61 -24.09
C LEU E 186 -33.98 -94.77 -23.11
N TRP E 187 -34.66 -94.65 -21.97
CA TRP E 187 -34.70 -95.75 -21.02
C TRP E 187 -35.53 -96.91 -21.53
N ARG E 188 -36.57 -96.62 -22.33
CA ARG E 188 -37.38 -97.64 -22.96
C ARG E 188 -36.55 -98.41 -23.99
N ASP E 189 -35.71 -97.70 -24.74
CA ASP E 189 -34.78 -98.37 -25.64
C ASP E 189 -33.67 -99.08 -24.87
N TYR E 190 -33.36 -98.58 -23.67
CA TYR E 190 -32.35 -99.25 -22.84
C TYR E 190 -32.87 -100.57 -22.30
N ASN E 191 -34.17 -100.61 -21.96
CA ASN E 191 -34.76 -101.84 -21.43
C ASN E 191 -34.82 -102.92 -22.50
N LYS E 192 -35.09 -102.52 -23.74
CA LYS E 192 -35.18 -103.48 -24.83
C LYS E 192 -33.82 -103.91 -25.36
N TYR E 193 -32.77 -103.14 -25.10
CA TYR E 193 -31.43 -103.56 -25.49
C TYR E 193 -30.86 -104.57 -24.50
N GLU E 194 -31.13 -104.36 -23.21
CA GLU E 194 -30.68 -105.31 -22.19
C GLU E 194 -31.42 -106.64 -22.34
N GLU E 195 -32.73 -106.58 -22.56
CA GLU E 195 -33.50 -107.79 -22.79
C GLU E 195 -33.23 -108.37 -24.18
N GLY E 196 -32.74 -107.54 -25.11
CA GLY E 196 -32.46 -108.01 -26.46
C GLY E 196 -31.24 -108.89 -26.57
N ILE E 197 -30.29 -108.77 -25.64
CA ILE E 197 -29.09 -109.60 -25.65
C ILE E 197 -29.10 -110.69 -24.58
N ASN E 198 -29.69 -110.43 -23.40
CA ASN E 198 -29.81 -111.43 -22.35
C ASN E 198 -30.94 -111.04 -21.40
N ILE E 199 -32.03 -111.82 -21.41
CA ILE E 199 -33.22 -111.48 -20.63
C ILE E 199 -32.96 -111.65 -19.14
N HIS E 200 -32.20 -112.68 -18.76
CA HIS E 200 -31.94 -113.01 -17.36
C HIS E 200 -31.14 -111.95 -16.64
N LEU E 201 -30.03 -111.50 -17.26
CA LEU E 201 -29.21 -110.47 -16.64
C LEU E 201 -29.74 -109.07 -16.88
N ALA E 202 -30.82 -108.94 -17.65
CA ALA E 202 -31.43 -107.62 -17.87
C ALA E 202 -32.15 -107.14 -16.62
N LYS E 203 -32.60 -108.08 -15.78
CA LYS E 203 -33.36 -107.72 -14.58
C LYS E 203 -32.47 -107.07 -13.53
N LYS E 204 -31.15 -107.30 -13.61
CA LYS E 204 -30.24 -106.68 -12.66
C LYS E 204 -29.65 -105.39 -13.19
N MET E 205 -29.28 -105.35 -14.47
CA MET E 205 -28.58 -104.19 -15.03
C MET E 205 -29.52 -103.00 -15.15
N ILE E 206 -30.81 -103.24 -15.41
CA ILE E 206 -31.80 -102.18 -15.38
C ILE E 206 -32.01 -101.69 -13.95
N GLU E 207 -32.00 -102.63 -12.99
CA GLU E 207 -32.31 -102.28 -11.61
C GLU E 207 -31.16 -101.54 -10.92
N ASP E 208 -29.91 -101.80 -11.34
CA ASP E 208 -28.76 -101.21 -10.66
C ASP E 208 -28.61 -99.71 -10.91
N ARG E 209 -29.06 -99.21 -12.06
CA ARG E 209 -28.97 -97.80 -12.37
C ARG E 209 -30.35 -97.14 -12.49
N SER E 210 -31.37 -97.76 -11.91
CA SER E 210 -32.73 -97.24 -12.01
C SER E 210 -32.97 -96.08 -11.06
N ARG E 211 -32.34 -96.10 -9.87
CA ARG E 211 -32.60 -95.06 -8.88
C ARG E 211 -31.98 -93.74 -9.29
N ASP E 212 -30.81 -93.77 -9.91
CA ASP E 212 -30.20 -92.54 -10.43
C ASP E 212 -30.96 -92.03 -11.66
N TYR E 213 -31.65 -92.92 -12.36
CA TYR E 213 -32.52 -92.50 -13.46
C TYR E 213 -33.75 -91.77 -12.94
N MET E 214 -34.28 -92.17 -11.79
CA MET E 214 -35.48 -91.54 -11.25
C MET E 214 -35.18 -90.14 -10.74
N ASN E 215 -33.93 -89.89 -10.33
CA ASN E 215 -33.51 -88.53 -10.06
C ASN E 215 -33.34 -87.76 -11.36
N ALA E 216 -32.78 -88.40 -12.39
CA ALA E 216 -32.60 -87.78 -13.69
C ALA E 216 -33.92 -87.51 -14.40
N ARG E 217 -34.90 -88.40 -14.23
CA ARG E 217 -36.20 -88.20 -14.85
C ARG E 217 -37.00 -87.12 -14.13
N ARG E 218 -36.80 -86.94 -12.83
CA ARG E 218 -37.56 -85.96 -12.06
C ARG E 218 -37.07 -84.54 -12.33
N VAL E 219 -35.75 -84.34 -12.32
CA VAL E 219 -35.16 -83.02 -12.52
C VAL E 219 -35.33 -82.58 -13.97
N ALA E 220 -35.45 -83.54 -14.90
CA ALA E 220 -35.74 -83.21 -16.30
C ALA E 220 -37.13 -82.59 -16.44
N LYS E 221 -38.08 -83.03 -15.62
CA LYS E 221 -39.38 -82.37 -15.59
C LYS E 221 -39.29 -81.02 -14.88
N GLU E 222 -38.35 -80.88 -13.95
CA GLU E 222 -38.10 -79.59 -13.31
C GLU E 222 -37.40 -78.64 -14.27
N TYR E 223 -36.68 -79.18 -15.25
CA TYR E 223 -35.91 -78.37 -16.18
C TYR E 223 -36.78 -77.84 -17.31
N GLU E 224 -38.00 -78.37 -17.44
CA GLU E 224 -38.88 -77.94 -18.52
C GLU E 224 -39.42 -76.54 -18.28
N THR E 225 -39.59 -76.18 -17.01
CA THR E 225 -40.37 -74.98 -16.66
C THR E 225 -39.63 -73.69 -17.02
N VAL E 226 -38.36 -73.61 -16.67
CA VAL E 226 -37.59 -72.40 -16.93
C VAL E 226 -37.14 -72.33 -18.37
N MET E 227 -37.17 -73.47 -19.07
CA MET E 227 -36.68 -73.49 -20.44
C MET E 227 -37.79 -73.27 -21.46
N LYS E 228 -39.06 -73.44 -21.05
CA LYS E 228 -40.16 -73.25 -21.99
C LYS E 228 -40.47 -71.77 -22.19
N GLY E 229 -40.02 -70.92 -21.27
CA GLY E 229 -40.28 -69.50 -21.41
C GLY E 229 -39.22 -68.76 -22.20
N LEU E 230 -38.01 -69.34 -22.29
CA LEU E 230 -36.91 -68.66 -22.96
C LEU E 230 -37.07 -68.72 -24.48
N ASP E 231 -36.31 -67.88 -25.17
CA ASP E 231 -36.37 -67.76 -26.62
C ASP E 231 -35.36 -68.69 -27.28
N ARG E 232 -34.09 -68.57 -26.86
CA ARG E 232 -32.93 -69.32 -27.34
C ARG E 232 -32.64 -69.10 -28.82
N ASN E 233 -33.18 -68.04 -29.42
CA ASN E 233 -32.99 -67.77 -30.83
C ASN E 233 -32.82 -66.29 -31.17
N ALA E 234 -32.81 -65.41 -30.17
CA ALA E 234 -32.77 -63.98 -30.45
C ALA E 234 -31.34 -63.55 -30.76
N PRO E 235 -31.15 -62.56 -31.64
CA PRO E 235 -29.80 -62.03 -31.87
C PRO E 235 -29.30 -61.24 -30.66
N SER E 236 -27.98 -61.09 -30.58
CA SER E 236 -27.38 -60.42 -29.43
C SER E 236 -27.46 -58.91 -29.62
N VAL E 237 -28.22 -58.25 -28.76
CA VAL E 237 -28.51 -56.82 -28.88
C VAL E 237 -28.18 -56.13 -27.55
N PRO E 238 -27.43 -55.03 -27.55
CA PRO E 238 -27.20 -54.27 -26.31
C PRO E 238 -28.47 -53.58 -25.87
N PRO E 239 -28.59 -53.21 -24.59
CA PRO E 239 -29.87 -52.72 -24.07
C PRO E 239 -30.22 -51.33 -24.59
N GLN E 240 -31.50 -51.17 -24.94
CA GLN E 240 -31.99 -49.91 -25.48
C GLN E 240 -33.20 -49.42 -24.70
N PRO E 243 -38.48 -52.51 -22.15
CA PRO E 243 -39.76 -53.11 -22.51
C PRO E 243 -39.73 -54.64 -22.48
N GLN E 244 -39.56 -55.27 -23.63
CA GLN E 244 -39.44 -56.72 -23.73
C GLN E 244 -38.03 -57.22 -23.45
N GLU E 245 -37.01 -56.44 -23.82
CA GLU E 245 -35.62 -56.86 -23.68
C GLU E 245 -35.21 -57.07 -22.23
N ALA E 246 -35.54 -56.10 -21.36
CA ALA E 246 -35.27 -56.24 -19.94
C ALA E 246 -36.14 -57.33 -19.31
N GLN E 247 -37.32 -57.58 -19.88
CA GLN E 247 -38.16 -58.68 -19.41
C GLN E 247 -37.56 -60.02 -19.77
N GLN E 248 -36.81 -60.08 -20.88
CA GLN E 248 -36.09 -61.30 -21.22
C GLN E 248 -34.94 -61.55 -20.25
N VAL E 249 -34.28 -60.48 -19.79
CA VAL E 249 -33.12 -60.58 -18.89
C VAL E 249 -33.53 -61.23 -17.58
N ASP E 250 -34.74 -60.89 -17.10
CA ASP E 250 -35.28 -61.46 -15.87
C ASP E 250 -35.46 -62.96 -16.00
N MET E 251 -35.87 -63.43 -17.17
CA MET E 251 -36.00 -64.87 -17.37
C MET E 251 -34.63 -65.54 -17.50
N TRP E 252 -33.59 -64.77 -17.84
CA TRP E 252 -32.25 -65.33 -17.81
C TRP E 252 -31.68 -65.35 -16.40
N LYS E 253 -31.93 -64.30 -15.63
CA LYS E 253 -31.44 -64.26 -14.25
C LYS E 253 -32.15 -65.27 -13.37
N LYS E 254 -33.41 -65.60 -13.72
CA LYS E 254 -34.08 -66.71 -13.06
C LYS E 254 -33.43 -68.03 -13.43
N TYR E 255 -33.08 -68.22 -14.69
CA TYR E 255 -32.48 -69.48 -15.13
C TYR E 255 -31.04 -69.63 -14.61
N ILE E 256 -30.35 -68.51 -14.41
CA ILE E 256 -29.02 -68.59 -13.80
C ILE E 256 -29.14 -68.98 -12.32
N GLN E 257 -29.97 -68.27 -11.57
CA GLN E 257 -30.00 -68.46 -10.12
C GLN E 257 -30.74 -69.74 -9.73
N TRP E 258 -31.58 -70.27 -10.62
CA TRP E 258 -32.20 -71.56 -10.34
C TRP E 258 -31.20 -72.70 -10.47
N GLU E 259 -30.25 -72.56 -11.40
CA GLU E 259 -29.19 -73.55 -11.49
C GLU E 259 -28.16 -73.32 -10.40
N LYS E 260 -28.07 -72.08 -9.89
CA LYS E 260 -27.31 -71.82 -8.67
C LYS E 260 -28.01 -72.39 -7.44
N SER E 261 -29.32 -72.62 -7.52
CA SER E 261 -30.05 -73.19 -6.40
C SER E 261 -29.85 -74.69 -6.30
N ASN E 262 -29.13 -75.29 -7.26
CA ASN E 262 -28.68 -76.68 -7.29
C ASN E 262 -29.85 -77.65 -7.21
N PRO E 263 -30.64 -77.82 -8.28
CA PRO E 263 -31.71 -78.83 -8.27
C PRO E 263 -31.19 -80.24 -8.06
N LEU E 264 -30.10 -80.59 -8.74
CA LEU E 264 -29.34 -81.79 -8.40
C LEU E 264 -28.52 -81.48 -7.15
N ARG E 265 -29.12 -81.72 -5.99
CA ARG E 265 -28.51 -81.36 -4.71
C ARG E 265 -27.28 -82.21 -4.43
N THR E 266 -26.11 -81.56 -4.49
CA THR E 266 -24.85 -82.25 -4.32
C THR E 266 -23.81 -81.31 -3.73
N GLU E 267 -22.73 -81.87 -3.20
CA GLU E 267 -21.64 -81.09 -2.64
C GLU E 267 -20.52 -80.88 -3.65
N ASP E 268 -20.50 -81.69 -4.71
CA ASP E 268 -19.44 -81.65 -5.71
C ASP E 268 -19.56 -80.35 -6.52
N GLN E 269 -18.71 -79.37 -6.19
CA GLN E 269 -18.77 -78.04 -6.78
C GLN E 269 -18.46 -78.08 -8.27
N THR E 270 -17.71 -79.08 -8.72
CA THR E 270 -17.40 -79.24 -10.14
C THR E 270 -18.64 -79.60 -10.95
N LEU E 271 -19.51 -80.44 -10.38
CA LEU E 271 -20.78 -80.72 -11.02
C LEU E 271 -21.74 -79.56 -10.89
N ILE E 272 -21.60 -78.76 -9.84
CA ILE E 272 -22.43 -77.58 -9.65
C ILE E 272 -22.06 -76.49 -10.64
N THR E 273 -20.76 -76.20 -10.79
CA THR E 273 -20.30 -75.04 -11.54
C THR E 273 -20.47 -75.23 -13.04
N LYS E 274 -20.11 -76.40 -13.56
CA LYS E 274 -20.15 -76.66 -15.00
C LYS E 274 -21.57 -76.67 -15.54
N ARG E 275 -22.55 -76.98 -14.68
CA ARG E 275 -23.94 -76.83 -15.07
C ARG E 275 -24.35 -75.36 -15.09
N VAL E 276 -23.83 -74.58 -14.14
CA VAL E 276 -24.06 -73.13 -14.15
C VAL E 276 -23.27 -72.49 -15.29
N MET E 277 -22.10 -73.05 -15.60
CA MET E 277 -21.34 -72.60 -16.76
C MET E 277 -22.05 -72.92 -18.06
N PHE E 278 -22.78 -74.03 -18.10
CA PHE E 278 -23.60 -74.32 -19.27
C PHE E 278 -24.80 -73.37 -19.35
N ALA E 279 -25.28 -72.90 -18.20
CA ALA E 279 -26.33 -71.89 -18.18
C ALA E 279 -25.78 -70.54 -18.62
N TYR E 280 -24.52 -70.28 -18.31
CA TYR E 280 -23.87 -69.03 -18.73
C TYR E 280 -23.65 -68.98 -20.23
N GLU E 281 -23.20 -70.09 -20.82
CA GLU E 281 -22.85 -70.09 -22.24
C GLU E 281 -24.09 -69.97 -23.11
N GLN E 282 -25.23 -70.50 -22.65
CA GLN E 282 -26.47 -70.35 -23.40
C GLN E 282 -26.98 -68.93 -23.34
N CYS E 283 -26.71 -68.22 -22.24
CA CYS E 283 -27.20 -66.86 -22.10
C CYS E 283 -26.32 -65.89 -22.88
N LEU E 284 -25.03 -66.22 -23.02
CA LEU E 284 -24.12 -65.35 -23.76
C LEU E 284 -24.35 -65.41 -25.26
N LEU E 285 -25.09 -66.42 -25.73
CA LEU E 285 -25.46 -66.45 -27.15
C LEU E 285 -26.56 -65.45 -27.45
N VAL E 286 -27.51 -65.30 -26.54
CA VAL E 286 -28.69 -64.50 -26.76
C VAL E 286 -28.46 -63.04 -26.37
N LEU E 287 -27.73 -62.82 -25.27
CA LEU E 287 -27.52 -61.46 -24.76
C LEU E 287 -26.04 -61.21 -24.47
N GLY E 288 -25.18 -61.53 -25.44
CA GLY E 288 -23.75 -61.37 -25.28
C GLY E 288 -23.24 -59.96 -25.14
N HIS E 289 -24.02 -58.96 -25.54
CA HIS E 289 -23.61 -57.57 -25.41
C HIS E 289 -23.98 -56.97 -24.06
N HIS E 290 -24.24 -57.81 -23.06
CA HIS E 290 -24.57 -57.34 -21.72
C HIS E 290 -23.40 -57.59 -20.80
N PRO E 291 -22.85 -56.57 -20.14
CA PRO E 291 -21.67 -56.78 -19.29
C PRO E 291 -21.94 -57.59 -18.05
N ASP E 292 -23.18 -57.58 -17.55
CA ASP E 292 -23.49 -58.27 -16.30
C ASP E 292 -23.45 -59.79 -16.47
N ILE E 293 -23.84 -60.27 -17.66
CA ILE E 293 -23.84 -61.70 -17.89
C ILE E 293 -22.41 -62.21 -18.06
N TRP E 294 -21.53 -61.35 -18.59
CA TRP E 294 -20.11 -61.68 -18.59
C TRP E 294 -19.53 -61.59 -17.18
N TYR E 295 -19.98 -60.61 -16.40
CA TYR E 295 -19.40 -60.40 -15.08
C TYR E 295 -19.90 -61.45 -14.09
N GLU E 296 -21.19 -61.76 -14.12
CA GLU E 296 -21.71 -62.79 -13.22
C GLU E 296 -21.27 -64.18 -13.62
N ALA E 297 -20.73 -64.32 -14.83
CA ALA E 297 -20.13 -65.58 -15.22
C ALA E 297 -18.84 -65.84 -14.45
N ALA E 298 -17.85 -64.97 -14.57
CA ALA E 298 -16.53 -65.27 -14.04
C ALA E 298 -16.42 -64.99 -12.55
N GLN E 299 -17.31 -64.17 -11.99
CA GLN E 299 -17.34 -64.03 -10.54
C GLN E 299 -17.84 -65.30 -9.89
N TYR E 300 -18.72 -66.02 -10.57
CA TYR E 300 -19.10 -67.34 -10.09
C TYR E 300 -17.94 -68.31 -10.18
N LEU E 301 -17.06 -68.11 -11.16
CA LEU E 301 -15.86 -68.93 -11.26
C LEU E 301 -14.82 -68.51 -10.23
N GLU E 302 -14.72 -67.21 -9.95
CA GLU E 302 -13.85 -66.76 -8.88
C GLU E 302 -14.36 -67.24 -7.52
N GLN E 303 -15.68 -67.29 -7.37
CA GLN E 303 -16.28 -67.88 -6.18
C GLN E 303 -16.04 -69.37 -6.11
N SER E 304 -16.12 -70.05 -7.26
CA SER E 304 -15.90 -71.49 -7.28
C SER E 304 -14.42 -71.83 -7.23
N SER E 305 -13.55 -70.84 -7.47
CA SER E 305 -12.11 -71.07 -7.35
C SER E 305 -11.71 -71.20 -5.88
N LYS E 306 -12.16 -70.27 -5.04
CA LYS E 306 -11.78 -70.31 -3.64
C LYS E 306 -12.60 -71.33 -2.87
N LEU E 307 -13.73 -71.78 -3.43
CA LEU E 307 -14.50 -72.81 -2.76
C LEU E 307 -13.92 -74.19 -3.01
N LEU E 308 -13.32 -74.41 -4.18
CA LEU E 308 -12.59 -75.65 -4.44
C LEU E 308 -11.18 -75.62 -3.87
N ALA E 309 -10.66 -74.43 -3.57
CA ALA E 309 -9.35 -74.34 -2.95
C ALA E 309 -9.38 -74.80 -1.49
N GLU E 310 -10.56 -74.76 -0.87
CA GLU E 310 -10.67 -75.17 0.52
C GLU E 310 -10.78 -76.69 0.64
N LYS E 311 -11.67 -77.30 -0.13
CA LYS E 311 -11.99 -78.71 0.04
C LYS E 311 -11.11 -79.62 -0.83
N GLY E 312 -9.81 -79.42 -0.77
CA GLY E 312 -8.86 -80.42 -1.26
C GLY E 312 -8.61 -80.44 -2.75
N ASP E 313 -9.60 -80.13 -3.57
CA ASP E 313 -9.47 -80.22 -5.02
C ASP E 313 -8.63 -79.05 -5.52
N MET E 314 -7.31 -79.22 -5.47
CA MET E 314 -6.40 -78.10 -5.71
C MET E 314 -6.09 -77.93 -7.19
N ASN E 315 -5.96 -79.03 -7.93
CA ASN E 315 -5.58 -78.96 -9.34
C ASN E 315 -6.73 -78.43 -10.19
N ASN E 316 -7.96 -78.56 -9.70
CA ASN E 316 -9.13 -78.07 -10.39
C ASN E 316 -9.49 -76.66 -9.95
N ALA E 317 -8.86 -76.18 -8.88
CA ALA E 317 -9.06 -74.81 -8.43
C ALA E 317 -8.46 -73.81 -9.40
N LYS E 318 -7.28 -74.13 -9.95
CA LYS E 318 -6.67 -73.27 -10.95
C LYS E 318 -7.26 -73.49 -12.34
N LEU E 319 -7.92 -74.63 -12.54
CA LEU E 319 -8.59 -74.89 -13.80
C LEU E 319 -9.79 -73.96 -13.98
N PHE E 320 -10.57 -73.77 -12.93
CA PHE E 320 -11.64 -72.78 -12.98
C PHE E 320 -11.09 -71.37 -12.84
N SER E 321 -9.90 -71.22 -12.28
CA SER E 321 -9.35 -69.87 -12.11
C SER E 321 -8.85 -69.32 -13.45
N ASP E 322 -8.23 -70.17 -14.27
CA ASP E 322 -7.85 -69.74 -15.60
C ASP E 322 -9.06 -69.69 -16.53
N GLU E 323 -10.10 -70.46 -16.21
CA GLU E 323 -11.36 -70.35 -16.93
C GLU E 323 -12.04 -69.03 -16.59
N ALA E 324 -11.82 -68.52 -15.38
CA ALA E 324 -12.37 -67.22 -15.01
C ALA E 324 -11.71 -66.10 -15.81
N ALA E 325 -10.42 -66.23 -16.11
CA ALA E 325 -9.77 -65.28 -17.00
C ALA E 325 -10.19 -65.51 -18.44
N ASN E 326 -10.63 -66.73 -18.77
CA ASN E 326 -11.01 -67.04 -20.14
C ASN E 326 -12.35 -66.42 -20.50
N ILE E 327 -13.32 -66.45 -19.58
CA ILE E 327 -14.63 -65.87 -19.84
C ILE E 327 -14.54 -64.35 -19.92
N TYR E 328 -13.65 -63.78 -19.12
CA TYR E 328 -13.32 -62.37 -19.26
C TYR E 328 -12.61 -62.07 -20.58
N GLU E 329 -11.83 -63.03 -21.07
CA GLU E 329 -11.09 -62.80 -22.31
C GLU E 329 -12.01 -62.83 -23.50
N ARG E 330 -13.04 -63.68 -23.46
CA ARG E 330 -13.99 -63.79 -24.56
C ARG E 330 -14.85 -62.54 -24.68
N ALA E 331 -14.99 -61.80 -23.58
CA ALA E 331 -15.78 -60.57 -23.62
C ALA E 331 -15.05 -59.46 -24.37
N ILE E 332 -13.76 -59.29 -24.07
CA ILE E 332 -13.02 -58.14 -24.60
C ILE E 332 -12.50 -58.44 -25.99
N SER E 333 -12.53 -59.70 -26.39
CA SER E 333 -11.95 -60.07 -27.68
C SER E 333 -13.01 -60.32 -28.75
N THR E 334 -14.20 -60.77 -28.37
CA THR E 334 -15.16 -61.19 -29.38
C THR E 334 -16.29 -60.17 -29.55
N LEU E 335 -16.99 -59.86 -28.46
CA LEU E 335 -18.21 -59.07 -28.58
C LEU E 335 -18.09 -57.65 -28.04
N LEU E 336 -17.47 -57.45 -26.89
CA LEU E 336 -17.47 -56.15 -26.21
C LEU E 336 -16.03 -55.66 -26.11
N LYS E 337 -15.57 -55.01 -27.18
CA LYS E 337 -14.20 -54.55 -27.25
C LYS E 337 -14.01 -53.16 -26.64
N LYS E 338 -14.99 -52.28 -26.79
CA LYS E 338 -14.90 -50.92 -26.28
C LYS E 338 -15.58 -50.76 -24.93
N ASN E 339 -16.03 -51.85 -24.34
CA ASN E 339 -16.76 -51.81 -23.08
C ASN E 339 -15.74 -51.93 -21.96
N MET E 340 -15.57 -50.84 -21.21
CA MET E 340 -14.45 -50.72 -20.27
C MET E 340 -14.59 -51.63 -19.08
N LEU E 341 -15.84 -51.94 -18.70
CA LEU E 341 -16.14 -52.56 -17.41
C LEU E 341 -15.60 -53.98 -17.32
N LEU E 342 -15.61 -54.71 -18.43
CA LEU E 342 -15.14 -56.09 -18.41
C LEU E 342 -13.63 -56.16 -18.47
N TYR E 343 -12.96 -55.09 -18.89
CA TYR E 343 -11.51 -55.01 -18.76
C TYR E 343 -11.10 -54.91 -17.31
N PHE E 344 -11.76 -54.03 -16.54
CA PHE E 344 -11.33 -53.79 -15.17
C PHE E 344 -11.71 -54.95 -14.27
N ALA E 345 -12.81 -55.63 -14.59
CA ALA E 345 -13.10 -56.90 -13.94
C ALA E 345 -12.04 -57.94 -14.26
N TYR E 346 -11.47 -57.88 -15.45
CA TYR E 346 -10.40 -58.79 -15.84
C TYR E 346 -9.05 -58.27 -15.38
N ALA E 347 -8.96 -56.98 -15.13
CA ALA E 347 -7.73 -56.46 -14.55
C ALA E 347 -7.63 -56.76 -13.05
N ASP E 348 -8.75 -56.58 -12.33
CA ASP E 348 -8.74 -56.78 -10.89
C ASP E 348 -8.84 -58.26 -10.54
N TYR E 349 -9.24 -59.09 -11.51
CA TYR E 349 -9.18 -60.52 -11.26
C TYR E 349 -7.73 -61.01 -11.30
N GLU E 350 -6.93 -60.44 -12.18
CA GLU E 350 -5.54 -60.86 -12.28
C GLU E 350 -4.68 -60.28 -11.17
N GLU E 351 -5.09 -59.15 -10.59
CA GLU E 351 -4.43 -58.68 -9.39
C GLU E 351 -4.77 -59.59 -8.21
N SER E 352 -5.97 -60.14 -8.19
CA SER E 352 -6.36 -61.07 -7.12
C SER E 352 -5.69 -62.41 -7.29
N ARG E 353 -5.21 -62.71 -8.50
CA ARG E 353 -4.43 -63.92 -8.71
C ARG E 353 -2.92 -63.61 -8.68
N MET E 354 -2.58 -62.36 -8.37
CA MET E 354 -1.23 -61.85 -8.19
C MET E 354 -0.35 -62.01 -9.44
N LYS E 355 -0.95 -62.04 -10.62
CA LYS E 355 -0.17 -62.03 -11.86
C LYS E 355 -0.07 -60.61 -12.40
N TYR E 356 0.81 -59.85 -11.75
CA TYR E 356 0.89 -58.40 -11.96
C TYR E 356 1.48 -58.03 -13.30
N GLU E 357 2.32 -58.89 -13.89
CA GLU E 357 2.89 -58.59 -15.19
C GLU E 357 1.84 -58.75 -16.29
N LYS E 358 0.88 -59.65 -16.08
CA LYS E 358 -0.19 -59.85 -17.06
C LYS E 358 -1.13 -58.65 -17.10
N VAL E 359 -1.25 -57.94 -15.97
CA VAL E 359 -2.23 -56.86 -15.84
C VAL E 359 -1.87 -55.68 -16.75
N HIS E 360 -0.58 -55.38 -16.88
CA HIS E 360 -0.15 -54.26 -17.70
C HIS E 360 -0.42 -54.52 -19.18
N SER E 361 -0.40 -55.79 -19.58
CA SER E 361 -0.82 -56.13 -20.93
C SER E 361 -2.33 -55.93 -21.11
N ILE E 362 -3.09 -56.14 -20.04
CA ILE E 362 -4.55 -56.00 -20.13
C ILE E 362 -4.93 -54.53 -20.26
N TYR E 363 -4.32 -53.69 -19.42
CA TYR E 363 -4.57 -52.25 -19.44
C TYR E 363 -4.08 -51.61 -20.73
N ASN E 364 -2.89 -52.00 -21.22
CA ASN E 364 -2.37 -51.39 -22.44
C ASN E 364 -3.06 -51.91 -23.69
N ARG E 365 -3.72 -53.07 -23.58
CA ARG E 365 -4.58 -53.53 -24.67
C ARG E 365 -5.76 -52.59 -24.87
N LEU E 366 -6.32 -52.07 -23.78
CA LEU E 366 -7.44 -51.15 -23.89
C LEU E 366 -6.97 -49.79 -24.41
N LEU E 367 -5.73 -49.41 -24.10
CA LEU E 367 -5.23 -48.10 -24.50
C LEU E 367 -4.94 -48.06 -25.99
N ALA E 368 -4.71 -49.22 -26.61
CA ALA E 368 -4.44 -49.27 -28.04
C ALA E 368 -5.71 -49.04 -28.85
N ILE E 369 -6.88 -49.23 -28.23
CA ILE E 369 -8.14 -49.00 -28.91
C ILE E 369 -8.32 -47.51 -29.10
N GLU E 370 -8.69 -47.10 -30.33
CA GLU E 370 -8.62 -45.73 -30.79
C GLU E 370 -9.61 -44.81 -30.08
N ASP E 371 -10.90 -45.06 -30.21
CA ASP E 371 -11.93 -44.15 -29.72
C ASP E 371 -12.51 -44.66 -28.41
N ILE E 372 -11.80 -44.40 -27.32
CA ILE E 372 -12.32 -44.58 -25.97
C ILE E 372 -12.06 -43.29 -25.21
N ASP E 373 -12.39 -43.28 -23.93
CA ASP E 373 -11.94 -42.19 -23.06
C ASP E 373 -10.94 -42.76 -22.08
N PRO E 374 -9.64 -42.59 -22.31
CA PRO E 374 -8.63 -43.15 -21.41
C PRO E 374 -8.49 -42.42 -20.09
N THR E 375 -9.26 -41.35 -19.89
CA THR E 375 -9.22 -40.58 -18.65
C THR E 375 -9.65 -41.44 -17.46
N LEU E 376 -10.67 -42.28 -17.67
CA LEU E 376 -11.07 -43.21 -16.62
C LEU E 376 -10.05 -44.33 -16.47
N VAL E 377 -9.50 -44.81 -17.59
CA VAL E 377 -8.62 -45.97 -17.56
C VAL E 377 -7.30 -45.61 -16.88
N TYR E 378 -6.79 -44.42 -17.14
CA TYR E 378 -5.55 -43.96 -16.52
C TYR E 378 -5.72 -43.75 -15.03
N ILE E 379 -6.94 -43.46 -14.58
CA ILE E 379 -7.21 -43.45 -13.14
C ILE E 379 -7.04 -44.85 -12.56
N GLN E 380 -7.67 -45.85 -13.19
CA GLN E 380 -7.61 -47.21 -12.67
C GLN E 380 -6.25 -47.85 -12.93
N TYR E 381 -5.56 -47.43 -13.99
CA TYR E 381 -4.24 -47.97 -14.28
C TYR E 381 -3.18 -47.26 -13.47
N MET E 382 -3.53 -46.11 -12.88
CA MET E 382 -2.73 -45.58 -11.79
C MET E 382 -3.10 -46.24 -10.48
N LYS E 383 -4.38 -46.60 -10.33
CA LYS E 383 -4.85 -47.20 -9.09
C LYS E 383 -4.35 -48.62 -8.93
N PHE E 384 -3.84 -49.22 -10.00
CA PHE E 384 -3.20 -50.52 -9.89
C PHE E 384 -1.75 -50.40 -9.45
N ALA E 385 -1.03 -49.43 -10.00
CA ALA E 385 0.42 -49.34 -9.84
C ALA E 385 0.82 -48.91 -8.45
N ARG E 386 0.09 -47.96 -7.87
CA ARG E 386 0.32 -47.56 -6.49
C ARG E 386 0.00 -48.72 -5.54
N ARG E 387 -1.08 -49.43 -5.84
CA ARG E 387 -1.61 -50.44 -4.94
C ARG E 387 -0.77 -51.70 -4.94
N ALA E 388 -0.20 -52.07 -6.08
CA ALA E 388 0.51 -53.33 -6.20
C ALA E 388 2.01 -53.19 -6.35
N GLU E 389 2.51 -52.04 -6.79
CA GLU E 389 3.90 -51.92 -7.18
C GLU E 389 4.61 -50.71 -6.60
N GLY E 390 3.92 -49.86 -5.83
CA GLY E 390 4.56 -48.76 -5.16
C GLY E 390 4.26 -47.41 -5.79
N ILE E 391 4.78 -46.36 -5.13
CA ILE E 391 4.49 -44.98 -5.53
C ILE E 391 5.17 -44.63 -6.84
N LYS E 392 6.44 -45.03 -7.00
CA LYS E 392 7.21 -44.69 -8.18
C LYS E 392 6.65 -45.37 -9.42
N SER E 393 6.08 -46.56 -9.25
CA SER E 393 5.39 -47.22 -10.35
C SER E 393 4.10 -46.49 -10.70
N GLY E 394 3.51 -45.80 -9.74
CA GLY E 394 2.30 -45.05 -10.02
C GLY E 394 2.58 -43.80 -10.84
N ARG E 395 3.72 -43.15 -10.58
CA ARG E 395 4.02 -41.91 -11.29
C ARG E 395 4.47 -42.18 -12.71
N MET E 396 4.97 -43.39 -12.97
CA MET E 396 5.29 -43.77 -14.35
C MET E 396 4.02 -43.91 -15.16
N ILE E 397 2.93 -44.34 -14.53
CA ILE E 397 1.63 -44.40 -15.20
C ILE E 397 1.11 -43.00 -15.44
N PHE E 398 1.25 -42.13 -14.44
CA PHE E 398 0.81 -40.76 -14.56
C PHE E 398 1.69 -39.97 -15.52
N LYS E 399 2.91 -40.45 -15.76
CA LYS E 399 3.70 -39.93 -16.87
C LYS E 399 3.07 -40.30 -18.21
N LYS E 400 2.53 -41.51 -18.32
CA LYS E 400 1.89 -41.91 -19.57
C LYS E 400 0.53 -41.25 -19.72
N ALA E 401 -0.06 -40.80 -18.62
CA ALA E 401 -1.37 -40.16 -18.70
C ALA E 401 -1.25 -38.74 -19.25
N ARG E 402 -0.11 -38.09 -19.02
CA ARG E 402 0.07 -36.72 -19.50
C ARG E 402 0.36 -36.68 -20.99
N GLU E 403 0.96 -37.74 -21.53
CA GLU E 403 1.39 -37.76 -22.92
C GLU E 403 0.35 -38.30 -23.89
N ASP E 404 -0.87 -38.55 -23.42
CA ASP E 404 -1.95 -39.04 -24.28
C ASP E 404 -2.89 -37.88 -24.56
N THR E 405 -3.10 -37.59 -25.84
CA THR E 405 -3.87 -36.41 -26.25
C THR E 405 -5.33 -36.36 -25.80
N ARG E 406 -6.00 -37.48 -25.87
CA ARG E 406 -7.40 -37.56 -25.47
C ARG E 406 -7.64 -37.26 -23.99
N THR E 407 -6.70 -37.70 -23.16
CA THR E 407 -6.88 -37.63 -21.71
C THR E 407 -7.56 -36.34 -21.29
N ARG E 408 -8.58 -36.46 -20.44
CA ARG E 408 -9.24 -35.30 -19.84
C ARG E 408 -8.78 -35.10 -18.40
N HIS E 409 -9.49 -34.22 -17.69
CA HIS E 409 -8.96 -33.61 -16.48
C HIS E 409 -9.04 -34.50 -15.25
N HIS E 410 -9.70 -35.66 -15.33
CA HIS E 410 -9.99 -36.39 -14.11
C HIS E 410 -8.78 -37.13 -13.58
N VAL E 411 -7.79 -37.39 -14.43
CA VAL E 411 -6.62 -38.10 -13.95
C VAL E 411 -5.72 -37.15 -13.18
N TYR E 412 -5.85 -35.85 -13.44
CA TYR E 412 -5.10 -34.88 -12.66
C TYR E 412 -5.69 -34.73 -11.27
N VAL E 413 -6.99 -34.96 -11.13
CA VAL E 413 -7.62 -34.91 -9.82
C VAL E 413 -7.24 -36.14 -9.00
N THR E 414 -7.26 -37.31 -9.63
CA THR E 414 -7.00 -38.56 -8.92
C THR E 414 -5.56 -38.63 -8.42
N ALA E 415 -4.62 -38.18 -9.25
CA ALA E 415 -3.20 -38.41 -8.99
C ALA E 415 -2.71 -37.62 -7.79
N ALA E 416 -3.22 -36.39 -7.60
CA ALA E 416 -2.85 -35.63 -6.42
C ALA E 416 -3.51 -36.22 -5.18
N LEU E 417 -4.67 -36.86 -5.35
CA LEU E 417 -5.29 -37.52 -4.21
C LEU E 417 -4.64 -38.87 -3.94
N MET E 418 -4.03 -39.48 -4.95
CA MET E 418 -3.29 -40.72 -4.71
C MET E 418 -2.00 -40.43 -3.94
N GLU E 419 -1.45 -39.24 -4.14
CA GLU E 419 -0.21 -38.90 -3.42
C GLU E 419 -0.50 -38.44 -2.01
N TYR E 420 -1.58 -37.69 -1.82
CA TYR E 420 -1.89 -37.14 -0.50
C TYR E 420 -2.44 -38.21 0.44
N TYR E 421 -3.40 -39.01 -0.05
CA TYR E 421 -4.02 -39.98 0.83
C TYR E 421 -3.13 -41.18 1.12
N CYS E 422 -2.24 -41.54 0.21
CA CYS E 422 -1.42 -42.75 0.36
C CYS E 422 0.01 -42.45 0.74
N SER E 423 0.67 -41.54 0.03
CA SER E 423 2.08 -41.26 0.31
C SER E 423 2.24 -40.13 1.31
N LYS E 424 1.12 -39.60 1.81
CA LYS E 424 1.04 -38.64 2.91
C LYS E 424 1.77 -37.33 2.66
N ASP E 425 1.94 -36.95 1.40
CA ASP E 425 2.67 -35.74 1.04
C ASP E 425 1.69 -34.67 0.60
N LYS E 426 1.94 -33.43 1.03
CA LYS E 426 1.09 -32.31 0.62
C LYS E 426 1.66 -31.58 -0.58
N SER E 427 2.99 -31.52 -0.71
CA SER E 427 3.60 -30.70 -1.76
C SER E 427 3.47 -31.36 -3.13
N VAL E 428 3.67 -32.67 -3.20
CA VAL E 428 3.46 -33.41 -4.45
C VAL E 428 1.99 -33.36 -4.84
N ALA E 429 1.10 -33.47 -3.85
CA ALA E 429 -0.33 -33.30 -4.09
C ALA E 429 -0.66 -31.86 -4.52
N PHE E 430 0.18 -30.92 -4.12
CA PHE E 430 -0.01 -29.54 -4.55
C PHE E 430 0.57 -29.30 -5.94
N LYS E 431 1.71 -29.93 -6.25
CA LYS E 431 2.35 -29.67 -7.53
C LYS E 431 1.61 -30.36 -8.66
N ILE E 432 0.97 -31.49 -8.38
CA ILE E 432 0.21 -32.19 -9.42
C ILE E 432 -1.07 -31.41 -9.75
N PHE E 433 -1.72 -30.87 -8.72
CA PHE E 433 -2.90 -30.03 -8.94
C PHE E 433 -2.56 -28.73 -9.67
N GLU E 434 -1.40 -28.13 -9.37
CA GLU E 434 -1.01 -26.91 -10.06
C GLU E 434 -0.57 -27.21 -11.49
N LEU E 435 -0.07 -28.43 -11.72
CA LEU E 435 0.22 -28.87 -13.09
C LEU E 435 -1.04 -28.97 -13.93
N GLY E 436 -2.14 -29.43 -13.35
CA GLY E 436 -3.38 -29.51 -14.08
C GLY E 436 -4.04 -28.16 -14.27
N LEU E 437 -3.86 -27.26 -13.31
CA LEU E 437 -4.54 -25.97 -13.35
C LEU E 437 -3.95 -25.07 -14.44
N LYS E 438 -2.66 -25.25 -14.74
CA LYS E 438 -2.05 -24.55 -15.86
C LYS E 438 -2.60 -25.07 -17.18
N LYS E 439 -2.87 -26.37 -17.25
CA LYS E 439 -3.29 -26.99 -18.50
C LYS E 439 -4.81 -27.00 -18.65
N TYR E 440 -5.53 -27.28 -17.58
CA TYR E 440 -6.98 -27.48 -17.63
C TYR E 440 -7.74 -26.47 -16.76
N GLY E 441 -7.35 -25.20 -16.81
CA GLY E 441 -7.97 -24.20 -15.98
C GLY E 441 -9.27 -23.62 -16.50
N ASP E 442 -9.80 -24.20 -17.58
CA ASP E 442 -11.08 -23.76 -18.14
C ASP E 442 -12.16 -24.83 -17.99
N ILE E 443 -11.97 -25.79 -17.10
CA ILE E 443 -12.95 -26.82 -16.83
C ILE E 443 -13.47 -26.62 -15.42
N PRO E 444 -14.77 -26.31 -15.24
CA PRO E 444 -15.29 -26.05 -13.88
C PRO E 444 -15.33 -27.30 -13.02
N GLU E 445 -15.50 -28.48 -13.62
CA GLU E 445 -15.55 -29.70 -12.83
C GLU E 445 -14.17 -30.08 -12.32
N TYR E 446 -13.12 -29.63 -12.98
CA TYR E 446 -11.77 -29.84 -12.46
C TYR E 446 -11.53 -28.96 -11.24
N VAL E 447 -11.87 -27.67 -11.34
CA VAL E 447 -11.46 -26.69 -10.34
C VAL E 447 -12.16 -26.95 -9.01
N LEU E 448 -13.44 -27.34 -9.07
CA LEU E 448 -14.20 -27.67 -7.86
C LEU E 448 -13.62 -28.88 -7.14
N ALA E 449 -12.99 -29.78 -7.88
CA ALA E 449 -12.34 -30.92 -7.24
C ALA E 449 -11.03 -30.49 -6.59
N TYR E 450 -10.49 -29.35 -7.02
CA TYR E 450 -9.30 -28.81 -6.36
C TYR E 450 -9.70 -27.74 -5.34
N ILE E 451 -10.92 -27.20 -5.48
CA ILE E 451 -11.44 -26.28 -4.49
C ILE E 451 -11.74 -26.99 -3.17
N ASP E 452 -12.39 -28.16 -3.23
CA ASP E 452 -12.79 -28.79 -1.99
C ASP E 452 -11.65 -29.58 -1.36
N TYR E 453 -10.61 -29.86 -2.15
CA TYR E 453 -9.36 -30.36 -1.56
C TYR E 453 -8.70 -29.31 -0.70
N LEU E 454 -8.57 -28.09 -1.21
CA LEU E 454 -7.89 -27.06 -0.46
C LEU E 454 -8.80 -26.45 0.60
N SER E 455 -10.11 -26.66 0.46
CA SER E 455 -11.06 -26.28 1.49
C SER E 455 -10.92 -27.13 2.75
N HIS E 456 -10.34 -28.33 2.65
CA HIS E 456 -10.28 -29.25 3.77
C HIS E 456 -8.90 -29.36 4.40
N LEU E 457 -7.90 -28.63 3.90
CA LEU E 457 -6.56 -28.75 4.45
C LEU E 457 -6.28 -27.79 5.60
N ASN E 458 -7.33 -27.12 6.08
CA ASN E 458 -7.27 -26.27 7.26
C ASN E 458 -6.58 -24.94 7.16
N GLU E 459 -6.29 -24.48 5.95
CA GLU E 459 -5.64 -23.18 5.81
C GLU E 459 -6.54 -22.19 5.10
N ASP E 460 -6.90 -21.14 5.83
CA ASP E 460 -7.75 -20.10 5.32
C ASP E 460 -7.16 -19.26 4.19
N ASN E 461 -5.86 -18.97 4.31
CA ASN E 461 -5.21 -18.10 3.35
C ASN E 461 -5.00 -18.81 2.02
N ASN E 462 -4.59 -20.06 2.06
CA ASN E 462 -4.40 -20.82 0.84
C ASN E 462 -5.72 -21.02 0.11
N THR E 463 -6.76 -21.37 0.85
CA THR E 463 -8.06 -21.62 0.21
C THR E 463 -8.62 -20.39 -0.47
N ARG E 464 -8.42 -19.25 0.16
CA ARG E 464 -8.91 -17.98 -0.36
C ARG E 464 -8.01 -17.47 -1.48
N VAL E 465 -6.71 -17.77 -1.42
CA VAL E 465 -5.80 -17.37 -2.48
C VAL E 465 -6.12 -18.09 -3.79
N LEU E 466 -6.49 -19.37 -3.70
CA LEU E 466 -6.89 -20.13 -4.88
C LEU E 466 -8.18 -19.59 -5.48
N PHE E 467 -9.12 -19.19 -4.63
CA PHE E 467 -10.41 -18.69 -5.10
C PHE E 467 -10.26 -17.42 -5.91
N GLU E 468 -9.35 -16.54 -5.50
CA GLU E 468 -9.18 -15.30 -6.26
C GLU E 468 -8.29 -15.51 -7.48
N ARG E 469 -7.56 -16.63 -7.54
CA ARG E 469 -6.82 -16.99 -8.74
C ARG E 469 -7.75 -17.40 -9.86
N VAL E 470 -8.70 -18.28 -9.54
CA VAL E 470 -9.61 -18.86 -10.52
C VAL E 470 -10.57 -17.80 -11.04
N LEU E 471 -11.02 -16.92 -10.14
CA LEU E 471 -12.07 -15.98 -10.49
C LEU E 471 -11.57 -14.64 -10.99
N THR E 472 -10.27 -14.47 -11.21
CA THR E 472 -9.74 -13.22 -11.73
C THR E 472 -8.85 -13.40 -12.96
N SER E 473 -8.03 -14.45 -13.00
CA SER E 473 -7.05 -14.65 -14.07
C SER E 473 -7.68 -14.93 -15.43
N GLY E 474 -8.95 -15.29 -15.49
CA GLY E 474 -9.62 -15.47 -16.77
C GLY E 474 -9.29 -16.78 -17.46
N SER E 475 -8.59 -17.68 -16.76
CA SER E 475 -8.35 -19.02 -17.29
C SER E 475 -9.63 -19.83 -17.38
N LEU E 476 -10.59 -19.59 -16.48
CA LEU E 476 -11.90 -20.18 -16.53
C LEU E 476 -12.88 -19.16 -17.09
N PRO E 477 -13.82 -19.54 -17.95
CA PRO E 477 -14.86 -18.60 -18.37
C PRO E 477 -15.75 -18.23 -17.20
N PRO E 478 -16.20 -16.98 -17.11
CA PRO E 478 -17.01 -16.56 -15.97
C PRO E 478 -18.43 -17.12 -16.02
N GLU E 479 -18.91 -17.45 -17.22
CA GLU E 479 -20.29 -17.91 -17.36
C GLU E 479 -20.49 -19.30 -16.81
N LYS E 480 -19.43 -20.12 -16.79
CA LYS E 480 -19.52 -21.48 -16.31
C LYS E 480 -19.00 -21.63 -14.89
N SER E 481 -18.77 -20.50 -14.20
CA SER E 481 -18.17 -20.52 -12.89
C SER E 481 -19.17 -20.30 -11.77
N GLY E 482 -20.45 -20.64 -11.97
CA GLY E 482 -21.47 -20.45 -10.96
C GLY E 482 -21.27 -21.29 -9.71
N GLU E 483 -20.78 -22.51 -9.88
CA GLU E 483 -20.57 -23.37 -8.72
C GLU E 483 -19.23 -23.08 -8.06
N ILE E 484 -18.33 -22.41 -8.77
CA ILE E 484 -17.10 -21.90 -8.15
C ILE E 484 -17.44 -20.84 -7.12
N TRP E 485 -18.31 -19.90 -7.51
CA TRP E 485 -18.77 -18.87 -6.60
C TRP E 485 -19.66 -19.45 -5.50
N ALA E 486 -20.30 -20.58 -5.75
CA ALA E 486 -21.19 -21.15 -4.74
C ALA E 486 -20.41 -21.86 -3.65
N ARG E 487 -19.22 -22.37 -3.97
CA ARG E 487 -18.35 -22.91 -2.94
C ARG E 487 -17.57 -21.81 -2.25
N PHE E 488 -17.62 -20.60 -2.81
CA PHE E 488 -16.91 -19.46 -2.24
C PHE E 488 -17.60 -18.95 -0.98
N LEU E 489 -18.93 -18.88 -1.01
CA LEU E 489 -19.69 -18.40 0.13
C LEU E 489 -19.90 -19.51 1.15
N ALA E 490 -19.74 -20.76 0.74
CA ALA E 490 -19.68 -21.85 1.72
C ALA E 490 -18.40 -21.75 2.54
N PHE E 491 -17.35 -21.18 1.96
CA PHE E 491 -16.09 -21.04 2.67
C PHE E 491 -16.01 -19.75 3.47
N GLU E 492 -16.48 -18.63 2.90
CA GLU E 492 -16.48 -17.37 3.63
C GLU E 492 -17.56 -17.26 4.69
N SER E 493 -18.39 -18.29 4.88
CA SER E 493 -19.32 -18.31 5.99
C SER E 493 -18.80 -19.09 7.18
N ASN E 494 -17.95 -20.09 6.96
CA ASN E 494 -17.34 -20.80 8.08
C ASN E 494 -16.24 -19.94 8.71
N ILE E 495 -15.37 -19.38 7.88
CA ILE E 495 -14.30 -18.52 8.38
C ILE E 495 -14.58 -17.10 7.88
N GLY E 496 -13.72 -16.16 8.27
CA GLY E 496 -13.86 -14.80 7.82
C GLY E 496 -14.94 -14.05 8.57
N ASP E 497 -15.01 -12.76 8.28
CA ASP E 497 -15.93 -11.87 8.96
C ASP E 497 -17.01 -11.43 8.00
N LEU E 498 -18.01 -10.75 8.55
CA LEU E 498 -19.19 -10.34 7.79
C LEU E 498 -18.83 -9.26 6.79
N ALA E 499 -17.78 -8.49 7.09
CA ALA E 499 -17.27 -7.52 6.13
C ALA E 499 -16.75 -8.19 4.88
N SER E 500 -16.16 -9.39 5.01
CA SER E 500 -15.64 -10.08 3.85
C SER E 500 -16.75 -10.67 2.99
N ILE E 501 -17.88 -11.04 3.59
CA ILE E 501 -18.96 -11.68 2.84
C ILE E 501 -19.70 -10.63 2.00
N LEU E 502 -19.92 -9.46 2.59
CA LEU E 502 -20.74 -8.45 1.93
C LEU E 502 -19.99 -7.77 0.79
N LYS E 503 -18.66 -7.89 0.76
CA LYS E 503 -17.90 -7.50 -0.42
C LYS E 503 -18.24 -8.43 -1.58
N VAL E 504 -18.32 -9.72 -1.27
CA VAL E 504 -18.38 -10.76 -2.29
C VAL E 504 -19.76 -10.83 -2.91
N GLU E 505 -20.80 -10.73 -2.09
CA GLU E 505 -22.15 -10.82 -2.61
C GLU E 505 -22.55 -9.52 -3.31
N LYS E 506 -21.75 -8.46 -3.15
CA LYS E 506 -21.84 -7.35 -4.09
C LYS E 506 -21.00 -7.61 -5.33
N ARG E 507 -19.94 -8.40 -5.21
CA ARG E 507 -19.05 -8.64 -6.34
C ARG E 507 -19.54 -9.81 -7.18
N ARG E 508 -20.02 -10.88 -6.53
CA ARG E 508 -20.58 -12.02 -7.24
C ARG E 508 -21.86 -11.63 -7.97
N PHE E 509 -22.65 -10.74 -7.38
CA PHE E 509 -23.83 -10.23 -8.08
C PHE E 509 -23.43 -9.30 -9.22
N THR E 510 -22.28 -8.64 -9.09
CA THR E 510 -21.80 -7.81 -10.20
C THR E 510 -21.32 -8.67 -11.36
N ALA E 511 -20.69 -9.80 -11.05
CA ALA E 511 -20.22 -10.69 -12.10
C ALA E 511 -21.36 -11.45 -12.77
N PHE E 512 -22.47 -11.65 -12.06
CA PHE E 512 -23.64 -12.34 -12.59
C PHE E 512 -24.86 -11.42 -12.63
N LYS E 513 -24.65 -10.19 -13.05
CA LYS E 513 -25.74 -9.22 -13.06
C LYS E 513 -26.91 -9.60 -13.96
N GLU E 514 -26.61 -10.23 -15.10
CA GLU E 514 -27.64 -10.52 -16.07
C GLU E 514 -28.70 -11.46 -15.51
N GLU E 515 -28.29 -12.59 -14.96
CA GLU E 515 -29.24 -13.64 -14.59
C GLU E 515 -29.63 -13.63 -13.12
N TYR E 516 -29.24 -12.68 -12.28
CA TYR E 516 -29.63 -12.70 -10.88
C TYR E 516 -30.48 -11.52 -10.45
N GLU E 517 -30.83 -10.60 -11.35
CA GLU E 517 -31.68 -9.48 -10.98
C GLU E 517 -33.11 -9.97 -10.74
N GLY E 518 -33.62 -9.72 -9.54
CA GLY E 518 -34.89 -10.26 -9.10
C GLY E 518 -34.77 -11.51 -8.27
N LYS E 519 -33.60 -12.15 -8.26
CA LYS E 519 -33.41 -13.41 -7.57
C LYS E 519 -32.52 -13.26 -6.33
N GLU E 520 -32.44 -12.07 -5.75
CA GLU E 520 -31.43 -11.77 -4.73
C GLU E 520 -31.75 -12.47 -3.41
N THR E 521 -33.01 -12.45 -3.01
CA THR E 521 -33.39 -13.02 -1.72
C THR E 521 -33.36 -14.54 -1.77
N ALA E 522 -33.71 -15.12 -2.92
CA ALA E 522 -33.49 -16.54 -3.11
C ALA E 522 -32.01 -16.88 -3.19
N LEU E 523 -31.19 -15.91 -3.59
CA LEU E 523 -29.75 -16.11 -3.61
C LEU E 523 -29.16 -15.93 -2.22
N LEU E 524 -29.90 -15.23 -1.35
CA LEU E 524 -29.44 -14.98 0.01
C LEU E 524 -29.45 -16.24 0.85
N VAL E 525 -30.34 -17.19 0.53
CA VAL E 525 -30.52 -18.41 1.30
C VAL E 525 -29.23 -19.24 1.33
N ASP E 526 -28.46 -19.17 0.25
CA ASP E 526 -27.17 -19.84 0.19
C ASP E 526 -26.09 -19.17 1.03
N ARG E 527 -26.36 -17.99 1.62
CA ARG E 527 -25.49 -17.49 2.67
C ARG E 527 -25.86 -18.08 4.03
N TYR E 528 -27.11 -18.49 4.20
CA TYR E 528 -27.62 -18.95 5.49
C TYR E 528 -27.92 -20.43 5.57
N LYS E 529 -27.94 -21.14 4.46
CA LYS E 529 -28.38 -22.53 4.50
C LYS E 529 -27.26 -23.41 5.03
N PHE E 530 -27.67 -24.47 5.72
CA PHE E 530 -26.79 -25.59 6.00
C PHE E 530 -27.30 -26.69 5.07
N MET E 531 -26.82 -27.92 5.26
CA MET E 531 -27.00 -29.12 4.42
C MET E 531 -28.47 -29.24 3.97
N ASP E 532 -29.43 -29.33 4.88
CA ASP E 532 -30.83 -29.36 4.50
C ASP E 532 -31.66 -28.30 5.23
N LEU E 533 -31.01 -27.40 5.95
CA LEU E 533 -31.69 -26.37 6.72
C LEU E 533 -31.84 -25.11 5.87
N TYR E 534 -33.08 -24.78 5.56
CA TYR E 534 -33.38 -23.55 4.86
C TYR E 534 -34.18 -22.66 5.79
N PRO E 535 -33.99 -21.36 5.73
CA PRO E 535 -34.73 -20.46 6.62
C PRO E 535 -36.15 -20.16 6.16
N CYS E 536 -36.66 -20.90 5.18
CA CYS E 536 -38.06 -20.78 4.76
C CYS E 536 -38.57 -22.18 4.44
N SER E 537 -39.88 -22.27 4.24
CA SER E 537 -40.47 -23.53 3.83
C SER E 537 -40.22 -23.78 2.35
N ALA E 538 -40.46 -25.02 1.92
CA ALA E 538 -40.25 -25.38 0.52
C ALA E 538 -41.30 -24.73 -0.38
N SER E 539 -42.48 -24.44 0.18
CA SER E 539 -43.50 -23.75 -0.58
C SER E 539 -43.15 -22.29 -0.80
N GLU E 540 -42.44 -21.67 0.14
CA GLU E 540 -42.05 -20.28 -0.01
C GLU E 540 -40.87 -20.13 -0.97
N LEU E 541 -39.96 -21.09 -0.96
CA LEU E 541 -38.77 -20.98 -1.82
C LEU E 541 -39.10 -21.33 -3.27
N LYS E 542 -40.26 -21.94 -3.50
CA LYS E 542 -40.70 -22.25 -4.85
C LYS E 542 -40.98 -20.97 -5.64
N ALA E 543 -41.51 -19.96 -4.94
CA ALA E 543 -41.88 -18.72 -5.62
C ALA E 543 -40.84 -17.63 -5.49
N LEU E 544 -39.87 -17.77 -4.58
CA LEU E 544 -38.78 -16.79 -4.52
C LEU E 544 -37.78 -16.96 -5.64
N GLY E 545 -37.72 -18.15 -6.25
CA GLY E 545 -36.76 -18.42 -7.30
C GLY E 545 -35.55 -19.19 -6.84
N TYR E 546 -35.65 -19.94 -5.75
CA TYR E 546 -34.51 -20.66 -5.23
C TYR E 546 -34.24 -21.92 -6.05
N LYS E 547 -32.95 -22.22 -6.22
CA LYS E 547 -32.51 -23.39 -6.97
C LYS E 547 -31.47 -24.10 -6.11
N ASP E 548 -31.31 -25.40 -6.33
CA ASP E 548 -30.37 -26.21 -5.55
C ASP E 548 -29.31 -26.75 -6.49
N VAL E 549 -28.05 -26.42 -6.21
CA VAL E 549 -26.94 -26.92 -7.01
C VAL E 549 -26.45 -28.25 -6.47
N ALA F 21 -68.51 -21.57 6.32
CA ALA F 21 -67.42 -20.65 6.04
C ALA F 21 -66.24 -20.89 6.98
N GLU F 22 -66.51 -21.35 8.19
CA GLU F 22 -65.44 -21.61 9.14
C GLU F 22 -64.71 -22.91 8.82
N LYS F 23 -65.40 -23.85 8.16
CA LYS F 23 -64.76 -25.07 7.69
C LYS F 23 -63.76 -24.77 6.59
N LYS F 24 -64.08 -23.80 5.74
CA LYS F 24 -63.15 -23.39 4.68
C LYS F 24 -61.97 -22.61 5.26
N LEU F 25 -62.16 -22.02 6.45
CA LEU F 25 -61.05 -21.32 7.11
C LEU F 25 -60.08 -22.30 7.77
N GLU F 26 -60.50 -23.55 7.96
CA GLU F 26 -59.63 -24.54 8.60
C GLU F 26 -58.53 -25.00 7.64
N GLU F 27 -58.90 -25.32 6.40
CA GLU F 27 -57.92 -25.74 5.40
C GLU F 27 -57.09 -24.55 4.95
N ASN F 28 -57.75 -23.52 4.43
CA ASN F 28 -57.07 -22.30 4.02
C ASN F 28 -57.44 -21.20 4.99
N PRO F 29 -56.52 -20.75 5.88
CA PRO F 29 -56.84 -19.65 6.79
C PRO F 29 -57.02 -18.32 6.08
N TYR F 30 -56.48 -18.18 4.87
CA TYR F 30 -56.61 -16.98 4.07
C TYR F 30 -57.54 -17.17 2.88
N ASP F 31 -58.54 -18.05 3.00
CA ASP F 31 -59.48 -18.27 1.91
C ASP F 31 -60.37 -17.03 1.80
N LEU F 32 -60.12 -16.24 0.75
CA LEU F 32 -60.79 -14.95 0.63
C LEU F 32 -62.27 -15.10 0.30
N ASP F 33 -62.68 -16.25 -0.25
CA ASP F 33 -64.10 -16.54 -0.36
C ASP F 33 -64.70 -16.77 1.01
N ALA F 34 -63.95 -17.43 1.90
CA ALA F 34 -64.46 -17.73 3.23
C ALA F 34 -64.46 -16.49 4.12
N TRP F 35 -63.47 -15.60 3.92
CA TRP F 35 -63.46 -14.36 4.67
C TRP F 35 -64.56 -13.41 4.20
N SER F 36 -64.93 -13.48 2.92
CA SER F 36 -65.94 -12.58 2.39
C SER F 36 -67.34 -12.93 2.88
N ILE F 37 -67.59 -14.22 3.15
CA ILE F 37 -68.87 -14.63 3.72
C ILE F 37 -69.02 -14.07 5.13
N LEU F 38 -67.91 -13.98 5.86
CA LEU F 38 -67.91 -13.30 7.16
C LEU F 38 -68.16 -11.81 6.99
N ILE F 39 -67.73 -11.25 5.86
CA ILE F 39 -67.98 -9.84 5.56
C ILE F 39 -69.43 -9.65 5.10
N ARG F 40 -69.97 -10.61 4.35
CA ARG F 40 -71.35 -10.50 3.86
C ARG F 40 -72.35 -10.58 4.99
N GLU F 41 -72.10 -11.42 5.98
CA GLU F 41 -72.97 -11.53 7.15
C GLU F 41 -72.60 -10.56 8.26
N ALA F 42 -71.68 -9.62 8.00
CA ALA F 42 -71.26 -8.68 9.03
C ALA F 42 -72.26 -7.53 9.18
N GLN F 43 -72.87 -7.09 8.09
CA GLN F 43 -73.86 -6.03 8.18
C GLN F 43 -75.26 -6.55 8.51
N ASN F 44 -75.43 -7.86 8.55
CA ASN F 44 -76.71 -8.48 8.89
C ASN F 44 -76.76 -8.79 10.38
N GLN F 45 -75.82 -8.25 11.15
CA GLN F 45 -75.73 -8.47 12.58
C GLN F 45 -75.31 -7.16 13.22
N PRO F 46 -75.71 -6.90 14.48
CA PRO F 46 -75.40 -5.60 15.09
C PRO F 46 -73.92 -5.43 15.40
N ILE F 47 -73.59 -4.23 15.88
CA ILE F 47 -72.20 -3.78 16.03
C ILE F 47 -71.52 -4.50 17.19
N ASP F 48 -72.32 -5.08 18.09
CA ASP F 48 -71.73 -5.86 19.18
C ASP F 48 -71.38 -7.27 18.74
N LYS F 49 -72.14 -7.83 17.80
CA LYS F 49 -71.84 -9.17 17.28
C LYS F 49 -70.89 -9.13 16.10
N ALA F 50 -70.95 -8.09 15.28
CA ALA F 50 -70.09 -8.01 14.10
C ALA F 50 -68.66 -7.66 14.48
N ARG F 51 -68.47 -7.10 15.68
CA ARG F 51 -67.15 -6.69 16.18
C ARG F 51 -66.21 -7.87 16.34
N LYS F 52 -66.74 -9.03 16.77
CA LYS F 52 -65.92 -10.22 16.88
C LYS F 52 -65.53 -10.75 15.51
N THR F 53 -66.34 -10.46 14.49
CA THR F 53 -66.02 -10.88 13.13
C THR F 53 -64.92 -10.00 12.52
N TYR F 54 -65.02 -8.68 12.68
CA TYR F 54 -64.05 -7.77 12.08
C TYR F 54 -62.70 -7.86 12.79
N GLU F 55 -62.70 -8.09 14.10
CA GLU F 55 -61.43 -8.19 14.82
C GLU F 55 -60.71 -9.49 14.48
N ARG F 56 -61.44 -10.50 14.03
CA ARG F 56 -60.79 -11.66 13.44
C ARG F 56 -60.29 -11.35 12.03
N LEU F 57 -60.82 -10.30 11.41
CA LEU F 57 -60.41 -9.94 10.06
C LEU F 57 -59.20 -9.01 10.07
N VAL F 58 -59.27 -7.93 10.84
CA VAL F 58 -58.26 -6.88 10.73
C VAL F 58 -56.99 -7.27 11.49
N ALA F 59 -57.09 -8.17 12.47
CA ALA F 59 -55.88 -8.68 13.10
C ALA F 59 -55.22 -9.75 12.25
N GLN F 60 -56.00 -10.47 11.45
CA GLN F 60 -55.48 -11.43 10.49
C GLN F 60 -54.95 -10.76 9.24
N PHE F 61 -55.60 -9.67 8.79
CA PHE F 61 -55.14 -8.87 7.66
C PHE F 61 -54.80 -7.46 8.15
N PRO F 62 -53.60 -7.25 8.69
CA PRO F 62 -53.29 -5.94 9.27
C PRO F 62 -53.01 -4.85 8.23
N SER F 63 -52.70 -5.22 7.00
CA SER F 63 -52.28 -4.26 5.99
C SER F 63 -53.39 -3.86 5.05
N SER F 64 -54.47 -4.63 4.97
CA SER F 64 -55.54 -4.40 3.99
C SER F 64 -56.38 -3.24 4.49
N GLY F 65 -56.05 -2.04 3.99
CA GLY F 65 -56.76 -0.84 4.43
C GLY F 65 -58.19 -0.76 3.95
N ARG F 66 -58.52 -1.50 2.90
CA ARG F 66 -59.92 -1.70 2.53
C ARG F 66 -60.65 -2.47 3.62
N PHE F 67 -59.96 -3.44 4.23
CA PHE F 67 -60.59 -4.23 5.30
C PHE F 67 -60.55 -3.48 6.63
N TRP F 68 -59.64 -2.52 6.77
CA TRP F 68 -59.70 -1.62 7.92
C TRP F 68 -60.89 -0.68 7.82
N LYS F 69 -61.16 -0.19 6.61
CA LYS F 69 -62.16 0.86 6.43
C LYS F 69 -63.57 0.35 6.70
N LEU F 70 -63.84 -0.92 6.39
CA LEU F 70 -65.20 -1.46 6.53
C LEU F 70 -65.61 -1.59 7.98
N TYR F 71 -64.65 -1.77 8.89
CA TYR F 71 -64.98 -1.79 10.32
C TYR F 71 -64.99 -0.38 10.89
N ILE F 72 -64.20 0.52 10.31
CA ILE F 72 -64.28 1.93 10.68
C ILE F 72 -65.60 2.53 10.20
N GLU F 73 -66.03 2.13 9.01
CA GLU F 73 -67.35 2.55 8.55
C GLU F 73 -68.47 1.86 9.30
N ALA F 74 -68.19 0.69 9.89
CA ALA F 74 -69.17 0.05 10.75
C ALA F 74 -69.28 0.76 12.09
N GLU F 75 -68.14 1.15 12.67
CA GLU F 75 -68.15 1.80 13.98
C GLU F 75 -68.63 3.25 13.87
N ILE F 76 -68.50 3.86 12.70
CA ILE F 76 -69.03 5.20 12.51
C ILE F 76 -70.52 5.14 12.23
N LYS F 77 -71.03 3.97 11.86
CA LYS F 77 -72.47 3.79 11.67
C LYS F 77 -73.18 3.66 13.02
N ALA F 78 -72.53 3.03 13.99
CA ALA F 78 -73.05 2.91 15.34
C ALA F 78 -72.68 4.10 16.22
N LYS F 79 -72.04 5.12 15.64
CA LYS F 79 -71.70 6.39 16.29
C LYS F 79 -70.79 6.22 17.50
N ASN F 80 -69.96 5.18 17.50
CA ASN F 80 -69.00 4.97 18.59
C ASN F 80 -67.73 5.78 18.30
N TYR F 81 -67.82 7.08 18.57
CA TYR F 81 -66.81 8.03 18.15
C TYR F 81 -65.50 7.85 18.92
N ASP F 82 -65.58 7.35 20.15
CA ASP F 82 -64.37 7.06 20.91
C ASP F 82 -63.64 5.84 20.34
N LYS F 83 -64.39 4.88 19.80
CA LYS F 83 -63.78 3.65 19.30
C LYS F 83 -63.15 3.84 17.94
N VAL F 84 -63.69 4.76 17.13
CA VAL F 84 -63.14 5.02 15.79
C VAL F 84 -61.76 5.66 15.91
N GLU F 85 -61.58 6.50 16.92
CA GLU F 85 -60.30 7.17 17.14
C GLU F 85 -59.23 6.18 17.58
N LYS F 86 -59.61 5.16 18.33
CA LYS F 86 -58.66 4.13 18.74
C LYS F 86 -58.27 3.26 17.56
N LEU F 87 -59.15 3.14 16.57
CA LEU F 87 -58.79 2.44 15.34
C LEU F 87 -57.77 3.25 14.54
N PHE F 88 -57.90 4.58 14.56
CA PHE F 88 -56.97 5.45 13.84
C PHE F 88 -55.60 5.47 14.53
N GLN F 89 -55.58 5.24 15.84
CA GLN F 89 -54.31 5.11 16.54
C GLN F 89 -53.69 3.73 16.37
N ARG F 90 -54.41 2.79 15.75
CA ARG F 90 -53.93 1.42 15.63
C ARG F 90 -53.40 1.08 14.24
N CYS F 91 -53.96 1.67 13.18
CA CYS F 91 -53.64 1.18 11.84
C CYS F 91 -53.25 2.26 10.83
N LEU F 92 -53.36 3.54 11.20
CA LEU F 92 -53.13 4.61 10.22
C LEU F 92 -51.64 4.75 9.89
N MET F 93 -50.77 4.54 10.88
CA MET F 93 -49.34 4.64 10.64
C MET F 93 -48.83 3.42 9.85
N LYS F 94 -49.46 2.26 10.07
CA LYS F 94 -48.99 1.04 9.45
C LYS F 94 -49.60 0.79 8.07
N VAL F 95 -50.71 1.46 7.74
CA VAL F 95 -51.38 1.26 6.46
C VAL F 95 -51.43 2.59 5.72
N LEU F 96 -50.70 2.68 4.62
CA LEU F 96 -50.76 3.85 3.74
C LEU F 96 -51.71 3.63 2.57
N HIS F 97 -52.96 3.27 2.86
CA HIS F 97 -53.96 3.12 1.81
C HIS F 97 -54.74 4.42 1.67
N ILE F 98 -55.04 4.79 0.42
CA ILE F 98 -55.54 6.14 0.14
C ILE F 98 -56.97 6.31 0.63
N ASP F 99 -57.77 5.23 0.60
CA ASP F 99 -59.14 5.34 1.09
C ASP F 99 -59.18 5.38 2.61
N LEU F 100 -58.13 4.88 3.26
CA LEU F 100 -58.03 5.02 4.71
C LEU F 100 -57.75 6.46 5.10
N TRP F 101 -56.87 7.13 4.35
CA TRP F 101 -56.53 8.51 4.67
C TRP F 101 -57.66 9.46 4.28
N LYS F 102 -58.51 9.06 3.32
CA LYS F 102 -59.75 9.80 3.09
C LYS F 102 -60.71 9.66 4.24
N CYS F 103 -60.79 8.46 4.83
CA CYS F 103 -61.73 8.22 5.92
C CYS F 103 -61.25 8.89 7.20
N TYR F 104 -59.93 9.06 7.34
CA TYR F 104 -59.39 9.78 8.50
C TYR F 104 -59.74 11.25 8.45
N LEU F 105 -59.71 11.84 7.26
CA LEU F 105 -60.06 13.24 7.12
C LEU F 105 -61.57 13.45 7.17
N SER F 106 -62.35 12.44 6.78
CA SER F 106 -63.81 12.57 6.84
C SER F 106 -64.31 12.47 8.27
N TYR F 107 -63.54 11.80 9.14
CA TYR F 107 -63.93 11.67 10.55
C TYR F 107 -63.73 12.96 11.31
N VAL F 108 -62.55 13.57 11.18
CA VAL F 108 -62.25 14.82 11.88
C VAL F 108 -63.07 15.98 11.33
N ARG F 109 -63.47 15.90 10.06
CA ARG F 109 -64.38 16.89 9.50
C ARG F 109 -65.76 16.83 10.14
N GLU F 110 -66.25 15.63 10.44
CA GLU F 110 -67.57 15.48 11.03
C GLU F 110 -67.54 15.64 12.54
N THR F 111 -66.64 14.91 13.22
CA THR F 111 -66.64 14.85 14.67
C THR F 111 -66.13 16.14 15.30
N LYS F 112 -64.97 16.62 14.87
CA LYS F 112 -64.33 17.79 15.46
C LYS F 112 -64.93 19.11 14.98
N GLY F 113 -65.88 19.07 14.04
CA GLY F 113 -66.36 20.23 13.32
C GLY F 113 -67.01 21.35 14.13
N LYS F 114 -67.54 21.01 15.29
CA LYS F 114 -68.22 21.99 16.13
C LYS F 114 -67.32 22.54 17.24
N LEU F 115 -66.05 22.17 17.26
CA LEU F 115 -65.14 22.70 18.26
C LEU F 115 -64.71 24.12 17.89
N PRO F 116 -64.42 24.97 18.88
CA PRO F 116 -63.92 26.31 18.55
C PRO F 116 -62.51 26.32 18.00
N SER F 117 -61.68 25.33 18.34
CA SER F 117 -60.34 25.19 17.78
C SER F 117 -60.30 24.22 16.62
N TYR F 118 -61.40 24.07 15.88
CA TYR F 118 -61.45 23.19 14.73
C TYR F 118 -60.55 23.64 13.59
N LYS F 119 -60.40 24.96 13.44
CA LYS F 119 -59.57 25.52 12.38
C LYS F 119 -58.09 25.22 12.59
N GLU F 120 -57.68 25.02 13.85
CA GLU F 120 -56.32 24.58 14.12
C GLU F 120 -56.20 23.07 13.96
N LYS F 121 -57.22 22.33 14.40
CA LYS F 121 -57.14 20.88 14.40
C LYS F 121 -57.29 20.30 13.00
N MET F 122 -58.19 20.87 12.18
CA MET F 122 -58.43 20.31 10.86
C MET F 122 -57.31 20.68 9.90
N ALA F 123 -56.73 21.87 10.06
CA ALA F 123 -55.61 22.28 9.21
C ALA F 123 -54.36 21.47 9.52
N GLN F 124 -54.24 20.99 10.75
CA GLN F 124 -53.16 20.08 11.10
C GLN F 124 -53.38 18.71 10.45
N ALA F 125 -54.64 18.34 10.26
CA ALA F 125 -54.96 16.99 9.77
C ALA F 125 -54.62 16.83 8.29
N TYR F 126 -54.82 17.88 7.49
CA TYR F 126 -54.51 17.78 6.07
C TYR F 126 -53.01 17.79 5.82
N ASP F 127 -52.26 18.56 6.61
CA ASP F 127 -50.82 18.63 6.42
C ASP F 127 -50.13 17.37 6.93
N PHE F 128 -50.78 16.69 7.88
CA PHE F 128 -50.26 15.42 8.37
C PHE F 128 -50.46 14.32 7.35
N ALA F 129 -51.46 14.46 6.49
CA ALA F 129 -51.75 13.44 5.48
C ALA F 129 -50.87 13.64 4.25
N LEU F 130 -50.69 14.90 3.83
CA LEU F 130 -49.96 15.18 2.59
C LEU F 130 -48.48 14.88 2.72
N ASP F 131 -47.96 14.84 3.95
CA ASP F 131 -46.57 14.48 4.15
C ASP F 131 -46.34 12.98 3.92
N LYS F 132 -47.33 12.14 4.24
CA LYS F 132 -47.17 10.70 4.15
C LYS F 132 -47.87 10.08 2.95
N ILE F 133 -49.07 10.53 2.60
CA ILE F 133 -49.84 9.91 1.53
C ILE F 133 -50.10 10.87 0.37
N GLY F 134 -49.69 12.13 0.48
CA GLY F 134 -49.90 13.10 -0.58
C GLY F 134 -49.16 12.81 -1.88
N MET F 135 -48.14 11.97 -1.81
CA MET F 135 -47.39 11.55 -3.00
C MET F 135 -48.20 10.59 -3.87
N GLU F 136 -49.26 9.98 -3.33
CA GLU F 136 -50.03 9.00 -4.07
C GLU F 136 -50.85 9.68 -5.18
N ILE F 137 -51.17 8.91 -6.22
CA ILE F 137 -51.67 9.46 -7.47
C ILE F 137 -53.13 9.93 -7.36
N MET F 138 -53.92 9.37 -6.43
CA MET F 138 -55.33 9.73 -6.28
C MET F 138 -55.50 10.72 -5.12
N SER F 139 -54.39 11.31 -4.67
CA SER F 139 -54.45 12.21 -3.53
C SER F 139 -54.83 13.64 -3.91
N TYR F 140 -55.33 13.86 -5.13
CA TYR F 140 -55.67 15.20 -5.61
C TYR F 140 -56.76 15.88 -4.81
N GLN F 141 -57.79 15.13 -4.41
CA GLN F 141 -58.88 15.71 -3.65
C GLN F 141 -58.42 16.06 -2.23
N ILE F 142 -57.40 15.36 -1.74
CA ILE F 142 -56.80 15.68 -0.45
C ILE F 142 -56.11 17.05 -0.50
N TRP F 143 -55.55 17.40 -1.67
CA TRP F 143 -55.01 18.73 -1.87
C TRP F 143 -56.11 19.78 -1.88
N VAL F 144 -57.19 19.51 -2.62
CA VAL F 144 -58.23 20.52 -2.88
C VAL F 144 -59.04 20.79 -1.62
N ASP F 145 -59.24 19.77 -0.78
CA ASP F 145 -60.05 19.94 0.43
C ASP F 145 -59.34 20.81 1.46
N TYR F 146 -58.03 20.96 1.36
CA TYR F 146 -57.32 21.88 2.24
C TYR F 146 -57.19 23.26 1.61
N ILE F 147 -57.30 23.33 0.27
CA ILE F 147 -57.35 24.61 -0.42
C ILE F 147 -58.64 25.35 -0.06
N ASN F 148 -59.78 24.64 -0.10
CA ASN F 148 -61.05 25.27 0.20
C ASN F 148 -61.24 25.50 1.70
N PHE F 149 -60.52 24.74 2.52
CA PHE F 149 -60.63 24.92 3.97
C PHE F 149 -59.94 26.20 4.41
N LEU F 150 -58.78 26.50 3.82
CA LEU F 150 -58.05 27.72 4.16
C LEU F 150 -58.80 28.96 3.66
N LYS F 151 -59.53 28.82 2.57
CA LYS F 151 -60.40 29.89 2.12
C LYS F 151 -61.62 30.02 3.03
N GLY F 152 -62.02 28.90 3.66
CA GLY F 152 -63.15 28.93 4.56
C GLY F 152 -62.82 29.56 5.90
N VAL F 153 -61.54 29.58 6.26
CA VAL F 153 -61.10 30.19 7.52
C VAL F 153 -61.31 31.70 7.44
N GLU F 154 -62.09 32.25 8.38
CA GLU F 154 -62.45 33.65 8.34
C GLU F 154 -61.29 34.51 8.82
N ALA F 155 -60.95 35.53 8.02
CA ALA F 155 -59.87 36.45 8.36
C ALA F 155 -60.31 37.86 8.03
N VAL F 156 -60.21 38.76 9.00
CA VAL F 156 -60.60 40.16 8.83
C VAL F 156 -59.36 41.01 8.92
N GLY F 157 -59.40 42.18 8.25
CA GLY F 157 -58.28 43.10 8.22
C GLY F 157 -57.55 43.03 6.89
N SER F 158 -56.23 43.23 6.92
CA SER F 158 -55.40 43.14 5.73
C SER F 158 -54.24 42.18 5.97
N TYR F 159 -53.70 42.19 7.20
CA TYR F 159 -52.62 41.27 7.54
C TYR F 159 -53.10 39.84 7.66
N ALA F 160 -54.33 39.63 8.17
CA ALA F 160 -54.87 38.29 8.28
C ALA F 160 -55.35 37.77 6.92
N GLU F 161 -55.77 38.67 6.04
CA GLU F 161 -56.07 38.29 4.67
C GLU F 161 -54.80 37.90 3.92
N ASN F 162 -53.70 38.63 4.17
CA ASN F 162 -52.42 38.25 3.58
C ASN F 162 -51.86 36.99 4.24
N GLN F 163 -52.27 36.71 5.48
CA GLN F 163 -51.96 35.42 6.08
C GLN F 163 -52.71 34.29 5.38
N ARG F 164 -53.93 34.58 4.90
CA ARG F 164 -54.66 33.59 4.10
C ARG F 164 -54.00 33.39 2.75
N ILE F 165 -53.56 34.49 2.11
CA ILE F 165 -52.96 34.42 0.78
C ILE F 165 -51.64 33.66 0.83
N THR F 166 -50.89 33.83 1.91
CA THR F 166 -49.63 33.12 2.07
C THR F 166 -49.86 31.62 2.29
N ALA F 167 -50.91 31.26 3.03
CA ALA F 167 -51.13 29.86 3.37
C ALA F 167 -51.69 29.08 2.19
N VAL F 168 -52.52 29.71 1.36
CA VAL F 168 -53.08 29.03 0.20
C VAL F 168 -52.03 28.88 -0.89
N ARG F 169 -51.12 29.85 -0.98
CA ARG F 169 -50.07 29.83 -2.00
C ARG F 169 -49.06 28.72 -1.75
N ARG F 170 -48.79 28.40 -0.47
CA ARG F 170 -47.77 27.44 -0.14
C ARG F 170 -48.19 26.02 -0.51
N VAL F 171 -49.48 25.72 -0.39
CA VAL F 171 -49.98 24.40 -0.74
C VAL F 171 -50.09 24.27 -2.26
N TYR F 172 -50.31 25.39 -2.93
CA TYR F 172 -50.29 25.42 -4.40
C TYR F 172 -48.91 25.07 -4.94
N GLN F 173 -47.87 25.70 -4.39
CA GLN F 173 -46.53 25.53 -4.92
C GLN F 173 -45.98 24.14 -4.60
N ARG F 174 -46.40 23.58 -3.46
CA ARG F 174 -45.98 22.21 -3.13
C ARG F 174 -46.72 21.18 -3.96
N GLY F 175 -48.01 21.41 -4.23
CA GLY F 175 -48.80 20.39 -4.90
C GLY F 175 -48.53 20.30 -6.39
N CYS F 176 -47.98 21.37 -6.97
CA CYS F 176 -47.75 21.39 -8.41
C CYS F 176 -46.40 20.81 -8.79
N VAL F 177 -45.77 20.08 -7.87
CA VAL F 177 -44.51 19.39 -8.12
C VAL F 177 -44.81 17.90 -8.07
N ASN F 178 -45.92 17.57 -7.40
CA ASN F 178 -46.24 16.19 -7.04
C ASN F 178 -46.95 15.49 -8.20
N PRO F 179 -46.43 14.37 -8.70
CA PRO F 179 -47.10 13.66 -9.80
C PRO F 179 -48.39 12.96 -9.39
N MET F 180 -49.49 13.25 -10.09
CA MET F 180 -50.79 12.67 -9.79
C MET F 180 -51.71 12.81 -11.00
N ILE F 181 -52.97 12.43 -10.81
CA ILE F 181 -53.97 12.38 -11.87
C ILE F 181 -54.32 13.75 -12.42
N ASN F 182 -54.80 14.64 -11.55
CA ASN F 182 -55.42 15.89 -11.97
C ASN F 182 -54.50 17.09 -11.82
N ILE F 183 -53.22 16.92 -12.12
CA ILE F 183 -52.20 17.96 -11.96
C ILE F 183 -52.44 19.10 -12.97
N GLU F 184 -53.18 18.80 -14.05
CA GLU F 184 -53.52 19.84 -15.02
C GLU F 184 -54.62 20.75 -14.49
N GLN F 185 -55.40 20.26 -13.51
CA GLN F 185 -56.49 21.06 -12.96
C GLN F 185 -56.04 21.90 -11.78
N LEU F 186 -55.08 21.43 -10.98
CA LEU F 186 -54.52 22.21 -9.89
C LEU F 186 -53.80 23.44 -10.39
N TRP F 187 -53.09 23.30 -11.51
CA TRP F 187 -52.40 24.45 -12.10
C TRP F 187 -53.41 25.43 -12.71
N ARG F 188 -54.53 24.91 -13.22
CA ARG F 188 -55.61 25.74 -13.74
C ARG F 188 -56.24 26.56 -12.63
N ASP F 189 -56.43 25.93 -11.46
CA ASP F 189 -56.89 26.66 -10.29
C ASP F 189 -55.81 27.59 -9.76
N TYR F 190 -54.54 27.25 -9.98
CA TYR F 190 -53.45 28.12 -9.56
C TYR F 190 -53.39 29.39 -10.41
N ASN F 191 -53.69 29.26 -11.71
CA ASN F 191 -53.66 30.41 -12.60
C ASN F 191 -54.78 31.38 -12.27
N LYS F 192 -55.94 30.85 -11.88
CA LYS F 192 -57.07 31.70 -11.57
C LYS F 192 -56.99 32.30 -10.17
N TYR F 193 -56.17 31.72 -9.29
CA TYR F 193 -55.97 32.32 -7.97
C TYR F 193 -54.99 33.48 -8.04
N GLU F 194 -53.94 33.33 -8.86
CA GLU F 194 -52.98 34.41 -9.04
C GLU F 194 -53.61 35.59 -9.75
N GLU F 195 -54.40 35.31 -10.80
CA GLU F 195 -55.13 36.36 -11.49
C GLU F 195 -56.31 36.87 -10.66
N GLY F 196 -56.78 36.06 -9.72
CA GLY F 196 -57.91 36.47 -8.90
C GLY F 196 -57.58 37.52 -7.86
N ILE F 197 -56.32 37.62 -7.45
CA ILE F 197 -55.90 38.63 -6.47
C ILE F 197 -55.11 39.77 -7.10
N ASN F 198 -54.32 39.51 -8.14
CA ASN F 198 -53.58 40.56 -8.84
C ASN F 198 -53.20 40.08 -10.23
N ILE F 199 -53.81 40.66 -11.27
CA ILE F 199 -53.61 40.20 -12.64
C ILE F 199 -52.20 40.52 -13.14
N HIS F 200 -51.66 41.68 -12.75
CA HIS F 200 -50.36 42.16 -13.22
C HIS F 200 -49.21 41.29 -12.72
N LEU F 201 -49.19 40.98 -11.42
CA LEU F 201 -48.13 40.15 -10.88
C LEU F 201 -48.39 38.66 -11.09
N ALA F 202 -49.54 38.29 -11.66
CA ALA F 202 -49.82 36.89 -11.95
C ALA F 202 -48.98 36.40 -13.12
N LYS F 203 -48.58 37.31 -14.01
CA LYS F 203 -47.81 36.92 -15.19
C LYS F 203 -46.39 36.50 -14.83
N LYS F 204 -45.90 36.94 -13.67
CA LYS F 204 -44.56 36.56 -13.25
C LYS F 204 -44.59 35.33 -12.34
N MET F 205 -45.55 35.26 -11.41
CA MET F 205 -45.56 34.18 -10.42
C MET F 205 -45.93 32.84 -11.06
N ILE F 206 -46.77 32.87 -12.09
CA ILE F 206 -47.03 31.66 -12.87
C ILE F 206 -45.80 31.26 -13.66
N GLU F 207 -45.08 32.25 -14.20
CA GLU F 207 -43.96 31.97 -15.08
C GLU F 207 -42.73 31.47 -14.31
N ASP F 208 -42.57 31.89 -13.06
CA ASP F 208 -41.37 31.55 -12.29
C ASP F 208 -41.31 30.08 -11.90
N ARG F 209 -42.46 29.43 -11.71
CA ARG F 209 -42.50 28.02 -11.32
C ARG F 209 -43.14 27.16 -12.41
N SER F 210 -43.16 27.65 -13.65
CA SER F 210 -43.80 26.90 -14.73
C SER F 210 -42.90 25.80 -15.27
N ARG F 211 -41.58 26.01 -15.27
CA ARG F 211 -40.68 25.02 -15.85
C ARG F 211 -40.57 23.78 -14.98
N ASP F 212 -40.60 23.94 -13.66
CA ASP F 212 -40.61 22.80 -12.75
C ASP F 212 -41.95 22.08 -12.80
N TYR F 213 -43.02 22.80 -13.18
CA TYR F 213 -44.32 22.17 -13.38
C TYR F 213 -44.31 21.29 -14.62
N MET F 214 -43.59 21.69 -15.66
CA MET F 214 -43.56 20.92 -16.90
C MET F 214 -42.79 19.62 -16.73
N ASN F 215 -41.83 19.61 -15.80
CA ASN F 215 -41.21 18.35 -15.41
C ASN F 215 -42.17 17.53 -14.58
N ALA F 216 -42.91 18.16 -13.67
CA ALA F 216 -43.90 17.49 -12.84
C ALA F 216 -45.08 16.96 -13.64
N ARG F 217 -45.50 17.70 -14.66
CA ARG F 217 -46.59 17.24 -15.51
C ARG F 217 -46.17 16.10 -16.43
N ARG F 218 -44.91 16.07 -16.83
CA ARG F 218 -44.45 15.04 -17.77
C ARG F 218 -44.26 13.70 -17.06
N VAL F 219 -43.62 13.71 -15.89
CA VAL F 219 -43.36 12.48 -15.13
C VAL F 219 -44.65 11.91 -14.56
N ALA F 220 -45.65 12.77 -14.33
CA ALA F 220 -46.96 12.29 -13.90
C ALA F 220 -47.63 11.45 -14.98
N LYS F 221 -47.40 11.80 -16.25
CA LYS F 221 -47.87 10.94 -17.34
C LYS F 221 -47.02 9.68 -17.45
N GLU F 222 -45.75 9.76 -17.04
CA GLU F 222 -44.90 8.58 -16.98
C GLU F 222 -45.30 7.68 -15.82
N TYR F 223 -45.91 8.26 -14.79
CA TYR F 223 -46.26 7.51 -13.59
C TYR F 223 -47.58 6.76 -13.77
N GLU F 224 -48.32 7.09 -14.83
CA GLU F 224 -49.61 6.45 -15.06
C GLU F 224 -49.45 4.99 -15.50
N THR F 225 -48.35 4.70 -16.21
CA THR F 225 -48.23 3.43 -16.92
C THR F 225 -48.03 2.26 -15.98
N VAL F 226 -47.13 2.40 -15.00
CA VAL F 226 -46.84 1.30 -14.10
C VAL F 226 -47.91 1.20 -13.01
N MET F 227 -48.69 2.26 -12.83
CA MET F 227 -49.68 2.27 -11.76
C MET F 227 -51.05 1.79 -12.25
N LYS F 228 -51.28 1.79 -13.56
CA LYS F 228 -52.59 1.37 -14.06
C LYS F 228 -52.70 -0.16 -14.09
N GLY F 229 -51.56 -0.86 -14.04
CA GLY F 229 -51.60 -2.31 -14.05
C GLY F 229 -51.71 -2.93 -12.67
N LEU F 230 -51.34 -2.18 -11.63
CA LEU F 230 -51.33 -2.72 -10.28
C LEU F 230 -52.75 -2.80 -9.72
N ASP F 231 -52.89 -3.57 -8.63
CA ASP F 231 -54.18 -3.79 -8.01
C ASP F 231 -54.44 -2.77 -6.90
N ARG F 232 -53.48 -2.66 -5.98
CA ARG F 232 -53.49 -1.77 -4.81
C ARG F 232 -54.63 -2.04 -3.83
N ASN F 233 -55.26 -3.23 -3.92
CA ASN F 233 -56.37 -3.57 -3.06
C ASN F 233 -56.37 -5.02 -2.61
N ALA F 234 -55.38 -5.81 -2.97
CA ALA F 234 -55.41 -7.24 -2.66
C ALA F 234 -54.97 -7.46 -1.22
N PRO F 235 -55.52 -8.46 -0.53
CA PRO F 235 -55.03 -8.79 0.82
C PRO F 235 -53.65 -9.41 0.78
N SER F 236 -52.94 -9.33 1.91
CA SER F 236 -51.57 -9.81 1.98
C SER F 236 -51.56 -11.32 2.16
N VAL F 237 -51.06 -12.03 1.15
CA VAL F 237 -51.09 -13.49 1.12
C VAL F 237 -49.69 -14.01 0.84
N PRO F 238 -49.18 -14.97 1.63
CA PRO F 238 -47.88 -15.60 1.33
C PRO F 238 -47.97 -16.46 0.08
N PRO F 239 -46.84 -16.74 -0.58
CA PRO F 239 -46.90 -17.38 -1.90
C PRO F 239 -47.32 -18.85 -1.82
N GLN F 240 -48.18 -19.24 -2.76
CA GLN F 240 -48.70 -20.59 -2.80
C GLN F 240 -48.50 -21.21 -4.19
N PRO F 243 -49.06 -18.80 -10.33
CA PRO F 243 -50.04 -18.44 -11.36
C PRO F 243 -50.21 -16.94 -11.50
N GLN F 244 -51.24 -16.36 -10.87
CA GLN F 244 -51.47 -14.94 -10.88
C GLN F 244 -50.67 -14.20 -9.82
N GLU F 245 -50.41 -14.83 -8.67
CA GLU F 245 -49.73 -14.18 -7.55
C GLU F 245 -48.30 -13.81 -7.92
N ALA F 246 -47.55 -14.75 -8.49
CA ALA F 246 -46.20 -14.46 -8.94
C ALA F 246 -46.18 -13.48 -10.11
N GLN F 247 -47.25 -13.45 -10.90
CA GLN F 247 -47.38 -12.48 -11.98
C GLN F 247 -47.61 -11.08 -11.42
N GLN F 248 -48.25 -10.99 -10.26
CA GLN F 248 -48.39 -9.70 -9.59
C GLN F 248 -47.05 -9.20 -9.06
N VAL F 249 -46.20 -10.11 -8.58
CA VAL F 249 -44.90 -9.77 -8.01
C VAL F 249 -44.02 -9.10 -9.04
N ASP F 250 -44.10 -9.58 -10.29
CA ASP F 250 -43.33 -9.01 -11.39
C ASP F 250 -43.74 -7.57 -11.66
N MET F 251 -45.03 -7.26 -11.51
CA MET F 251 -45.46 -5.88 -11.68
C MET F 251 -45.06 -5.02 -10.50
N TRP F 252 -44.77 -5.63 -9.35
CA TRP F 252 -44.22 -4.86 -8.23
C TRP F 252 -42.72 -4.65 -8.39
N LYS F 253 -42.00 -5.68 -8.88
CA LYS F 253 -40.57 -5.53 -9.07
C LYS F 253 -40.26 -4.58 -10.22
N LYS F 254 -41.18 -4.48 -11.20
CA LYS F 254 -41.05 -3.44 -12.21
C LYS F 254 -41.26 -2.06 -11.61
N TYR F 255 -42.25 -1.93 -10.72
CA TYR F 255 -42.54 -0.62 -10.12
C TYR F 255 -41.46 -0.20 -9.13
N ILE F 256 -40.81 -1.18 -8.50
CA ILE F 256 -39.68 -0.85 -7.62
C ILE F 256 -38.49 -0.37 -8.44
N GLN F 257 -38.10 -1.14 -9.47
CA GLN F 257 -36.87 -0.85 -10.18
C GLN F 257 -37.03 0.32 -11.14
N TRP F 258 -38.28 0.64 -11.53
CA TRP F 258 -38.50 1.83 -12.34
C TRP F 258 -38.31 3.10 -11.52
N GLU F 259 -38.69 3.05 -10.25
CA GLU F 259 -38.42 4.19 -9.38
C GLU F 259 -36.95 4.20 -8.95
N LYS F 260 -36.30 3.04 -8.97
CA LYS F 260 -34.84 2.99 -8.85
C LYS F 260 -34.16 3.54 -10.10
N SER F 261 -34.86 3.54 -11.23
CA SER F 261 -34.27 4.07 -12.47
C SER F 261 -34.30 5.60 -12.50
N ASN F 262 -34.91 6.22 -11.48
CA ASN F 262 -34.93 7.66 -11.22
C ASN F 262 -35.52 8.44 -12.38
N PRO F 263 -36.85 8.40 -12.59
CA PRO F 263 -37.46 9.23 -13.65
C PRO F 263 -37.24 10.71 -13.43
N LEU F 264 -37.40 11.18 -12.19
CA LEU F 264 -36.92 12.50 -11.81
C LEU F 264 -35.41 12.43 -11.65
N ARG F 265 -34.68 12.66 -12.74
CA ARG F 265 -33.24 12.49 -12.77
C ARG F 265 -32.56 13.55 -11.90
N THR F 266 -31.99 13.09 -10.78
CA THR F 266 -31.36 13.98 -9.82
C THR F 266 -30.24 13.25 -9.08
N GLU F 267 -29.36 14.02 -8.45
CA GLU F 267 -28.26 13.47 -7.67
C GLU F 267 -28.63 13.37 -6.19
N ASP F 268 -29.66 14.08 -5.76
CA ASP F 268 -30.06 14.13 -4.35
C ASP F 268 -30.65 12.78 -3.95
N GLN F 269 -29.84 11.98 -3.26
CA GLN F 269 -30.19 10.61 -2.89
C GLN F 269 -31.38 10.58 -1.93
N THR F 270 -31.57 11.66 -1.16
CA THR F 270 -32.70 11.75 -0.25
C THR F 270 -34.02 11.85 -1.00
N LEU F 271 -34.04 12.58 -2.11
CA LEU F 271 -35.22 12.62 -2.96
C LEU F 271 -35.38 11.32 -3.74
N ILE F 272 -34.27 10.64 -4.03
CA ILE F 272 -34.31 9.36 -4.72
C ILE F 272 -34.87 8.27 -3.81
N THR F 273 -34.37 8.18 -2.57
CA THR F 273 -34.66 7.06 -1.70
C THR F 273 -36.09 7.09 -1.17
N LYS F 274 -36.54 8.28 -0.73
CA LYS F 274 -37.87 8.41 -0.12
C LYS F 274 -38.99 8.16 -1.12
N ARG F 275 -38.72 8.38 -2.41
CA ARG F 275 -39.67 7.97 -3.43
C ARG F 275 -39.66 6.47 -3.63
N VAL F 276 -38.48 5.84 -3.54
CA VAL F 276 -38.40 4.39 -3.58
C VAL F 276 -38.95 3.80 -2.28
N MET F 277 -38.77 4.51 -1.16
CA MET F 277 -39.39 4.08 0.09
C MET F 277 -40.91 4.20 0.03
N PHE F 278 -41.43 5.17 -0.71
CA PHE F 278 -42.87 5.24 -0.92
C PHE F 278 -43.33 4.11 -1.82
N ALA F 279 -42.47 3.66 -2.74
CA ALA F 279 -42.80 2.50 -3.56
C ALA F 279 -42.75 1.23 -2.73
N TYR F 280 -41.87 1.19 -1.73
CA TYR F 280 -41.77 0.03 -0.84
C TYR F 280 -42.98 -0.10 0.05
N GLU F 281 -43.46 1.02 0.61
CA GLU F 281 -44.55 0.97 1.57
C GLU F 281 -45.86 0.59 0.91
N GLN F 282 -46.03 0.96 -0.36
CA GLN F 282 -47.24 0.57 -1.08
C GLN F 282 -47.22 -0.92 -1.41
N CYS F 283 -46.03 -1.48 -1.63
CA CYS F 283 -45.94 -2.89 -1.96
C CYS F 283 -46.08 -3.76 -0.73
N LEU F 284 -45.69 -3.25 0.44
CA LEU F 284 -45.79 -4.01 1.67
C LEU F 284 -47.23 -4.10 2.16
N LEU F 285 -48.13 -3.26 1.64
CA LEU F 285 -49.54 -3.39 1.97
C LEU F 285 -50.17 -4.58 1.24
N VAL F 286 -49.77 -4.80 0.00
CA VAL F 286 -50.39 -5.80 -0.86
C VAL F 286 -49.73 -7.16 -0.68
N LEU F 287 -48.41 -7.19 -0.53
CA LEU F 287 -47.68 -8.45 -0.43
C LEU F 287 -46.72 -8.45 0.76
N GLY F 288 -47.22 -8.07 1.93
CA GLY F 288 -46.40 -7.98 3.12
C GLY F 288 -45.86 -9.28 3.66
N HIS F 289 -46.42 -10.42 3.28
CA HIS F 289 -45.93 -11.72 3.71
C HIS F 289 -44.82 -12.26 2.82
N HIS F 290 -44.17 -11.40 2.04
CA HIS F 290 -43.09 -11.82 1.17
C HIS F 290 -41.77 -11.31 1.74
N PRO F 291 -40.80 -12.18 2.02
CA PRO F 291 -39.55 -11.72 2.64
C PRO F 291 -38.69 -10.87 1.74
N ASP F 292 -38.81 -11.04 0.42
CA ASP F 292 -37.95 -10.32 -0.50
C ASP F 292 -38.30 -8.84 -0.56
N ILE F 293 -39.58 -8.51 -0.39
CA ILE F 293 -39.99 -7.11 -0.43
C ILE F 293 -39.56 -6.41 0.84
N TRP F 294 -39.51 -7.14 1.96
CA TRP F 294 -38.91 -6.60 3.17
C TRP F 294 -37.40 -6.49 3.03
N TYR F 295 -36.78 -7.47 2.38
CA TYR F 295 -35.32 -7.48 2.28
C TYR F 295 -34.82 -6.47 1.27
N GLU F 296 -35.48 -6.35 0.12
CA GLU F 296 -35.06 -5.36 -0.86
C GLU F 296 -35.41 -3.95 -0.43
N ALA F 297 -36.26 -3.81 0.59
CA ALA F 297 -36.50 -2.51 1.17
C ALA F 297 -35.28 -1.98 1.91
N ALA F 298 -34.81 -2.71 2.93
CA ALA F 298 -33.79 -2.16 3.82
C ALA F 298 -32.39 -2.30 3.25
N GLN F 299 -32.19 -3.20 2.29
CA GLN F 299 -30.91 -3.24 1.59
C GLN F 299 -30.73 -2.03 0.71
N TYR F 300 -31.84 -1.50 0.18
CA TYR F 300 -31.76 -0.23 -0.52
C TYR F 300 -31.45 0.90 0.45
N LEU F 301 -31.90 0.78 1.69
CA LEU F 301 -31.56 1.76 2.71
C LEU F 301 -30.12 1.59 3.19
N GLU F 302 -29.64 0.35 3.28
CA GLU F 302 -28.24 0.11 3.59
C GLU F 302 -27.35 0.62 2.46
N GLN F 303 -27.82 0.47 1.23
CA GLN F 303 -27.11 1.03 0.09
C GLN F 303 -27.16 2.55 0.11
N SER F 304 -28.30 3.12 0.50
CA SER F 304 -28.42 4.58 0.55
C SER F 304 -27.75 5.15 1.80
N SER F 305 -27.43 4.30 2.77
CA SER F 305 -26.72 4.76 3.95
C SER F 305 -25.26 5.06 3.61
N LYS F 306 -24.60 4.14 2.93
CA LYS F 306 -23.19 4.34 2.59
C LYS F 306 -23.02 5.28 1.41
N LEU F 307 -24.09 5.49 0.64
CA LEU F 307 -23.99 6.44 -0.47
C LEU F 307 -24.14 7.87 0.02
N LEU F 308 -24.93 8.09 1.06
CA LEU F 308 -25.02 9.40 1.69
C LEU F 308 -23.87 9.64 2.67
N ALA F 309 -23.20 8.58 3.10
CA ALA F 309 -22.04 8.75 3.98
C ALA F 309 -20.84 9.29 3.23
N GLU F 310 -20.82 9.13 1.90
CA GLU F 310 -19.70 9.62 1.11
C GLU F 310 -19.86 11.10 0.80
N LYS F 311 -21.03 11.51 0.31
CA LYS F 311 -21.23 12.86 -0.19
C LYS F 311 -21.72 13.83 0.88
N GLY F 312 -21.04 13.85 2.03
CA GLY F 312 -21.19 14.93 2.98
C GLY F 312 -22.39 14.89 3.90
N ASP F 313 -23.52 14.35 3.44
CA ASP F 313 -24.75 14.35 4.23
C ASP F 313 -24.65 13.30 5.32
N MET F 314 -24.03 13.68 6.43
CA MET F 314 -23.67 12.70 7.46
C MET F 314 -24.81 12.47 8.45
N ASN F 315 -25.56 13.53 8.78
CA ASN F 315 -26.62 13.40 9.77
C ASN F 315 -27.82 12.63 9.23
N ASN F 316 -27.96 12.61 7.91
CA ASN F 316 -29.03 11.90 7.25
C ASN F 316 -28.60 10.48 6.87
N ALA F 317 -27.31 10.19 6.99
CA ALA F 317 -26.81 8.84 6.74
C ALA F 317 -27.27 7.88 7.83
N LYS F 318 -27.26 8.33 9.08
CA LYS F 318 -27.74 7.52 10.18
C LYS F 318 -29.25 7.54 10.29
N LEU F 319 -29.89 8.54 9.68
CA LEU F 319 -31.35 8.58 9.66
C LEU F 319 -31.91 7.46 8.79
N PHE F 320 -31.31 7.24 7.62
CA PHE F 320 -31.70 6.09 6.82
C PHE F 320 -31.13 4.80 7.38
N SER F 321 -30.08 4.88 8.19
CA SER F 321 -29.50 3.66 8.73
C SER F 321 -30.36 3.09 9.84
N ASP F 322 -30.93 3.96 10.68
CA ASP F 322 -31.87 3.49 11.69
C ASP F 322 -33.23 3.19 11.07
N GLU F 323 -33.52 3.81 9.92
CA GLU F 323 -34.71 3.45 9.17
C GLU F 323 -34.55 2.06 8.54
N ALA F 324 -33.30 1.68 8.23
CA ALA F 324 -33.04 0.34 7.72
C ALA F 324 -33.30 -0.71 8.78
N ALA F 325 -32.98 -0.40 10.04
CA ALA F 325 -33.35 -1.29 11.13
C ALA F 325 -34.84 -1.25 11.40
N ASN F 326 -35.49 -0.14 11.04
CA ASN F 326 -36.93 0.00 11.31
C ASN F 326 -37.76 -0.85 10.37
N ILE F 327 -37.39 -0.90 9.09
CA ILE F 327 -38.14 -1.70 8.12
C ILE F 327 -37.95 -3.18 8.40
N TYR F 328 -36.76 -3.55 8.87
CA TYR F 328 -36.53 -4.91 9.37
C TYR F 328 -37.34 -5.18 10.64
N GLU F 329 -37.54 -4.15 11.46
CA GLU F 329 -38.27 -4.35 12.70
C GLU F 329 -39.76 -4.57 12.45
N ARG F 330 -40.30 -3.87 11.44
CA ARG F 330 -41.71 -4.01 11.11
C ARG F 330 -42.03 -5.39 10.54
N ALA F 331 -41.01 -6.05 9.98
CA ALA F 331 -41.23 -7.38 9.43
C ALA F 331 -41.41 -8.42 10.54
N ILE F 332 -40.55 -8.37 11.55
CA ILE F 332 -40.51 -9.42 12.56
C ILE F 332 -41.55 -9.15 13.65
N SER F 333 -42.10 -7.93 13.68
CA SER F 333 -43.01 -7.57 14.75
C SER F 333 -44.46 -7.58 14.30
N THR F 334 -44.73 -7.29 13.02
CA THR F 334 -46.12 -7.12 12.61
C THR F 334 -46.64 -8.30 11.80
N LEU F 335 -45.95 -8.65 10.71
CA LEU F 335 -46.50 -9.62 9.78
C LEU F 335 -45.77 -10.95 9.78
N LEU F 336 -44.44 -10.97 9.81
CA LEU F 336 -43.67 -12.20 9.63
C LEU F 336 -42.87 -12.45 10.90
N LYS F 337 -43.50 -13.10 11.86
CA LYS F 337 -42.87 -13.34 13.16
C LYS F 337 -42.06 -14.62 13.18
N LYS F 338 -42.51 -15.66 12.48
CA LYS F 338 -41.82 -16.95 12.48
C LYS F 338 -40.93 -17.12 11.26
N ASN F 339 -40.77 -16.07 10.47
CA ASN F 339 -39.98 -16.12 9.24
C ASN F 339 -38.54 -15.77 9.61
N MET F 340 -37.65 -16.75 9.52
CA MET F 340 -36.31 -16.62 10.08
C MET F 340 -35.45 -15.65 9.30
N LEU F 341 -35.72 -15.52 8.00
CA LEU F 341 -34.81 -14.86 7.07
C LEU F 341 -34.68 -13.37 7.35
N LEU F 342 -35.77 -12.74 7.78
CA LEU F 342 -35.73 -11.31 8.03
C LEU F 342 -35.10 -11.00 9.39
N TYR F 343 -35.04 -11.99 10.29
CA TYR F 343 -34.25 -11.82 11.50
C TYR F 343 -32.76 -11.75 11.20
N PHE F 344 -32.27 -12.66 10.35
CA PHE F 344 -30.83 -12.72 10.11
C PHE F 344 -30.37 -11.57 9.24
N ALA F 345 -31.24 -11.09 8.35
CA ALA F 345 -30.98 -9.84 7.65
C ALA F 345 -30.93 -8.68 8.62
N TYR F 346 -31.71 -8.74 9.69
CA TYR F 346 -31.70 -7.70 10.71
C TYR F 346 -30.62 -7.97 11.74
N ALA F 347 -30.17 -9.20 11.84
CA ALA F 347 -29.04 -9.47 12.70
C ALA F 347 -27.71 -9.06 12.06
N ASP F 348 -27.56 -9.35 10.77
CA ASP F 348 -26.32 -9.04 10.09
C ASP F 348 -26.26 -7.58 9.66
N TYR F 349 -27.40 -6.89 9.69
CA TYR F 349 -27.36 -5.45 9.46
C TYR F 349 -26.81 -4.74 10.70
N GLU F 350 -27.14 -5.26 11.88
CA GLU F 350 -26.66 -4.62 13.10
C GLU F 350 -25.21 -4.98 13.41
N GLU F 351 -24.73 -6.12 12.89
CA GLU F 351 -23.30 -6.38 12.95
C GLU F 351 -22.54 -5.45 12.02
N SER F 352 -23.15 -5.10 10.88
CA SER F 352 -22.51 -4.17 9.95
C SER F 352 -22.56 -2.74 10.48
N ARG F 353 -23.44 -2.46 11.43
CA ARG F 353 -23.44 -1.17 12.10
C ARG F 353 -22.70 -1.23 13.42
N MET F 354 -22.09 -2.40 13.72
CA MET F 354 -21.25 -2.67 14.89
C MET F 354 -21.97 -2.46 16.21
N LYS F 355 -23.29 -2.62 16.23
CA LYS F 355 -24.04 -2.58 17.49
C LYS F 355 -24.27 -4.02 17.98
N TYR F 356 -23.19 -4.58 18.54
CA TYR F 356 -23.13 -6.00 18.85
C TYR F 356 -24.00 -6.38 20.04
N GLU F 357 -24.25 -5.45 20.95
CA GLU F 357 -25.10 -5.74 22.10
C GLU F 357 -26.56 -5.83 21.68
N LYS F 358 -26.94 -5.09 20.65
CA LYS F 358 -28.31 -5.13 20.14
C LYS F 358 -28.60 -6.47 19.46
N VAL F 359 -27.57 -7.11 18.91
CA VAL F 359 -27.74 -8.31 18.10
C VAL F 359 -28.22 -9.48 18.95
N HIS F 360 -27.70 -9.58 20.18
CA HIS F 360 -28.08 -10.68 21.06
C HIS F 360 -29.54 -10.58 21.49
N SER F 361 -30.06 -9.36 21.56
CA SER F 361 -31.49 -9.19 21.79
C SER F 361 -32.30 -9.63 20.57
N ILE F 362 -31.73 -9.47 19.37
CA ILE F 362 -32.45 -9.84 18.15
C ILE F 362 -32.53 -11.36 18.03
N TYR F 363 -31.40 -12.03 18.26
CA TYR F 363 -31.32 -13.49 18.21
C TYR F 363 -32.15 -14.14 19.30
N ASN F 364 -32.10 -13.60 20.53
CA ASN F 364 -32.85 -14.23 21.63
C ASN F 364 -34.34 -13.90 21.54
N ARG F 365 -34.71 -12.86 20.79
CA ARG F 365 -36.12 -12.62 20.50
C ARG F 365 -36.69 -13.75 19.66
N LEU F 366 -35.92 -14.26 18.72
CA LEU F 366 -36.39 -15.36 17.88
C LEU F 366 -36.44 -16.66 18.67
N LEU F 367 -35.56 -16.82 19.65
CA LEU F 367 -35.50 -18.06 20.43
C LEU F 367 -36.68 -18.17 21.39
N ALA F 368 -37.28 -17.04 21.75
CA ALA F 368 -38.43 -17.05 22.64
C ALA F 368 -39.69 -17.54 21.93
N ILE F 369 -39.69 -17.49 20.60
CA ILE F 369 -40.84 -17.97 19.83
C ILE F 369 -40.87 -19.49 19.93
N GLU F 370 -42.06 -20.03 20.21
CA GLU F 370 -42.24 -21.40 20.63
C GLU F 370 -41.93 -22.42 19.53
N ASP F 371 -42.67 -22.38 18.43
CA ASP F 371 -42.58 -23.40 17.39
C ASP F 371 -41.76 -22.89 16.21
N ILE F 372 -40.44 -22.95 16.36
CA ILE F 372 -39.51 -22.75 15.25
C ILE F 372 -38.53 -23.92 15.27
N ASP F 373 -37.55 -23.90 14.37
CA ASP F 373 -36.44 -24.84 14.49
C ASP F 373 -35.20 -24.03 14.84
N PRO F 374 -34.79 -24.02 16.11
CA PRO F 374 -33.62 -23.23 16.51
C PRO F 374 -32.30 -23.84 16.10
N THR F 375 -32.31 -25.00 15.44
CA THR F 375 -31.10 -25.65 14.99
C THR F 375 -30.36 -24.79 13.96
N LEU F 376 -31.12 -24.14 13.07
CA LEU F 376 -30.50 -23.20 12.14
C LEU F 376 -30.08 -21.92 12.84
N VAL F 377 -30.88 -21.46 13.80
CA VAL F 377 -30.61 -20.17 14.44
C VAL F 377 -29.38 -20.26 15.31
N TYR F 378 -29.21 -21.38 16.01
CA TYR F 378 -28.04 -21.59 16.86
C TYR F 378 -26.77 -21.70 16.03
N ILE F 379 -26.89 -22.15 14.78
CA ILE F 379 -25.73 -22.09 13.88
C ILE F 379 -25.34 -20.65 13.60
N GLN F 380 -26.31 -19.81 13.24
CA GLN F 380 -26.03 -18.43 12.91
C GLN F 380 -25.73 -17.60 14.16
N TYR F 381 -26.30 -17.98 15.30
CA TYR F 381 -26.03 -17.26 16.53
C TYR F 381 -24.74 -17.74 17.17
N MET F 382 -24.22 -18.88 16.70
CA MET F 382 -22.82 -19.19 16.96
C MET F 382 -21.92 -18.50 15.94
N LYS F 383 -22.42 -18.32 14.72
CA LYS F 383 -21.62 -17.72 13.65
C LYS F 383 -21.45 -16.23 13.87
N PHE F 384 -22.25 -15.65 14.76
CA PHE F 384 -22.06 -14.25 15.13
C PHE F 384 -20.99 -14.11 16.21
N ALA F 385 -21.01 -15.00 17.20
CA ALA F 385 -20.21 -14.84 18.40
C ALA F 385 -18.73 -15.10 18.16
N ARG F 386 -18.43 -16.11 17.34
CA ARG F 386 -17.05 -16.36 16.95
C ARG F 386 -16.52 -15.19 16.11
N ARG F 387 -17.37 -14.69 15.22
CA ARG F 387 -16.96 -13.71 14.23
C ARG F 387 -16.75 -12.33 14.83
N ALA F 388 -17.56 -11.97 15.81
CA ALA F 388 -17.52 -10.63 16.37
C ALA F 388 -16.94 -10.54 17.77
N GLU F 389 -16.96 -11.63 18.54
CA GLU F 389 -16.65 -11.55 19.96
C GLU F 389 -15.64 -12.58 20.43
N GLY F 390 -15.18 -13.47 19.56
CA GLY F 390 -14.12 -14.41 19.92
C GLY F 390 -14.63 -15.83 20.10
N ILE F 391 -13.67 -16.73 20.35
CA ILE F 391 -13.95 -18.16 20.43
C ILE F 391 -14.76 -18.50 21.68
N LYS F 392 -14.38 -17.92 22.82
CA LYS F 392 -15.03 -18.22 24.09
C LYS F 392 -16.46 -17.73 24.11
N SER F 393 -16.75 -16.63 23.40
CA SER F 393 -18.12 -16.18 23.24
C SER F 393 -18.91 -17.13 22.35
N GLY F 394 -18.23 -17.83 21.44
CA GLY F 394 -18.91 -18.79 20.60
C GLY F 394 -19.33 -20.03 21.36
N ARG F 395 -18.50 -20.47 22.30
CA ARG F 395 -18.82 -21.69 23.03
C ARG F 395 -19.90 -21.46 24.07
N MET F 396 -20.08 -20.21 24.51
CA MET F 396 -21.20 -19.88 25.38
C MET F 396 -22.51 -20.02 24.63
N ILE F 397 -22.50 -19.72 23.33
CA ILE F 397 -23.69 -19.92 22.50
C ILE F 397 -23.94 -21.40 22.31
N PHE F 398 -22.87 -22.15 22.05
CA PHE F 398 -22.99 -23.59 21.86
C PHE F 398 -23.33 -24.29 23.16
N LYS F 399 -23.06 -23.64 24.30
CA LYS F 399 -23.61 -24.12 25.56
C LYS F 399 -25.12 -23.96 25.60
N LYS F 400 -25.62 -22.85 25.04
CA LYS F 400 -27.07 -22.65 25.02
C LYS F 400 -27.73 -23.52 23.97
N ALA F 401 -26.96 -23.99 22.99
CA ALA F 401 -27.54 -24.83 21.95
C ALA F 401 -27.77 -26.25 22.45
N ARG F 402 -26.96 -26.69 23.42
CA ARG F 402 -27.12 -28.05 23.94
C ARG F 402 -28.29 -28.15 24.89
N GLU F 403 -28.65 -27.06 25.56
CA GLU F 403 -29.66 -27.07 26.60
C GLU F 403 -31.07 -26.77 26.07
N ASP F 404 -31.25 -26.69 24.75
CA ASP F 404 -32.55 -26.45 24.15
C ASP F 404 -33.07 -27.75 23.58
N THR F 405 -34.26 -28.14 23.98
CA THR F 405 -34.85 -29.39 23.52
C THR F 405 -35.11 -29.41 22.02
N ARG F 406 -35.47 -28.26 21.46
CA ARG F 406 -35.92 -28.22 20.07
C ARG F 406 -34.76 -28.41 19.10
N THR F 407 -33.53 -28.42 19.61
CA THR F 407 -32.33 -28.42 18.78
C THR F 407 -32.09 -29.77 18.12
N ARG F 408 -31.81 -29.75 16.81
CA ARG F 408 -31.42 -30.94 16.08
C ARG F 408 -29.91 -30.96 15.83
N HIS F 409 -29.49 -31.89 14.97
CA HIS F 409 -28.09 -32.32 14.93
C HIS F 409 -27.17 -31.36 14.20
N HIS F 410 -27.69 -30.33 13.53
CA HIS F 410 -26.86 -29.56 12.63
C HIS F 410 -25.95 -28.60 13.37
N VAL F 411 -26.29 -28.25 14.60
CA VAL F 411 -25.43 -27.32 15.33
C VAL F 411 -24.21 -28.07 15.87
N TYR F 412 -24.32 -29.39 16.02
CA TYR F 412 -23.15 -30.16 16.41
C TYR F 412 -22.18 -30.31 15.26
N VAL F 413 -22.68 -30.27 14.02
CA VAL F 413 -21.79 -30.32 12.86
C VAL F 413 -21.08 -28.98 12.69
N THR F 414 -21.80 -27.89 12.84
CA THR F 414 -21.24 -26.56 12.60
C THR F 414 -20.16 -26.22 13.62
N ALA F 415 -20.39 -26.59 14.89
CA ALA F 415 -19.56 -26.11 15.99
C ALA F 415 -18.17 -26.72 15.95
N ALA F 416 -18.07 -27.99 15.54
CA ALA F 416 -16.75 -28.60 15.39
C ALA F 416 -16.03 -28.03 14.17
N LEU F 417 -16.79 -27.60 13.17
CA LEU F 417 -16.17 -26.96 12.02
C LEU F 417 -15.82 -25.51 12.32
N MET F 418 -16.53 -24.88 13.27
CA MET F 418 -16.16 -23.53 13.67
C MET F 418 -14.86 -23.56 14.47
N GLU F 419 -14.61 -24.65 15.18
CA GLU F 419 -13.38 -24.73 15.97
C GLU F 419 -12.19 -25.13 15.10
N TYR F 420 -12.41 -26.03 14.14
CA TYR F 420 -11.31 -26.51 13.31
C TYR F 420 -10.89 -25.47 12.28
N TYR F 421 -11.84 -24.88 11.58
CA TYR F 421 -11.49 -23.96 10.52
C TYR F 421 -11.01 -22.62 11.04
N CYS F 422 -11.47 -22.19 12.22
CA CYS F 422 -11.13 -20.85 12.72
C CYS F 422 -10.09 -20.90 13.84
N SER F 423 -10.30 -21.74 14.85
CA SER F 423 -9.38 -21.76 15.98
C SER F 423 -8.27 -22.78 15.77
N LYS F 424 -8.26 -23.44 14.62
CA LYS F 424 -7.20 -24.32 14.12
C LYS F 424 -6.91 -25.51 15.04
N ASP F 425 -7.89 -25.96 15.81
CA ASP F 425 -7.70 -27.05 16.74
C ASP F 425 -8.37 -28.30 16.21
N LYS F 426 -7.71 -29.45 16.35
CA LYS F 426 -8.30 -30.71 15.92
C LYS F 426 -9.00 -31.43 17.05
N SER F 427 -8.51 -31.29 18.29
CA SER F 427 -9.04 -32.08 19.40
C SER F 427 -10.40 -31.56 19.86
N VAL F 428 -10.55 -30.24 19.93
CA VAL F 428 -11.85 -29.64 20.24
C VAL F 428 -12.85 -29.94 19.14
N ALA F 429 -12.40 -29.91 17.89
CA ALA F 429 -13.23 -30.33 16.76
C ALA F 429 -13.55 -31.80 16.83
N PHE F 430 -12.69 -32.58 17.47
CA PHE F 430 -12.97 -34.00 17.66
C PHE F 430 -13.89 -34.25 18.84
N LYS F 431 -13.74 -33.48 19.91
CA LYS F 431 -14.55 -33.72 21.10
C LYS F 431 -15.98 -33.25 20.91
N ILE F 432 -16.17 -32.21 20.09
CA ILE F 432 -17.53 -31.73 19.84
C ILE F 432 -18.29 -32.73 18.97
N PHE F 433 -17.60 -33.28 17.95
CA PHE F 433 -18.20 -34.31 17.11
C PHE F 433 -18.52 -35.58 17.89
N GLU F 434 -17.64 -35.96 18.83
CA GLU F 434 -17.92 -37.16 19.62
C GLU F 434 -19.01 -36.91 20.65
N LEU F 435 -19.17 -35.64 21.07
CA LEU F 435 -20.29 -35.27 21.91
C LEU F 435 -21.62 -35.43 21.19
N GLY F 436 -21.66 -35.11 19.90
CA GLY F 436 -22.88 -35.29 19.14
C GLY F 436 -23.17 -36.73 18.80
N LEU F 437 -22.10 -37.52 18.60
CA LEU F 437 -22.27 -38.90 18.16
C LEU F 437 -22.83 -39.77 19.28
N LYS F 438 -22.54 -39.41 20.53
CA LYS F 438 -23.16 -40.10 21.67
C LYS F 438 -24.65 -39.77 21.75
N LYS F 439 -25.01 -38.54 21.41
CA LYS F 439 -26.39 -38.09 21.55
C LYS F 439 -27.20 -38.33 20.29
N TYR F 440 -26.62 -38.08 19.13
CA TYR F 440 -27.35 -38.12 17.86
C TYR F 440 -26.79 -39.17 16.89
N GLY F 441 -26.49 -40.36 17.39
CA GLY F 441 -25.87 -41.38 16.56
C GLY F 441 -26.85 -42.20 15.73
N ASP F 442 -28.12 -41.80 15.70
CA ASP F 442 -29.13 -42.46 14.88
C ASP F 442 -29.64 -41.58 13.75
N ILE F 443 -28.90 -40.54 13.41
CA ILE F 443 -29.25 -39.65 12.31
C ILE F 443 -28.22 -39.83 11.21
N PRO F 444 -28.60 -40.33 10.03
CA PRO F 444 -27.61 -40.56 8.97
C PRO F 444 -27.04 -39.27 8.38
N GLU F 445 -27.80 -38.18 8.41
CA GLU F 445 -27.30 -36.93 7.86
C GLU F 445 -26.28 -36.30 8.78
N TYR F 446 -26.33 -36.63 10.07
CA TYR F 446 -25.29 -36.17 10.99
C TYR F 446 -23.98 -36.90 10.72
N VAL F 447 -24.05 -38.23 10.61
CA VAL F 447 -22.84 -39.07 10.60
C VAL F 447 -22.03 -38.81 9.34
N LEU F 448 -22.71 -38.64 8.21
CA LEU F 448 -22.03 -38.34 6.94
C LEU F 448 -21.30 -37.00 6.98
N ALA F 449 -21.80 -36.07 7.79
CA ALA F 449 -21.10 -34.80 7.94
C ALA F 449 -19.88 -34.96 8.84
N TYR F 450 -19.85 -36.03 9.64
CA TYR F 450 -18.66 -36.33 10.42
C TYR F 450 -17.80 -37.37 9.70
N ILE F 451 -18.38 -38.10 8.76
CA ILE F 451 -17.62 -39.02 7.93
C ILE F 451 -16.70 -38.27 6.98
N ASP F 452 -17.21 -37.23 6.31
CA ASP F 452 -16.38 -36.57 5.31
C ASP F 452 -15.42 -35.57 5.95
N TYR F 453 -15.68 -35.18 7.19
CA TYR F 453 -14.68 -34.45 7.96
C TYR F 453 -13.46 -35.31 8.25
N LEU F 454 -13.69 -36.53 8.74
CA LEU F 454 -12.57 -37.38 9.10
C LEU F 454 -11.97 -38.04 7.86
N SER F 455 -12.71 -38.05 6.75
CA SER F 455 -12.16 -38.50 5.48
C SER F 455 -11.13 -37.55 4.92
N HIS F 456 -11.12 -36.29 5.35
CA HIS F 456 -10.23 -35.30 4.79
C HIS F 456 -9.06 -34.92 5.70
N LEU F 457 -8.95 -35.52 6.88
CA LEU F 457 -7.88 -35.15 7.80
C LEU F 457 -6.61 -35.95 7.60
N ASN F 458 -6.58 -36.84 6.60
CA ASN F 458 -5.42 -37.65 6.21
C ASN F 458 -4.92 -38.54 7.35
N GLU F 459 -5.76 -39.43 7.85
CA GLU F 459 -5.27 -40.60 8.57
C GLU F 459 -6.22 -41.75 8.28
N ASP F 460 -5.71 -42.77 7.60
CA ASP F 460 -6.53 -43.92 7.23
C ASP F 460 -6.92 -44.73 8.47
N ASN F 461 -6.12 -44.62 9.53
CA ASN F 461 -6.47 -45.27 10.79
C ASN F 461 -7.59 -44.52 11.49
N ASN F 462 -7.65 -43.20 11.36
CA ASN F 462 -8.74 -42.45 11.97
C ASN F 462 -10.08 -42.76 11.31
N THR F 463 -10.13 -42.70 9.98
CA THR F 463 -11.42 -42.69 9.29
C THR F 463 -12.03 -44.09 9.25
N ARG F 464 -11.17 -45.11 9.14
CA ARG F 464 -11.68 -46.48 9.10
C ARG F 464 -12.19 -46.93 10.47
N VAL F 465 -11.60 -46.41 11.55
CA VAL F 465 -12.06 -46.75 12.90
C VAL F 465 -13.45 -46.18 13.13
N LEU F 466 -13.72 -44.97 12.64
CA LEU F 466 -15.04 -44.38 12.75
C LEU F 466 -16.08 -45.16 11.97
N PHE F 467 -15.71 -45.64 10.78
CA PHE F 467 -16.63 -46.38 9.92
C PHE F 467 -17.09 -47.67 10.57
N GLU F 468 -16.21 -48.36 11.27
CA GLU F 468 -16.62 -49.60 11.91
C GLU F 468 -17.32 -49.34 13.23
N ARG F 469 -17.20 -48.14 13.78
CA ARG F 469 -17.98 -47.76 14.96
C ARG F 469 -19.45 -47.58 14.60
N VAL F 470 -19.71 -46.84 13.53
CA VAL F 470 -21.06 -46.49 13.13
C VAL F 470 -21.81 -47.73 12.65
N LEU F 471 -21.10 -48.59 11.93
CA LEU F 471 -21.76 -49.71 11.27
C LEU F 471 -21.79 -51.00 12.08
N THR F 472 -21.35 -50.96 13.35
CA THR F 472 -21.42 -52.15 14.18
C THR F 472 -22.11 -51.93 15.51
N SER F 473 -21.93 -50.77 16.14
CA SER F 473 -22.45 -50.50 17.49
C SER F 473 -23.97 -50.42 17.54
N GLY F 474 -24.65 -50.27 16.42
CA GLY F 474 -26.10 -50.29 16.40
C GLY F 474 -26.75 -49.01 16.87
N SER F 475 -25.95 -47.95 17.08
CA SER F 475 -26.50 -46.65 17.38
C SER F 475 -27.27 -46.06 16.21
N LEU F 476 -26.87 -46.37 14.99
CA LEU F 476 -27.59 -46.00 13.78
C LEU F 476 -28.37 -47.21 13.31
N PRO F 477 -29.61 -47.04 12.84
CA PRO F 477 -30.31 -48.16 12.22
C PRO F 477 -29.64 -48.58 10.93
N PRO F 478 -29.59 -49.88 10.63
CA PRO F 478 -28.90 -50.34 9.42
C PRO F 478 -29.66 -50.01 8.14
N GLU F 479 -30.98 -49.86 8.25
CA GLU F 479 -31.79 -49.64 7.05
C GLU F 479 -31.59 -48.24 6.48
N LYS F 480 -31.21 -47.28 7.31
CA LYS F 480 -31.01 -45.90 6.86
C LYS F 480 -29.54 -45.57 6.65
N SER F 481 -28.68 -46.59 6.64
CA SER F 481 -27.26 -46.39 6.54
C SER F 481 -26.69 -46.67 5.17
N GLY F 482 -27.49 -46.57 4.11
CA GLY F 482 -27.03 -46.84 2.77
C GLY F 482 -25.97 -45.89 2.26
N GLU F 483 -26.05 -44.62 2.65
CA GLU F 483 -25.06 -43.65 2.20
C GLU F 483 -23.83 -43.66 3.10
N ILE F 484 -23.96 -44.25 4.30
CA ILE F 484 -22.80 -44.50 5.14
C ILE F 484 -21.88 -45.52 4.46
N TRP F 485 -22.49 -46.61 3.98
CA TRP F 485 -21.75 -47.63 3.25
C TRP F 485 -21.26 -47.13 1.91
N ALA F 486 -21.93 -46.13 1.34
CA ALA F 486 -21.53 -45.63 0.04
C ALA F 486 -20.31 -44.74 0.13
N ARG F 487 -20.13 -44.06 1.27
CA ARG F 487 -18.90 -43.31 1.50
C ARG F 487 -17.79 -44.23 1.98
N PHE F 488 -18.12 -45.46 2.37
CA PHE F 488 -17.11 -46.40 2.79
C PHE F 488 -16.26 -46.84 1.62
N LEU F 489 -16.90 -47.23 0.52
CA LEU F 489 -16.17 -47.73 -0.64
C LEU F 489 -15.52 -46.61 -1.41
N ALA F 490 -15.98 -45.37 -1.22
CA ALA F 490 -15.25 -44.22 -1.73
C ALA F 490 -13.93 -44.05 -0.98
N PHE F 491 -13.88 -44.50 0.27
CA PHE F 491 -12.68 -44.38 1.07
C PHE F 491 -11.75 -45.58 0.90
N GLU F 492 -12.31 -46.79 0.87
CA GLU F 492 -11.49 -47.98 0.66
C GLU F 492 -11.04 -48.17 -0.78
N SER F 493 -11.39 -47.28 -1.70
CA SER F 493 -10.83 -47.33 -3.04
C SER F 493 -9.66 -46.38 -3.22
N ASN F 494 -9.60 -45.28 -2.48
CA ASN F 494 -8.43 -44.41 -2.54
C ASN F 494 -7.28 -45.02 -1.77
N ILE F 495 -7.52 -45.50 -0.57
CA ILE F 495 -6.49 -46.15 0.23
C ILE F 495 -6.85 -47.62 0.38
N GLY F 496 -5.99 -48.37 1.04
CA GLY F 496 -6.26 -49.77 1.28
C GLY F 496 -5.97 -50.63 0.07
N ASP F 497 -6.09 -51.93 0.27
CA ASP F 497 -5.77 -52.90 -0.76
C ASP F 497 -7.05 -53.58 -1.21
N LEU F 498 -6.93 -54.37 -2.28
CA LEU F 498 -8.07 -55.01 -2.92
C LEU F 498 -8.64 -56.11 -2.02
N ALA F 499 -7.79 -56.67 -1.16
CA ALA F 499 -8.27 -57.61 -0.16
C ALA F 499 -9.24 -56.96 0.81
N SER F 500 -9.01 -55.68 1.13
CA SER F 500 -9.90 -55.00 2.06
C SER F 500 -11.25 -54.67 1.42
N ILE F 501 -11.27 -54.43 0.11
CA ILE F 501 -12.51 -54.04 -0.55
C ILE F 501 -13.44 -55.24 -0.69
N LEU F 502 -12.85 -56.39 -1.04
CA LEU F 502 -13.66 -57.57 -1.35
C LEU F 502 -14.24 -58.20 -0.09
N LYS F 503 -13.68 -57.88 1.08
CA LYS F 503 -14.32 -58.22 2.34
C LYS F 503 -15.63 -57.44 2.48
N VAL F 504 -15.57 -56.16 2.13
CA VAL F 504 -16.64 -55.23 2.44
C VAL F 504 -17.82 -55.43 1.52
N GLU F 505 -17.55 -55.63 0.23
CA GLU F 505 -18.64 -55.80 -0.72
C GLU F 505 -19.26 -57.19 -0.61
N LYS F 506 -18.61 -58.09 0.13
CA LYS F 506 -19.31 -59.27 0.61
C LYS F 506 -20.06 -58.98 1.90
N ARG F 507 -19.58 -58.02 2.70
CA ARG F 507 -20.21 -57.73 3.97
C ARG F 507 -21.35 -56.71 3.82
N ARG F 508 -21.13 -55.70 2.98
CA ARG F 508 -22.18 -54.72 2.69
C ARG F 508 -23.34 -55.35 1.96
N PHE F 509 -23.06 -56.31 1.08
CA PHE F 509 -24.12 -57.05 0.43
C PHE F 509 -24.82 -57.99 1.40
N THR F 510 -24.10 -58.45 2.43
CA THR F 510 -24.74 -59.27 3.45
C THR F 510 -25.66 -58.44 4.32
N ALA F 511 -25.27 -57.20 4.62
CA ALA F 511 -26.11 -56.33 5.43
C ALA F 511 -27.32 -55.82 4.65
N PHE F 512 -27.22 -55.74 3.33
CA PHE F 512 -28.31 -55.28 2.48
C PHE F 512 -28.77 -56.38 1.53
N LYS F 513 -28.89 -57.59 2.04
CA LYS F 513 -29.24 -58.73 1.20
C LYS F 513 -30.61 -58.62 0.55
N GLU F 514 -31.56 -58.02 1.26
CA GLU F 514 -32.93 -57.97 0.77
C GLU F 514 -33.05 -57.17 -0.52
N GLU F 515 -32.54 -55.95 -0.53
CA GLU F 515 -32.79 -55.04 -1.64
C GLU F 515 -31.68 -55.00 -2.68
N TYR F 516 -30.62 -55.81 -2.62
CA TYR F 516 -29.56 -55.75 -3.62
C TYR F 516 -29.41 -57.01 -4.45
N GLU F 517 -30.23 -58.04 -4.23
CA GLU F 517 -30.12 -59.25 -5.04
C GLU F 517 -30.63 -58.98 -6.45
N GLY F 518 -29.77 -59.20 -7.44
CA GLY F 518 -30.03 -58.85 -8.80
C GLY F 518 -29.41 -57.54 -9.23
N LYS F 519 -28.97 -56.73 -8.28
CA LYS F 519 -28.45 -55.40 -8.57
C LYS F 519 -26.94 -55.31 -8.34
N GLU F 520 -26.23 -56.44 -8.42
CA GLU F 520 -24.83 -56.49 -7.98
C GLU F 520 -23.91 -55.75 -8.94
N THR F 521 -24.13 -55.94 -10.24
CA THR F 521 -23.24 -55.35 -11.24
C THR F 521 -23.48 -53.84 -11.35
N ALA F 522 -24.73 -53.41 -11.18
CA ALA F 522 -25.00 -51.99 -11.05
C ALA F 522 -24.45 -51.44 -9.74
N LEU F 523 -24.29 -52.29 -8.73
CA LEU F 523 -23.69 -51.86 -7.48
C LEU F 523 -22.17 -51.85 -7.60
N LEU F 524 -21.64 -52.59 -8.58
CA LEU F 524 -20.20 -52.66 -8.79
C LEU F 524 -19.64 -51.35 -9.31
N VAL F 525 -20.46 -50.58 -10.05
CA VAL F 525 -20.03 -49.34 -10.69
C VAL F 525 -19.54 -48.34 -9.66
N ASP F 526 -20.14 -48.36 -8.46
CA ASP F 526 -19.70 -47.50 -7.38
C ASP F 526 -18.37 -47.92 -6.76
N ARG F 527 -17.82 -49.07 -7.14
CA ARG F 527 -16.42 -49.35 -6.82
C ARG F 527 -15.47 -48.74 -7.83
N TYR F 528 -15.95 -48.50 -9.07
CA TYR F 528 -15.11 -48.05 -10.16
C TYR F 528 -15.38 -46.63 -10.61
N LYS F 529 -16.47 -46.02 -10.19
CA LYS F 529 -16.82 -44.71 -10.74
C LYS F 529 -15.97 -43.63 -10.11
N PHE F 530 -15.69 -42.60 -10.89
CA PHE F 530 -15.21 -41.34 -10.37
C PHE F 530 -16.41 -40.41 -10.50
N MET F 531 -16.20 -39.10 -10.29
CA MET F 531 -17.20 -38.02 -10.19
C MET F 531 -18.27 -38.16 -11.28
N ASP F 532 -17.91 -38.16 -12.56
CA ASP F 532 -18.89 -38.38 -13.62
C ASP F 532 -18.47 -39.50 -14.57
N LEU F 533 -17.41 -40.23 -14.24
CA LEU F 533 -16.90 -41.29 -15.08
C LEU F 533 -17.53 -42.61 -14.70
N TYR F 534 -18.32 -43.16 -15.60
CA TYR F 534 -18.91 -44.47 -15.40
C TYR F 534 -18.34 -45.40 -16.45
N PRO F 535 -18.11 -46.67 -16.11
CA PRO F 535 -17.54 -47.60 -17.09
C PRO F 535 -18.54 -48.16 -18.09
N CYS F 536 -19.73 -47.58 -18.16
CA CYS F 536 -20.73 -47.94 -19.16
C CYS F 536 -21.43 -46.67 -19.63
N SER F 537 -22.21 -46.81 -20.69
CA SER F 537 -23.02 -45.69 -21.15
C SER F 537 -24.24 -45.52 -20.26
N ALA F 538 -24.90 -44.37 -20.41
CA ALA F 538 -26.09 -44.09 -19.61
C ALA F 538 -27.26 -44.96 -20.04
N SER F 539 -27.26 -45.39 -21.30
CA SER F 539 -28.31 -46.29 -21.78
C SER F 539 -28.14 -47.69 -21.21
N GLU F 540 -26.89 -48.11 -20.97
CA GLU F 540 -26.66 -49.43 -20.39
C GLU F 540 -26.95 -49.47 -18.91
N LEU F 541 -26.66 -48.37 -18.20
CA LEU F 541 -26.87 -48.36 -16.76
C LEU F 541 -28.33 -48.18 -16.40
N LYS F 542 -29.16 -47.78 -17.38
CA LYS F 542 -30.59 -47.65 -17.16
C LYS F 542 -31.22 -49.01 -16.92
N ALA F 543 -30.72 -50.04 -17.59
CA ALA F 543 -31.30 -51.37 -17.47
C ALA F 543 -30.56 -52.28 -16.50
N LEU F 544 -29.34 -51.91 -16.09
CA LEU F 544 -28.67 -52.69 -15.06
C LEU F 544 -29.23 -52.44 -13.67
N GLY F 545 -29.91 -51.32 -13.47
CA GLY F 545 -30.43 -50.98 -12.16
C GLY F 545 -29.58 -49.99 -11.38
N TYR F 546 -28.78 -49.19 -12.08
CA TYR F 546 -27.91 -48.25 -11.38
C TYR F 546 -28.68 -47.04 -10.90
N LYS F 547 -28.29 -46.55 -9.72
CA LYS F 547 -28.91 -45.38 -9.10
C LYS F 547 -27.79 -44.45 -8.67
N ASP F 548 -28.10 -43.17 -8.56
CA ASP F 548 -27.10 -42.17 -8.19
C ASP F 548 -27.52 -41.54 -6.86
N VAL F 549 -26.65 -41.64 -5.86
CA VAL F 549 -26.92 -41.03 -4.56
C VAL F 549 -26.42 -39.59 -4.53
#